data_2QC8
#
_entry.id   2QC8
#
_cell.length_a   181.210
_cell.length_b   126.080
_cell.length_c   188.170
_cell.angle_alpha   90.00
_cell.angle_beta   92.14
_cell.angle_gamma   90.00
#
_symmetry.space_group_name_H-M   'C 1 2 1'
#
loop_
_entity.id
_entity.type
_entity.pdbx_description
1 polymer 'Glutamine synthetase'
2 non-polymer 'MANGANESE (II) ION'
3 non-polymer 'CHLORIDE ION'
4 non-polymer "ADENOSINE-5'-DIPHOSPHATE"
5 non-polymer 'L-METHIONINE-S-SULFOXIMINE PHOSPHATE'
6 water water
#
_entity_poly.entity_id   1
_entity_poly.type   'polypeptide(L)'
_entity_poly.pdbx_seq_one_letter_code
;MHHHHHHSSGVDLGTENLYFQSMASSHLNKGIKQVYMSLPQGEKVQAMYIWIDGTGEGLRCKTRTLDSEPKCVEELPEWN
FDGSSTLQSEGSNSDMYLVPAAMFRDPFRKDPNKLVLCEVFKYNRRPAETNLRHTCKRIMDMVSNQHPWFGMEQEYTLMG
TDGHPFGWPSNGFPGPQGPYYCGVGADRAYGRDIVEAHYRACLYAGVKIAGTNAEVMPAQWEFQIGPCEGISMGDHLWVA
RFILHRVCEDFGVIATFDPKPIPGNWNGAGCHTNFSTKAMREENGLKYIEEAIEKLSKRHQYHIRAYDPKGGLDNARRLT
GFHETSNINDFSAGVANRSASIRIPRTVGQEKKGYFEDRRPSANCDPFSVTEALIRTCLLNETG
;
_entity_poly.pdbx_strand_id   A,B,C,D,E,F,G,H,I,J
#
loop_
_chem_comp.id
_chem_comp.type
_chem_comp.name
_chem_comp.formula
ADP non-polymer ADENOSINE-5'-DIPHOSPHATE 'C10 H15 N5 O10 P2'
CL non-polymer 'CHLORIDE ION' 'Cl -1'
MN non-polymer 'MANGANESE (II) ION' 'Mn 2'
P3S non-polymer 'L-METHIONINE-S-SULFOXIMINE PHOSPHATE' 'C5 H13 N2 O6 P S'
#
# COMPACT_ATOMS: atom_id res chain seq x y z
N ASN A 29 18.51 -10.22 -0.44
CA ASN A 29 18.23 -10.30 1.05
C ASN A 29 19.37 -10.97 1.84
N LYS A 30 19.71 -10.39 3.00
CA LYS A 30 21.02 -10.63 3.59
C LYS A 30 21.11 -11.96 4.33
N GLY A 31 19.96 -12.42 4.82
CA GLY A 31 19.88 -13.74 5.43
C GLY A 31 20.29 -14.84 4.44
N ILE A 32 19.84 -14.70 3.19
CA ILE A 32 20.23 -15.63 2.14
C ILE A 32 21.75 -15.58 1.97
N LYS A 33 22.29 -14.37 1.85
CA LYS A 33 23.72 -14.24 1.61
C LYS A 33 24.51 -14.92 2.71
N GLN A 34 24.02 -14.82 3.95
CA GLN A 34 24.78 -15.26 5.10
C GLN A 34 24.97 -16.74 5.09
N VAL A 35 23.95 -17.44 4.61
CA VAL A 35 24.05 -18.87 4.44
C VAL A 35 25.18 -19.24 3.50
N TYR A 36 25.29 -18.56 2.36
CA TYR A 36 26.39 -18.84 1.44
C TYR A 36 27.72 -18.43 2.08
N MET A 37 27.73 -17.32 2.81
CA MET A 37 28.97 -16.89 3.44
C MET A 37 29.43 -17.80 4.60
N SER A 38 28.57 -18.69 5.12
CA SER A 38 28.99 -19.74 6.05
C SER A 38 29.70 -20.91 5.43
N LEU A 39 29.62 -21.09 4.11
CA LEU A 39 30.29 -22.21 3.47
C LEU A 39 31.81 -22.08 3.63
N PRO A 40 32.48 -23.11 4.13
CA PRO A 40 33.94 -23.07 4.15
C PRO A 40 34.48 -22.92 2.74
N GLN A 41 35.47 -22.05 2.57
CA GLN A 41 35.91 -21.70 1.22
C GLN A 41 37.02 -22.57 0.65
N GLY A 42 37.79 -23.24 1.51
CA GLY A 42 38.86 -24.09 1.06
C GLY A 42 40.23 -23.41 1.01
N GLU A 43 41.10 -23.85 0.08
CA GLU A 43 42.52 -23.38 0.03
C GLU A 43 42.69 -21.97 -0.55
N LYS A 44 41.76 -21.57 -1.41
CA LYS A 44 41.89 -20.34 -2.20
C LYS A 44 41.54 -19.07 -1.39
N VAL A 45 42.05 -17.90 -1.81
CA VAL A 45 41.96 -16.67 -0.99
C VAL A 45 41.47 -15.56 -1.94
N GLN A 46 40.62 -14.68 -1.43
CA GLN A 46 40.12 -13.54 -2.21
C GLN A 46 40.89 -12.31 -1.83
N ALA A 47 41.39 -11.59 -2.84
CA ALA A 47 42.06 -10.32 -2.60
C ALA A 47 41.27 -9.24 -3.33
N MET A 48 40.73 -8.30 -2.58
CA MET A 48 39.97 -7.20 -3.18
C MET A 48 40.88 -5.98 -3.28
N TYR A 49 41.19 -5.62 -4.52
CA TYR A 49 42.05 -4.45 -4.79
C TYR A 49 41.18 -3.20 -4.90
N ILE A 50 41.62 -2.14 -4.22
CA ILE A 50 40.88 -0.88 -4.08
C ILE A 50 41.70 0.26 -4.64
N TRP A 51 41.09 1.13 -5.41
CA TRP A 51 41.83 2.28 -5.88
C TRP A 51 40.98 3.52 -6.06
N ILE A 52 41.69 4.65 -6.18
CA ILE A 52 41.08 5.96 -6.36
C ILE A 52 40.95 6.24 -7.86
N ASP A 53 39.76 6.70 -8.27
CA ASP A 53 39.41 6.84 -9.69
C ASP A 53 39.76 8.22 -10.20
N GLY A 54 39.30 8.53 -11.41
CA GLY A 54 39.69 9.75 -12.09
C GLY A 54 39.10 10.98 -11.45
N THR A 55 38.13 10.81 -10.53
CA THR A 55 37.55 11.95 -9.85
C THR A 55 38.32 12.40 -8.61
N GLY A 56 39.29 11.59 -8.15
CA GLY A 56 40.02 11.84 -6.92
C GLY A 56 39.19 11.62 -5.66
N GLU A 57 37.93 11.24 -5.81
CA GLU A 57 37.04 11.00 -4.67
C GLU A 57 36.48 9.60 -4.68
N GLY A 58 36.19 9.08 -5.87
CA GLY A 58 35.53 7.80 -5.97
C GLY A 58 36.51 6.67 -5.74
N LEU A 59 36.07 5.65 -5.04
CA LEU A 59 36.82 4.47 -4.85
C LEU A 59 36.25 3.40 -5.78
N ARG A 60 37.14 2.58 -6.32
CA ARG A 60 36.73 1.44 -7.14
C ARG A 60 37.38 0.25 -6.55
N CYS A 61 36.87 -0.93 -6.91
CA CYS A 61 37.50 -2.15 -6.49
C CYS A 61 37.14 -3.38 -7.32
N LYS A 62 38.01 -4.40 -7.25
CA LYS A 62 37.68 -5.70 -7.81
C LYS A 62 38.52 -6.79 -7.16
N THR A 63 38.11 -8.04 -7.38
CA THR A 63 38.65 -9.18 -6.61
C THR A 63 39.31 -10.25 -7.47
N ARG A 64 40.41 -10.82 -6.96
CA ARG A 64 41.06 -11.93 -7.65
C ARG A 64 41.24 -13.04 -6.68
N THR A 65 41.22 -14.26 -7.19
CA THR A 65 41.48 -15.42 -6.36
C THR A 65 43.00 -15.68 -6.28
N LEU A 66 43.53 -15.92 -5.10
CA LEU A 66 44.94 -16.30 -4.99
C LEU A 66 45.00 -17.72 -4.47
N ASP A 67 46.14 -18.36 -4.72
CA ASP A 67 46.39 -19.76 -4.34
C ASP A 67 46.70 -19.97 -2.90
N SER A 68 47.13 -18.93 -2.21
CA SER A 68 47.41 -19.04 -0.78
C SER A 68 47.31 -17.67 -0.11
N GLU A 69 47.31 -17.61 1.21
CA GLU A 69 47.20 -16.34 1.90
C GLU A 69 48.50 -15.51 1.89
N PRO A 70 48.42 -14.26 1.44
CA PRO A 70 49.60 -13.43 1.56
C PRO A 70 49.81 -12.89 2.98
N LYS A 71 51.06 -12.89 3.38
CA LYS A 71 51.37 -12.54 4.72
C LYS A 71 51.91 -11.14 4.89
N CYS A 72 52.37 -10.51 3.81
CA CYS A 72 52.80 -9.09 3.76
C CYS A 72 52.18 -8.57 2.49
N VAL A 73 52.00 -7.24 2.39
CA VAL A 73 51.43 -6.60 1.21
C VAL A 73 52.25 -6.83 -0.07
N GLU A 74 53.57 -6.94 0.10
CA GLU A 74 54.55 -7.19 -0.96
C GLU A 74 54.33 -8.51 -1.67
N GLU A 75 53.66 -9.44 -1.03
CA GLU A 75 53.36 -10.70 -1.66
C GLU A 75 52.25 -10.58 -2.71
N LEU A 76 51.50 -9.50 -2.73
CA LEU A 76 50.40 -9.40 -3.67
C LEU A 76 50.88 -9.04 -5.08
N PRO A 77 50.37 -9.73 -6.09
CA PRO A 77 50.91 -9.37 -7.40
C PRO A 77 50.37 -8.02 -7.86
N GLU A 78 51.12 -7.36 -8.74
CA GLU A 78 50.64 -6.20 -9.45
C GLU A 78 49.45 -6.58 -10.27
N TRP A 79 48.55 -5.65 -10.49
CA TRP A 79 47.42 -5.98 -11.31
C TRP A 79 47.10 -4.79 -12.20
N ASN A 80 45.92 -4.77 -12.78
CA ASN A 80 45.56 -3.71 -13.69
C ASN A 80 44.04 -3.70 -13.87
N PHE A 81 43.53 -2.60 -14.38
CA PHE A 81 42.13 -2.45 -14.68
C PHE A 81 41.94 -1.67 -15.96
N ASP A 82 40.69 -1.51 -16.36
CA ASP A 82 40.34 -0.69 -17.49
C ASP A 82 40.19 0.80 -17.16
N GLY A 83 41.26 1.56 -17.28
CA GLY A 83 41.18 3.01 -17.04
C GLY A 83 40.13 3.76 -17.86
N SER A 84 39.77 3.24 -19.05
CA SER A 84 38.74 3.90 -19.88
C SER A 84 37.36 3.86 -19.24
N SER A 85 37.12 2.94 -18.31
CA SER A 85 35.83 2.88 -17.59
C SER A 85 35.82 3.58 -16.25
N THR A 86 36.95 4.21 -15.88
CA THR A 86 37.02 4.98 -14.64
C THR A 86 37.53 6.40 -14.87
N LEU A 87 37.43 6.86 -16.12
CA LEU A 87 37.77 8.23 -16.47
C LEU A 87 39.28 8.55 -16.33
N GLN A 88 40.13 7.58 -16.63
CA GLN A 88 41.56 7.81 -16.43
C GLN A 88 42.41 7.51 -17.64
N SER A 89 41.85 6.92 -18.71
CA SER A 89 42.60 6.59 -19.94
C SER A 89 41.61 6.34 -21.12
N GLU A 90 42.11 6.04 -22.32
CA GLU A 90 41.27 5.81 -23.51
C GLU A 90 41.10 4.32 -23.75
N GLY A 91 39.94 3.93 -24.27
CA GLY A 91 39.59 2.52 -24.55
C GLY A 91 40.62 1.78 -25.38
N SER A 92 41.24 2.48 -26.33
CA SER A 92 42.13 1.85 -27.31
C SER A 92 43.51 1.52 -26.75
N ASN A 93 43.84 2.12 -25.61
CA ASN A 93 45.09 1.88 -24.87
C ASN A 93 44.77 1.98 -23.39
N SER A 94 44.00 1.01 -22.89
CA SER A 94 43.17 1.20 -21.71
C SER A 94 43.76 0.69 -20.40
N ASP A 95 44.49 -0.43 -20.42
CA ASP A 95 45.05 -1.01 -19.19
C ASP A 95 45.80 0.06 -18.39
N MET A 96 45.57 0.07 -17.05
CA MET A 96 46.36 0.92 -16.11
C MET A 96 46.81 0.05 -15.02
N TYR A 97 47.93 0.37 -14.39
CA TYR A 97 48.52 -0.52 -13.39
C TYR A 97 47.94 -0.30 -11.99
N LEU A 98 47.72 -1.39 -11.26
CA LEU A 98 47.49 -1.34 -9.81
C LEU A 98 48.70 -1.91 -9.06
N VAL A 99 49.30 -1.12 -8.18
CA VAL A 99 50.43 -1.58 -7.37
C VAL A 99 49.97 -1.60 -5.92
N PRO A 100 49.95 -2.79 -5.28
CA PRO A 100 49.64 -2.89 -3.86
C PRO A 100 50.46 -1.93 -3.00
N ALA A 101 49.73 -1.22 -2.13
CA ALA A 101 50.29 -0.23 -1.24
C ALA A 101 50.12 -0.64 0.24
N ALA A 102 48.90 -0.99 0.67
CA ALA A 102 48.59 -1.29 2.10
C ALA A 102 47.55 -2.43 2.18
N MET A 103 47.85 -3.49 2.93
CA MET A 103 46.96 -4.64 3.03
C MET A 103 46.24 -4.68 4.35
N PHE A 104 44.98 -5.06 4.33
CA PHE A 104 44.21 -5.22 5.56
C PHE A 104 43.40 -6.48 5.50
N ARG A 105 42.87 -6.88 6.64
CA ARG A 105 41.95 -8.04 6.67
C ARG A 105 40.57 -7.66 6.11
N ASP A 106 39.90 -8.59 5.45
CA ASP A 106 38.63 -8.26 4.82
C ASP A 106 37.53 -8.65 5.76
N PRO A 107 36.83 -7.66 6.34
CA PRO A 107 35.79 -7.86 7.34
C PRO A 107 34.42 -8.22 6.73
N PHE A 108 34.34 -8.16 5.40
CA PHE A 108 33.15 -8.56 4.64
C PHE A 108 33.21 -10.02 4.32
N ARG A 109 34.41 -10.53 4.13
CA ARG A 109 34.56 -11.94 3.75
C ARG A 109 35.37 -12.73 4.78
N LYS A 110 35.99 -12.04 5.72
CA LYS A 110 36.77 -12.65 6.77
C LYS A 110 38.07 -13.27 6.32
N ASP A 111 38.88 -13.64 7.27
CA ASP A 111 40.11 -14.38 7.03
C ASP A 111 39.81 -15.56 6.19
N PRO A 112 40.62 -15.83 5.19
CA PRO A 112 41.96 -15.30 5.03
C PRO A 112 42.02 -14.25 3.96
N ASN A 113 40.89 -13.63 3.73
CA ASN A 113 40.68 -12.72 2.65
C ASN A 113 41.13 -11.36 2.97
N LYS A 114 41.41 -10.60 1.94
CA LYS A 114 42.20 -9.38 2.09
C LYS A 114 41.61 -8.20 1.38
N LEU A 115 41.85 -7.02 1.92
CA LEU A 115 41.64 -5.78 1.18
C LEU A 115 43.04 -5.22 0.89
N VAL A 116 43.21 -4.68 -0.32
CA VAL A 116 44.49 -4.13 -0.79
C VAL A 116 44.27 -2.74 -1.39
N LEU A 117 44.72 -1.70 -0.68
CA LEU A 117 44.68 -0.38 -1.25
C LEU A 117 45.87 -0.34 -2.21
N CYS A 118 45.61 0.17 -3.40
CA CYS A 118 46.60 0.24 -4.46
C CYS A 118 46.89 1.68 -4.89
N GLU A 119 48.10 1.88 -5.43
CA GLU A 119 48.42 3.05 -6.24
C GLU A 119 48.15 2.74 -7.73
N VAL A 120 47.68 3.76 -8.42
CA VAL A 120 47.40 3.69 -9.85
C VAL A 120 48.55 4.36 -10.64
N PHE A 121 48.95 3.69 -11.73
CA PHE A 121 49.90 4.23 -12.69
C PHE A 121 49.39 4.07 -14.11
N LYS A 122 49.89 4.95 -14.98
CA LYS A 122 49.45 5.04 -16.36
C LYS A 122 50.17 4.06 -17.29
N TYR A 123 49.76 4.05 -18.57
CA TYR A 123 50.29 3.14 -19.60
C TYR A 123 51.82 3.20 -19.62
N ASN A 124 52.39 4.38 -19.41
CA ASN A 124 53.85 4.62 -19.43
C ASN A 124 54.57 4.48 -18.08
N ARG A 125 53.90 3.84 -17.12
CA ARG A 125 54.36 3.65 -15.74
C ARG A 125 54.52 4.93 -14.87
N ARG A 126 54.15 6.09 -15.39
CA ARG A 126 54.10 7.26 -14.52
C ARG A 126 52.82 7.26 -13.63
N PRO A 127 52.87 7.94 -12.49
CA PRO A 127 51.70 7.97 -11.62
C PRO A 127 50.47 8.57 -12.28
N ALA A 128 49.31 8.01 -11.95
CA ALA A 128 48.04 8.57 -12.40
C ALA A 128 47.93 9.99 -11.81
N GLU A 129 47.17 10.84 -12.51
CA GLU A 129 46.90 12.22 -12.08
C GLU A 129 46.30 12.29 -10.66
N THR A 130 45.41 11.35 -10.34
CA THR A 130 44.79 11.25 -9.04
C THR A 130 45.56 10.32 -8.02
N ASN A 131 46.78 9.87 -8.36
CA ASN A 131 47.68 9.23 -7.40
C ASN A 131 48.45 10.29 -6.64
N LEU A 132 47.96 10.69 -5.47
CA LEU A 132 48.60 11.73 -4.67
C LEU A 132 49.48 11.08 -3.64
N ARG A 133 49.44 9.74 -3.63
CA ARG A 133 50.15 8.98 -2.61
C ARG A 133 51.64 8.98 -2.92
N HIS A 134 51.93 8.87 -4.19
CA HIS A 134 53.29 8.72 -4.63
C HIS A 134 54.20 9.82 -4.11
N THR A 135 53.84 11.08 -4.36
CA THR A 135 54.60 12.22 -3.81
C THR A 135 54.49 12.24 -2.29
N CYS A 136 53.28 12.13 -1.77
CA CYS A 136 53.12 12.19 -0.32
C CYS A 136 54.05 11.18 0.40
N LYS A 137 54.26 10.01 -0.20
CA LYS A 137 55.13 9.00 0.44
C LYS A 137 56.58 9.44 0.46
N ARG A 138 57.06 9.97 -0.65
CA ARG A 138 58.39 10.56 -0.67
C ARG A 138 58.52 11.65 0.39
N ILE A 139 57.54 12.55 0.44
CA ILE A 139 57.59 13.66 1.40
C ILE A 139 57.68 13.13 2.84
N MET A 140 56.87 12.12 3.17
CA MET A 140 56.96 11.49 4.50
C MET A 140 58.31 10.82 4.75
N ASP A 141 58.90 10.19 3.74
CA ASP A 141 60.23 9.57 3.91
C ASP A 141 61.32 10.59 4.26
N MET A 142 61.21 11.80 3.73
CA MET A 142 62.18 12.85 4.06
C MET A 142 62.20 13.32 5.51
N VAL A 143 61.20 12.95 6.28
CA VAL A 143 61.08 13.45 7.65
C VAL A 143 60.77 12.32 8.64
N SER A 144 61.04 11.07 8.27
CA SER A 144 60.84 9.91 9.16
C SER A 144 61.31 10.15 10.59
N ASN A 145 62.46 10.81 10.75
CA ASN A 145 63.06 11.04 12.06
C ASN A 145 62.22 11.86 12.97
N GLN A 146 61.41 12.72 12.39
CA GLN A 146 60.56 13.59 13.19
C GLN A 146 59.25 12.90 13.51
N HIS A 147 59.04 11.71 12.94
CA HIS A 147 57.96 10.84 13.33
C HIS A 147 56.61 11.52 13.40
N PRO A 148 56.17 12.07 12.27
CA PRO A 148 54.93 12.83 12.25
C PRO A 148 53.74 11.91 12.44
N TRP A 149 52.88 12.20 13.42
CA TRP A 149 51.63 11.47 13.61
C TRP A 149 50.40 12.27 13.24
N PHE A 150 49.42 11.61 12.63
CA PHE A 150 48.19 12.24 12.28
C PHE A 150 46.98 11.51 12.89
N GLY A 151 45.95 12.31 13.15
CA GLY A 151 44.68 11.81 13.60
C GLY A 151 43.63 12.58 12.84
N MET A 152 42.79 11.86 12.09
CA MET A 152 41.80 12.52 11.26
C MET A 152 40.39 12.14 11.66
N GLU A 153 39.52 13.16 11.70
CA GLU A 153 38.16 13.05 12.18
C GLU A 153 37.18 13.08 10.99
N GLN A 154 36.87 11.91 10.47
CA GLN A 154 36.05 11.83 9.26
C GLN A 154 34.60 12.04 9.62
N GLU A 155 34.07 13.23 9.38
CA GLU A 155 32.65 13.48 9.55
C GLU A 155 31.95 13.11 8.24
N TYR A 156 30.71 12.66 8.32
CA TYR A 156 29.97 12.25 7.11
C TYR A 156 28.50 12.20 7.40
N THR A 157 27.67 12.09 6.38
CA THR A 157 26.22 12.10 6.60
C THR A 157 25.61 10.94 5.88
N LEU A 158 24.69 10.23 6.53
CA LEU A 158 24.05 9.06 5.94
C LEU A 158 22.82 9.51 5.17
N MET A 159 22.74 9.08 3.92
CA MET A 159 21.67 9.49 2.99
C MET A 159 20.88 8.30 2.54
N GLY A 160 19.59 8.50 2.40
CA GLY A 160 18.76 7.54 1.74
C GLY A 160 19.13 7.55 0.28
N THR A 161 18.85 6.44 -0.33
CA THR A 161 19.14 6.26 -1.75
C THR A 161 18.46 7.38 -2.64
N ASP A 162 17.32 7.90 -2.14
CA ASP A 162 16.64 9.11 -2.69
C ASP A 162 17.36 10.46 -2.46
N GLY A 163 18.63 10.45 -2.08
CA GLY A 163 19.39 11.70 -1.88
C GLY A 163 19.04 12.57 -0.66
N HIS A 164 18.09 12.13 0.18
CA HIS A 164 17.68 12.87 1.40
C HIS A 164 18.35 12.22 2.61
N PRO A 165 18.72 13.03 3.59
CA PRO A 165 19.39 12.39 4.71
C PRO A 165 18.59 11.27 5.41
N PHE A 166 19.32 10.20 5.78
CA PHE A 166 18.74 9.02 6.43
C PHE A 166 18.00 9.37 7.67
N GLY A 167 16.77 8.87 7.72
CA GLY A 167 15.85 9.09 8.83
C GLY A 167 15.16 10.45 8.87
N TRP A 168 15.43 11.36 7.93
CA TRP A 168 14.80 12.67 8.03
C TRP A 168 13.36 12.56 7.56
N PRO A 169 12.51 13.50 7.97
CA PRO A 169 11.16 13.50 7.46
C PRO A 169 11.12 13.53 5.93
N SER A 170 10.25 12.73 5.36
CA SER A 170 10.19 12.66 3.91
C SER A 170 9.84 14.05 3.32
N ASN A 171 10.71 14.55 2.44
CA ASN A 171 10.57 15.91 1.87
C ASN A 171 10.65 17.07 2.90
N GLY A 172 11.38 16.88 3.99
CA GLY A 172 11.33 17.85 5.07
C GLY A 172 12.49 17.80 6.03
N PHE A 173 12.31 18.50 7.14
CA PHE A 173 13.38 18.71 8.08
C PHE A 173 12.98 18.20 9.43
N PRO A 174 13.95 17.63 10.14
CA PRO A 174 13.68 17.31 11.51
C PRO A 174 13.77 18.59 12.36
N GLY A 175 13.65 18.41 13.67
CA GLY A 175 13.77 19.51 14.60
C GLY A 175 15.17 20.05 14.56
N PRO A 176 15.34 21.31 14.96
CA PRO A 176 16.64 21.99 14.94
C PRO A 176 17.74 21.27 15.68
N GLN A 177 18.95 21.61 15.31
CA GLN A 177 20.13 21.03 15.89
C GLN A 177 20.14 21.45 17.32
N GLY A 178 20.84 20.64 18.11
CA GLY A 178 20.82 20.73 19.58
C GLY A 178 20.92 19.34 20.17
N PRO A 179 19.89 18.51 20.01
CA PRO A 179 19.82 17.19 20.64
C PRO A 179 20.50 15.98 19.97
N TYR A 180 21.14 16.16 18.81
CA TYR A 180 21.62 15.02 18.06
C TYR A 180 23.08 14.70 18.33
N TYR A 181 23.90 15.73 18.61
CA TYR A 181 25.31 15.51 18.94
C TYR A 181 25.46 14.49 20.06
N CYS A 182 26.25 13.44 19.82
CA CYS A 182 26.38 12.31 20.77
C CYS A 182 25.04 11.82 21.37
N GLY A 183 23.96 11.90 20.59
CA GLY A 183 22.61 11.66 21.11
C GLY A 183 22.30 10.18 21.25
N VAL A 184 21.26 9.85 21.99
CA VAL A 184 20.78 8.48 22.05
C VAL A 184 19.24 8.44 22.03
N GLY A 185 18.71 7.44 21.31
CA GLY A 185 17.28 7.26 21.17
C GLY A 185 16.91 7.30 19.69
N ALA A 186 15.76 6.71 19.38
CA ALA A 186 15.31 6.55 18.00
C ALA A 186 14.97 7.90 17.39
N ASP A 187 14.56 8.85 18.21
CA ASP A 187 14.25 10.19 17.72
C ASP A 187 15.46 11.08 17.61
N ARG A 188 16.65 10.56 17.82
CA ARG A 188 17.82 11.42 17.59
C ARG A 188 19.12 10.81 17.06
N ALA A 189 19.34 9.52 17.21
CA ALA A 189 20.53 8.92 16.66
C ALA A 189 20.03 8.17 15.46
N TYR A 190 20.12 8.76 14.27
CA TYR A 190 19.74 8.12 12.99
C TYR A 190 20.88 7.36 12.34
N GLY A 191 20.78 6.02 12.28
CA GLY A 191 21.79 5.19 11.63
C GLY A 191 22.90 4.53 12.46
N ARG A 192 22.69 4.31 13.75
CA ARG A 192 23.76 3.73 14.59
C ARG A 192 24.26 2.37 14.08
N ASP A 193 23.37 1.60 13.48
CA ASP A 193 23.77 0.30 12.97
C ASP A 193 24.96 0.34 12.03
N ILE A 194 24.93 1.27 11.07
CA ILE A 194 26.04 1.47 10.18
C ILE A 194 27.31 1.76 11.00
N VAL A 195 27.17 2.63 12.01
CA VAL A 195 28.30 3.18 12.73
C VAL A 195 28.99 2.10 13.53
N GLU A 196 28.17 1.26 14.17
CA GLU A 196 28.64 0.13 14.96
C GLU A 196 29.29 -0.93 14.10
N ALA A 197 28.63 -1.25 12.98
CA ALA A 197 29.15 -2.21 12.00
C ALA A 197 30.51 -1.77 11.47
N HIS A 198 30.60 -0.49 11.11
CA HIS A 198 31.85 0.08 10.61
C HIS A 198 33.00 -0.01 11.62
N TYR A 199 32.66 0.28 12.90
CA TYR A 199 33.64 0.34 13.98
C TYR A 199 34.27 -1.03 14.13
N ARG A 200 33.42 -2.03 14.16
CA ARG A 200 33.88 -3.41 14.27
C ARG A 200 34.58 -3.91 12.99
N ALA A 201 34.02 -3.53 11.82
CA ALA A 201 34.66 -3.88 10.56
C ALA A 201 36.11 -3.35 10.53
N CYS A 202 36.31 -2.08 10.92
CA CYS A 202 37.64 -1.48 10.94
C CYS A 202 38.54 -2.14 11.96
N LEU A 203 38.02 -2.52 13.14
CA LEU A 203 38.85 -3.19 14.12
C LEU A 203 39.33 -4.54 13.59
N TYR A 204 38.43 -5.35 13.05
CA TYR A 204 38.82 -6.64 12.46
C TYR A 204 39.78 -6.42 11.34
N ALA A 205 39.52 -5.39 10.53
CA ALA A 205 40.39 -5.08 9.39
C ALA A 205 41.84 -4.79 9.80
N GLY A 206 42.03 -4.12 10.93
CA GLY A 206 43.35 -3.61 11.29
C GLY A 206 43.54 -2.11 11.09
N VAL A 207 42.45 -1.42 10.71
CA VAL A 207 42.43 0.03 10.58
C VAL A 207 42.41 0.60 12.00
N LYS A 208 43.23 1.62 12.22
CA LYS A 208 43.42 2.22 13.53
C LYS A 208 42.33 3.26 13.84
N ILE A 209 41.12 2.74 14.04
CA ILE A 209 39.98 3.54 14.39
C ILE A 209 40.07 3.89 15.89
N ALA A 210 40.10 5.19 16.20
CA ALA A 210 40.31 5.69 17.57
C ALA A 210 38.98 5.92 18.32
N GLY A 211 37.89 6.08 17.61
CA GLY A 211 36.62 6.28 18.26
C GLY A 211 35.56 6.79 17.34
N THR A 212 34.37 7.00 17.84
CA THR A 212 33.27 7.47 17.02
C THR A 212 32.36 8.39 17.83
N ASN A 213 31.55 9.19 17.15
CA ASN A 213 30.46 9.91 17.81
C ASN A 213 29.37 10.30 16.83
N ALA A 214 28.10 10.29 17.26
CA ALA A 214 27.03 11.02 16.57
C ALA A 214 27.41 12.51 16.52
N GLU A 215 27.08 13.20 15.43
CA GLU A 215 27.45 14.62 15.27
C GLU A 215 26.23 15.55 15.33
N VAL A 216 26.49 16.86 15.17
CA VAL A 216 25.50 17.91 15.42
C VAL A 216 24.30 17.83 14.50
N MET A 217 24.53 17.50 13.24
CA MET A 217 23.42 17.34 12.28
C MET A 217 22.81 15.93 12.40
N PRO A 218 21.48 15.87 12.39
CA PRO A 218 20.90 14.55 12.46
C PRO A 218 21.31 13.74 11.25
N ALA A 219 21.49 12.44 11.46
CA ALA A 219 22.09 11.50 10.47
C ALA A 219 23.57 11.76 10.14
N GLN A 220 24.20 12.73 10.78
CA GLN A 220 25.63 12.99 10.54
C GLN A 220 26.43 12.34 11.69
N TRP A 221 27.57 11.76 11.36
CA TRP A 221 28.36 10.98 12.31
C TRP A 221 29.84 11.17 12.04
N GLU A 222 30.65 10.52 12.87
CA GLU A 222 32.08 10.74 12.82
C GLU A 222 32.81 9.55 13.29
N PHE A 223 33.98 9.36 12.70
CA PHE A 223 34.93 8.41 13.22
C PHE A 223 36.32 9.01 13.07
N GLN A 224 37.20 8.58 13.94
CA GLN A 224 38.52 9.11 14.09
C GLN A 224 39.48 8.02 13.77
N ILE A 225 40.52 8.34 13.04
CA ILE A 225 41.51 7.37 12.64
C ILE A 225 42.85 7.93 13.00
N GLY A 226 43.62 7.21 13.78
CA GLY A 226 44.88 7.72 14.24
C GLY A 226 45.19 7.24 15.62
N PRO A 227 46.36 7.54 16.11
CA PRO A 227 47.36 8.28 15.36
C PRO A 227 48.12 7.39 14.45
N CYS A 228 48.38 7.90 13.26
CA CYS A 228 49.00 7.13 12.23
C CYS A 228 50.26 7.85 11.83
N GLU A 229 51.38 7.17 11.89
CA GLU A 229 52.65 7.77 11.49
C GLU A 229 52.80 7.77 9.96
N GLY A 230 53.14 8.92 9.42
CA GLY A 230 53.59 9.06 8.05
C GLY A 230 52.55 8.74 7.03
N ILE A 231 52.95 7.95 6.03
CA ILE A 231 52.05 7.57 4.97
C ILE A 231 50.89 6.67 5.44
N SER A 232 50.99 6.03 6.59
CA SER A 232 49.92 5.11 6.96
C SER A 232 48.60 5.89 7.25
N MET A 233 48.69 7.20 7.45
CA MET A 233 47.49 7.97 7.74
C MET A 233 46.55 7.90 6.56
N GLY A 234 47.05 8.24 5.39
CA GLY A 234 46.22 8.22 4.20
C GLY A 234 45.75 6.84 3.83
N ASP A 235 46.59 5.85 4.06
CA ASP A 235 46.23 4.47 3.79
C ASP A 235 45.05 4.03 4.65
N HIS A 236 45.15 4.34 5.94
CA HIS A 236 44.15 3.91 6.89
C HIS A 236 42.81 4.63 6.65
N LEU A 237 42.85 5.92 6.35
CA LEU A 237 41.61 6.62 6.11
C LEU A 237 40.95 6.18 4.79
N TRP A 238 41.73 6.02 3.74
CA TRP A 238 41.12 5.65 2.49
C TRP A 238 40.44 4.30 2.64
N VAL A 239 41.12 3.34 3.31
CA VAL A 239 40.54 2.01 3.52
C VAL A 239 39.35 2.16 4.46
N ALA A 240 39.42 3.10 5.42
CA ALA A 240 38.29 3.31 6.37
C ALA A 240 37.07 3.84 5.59
N ARG A 241 37.35 4.72 4.65
CA ARG A 241 36.28 5.25 3.85
C ARG A 241 35.68 4.14 3.03
N PHE A 242 36.56 3.28 2.49
CA PHE A 242 36.10 2.16 1.67
C PHE A 242 35.19 1.24 2.44
N ILE A 243 35.58 0.95 3.69
CA ILE A 243 34.83 0.08 4.57
C ILE A 243 33.46 0.72 4.87
N LEU A 244 33.41 2.04 4.99
CA LEU A 244 32.14 2.75 5.21
C LEU A 244 31.14 2.57 4.08
N HIS A 245 31.62 2.79 2.86
CA HIS A 245 30.76 2.66 1.68
C HIS A 245 30.25 1.26 1.52
N ARG A 246 31.13 0.29 1.75
CA ARG A 246 30.70 -1.10 1.69
C ARG A 246 29.68 -1.47 2.74
N VAL A 247 29.91 -1.02 3.97
CA VAL A 247 29.00 -1.32 5.05
C VAL A 247 27.69 -0.65 4.70
N CYS A 248 27.77 0.64 4.38
CA CYS A 248 26.56 1.38 4.05
C CYS A 248 25.82 0.67 2.94
N GLU A 249 26.57 0.17 1.97
CA GLU A 249 25.95 -0.58 0.91
C GLU A 249 25.11 -1.69 1.45
N ASP A 250 25.63 -2.51 2.38
CA ASP A 250 24.85 -3.59 2.93
C ASP A 250 23.54 -3.09 3.53
N PHE A 251 23.56 -1.90 4.11
CA PHE A 251 22.37 -1.39 4.78
C PHE A 251 21.44 -0.63 3.86
N GLY A 252 21.72 -0.63 2.55
CA GLY A 252 20.92 0.13 1.60
C GLY A 252 20.99 1.64 1.78
N VAL A 253 22.10 2.17 2.28
CA VAL A 253 22.25 3.62 2.40
C VAL A 253 23.56 4.10 1.85
N ILE A 254 23.71 5.42 1.76
CA ILE A 254 24.79 6.07 1.07
C ILE A 254 25.45 6.92 2.14
N ALA A 255 26.78 6.92 2.14
CA ALA A 255 27.58 7.84 2.97
C ALA A 255 28.02 9.00 2.08
N THR A 256 27.74 10.24 2.44
CA THR A 256 28.33 11.36 1.67
C THR A 256 29.44 12.04 2.48
N PHE A 257 30.48 12.51 1.82
CA PHE A 257 31.49 13.31 2.45
C PHE A 257 31.49 14.70 1.86
N ASP A 258 30.38 15.13 1.31
CA ASP A 258 30.29 16.53 0.94
C ASP A 258 30.43 17.40 2.19
N PRO A 259 31.22 18.47 2.10
CA PRO A 259 31.36 19.33 3.24
C PRO A 259 30.12 20.12 3.67
N LYS A 260 29.10 20.24 2.83
CA LYS A 260 27.88 20.99 3.23
C LYS A 260 26.69 20.35 2.53
N PRO A 261 26.32 19.14 2.95
CA PRO A 261 25.30 18.43 2.24
C PRO A 261 23.91 19.05 2.33
N ILE A 262 23.55 19.72 3.40
CA ILE A 262 22.27 20.42 3.42
C ILE A 262 22.55 21.86 3.73
N PRO A 263 22.28 22.76 2.77
CA PRO A 263 22.55 24.17 3.01
C PRO A 263 21.66 24.72 4.08
N GLY A 264 22.09 25.80 4.69
CA GLY A 264 21.26 26.53 5.64
C GLY A 264 21.71 26.26 7.06
N ASN A 265 20.75 26.22 7.98
CA ASN A 265 21.11 26.10 9.37
C ASN A 265 21.39 24.64 9.76
N TRP A 266 22.38 24.03 9.11
CA TRP A 266 22.74 22.66 9.42
C TRP A 266 24.22 22.57 9.33
N ASN A 267 24.86 21.85 10.24
CA ASN A 267 26.31 21.72 10.21
C ASN A 267 26.79 21.04 8.96
N GLY A 268 27.97 21.48 8.54
CA GLY A 268 28.76 20.83 7.52
C GLY A 268 29.66 19.76 8.12
N ALA A 269 30.47 19.18 7.25
CA ALA A 269 31.26 17.98 7.52
C ALA A 269 32.67 18.35 7.16
N GLY A 270 33.54 18.33 8.15
CA GLY A 270 34.96 18.53 7.90
C GLY A 270 35.70 17.22 8.05
N CYS A 271 37.01 17.30 7.91
CA CYS A 271 37.89 16.20 8.28
C CYS A 271 39.10 16.77 9.02
N HIS A 272 38.86 17.19 10.26
CA HIS A 272 39.88 17.85 11.13
C HIS A 272 41.11 16.96 11.19
N THR A 273 42.27 17.54 10.95
CA THR A 273 43.49 16.77 10.91
C THR A 273 44.33 17.20 12.09
N ASN A 274 44.59 16.25 12.99
CA ASN A 274 45.38 16.47 14.19
C ASN A 274 46.80 16.03 13.89
N PHE A 275 47.78 16.84 14.25
CA PHE A 275 49.15 16.63 13.83
C PHE A 275 50.14 16.82 14.98
N SER A 276 51.14 15.94 15.04
CA SER A 276 52.27 16.13 15.93
C SER A 276 53.54 15.47 15.41
N THR A 277 54.66 16.08 15.74
CA THR A 277 55.97 15.47 15.58
C THR A 277 56.38 14.96 16.97
N LYS A 278 57.52 14.27 17.01
CA LYS A 278 58.10 13.79 18.26
C LYS A 278 58.35 14.95 19.23
N ALA A 279 58.90 16.04 18.72
CA ALA A 279 59.23 17.22 19.54
C ALA A 279 57.97 17.80 20.17
N MET A 280 56.87 17.75 19.43
CA MET A 280 55.64 18.34 19.91
C MET A 280 55.06 17.49 21.00
N ARG A 281 55.34 16.18 20.94
CA ARG A 281 54.84 15.23 21.95
C ARG A 281 55.68 15.12 23.21
N GLU A 282 56.85 15.74 23.23
CA GLU A 282 57.73 15.71 24.41
C GLU A 282 57.41 16.86 25.35
N GLU A 283 58.05 16.86 26.52
CA GLU A 283 57.81 17.90 27.52
C GLU A 283 58.08 19.25 26.90
N ASN A 284 57.12 20.16 27.11
CA ASN A 284 57.14 21.50 26.52
C ASN A 284 57.22 21.46 24.99
N GLY A 285 56.47 20.53 24.43
CA GLY A 285 56.29 20.45 23.00
C GLY A 285 55.36 21.52 22.49
N LEU A 286 54.62 22.17 23.39
CA LEU A 286 53.76 23.31 23.02
C LEU A 286 54.58 24.39 22.29
N LYS A 287 55.86 24.47 22.62
CA LYS A 287 56.77 25.40 21.98
C LYS A 287 56.78 25.18 20.45
N TYR A 288 56.89 23.92 20.05
CA TYR A 288 56.98 23.52 18.65
C TYR A 288 55.61 23.49 17.98
N ILE A 289 54.57 23.22 18.75
CA ILE A 289 53.24 23.38 18.22
C ILE A 289 53.07 24.81 17.79
N GLU A 290 53.40 25.73 18.68
CA GLU A 290 53.27 27.15 18.36
C GLU A 290 54.11 27.55 17.17
N GLU A 291 55.29 26.95 17.01
CA GLU A 291 56.10 27.21 15.84
C GLU A 291 55.44 26.71 14.57
N ALA A 292 54.79 25.54 14.66
CA ALA A 292 54.11 24.98 13.48
C ALA A 292 52.91 25.85 13.07
N ILE A 293 52.12 26.29 14.03
CA ILE A 293 50.97 27.18 13.76
C ILE A 293 51.43 28.50 13.11
N GLU A 294 52.56 29.01 13.58
CA GLU A 294 53.15 30.23 13.05
C GLU A 294 53.38 30.09 11.56
N LYS A 295 54.01 28.98 11.15
CA LYS A 295 54.29 28.74 9.73
C LYS A 295 53.02 28.55 8.92
N LEU A 296 52.02 27.90 9.52
CA LEU A 296 50.73 27.75 8.86
C LEU A 296 50.02 29.09 8.64
N SER A 297 50.10 30.02 9.57
CA SER A 297 49.41 31.31 9.39
C SER A 297 49.88 32.07 8.15
N LYS A 298 51.09 31.76 7.69
CA LYS A 298 51.65 32.44 6.53
C LYS A 298 51.36 31.73 5.24
N ARG A 299 50.77 30.55 5.32
CA ARG A 299 50.60 29.73 4.17
C ARG A 299 49.16 29.24 4.10
N HIS A 300 48.25 30.07 4.58
CA HIS A 300 46.86 29.72 4.68
C HIS A 300 46.22 29.30 3.37
N GLN A 301 46.35 30.11 2.36
CA GLN A 301 45.68 29.80 1.13
C GLN A 301 46.24 28.63 0.37
N TYR A 302 47.47 28.28 0.63
CA TYR A 302 48.07 27.14 0.00
C TYR A 302 47.44 25.90 0.52
N HIS A 303 47.10 25.92 1.79
CA HIS A 303 46.40 24.80 2.47
C HIS A 303 44.96 24.61 2.07
N ILE A 304 44.21 25.71 2.06
CA ILE A 304 42.84 25.68 1.55
C ILE A 304 42.78 24.95 0.19
N ARG A 305 43.71 25.27 -0.71
CA ARG A 305 43.82 24.60 -2.01
C ARG A 305 44.15 23.11 -1.94
N ALA A 306 44.84 22.69 -0.88
CA ALA A 306 45.21 21.26 -0.68
C ALA A 306 44.10 20.44 0.09
N TYR A 307 43.07 21.15 0.54
CA TYR A 307 42.17 20.65 1.53
C TYR A 307 40.80 20.23 0.99
N ASP A 308 40.55 20.38 -0.30
CA ASP A 308 39.43 19.67 -0.92
C ASP A 308 39.71 19.45 -2.43
N PRO A 309 39.08 18.45 -3.07
CA PRO A 309 39.51 18.08 -4.42
C PRO A 309 39.22 19.15 -5.47
N LYS A 310 38.41 20.16 -5.13
CA LYS A 310 38.17 21.28 -6.02
C LYS A 310 38.97 22.56 -5.69
N GLY A 311 40.12 22.42 -5.01
CA GLY A 311 41.03 23.55 -4.72
C GLY A 311 40.50 24.67 -3.81
N GLY A 312 39.49 24.33 -3.00
CA GLY A 312 38.86 25.28 -2.07
C GLY A 312 37.40 25.59 -2.40
N LEU A 313 36.94 25.19 -3.57
CA LEU A 313 35.58 25.52 -3.98
C LEU A 313 34.55 24.75 -3.19
N ASP A 314 34.83 23.50 -2.83
CA ASP A 314 33.88 22.77 -1.98
C ASP A 314 33.83 23.39 -0.58
N ASN A 315 34.98 23.71 0.02
CA ASN A 315 35.02 24.28 1.37
C ASN A 315 34.38 25.67 1.50
N ALA A 316 34.24 26.40 0.39
CA ALA A 316 33.54 27.71 0.43
C ALA A 316 32.13 27.55 0.96
N ARG A 317 31.51 26.40 0.66
CA ARG A 317 30.19 26.07 1.19
C ARG A 317 30.17 25.75 2.68
N ARG A 318 31.31 25.33 3.25
CA ARG A 318 31.40 24.97 4.69
C ARG A 318 32.06 26.02 5.59
N LEU A 319 33.24 26.48 5.19
CA LEU A 319 34.07 27.37 6.02
C LEU A 319 33.53 28.81 5.99
N THR A 320 32.41 29.01 6.69
CA THR A 320 31.64 30.24 6.69
C THR A 320 31.93 31.08 7.91
N GLY A 321 32.60 30.48 8.89
CA GLY A 321 32.77 31.05 10.23
C GLY A 321 31.57 30.80 11.12
N PHE A 322 30.64 29.93 10.71
CA PHE A 322 29.51 29.52 11.57
C PHE A 322 29.53 28.03 11.66
N HIS A 323 28.63 27.50 12.50
CA HIS A 323 28.43 26.05 12.64
C HIS A 323 29.75 25.34 12.94
N GLU A 324 30.50 26.00 13.82
CA GLU A 324 31.77 25.52 14.35
C GLU A 324 32.83 25.43 13.26
N THR A 325 32.90 26.46 12.42
CA THR A 325 33.95 26.60 11.43
C THR A 325 34.59 27.97 11.54
N SER A 326 35.73 28.08 10.87
CA SER A 326 36.37 29.34 10.59
C SER A 326 35.92 29.82 9.19
N ASN A 327 36.06 31.12 8.94
CA ASN A 327 35.85 31.68 7.60
C ASN A 327 36.99 31.30 6.66
N ILE A 328 36.61 30.90 5.45
CA ILE A 328 37.58 30.37 4.49
C ILE A 328 38.73 31.37 4.23
N ASN A 329 38.46 32.67 4.41
CA ASN A 329 39.45 33.72 4.14
C ASN A 329 40.41 34.06 5.26
N ASP A 330 40.05 33.73 6.49
CA ASP A 330 40.78 34.17 7.66
C ASP A 330 41.48 33.02 8.37
N PHE A 331 42.75 33.20 8.70
CA PHE A 331 43.48 32.26 9.53
C PHE A 331 43.35 32.70 10.98
N SER A 332 43.02 31.76 11.87
CA SER A 332 42.97 32.01 13.31
C SER A 332 43.35 30.76 14.11
N ALA A 333 43.81 30.95 15.35
CA ALA A 333 44.15 29.84 16.20
C ALA A 333 43.79 30.16 17.64
N GLY A 334 43.51 29.15 18.44
CA GLY A 334 43.07 29.39 19.79
C GLY A 334 42.88 28.11 20.56
N VAL A 335 43.06 28.18 21.88
CA VAL A 335 42.89 27.04 22.73
C VAL A 335 41.42 26.73 22.90
N ALA A 336 41.01 25.49 22.63
CA ALA A 336 39.66 25.04 22.95
C ALA A 336 38.60 25.72 22.07
N ASN A 337 39.09 26.44 21.05
CA ASN A 337 38.25 27.29 20.17
C ASN A 337 37.81 26.60 18.89
N ARG A 338 36.51 26.28 18.82
CA ARG A 338 35.94 25.60 17.65
C ARG A 338 35.56 26.52 16.49
N SER A 339 35.89 27.81 16.64
CA SER A 339 35.72 28.80 15.58
C SER A 339 36.99 29.10 14.87
N ALA A 340 38.11 28.60 15.40
CA ALA A 340 39.42 28.94 14.85
C ALA A 340 39.77 28.02 13.70
N SER A 341 40.68 28.47 12.86
CA SER A 341 41.28 27.60 11.86
C SER A 341 42.03 26.45 12.53
N ILE A 342 42.89 26.79 13.49
CA ILE A 342 43.57 25.79 14.31
C ILE A 342 43.04 25.85 15.73
N ARG A 343 42.71 24.67 16.28
CA ARG A 343 42.41 24.54 17.72
C ARG A 343 43.50 23.78 18.46
N ILE A 344 44.00 24.39 19.55
CA ILE A 344 44.79 23.65 20.51
C ILE A 344 43.82 23.11 21.54
N PRO A 345 43.73 21.78 21.67
CA PRO A 345 42.75 21.27 22.63
C PRO A 345 43.18 21.56 24.08
N ARG A 346 42.21 21.68 24.96
CA ARG A 346 42.51 22.10 26.34
C ARG A 346 43.61 21.22 26.94
N THR A 347 43.51 19.91 26.74
CA THR A 347 44.45 18.97 27.34
C THR A 347 45.87 19.33 27.02
N VAL A 348 46.09 19.70 25.77
CA VAL A 348 47.42 20.04 25.28
C VAL A 348 47.89 21.39 25.84
N GLY A 349 46.96 22.35 26.00
CA GLY A 349 47.30 23.62 26.65
C GLY A 349 47.79 23.47 28.10
N GLN A 350 47.06 22.63 28.85
CA GLN A 350 47.41 22.27 30.22
C GLN A 350 48.71 21.50 30.30
N GLU A 351 48.88 20.47 29.47
CA GLU A 351 50.06 19.59 29.54
C GLU A 351 51.29 20.15 28.83
N LYS A 352 51.09 21.26 28.12
CA LYS A 352 52.16 21.93 27.42
C LYS A 352 52.94 20.99 26.48
N LYS A 353 52.20 20.05 25.88
CA LYS A 353 52.74 19.09 24.94
C LYS A 353 51.60 18.34 24.27
N GLY A 354 51.87 17.81 23.09
CA GLY A 354 50.91 16.98 22.37
C GLY A 354 50.80 17.33 20.89
N TYR A 355 49.64 17.85 20.51
CA TYR A 355 49.25 17.97 19.12
C TYR A 355 48.29 19.12 18.96
N PHE A 356 48.25 19.67 17.76
CA PHE A 356 47.23 20.66 17.42
C PHE A 356 46.28 20.07 16.35
N GLU A 357 45.16 20.77 16.15
CA GLU A 357 44.05 20.34 15.31
C GLU A 357 43.85 21.37 14.21
N ASP A 358 44.12 20.98 12.97
CA ASP A 358 43.76 21.80 11.81
C ASP A 358 42.30 21.45 11.46
N ARG A 359 41.40 22.41 11.69
CA ARG A 359 39.97 22.24 11.44
C ARG A 359 39.54 22.65 10.04
N ARG A 360 40.48 23.01 9.18
CA ARG A 360 40.13 23.47 7.81
C ARG A 360 39.76 22.35 6.80
N PRO A 361 40.42 21.19 6.83
CA PRO A 361 40.13 20.21 5.78
C PRO A 361 38.67 19.74 5.68
N SER A 362 38.21 19.62 4.43
CA SER A 362 36.83 19.19 4.13
C SER A 362 36.65 17.71 4.45
N ALA A 363 35.43 17.32 4.79
CA ALA A 363 35.12 15.90 4.91
C ALA A 363 35.56 15.17 3.66
N ASN A 364 35.54 15.81 2.46
CA ASN A 364 35.94 15.13 1.17
C ASN A 364 37.41 15.36 0.70
N CYS A 365 38.29 15.79 1.58
CA CYS A 365 39.69 15.95 1.23
C CYS A 365 40.35 14.60 0.93
N ASP A 366 41.49 14.63 0.25
CA ASP A 366 42.33 13.46 0.09
C ASP A 366 43.44 13.57 1.13
N PRO A 367 43.47 12.63 2.09
CA PRO A 367 44.44 12.66 3.18
C PRO A 367 45.89 12.76 2.74
N PHE A 368 46.22 12.27 1.55
CA PHE A 368 47.62 12.36 1.09
C PHE A 368 48.01 13.80 0.78
N SER A 369 47.00 14.58 0.38
CA SER A 369 47.16 15.95 0.03
C SER A 369 47.22 16.79 1.31
N VAL A 370 46.32 16.51 2.25
CA VAL A 370 46.32 17.24 3.52
C VAL A 370 47.59 16.97 4.30
N THR A 371 48.00 15.70 4.42
CA THR A 371 49.16 15.37 5.26
C THR A 371 50.46 15.85 4.63
N GLU A 372 50.55 15.76 3.31
CA GLU A 372 51.68 16.28 2.55
C GLU A 372 51.83 17.78 2.81
N ALA A 373 50.73 18.53 2.71
CA ALA A 373 50.75 19.97 2.93
C ALA A 373 51.29 20.30 4.33
N LEU A 374 50.82 19.59 5.34
CA LEU A 374 51.25 19.86 6.72
C LEU A 374 52.77 19.66 6.79
N ILE A 375 53.28 18.59 6.15
CA ILE A 375 54.72 18.28 6.24
C ILE A 375 55.56 19.35 5.57
N ARG A 376 55.16 19.74 4.37
CA ARG A 376 55.94 20.71 3.61
C ARG A 376 56.03 22.02 4.33
N THR A 377 54.89 22.49 4.81
CA THR A 377 54.80 23.79 5.45
C THR A 377 55.44 23.77 6.83
N CYS A 378 55.16 22.75 7.63
CA CYS A 378 55.60 22.75 9.01
C CYS A 378 56.96 22.17 9.27
N LEU A 379 57.40 21.19 8.49
CA LEU A 379 58.66 20.50 8.80
C LEU A 379 59.76 20.77 7.78
N LEU A 380 59.40 21.04 6.52
CA LEU A 380 60.38 21.33 5.46
C LEU A 380 60.44 22.83 5.15
N ASN A 381 59.69 23.62 5.92
CA ASN A 381 59.68 25.08 5.82
C ASN A 381 59.55 25.62 4.44
N GLU A 382 58.61 25.09 3.68
CA GLU A 382 58.35 25.64 2.38
C GLU A 382 57.52 26.89 2.49
N THR A 383 57.72 27.76 1.51
CA THR A 383 57.01 29.02 1.35
C THR A 383 56.80 29.22 -0.17
N GLY A 384 56.15 30.32 -0.55
CA GLY A 384 55.91 30.65 -1.97
C GLY A 384 54.71 29.87 -2.53
N ASN B 29 9.73 -18.59 2.43
CA ASN B 29 10.77 -17.84 3.22
C ASN B 29 12.03 -18.69 3.52
N LYS B 30 13.18 -18.08 3.30
CA LYS B 30 14.44 -18.80 3.35
C LYS B 30 14.85 -19.14 4.78
N GLY B 31 14.30 -18.44 5.75
CA GLY B 31 14.54 -18.80 7.15
C GLY B 31 13.94 -20.17 7.46
N ILE B 32 12.67 -20.35 7.08
CA ILE B 32 11.99 -21.65 7.15
C ILE B 32 12.85 -22.70 6.42
N LYS B 33 13.32 -22.38 5.22
CA LYS B 33 14.04 -23.39 4.49
C LYS B 33 15.25 -23.85 5.27
N GLN B 34 15.94 -22.90 5.89
CA GLN B 34 17.24 -23.18 6.48
C GLN B 34 17.19 -24.13 7.70
N VAL B 35 16.07 -24.07 8.44
CA VAL B 35 15.80 -25.03 9.49
C VAL B 35 15.79 -26.48 8.94
N TYR B 36 15.10 -26.68 7.82
CA TYR B 36 15.02 -28.01 7.18
C TYR B 36 16.40 -28.45 6.69
N MET B 37 17.17 -27.49 6.21
CA MET B 37 18.50 -27.80 5.72
C MET B 37 19.54 -28.10 6.81
N SER B 38 19.28 -27.73 8.05
CA SER B 38 20.08 -28.16 9.19
C SER B 38 19.88 -29.59 9.62
N LEU B 39 18.73 -30.19 9.28
CA LEU B 39 18.48 -31.57 9.68
C LEU B 39 19.62 -32.43 9.16
N PRO B 40 20.25 -33.21 10.03
CA PRO B 40 21.29 -34.13 9.52
C PRO B 40 20.65 -35.13 8.59
N GLN B 41 21.25 -35.38 7.44
CA GLN B 41 20.56 -36.19 6.38
C GLN B 41 20.87 -37.69 6.41
N GLY B 42 21.97 -38.09 7.08
CA GLY B 42 22.31 -39.51 7.21
C GLY B 42 23.17 -40.07 6.10
N GLU B 43 23.08 -41.37 5.85
CA GLU B 43 23.98 -42.07 4.87
C GLU B 43 23.69 -41.74 3.39
N LYS B 44 22.45 -41.41 3.05
CA LYS B 44 22.06 -41.14 1.65
C LYS B 44 22.58 -39.77 1.15
N VAL B 45 22.82 -39.71 -0.16
CA VAL B 45 23.48 -38.57 -0.78
C VAL B 45 22.57 -38.08 -1.90
N GLN B 46 22.52 -36.75 -2.09
CA GLN B 46 21.79 -36.14 -3.23
C GLN B 46 22.71 -35.85 -4.40
N ALA B 47 22.30 -36.27 -5.60
CA ALA B 47 23.07 -35.99 -6.80
C ALA B 47 22.16 -35.30 -7.84
N MET B 48 22.54 -34.06 -8.14
CA MET B 48 21.80 -33.19 -9.03
C MET B 48 22.47 -33.22 -10.39
N TYR B 49 21.77 -33.83 -11.35
CA TYR B 49 22.29 -33.99 -12.70
C TYR B 49 21.86 -32.78 -13.51
N ILE B 50 22.84 -32.10 -14.12
CA ILE B 50 22.65 -30.90 -14.93
C ILE B 50 22.94 -31.17 -16.41
N TRP B 51 22.14 -30.59 -17.29
CA TRP B 51 22.41 -30.69 -18.71
C TRP B 51 21.91 -29.53 -19.52
N ILE B 52 22.39 -29.44 -20.78
CA ILE B 52 22.02 -28.37 -21.69
C ILE B 52 20.87 -28.82 -22.57
N ASP B 53 19.88 -27.95 -22.79
CA ASP B 53 18.64 -28.37 -23.46
C ASP B 53 18.69 -28.09 -24.96
N GLY B 54 17.52 -28.20 -25.61
CA GLY B 54 17.41 -28.08 -27.04
C GLY B 54 17.62 -26.70 -27.57
N THR B 55 17.65 -25.69 -26.69
CA THR B 55 17.91 -24.29 -27.11
C THR B 55 19.43 -24.01 -27.20
N GLY B 56 20.25 -24.93 -26.66
CA GLY B 56 21.70 -24.73 -26.58
C GLY B 56 22.13 -23.68 -25.54
N GLU B 57 21.17 -23.09 -24.86
CA GLU B 57 21.42 -22.02 -23.91
C GLU B 57 20.88 -22.32 -22.51
N GLY B 58 19.74 -22.98 -22.42
CA GLY B 58 19.13 -23.32 -21.17
C GLY B 58 19.64 -24.58 -20.49
N LEU B 59 19.88 -24.42 -19.19
CA LEU B 59 20.29 -25.49 -18.34
C LEU B 59 19.08 -26.13 -17.68
N ARG B 60 19.20 -27.42 -17.45
CA ARG B 60 18.15 -28.22 -16.82
C ARG B 60 18.78 -29.09 -15.78
N CYS B 61 17.97 -29.50 -14.82
CA CYS B 61 18.49 -30.30 -13.75
C CYS B 61 17.43 -31.08 -13.02
N LYS B 62 17.87 -32.16 -12.37
CA LYS B 62 16.99 -32.95 -11.52
C LYS B 62 17.85 -33.82 -10.57
N THR B 63 17.26 -34.26 -9.46
CA THR B 63 18.00 -34.94 -8.37
C THR B 63 17.57 -36.41 -8.15
N ARG B 64 18.58 -37.27 -7.93
CA ARG B 64 18.37 -38.64 -7.43
C ARG B 64 19.08 -38.84 -6.12
N THR B 65 18.58 -39.79 -5.32
CA THR B 65 19.24 -40.23 -4.09
C THR B 65 20.18 -41.37 -4.41
N LEU B 66 21.43 -41.32 -3.97
CA LEU B 66 22.36 -42.43 -4.06
C LEU B 66 22.57 -43.00 -2.65
N ASP B 67 23.10 -44.23 -2.55
CA ASP B 67 23.29 -44.95 -1.28
C ASP B 67 24.51 -44.57 -0.52
N SER B 68 25.52 -44.08 -1.21
CA SER B 68 26.68 -43.52 -0.56
C SER B 68 27.24 -42.42 -1.41
N GLU B 69 28.33 -41.83 -0.95
CA GLU B 69 28.95 -40.71 -1.63
C GLU B 69 29.89 -41.23 -2.74
N PRO B 70 29.72 -40.73 -3.96
CA PRO B 70 30.64 -41.16 -4.99
C PRO B 70 31.95 -40.42 -4.83
N LYS B 71 33.07 -41.09 -5.14
CA LYS B 71 34.39 -40.49 -4.88
C LYS B 71 34.92 -39.75 -6.04
N CYS B 72 34.27 -39.93 -7.19
CA CYS B 72 34.65 -39.29 -8.43
C CYS B 72 33.55 -39.52 -9.45
N VAL B 73 33.62 -38.76 -10.54
CA VAL B 73 32.59 -38.75 -11.57
C VAL B 73 32.31 -40.15 -12.13
N GLU B 74 33.34 -41.01 -12.20
CA GLU B 74 33.13 -42.31 -12.83
C GLU B 74 32.22 -43.25 -12.06
N GLU B 75 31.98 -43.00 -10.79
CA GLU B 75 31.08 -43.86 -9.99
C GLU B 75 29.62 -43.40 -10.09
N LEU B 76 29.37 -42.31 -10.80
CA LEU B 76 28.00 -41.85 -10.90
C LEU B 76 27.31 -42.68 -11.96
N PRO B 77 26.09 -43.14 -11.66
CA PRO B 77 25.40 -43.93 -12.71
C PRO B 77 24.87 -43.04 -13.82
N GLU B 78 24.78 -43.61 -15.00
CA GLU B 78 24.08 -42.99 -16.10
C GLU B 78 22.64 -42.76 -15.69
N TRP B 79 21.99 -41.81 -16.35
CA TRP B 79 20.59 -41.58 -16.11
C TRP B 79 19.94 -41.19 -17.41
N ASN B 80 18.75 -40.60 -17.30
CA ASN B 80 17.98 -40.23 -18.48
C ASN B 80 16.90 -39.25 -18.07
N PHE B 81 16.26 -38.59 -19.03
CA PHE B 81 15.22 -37.60 -18.77
C PHE B 81 14.24 -37.60 -19.91
N ASP B 82 13.16 -36.85 -19.78
CA ASP B 82 12.19 -36.64 -20.84
C ASP B 82 12.63 -35.58 -21.85
N GLY B 83 13.19 -36.04 -22.96
CA GLY B 83 13.61 -35.14 -24.04
C GLY B 83 12.50 -34.38 -24.72
N SER B 84 11.27 -34.88 -24.59
CA SER B 84 10.13 -34.24 -25.17
C SER B 84 9.69 -33.02 -24.36
N SER B 85 10.21 -32.88 -23.13
CA SER B 85 9.83 -31.74 -22.32
C SER B 85 10.93 -30.75 -22.31
N THR B 86 11.99 -31.04 -23.08
CA THR B 86 13.11 -30.10 -23.21
C THR B 86 13.48 -29.75 -24.65
N LEU B 87 12.56 -30.06 -25.58
CA LEU B 87 12.73 -29.73 -26.99
C LEU B 87 13.84 -30.53 -27.67
N GLN B 88 13.95 -31.79 -27.32
CA GLN B 88 15.03 -32.61 -27.84
C GLN B 88 14.61 -33.96 -28.41
N SER B 89 13.35 -34.36 -28.24
CA SER B 89 12.84 -35.63 -28.76
C SER B 89 11.34 -35.67 -28.69
N GLU B 90 10.75 -36.72 -29.22
CA GLU B 90 9.31 -36.80 -29.29
C GLU B 90 8.79 -37.59 -28.12
N GLY B 91 7.60 -37.19 -27.69
CA GLY B 91 6.91 -37.82 -26.60
C GLY B 91 6.79 -39.33 -26.65
N SER B 92 6.70 -39.93 -27.82
CA SER B 92 6.44 -41.39 -27.87
C SER B 92 7.71 -42.24 -27.98
N ASN B 93 8.84 -41.56 -28.16
CA ASN B 93 10.16 -42.15 -28.01
C ASN B 93 11.08 -41.14 -27.28
N SER B 94 10.75 -40.88 -26.02
CA SER B 94 11.18 -39.64 -25.35
C SER B 94 12.42 -39.73 -24.46
N ASP B 95 12.68 -40.87 -23.82
CA ASP B 95 13.85 -41.04 -22.97
C ASP B 95 15.07 -40.54 -23.69
N MET B 96 15.90 -39.75 -23.03
CA MET B 96 17.25 -39.40 -23.57
C MET B 96 18.26 -39.65 -22.47
N TYR B 97 19.49 -40.01 -22.84
CA TYR B 97 20.55 -40.41 -21.88
C TYR B 97 21.31 -39.23 -21.27
N LEU B 98 21.59 -39.34 -19.97
CA LEU B 98 22.51 -38.47 -19.28
C LEU B 98 23.74 -39.29 -18.94
N VAL B 99 24.92 -38.84 -19.38
CA VAL B 99 26.17 -39.47 -19.02
C VAL B 99 27.02 -38.48 -18.23
N PRO B 100 27.33 -38.79 -16.96
CA PRO B 100 28.13 -37.85 -16.17
C PRO B 100 29.44 -37.47 -16.84
N ALA B 101 29.79 -36.21 -16.78
CA ALA B 101 30.97 -35.68 -17.44
C ALA B 101 31.89 -35.03 -16.38
N ALA B 102 31.36 -34.14 -15.54
CA ALA B 102 32.15 -33.47 -14.49
C ALA B 102 31.37 -33.39 -13.17
N MET B 103 32.03 -33.69 -12.07
CA MET B 103 31.40 -33.64 -10.75
C MET B 103 31.94 -32.52 -9.92
N PHE B 104 31.04 -31.86 -9.20
CA PHE B 104 31.45 -30.84 -8.25
C PHE B 104 30.74 -31.00 -6.93
N ARG B 105 31.21 -30.29 -5.93
CA ARG B 105 30.50 -30.29 -4.64
C ARG B 105 29.28 -29.34 -4.72
N ASP B 106 28.19 -29.72 -4.08
CA ASP B 106 26.93 -28.96 -4.13
C ASP B 106 26.93 -27.90 -3.03
N PRO B 107 27.01 -26.60 -3.42
CA PRO B 107 27.07 -25.51 -2.48
C PRO B 107 25.70 -25.09 -1.96
N PHE B 108 24.64 -25.57 -2.62
CA PHE B 108 23.25 -25.34 -2.19
C PHE B 108 22.85 -26.36 -1.12
N ARG B 109 23.37 -27.56 -1.21
CA ARG B 109 23.02 -28.64 -0.35
C ARG B 109 24.13 -29.16 0.53
N LYS B 110 25.36 -28.79 0.24
CA LYS B 110 26.54 -29.16 1.02
C LYS B 110 27.02 -30.58 0.90
N ASP B 111 28.22 -30.87 1.36
CA ASP B 111 28.74 -32.22 1.38
C ASP B 111 27.78 -33.06 2.16
N PRO B 112 27.51 -34.29 1.77
CA PRO B 112 28.23 -35.08 0.78
C PRO B 112 27.60 -35.05 -0.59
N ASN B 113 26.71 -34.12 -0.77
CA ASN B 113 25.93 -34.01 -2.00
C ASN B 113 26.68 -33.42 -3.18
N LYS B 114 26.23 -33.76 -4.38
CA LYS B 114 26.99 -33.44 -5.60
C LYS B 114 26.19 -32.74 -6.68
N LEU B 115 26.92 -32.00 -7.51
CA LEU B 115 26.40 -31.51 -8.74
C LEU B 115 27.17 -32.26 -9.84
N VAL B 116 26.46 -32.72 -10.88
CA VAL B 116 27.06 -33.47 -11.99
C VAL B 116 26.66 -32.86 -13.32
N LEU B 117 27.61 -32.30 -14.06
CA LEU B 117 27.30 -31.81 -15.39
C LEU B 117 27.35 -33.06 -16.27
N CYS B 118 26.32 -33.22 -17.11
CA CYS B 118 26.22 -34.37 -17.99
C CYS B 118 26.24 -34.02 -19.50
N GLU B 119 26.68 -34.97 -20.30
CA GLU B 119 26.42 -34.97 -21.72
C GLU B 119 25.06 -35.65 -22.07
N VAL B 120 24.33 -35.08 -23.03
CA VAL B 120 23.12 -35.64 -23.53
C VAL B 120 23.37 -36.49 -24.83
N PHE B 121 22.76 -37.68 -24.86
CA PHE B 121 22.69 -38.50 -26.03
C PHE B 121 21.24 -38.92 -26.37
N LYS B 122 20.99 -39.18 -27.66
CA LYS B 122 19.67 -39.54 -28.19
C LYS B 122 19.25 -41.02 -28.04
N TYR B 123 17.99 -41.32 -28.38
CA TYR B 123 17.48 -42.70 -28.30
C TYR B 123 18.45 -43.73 -28.89
N ASN B 124 19.16 -43.35 -29.94
CA ASN B 124 20.11 -44.21 -30.65
C ASN B 124 21.57 -44.11 -30.19
N ARG B 125 21.80 -43.59 -28.98
CA ARG B 125 23.13 -43.30 -28.39
C ARG B 125 24.07 -42.31 -29.12
N ARG B 126 23.58 -41.67 -30.17
CA ARG B 126 24.34 -40.57 -30.76
C ARG B 126 24.18 -39.28 -29.97
N PRO B 127 25.20 -38.44 -29.95
CA PRO B 127 25.11 -37.15 -29.28
C PRO B 127 23.91 -36.31 -29.69
N ALA B 128 23.24 -35.71 -28.74
CA ALA B 128 22.23 -34.73 -29.06
C ALA B 128 22.83 -33.58 -29.90
N GLU B 129 21.92 -32.91 -30.59
CA GLU B 129 22.24 -31.76 -31.41
C GLU B 129 22.92 -30.63 -30.65
N THR B 130 22.54 -30.45 -29.37
CA THR B 130 23.14 -29.43 -28.53
C THR B 130 24.23 -29.99 -27.60
N ASN B 131 24.63 -31.25 -27.80
CA ASN B 131 25.80 -31.80 -27.13
C ASN B 131 27.03 -31.39 -27.90
N LEU B 132 27.58 -30.22 -27.62
CA LEU B 132 28.77 -29.73 -28.30
C LEU B 132 30.05 -30.15 -27.61
N ARG B 133 29.91 -30.85 -26.49
CA ARG B 133 31.05 -31.24 -25.67
C ARG B 133 31.69 -32.46 -26.30
N HIS B 134 30.85 -33.36 -26.80
CA HIS B 134 31.38 -34.58 -27.40
C HIS B 134 32.54 -34.40 -28.40
N THR B 135 32.34 -33.59 -29.44
CA THR B 135 33.42 -33.26 -30.39
C THR B 135 34.51 -32.41 -29.72
N CYS B 136 34.09 -31.45 -28.91
CA CYS B 136 35.04 -30.57 -28.26
C CYS B 136 36.13 -31.34 -27.50
N LYS B 137 35.70 -32.36 -26.74
CA LYS B 137 36.61 -33.22 -25.97
C LYS B 137 37.61 -33.95 -26.85
N ARG B 138 37.12 -34.52 -27.94
CA ARG B 138 37.98 -35.17 -28.93
C ARG B 138 39.04 -34.23 -29.48
N ILE B 139 38.61 -33.06 -29.95
CA ILE B 139 39.55 -32.06 -30.39
C ILE B 139 40.61 -31.70 -29.31
N MET B 140 40.20 -31.57 -28.04
CA MET B 140 41.14 -31.21 -26.94
C MET B 140 42.10 -32.35 -26.64
N ASP B 141 41.61 -33.58 -26.71
CA ASP B 141 42.49 -34.74 -26.59
C ASP B 141 43.57 -34.76 -27.68
N MET B 142 43.22 -34.36 -28.90
CA MET B 142 44.18 -34.35 -29.99
C MET B 142 45.37 -33.40 -29.78
N VAL B 143 45.18 -32.33 -29.01
CA VAL B 143 46.20 -31.29 -28.87
C VAL B 143 46.69 -31.14 -27.43
N SER B 144 46.55 -32.20 -26.66
CA SER B 144 46.76 -32.13 -25.23
C SER B 144 48.23 -31.93 -24.79
N ASN B 145 49.20 -32.40 -25.56
CA ASN B 145 50.61 -32.09 -25.30
C ASN B 145 50.89 -30.60 -25.46
N GLN B 146 49.99 -29.85 -26.11
CA GLN B 146 50.16 -28.40 -26.18
C GLN B 146 49.55 -27.64 -24.97
N HIS B 147 48.84 -28.37 -24.10
CA HIS B 147 48.21 -27.82 -22.91
C HIS B 147 47.52 -26.50 -23.13
N PRO B 148 46.45 -26.51 -23.94
CA PRO B 148 45.71 -25.26 -24.15
C PRO B 148 44.99 -24.85 -22.86
N TRP B 149 45.26 -23.63 -22.37
CA TRP B 149 44.51 -23.04 -21.25
C TRP B 149 43.55 -21.90 -21.70
N PHE B 150 42.38 -21.85 -21.06
CA PHE B 150 41.36 -20.87 -21.39
C PHE B 150 40.96 -20.10 -20.13
N GLY B 151 40.56 -18.85 -20.31
CA GLY B 151 40.03 -18.07 -19.22
C GLY B 151 38.87 -17.27 -19.75
N MET B 152 37.68 -17.53 -19.24
CA MET B 152 36.52 -16.85 -19.74
C MET B 152 35.93 -15.86 -18.74
N GLU B 153 35.63 -14.68 -19.27
CA GLU B 153 35.09 -13.57 -18.52
C GLU B 153 33.58 -13.49 -18.77
N GLN B 154 32.83 -14.14 -17.89
CA GLN B 154 31.41 -14.19 -18.04
C GLN B 154 30.77 -12.88 -17.60
N GLU B 155 30.38 -12.02 -18.53
CA GLU B 155 29.58 -10.87 -18.13
C GLU B 155 28.11 -11.28 -18.11
N TYR B 156 27.35 -10.61 -17.26
CA TYR B 156 25.91 -10.90 -17.10
C TYR B 156 25.23 -9.72 -16.45
N THR B 157 23.93 -9.63 -16.58
CA THR B 157 23.13 -8.55 -16.01
C THR B 157 22.03 -9.17 -15.17
N LEU B 158 21.89 -8.69 -13.94
CA LEU B 158 20.84 -9.08 -13.03
C LEU B 158 19.57 -8.30 -13.39
N MET B 159 18.45 -9.03 -13.44
CA MET B 159 17.17 -8.50 -13.88
C MET B 159 16.10 -8.76 -12.83
N GLY B 160 15.18 -7.85 -12.71
CA GLY B 160 13.99 -8.14 -11.97
C GLY B 160 13.18 -9.19 -12.68
N THR B 161 12.36 -9.85 -11.90
CA THR B 161 11.41 -10.83 -12.42
C THR B 161 10.47 -10.10 -13.42
N ASP B 162 10.32 -8.78 -13.24
CA ASP B 162 9.64 -7.92 -14.23
C ASP B 162 10.38 -7.61 -15.54
N GLY B 163 11.54 -8.20 -15.79
CA GLY B 163 12.28 -7.93 -17.04
C GLY B 163 13.08 -6.63 -17.08
N HIS B 164 13.06 -5.87 -15.98
CA HIS B 164 13.80 -4.61 -15.89
C HIS B 164 15.07 -4.88 -15.08
N PRO B 165 16.17 -4.25 -15.46
CA PRO B 165 17.40 -4.48 -14.68
C PRO B 165 17.24 -4.16 -13.17
N PHE B 166 17.92 -4.99 -12.36
CA PHE B 166 17.78 -4.97 -10.92
C PHE B 166 18.33 -3.66 -10.40
N GLY B 167 17.59 -3.05 -9.47
CA GLY B 167 17.91 -1.74 -8.94
C GLY B 167 17.64 -0.53 -9.83
N TRP B 168 17.27 -0.74 -11.09
CA TRP B 168 17.02 0.39 -11.99
C TRP B 168 15.71 1.09 -11.61
N PRO B 169 15.62 2.39 -11.90
CA PRO B 169 14.34 3.03 -11.62
C PRO B 169 13.22 2.31 -12.35
N SER B 170 12.15 2.12 -11.65
CA SER B 170 11.04 1.45 -12.25
C SER B 170 10.57 2.26 -13.51
N ASN B 171 10.49 1.57 -14.64
CA ASN B 171 10.17 2.21 -15.92
C ASN B 171 11.13 3.32 -16.33
N GLY B 172 12.40 3.16 -16.02
CA GLY B 172 13.29 4.26 -16.26
C GLY B 172 14.72 3.83 -16.27
N PHE B 173 15.57 4.84 -16.25
CA PHE B 173 17.00 4.65 -16.38
C PHE B 173 17.74 5.33 -15.25
N PRO B 174 18.79 4.68 -14.76
CA PRO B 174 19.66 5.34 -13.80
C PRO B 174 20.55 6.33 -14.56
N GLY B 175 21.36 7.09 -13.82
CA GLY B 175 22.24 8.07 -14.43
C GLY B 175 23.22 7.33 -15.33
N PRO B 176 23.86 8.04 -16.25
CA PRO B 176 24.71 7.39 -17.27
C PRO B 176 25.93 6.63 -16.77
N GLN B 177 26.40 5.75 -17.63
CA GLN B 177 27.60 4.97 -17.36
C GLN B 177 28.76 5.88 -16.96
N GLY B 178 29.71 5.30 -16.24
CA GLY B 178 30.80 6.06 -15.64
C GLY B 178 31.10 5.52 -14.25
N PRO B 179 30.20 5.73 -13.28
CA PRO B 179 30.44 5.33 -11.89
C PRO B 179 30.27 3.84 -11.48
N TYR B 180 29.70 3.02 -12.34
CA TYR B 180 29.26 1.69 -11.93
C TYR B 180 30.38 0.68 -12.03
N TYR B 181 31.28 0.85 -13.00
CA TYR B 181 32.37 -0.14 -13.20
C TYR B 181 33.20 -0.22 -11.93
N CYS B 182 33.38 -1.46 -11.45
CA CYS B 182 34.09 -1.71 -10.17
C CYS B 182 33.72 -0.75 -9.04
N GLY B 183 32.44 -0.39 -8.97
CA GLY B 183 31.97 0.66 -8.08
C GLY B 183 31.59 0.14 -6.71
N VAL B 184 31.43 1.04 -5.74
CA VAL B 184 31.03 0.72 -4.38
C VAL B 184 29.99 1.76 -3.86
N GLY B 185 28.94 1.27 -3.23
CA GLY B 185 27.88 2.15 -2.76
C GLY B 185 26.53 1.67 -3.21
N ALA B 186 25.53 1.74 -2.34
CA ALA B 186 24.14 1.35 -2.69
C ALA B 186 23.63 2.10 -3.89
N ASP B 187 24.14 3.30 -4.14
CA ASP B 187 23.77 4.04 -5.35
C ASP B 187 24.53 3.60 -6.63
N ARG B 188 25.33 2.53 -6.58
CA ARG B 188 26.03 2.11 -7.79
C ARG B 188 26.37 0.63 -8.00
N ALA B 189 26.58 -0.10 -6.91
CA ALA B 189 26.73 -1.55 -7.05
C ALA B 189 25.39 -2.11 -6.74
N TYR B 190 24.64 -2.49 -7.76
CA TYR B 190 23.35 -3.09 -7.62
C TYR B 190 23.51 -4.61 -7.68
N GLY B 191 23.29 -5.30 -6.57
CA GLY B 191 23.21 -6.76 -6.56
C GLY B 191 24.42 -7.52 -6.02
N ARG B 192 25.35 -6.85 -5.32
CA ARG B 192 26.56 -7.50 -4.82
C ARG B 192 26.34 -8.78 -4.02
N ASP B 193 25.18 -8.88 -3.39
CA ASP B 193 24.90 -10.06 -2.62
C ASP B 193 24.99 -11.32 -3.47
N ILE B 194 24.36 -11.28 -4.65
CA ILE B 194 24.44 -12.39 -5.59
C ILE B 194 25.91 -12.70 -5.93
N VAL B 195 26.69 -11.64 -6.16
CA VAL B 195 28.09 -11.80 -6.62
C VAL B 195 28.89 -12.53 -5.55
N GLU B 196 28.74 -12.08 -4.32
CA GLU B 196 29.44 -12.65 -3.18
C GLU B 196 29.09 -14.09 -2.88
N ALA B 197 27.78 -14.36 -2.89
CA ALA B 197 27.24 -15.73 -2.71
C ALA B 197 27.77 -16.66 -3.76
N HIS B 198 27.72 -16.21 -5.02
CA HIS B 198 28.18 -17.01 -6.14
C HIS B 198 29.69 -17.30 -6.10
N TYR B 199 30.47 -16.27 -5.73
CA TYR B 199 31.91 -16.42 -5.68
C TYR B 199 32.18 -17.54 -4.66
N ARG B 200 31.59 -17.42 -3.50
CA ARG B 200 31.78 -18.40 -2.47
C ARG B 200 31.14 -19.76 -2.86
N ALA B 201 29.96 -19.76 -3.49
CA ALA B 201 29.36 -21.04 -3.89
C ALA B 201 30.33 -21.80 -4.83
N CYS B 202 30.96 -21.07 -5.76
CA CYS B 202 31.86 -21.69 -6.72
C CYS B 202 33.11 -22.22 -6.06
N LEU B 203 33.62 -21.51 -5.05
CA LEU B 203 34.88 -21.90 -4.41
C LEU B 203 34.65 -23.21 -3.68
N TYR B 204 33.51 -23.31 -3.01
CA TYR B 204 33.10 -24.55 -2.36
C TYR B 204 32.86 -25.67 -3.36
N ALA B 205 32.15 -25.36 -4.43
CA ALA B 205 31.92 -26.36 -5.48
C ALA B 205 33.24 -27.00 -6.01
N GLY B 206 34.30 -26.21 -6.09
CA GLY B 206 35.52 -26.61 -6.81
C GLY B 206 35.60 -26.04 -8.21
N VAL B 207 34.69 -25.09 -8.53
CA VAL B 207 34.75 -24.38 -9.80
C VAL B 207 35.91 -23.41 -9.71
N LYS B 208 36.66 -23.28 -10.79
CA LYS B 208 37.87 -22.49 -10.81
C LYS B 208 37.60 -20.98 -11.05
N ILE B 209 36.93 -20.33 -10.10
CA ILE B 209 36.64 -18.91 -10.22
C ILE B 209 37.92 -18.10 -9.91
N ALA B 210 38.33 -17.29 -10.89
CA ALA B 210 39.57 -16.47 -10.85
C ALA B 210 39.37 -15.09 -10.23
N GLY B 211 38.12 -14.61 -10.23
CA GLY B 211 37.88 -13.25 -9.83
C GLY B 211 36.51 -12.74 -10.23
N THR B 212 36.19 -11.53 -9.78
CA THR B 212 34.94 -10.90 -10.06
C THR B 212 35.12 -9.39 -10.10
N ASN B 213 34.20 -8.73 -10.77
CA ASN B 213 34.13 -7.27 -10.79
C ASN B 213 32.76 -6.78 -11.22
N ALA B 214 32.28 -5.71 -10.59
CA ALA B 214 31.17 -4.91 -11.13
C ALA B 214 31.52 -4.43 -12.53
N GLU B 215 30.57 -4.49 -13.46
CA GLU B 215 30.79 -3.96 -14.81
C GLU B 215 30.17 -2.57 -15.12
N VAL B 216 30.35 -2.14 -16.36
CA VAL B 216 30.14 -0.75 -16.77
C VAL B 216 28.66 -0.36 -16.69
N MET B 217 27.80 -1.26 -17.16
CA MET B 217 26.37 -1.08 -17.03
C MET B 217 25.92 -1.36 -15.57
N PRO B 218 25.05 -0.50 -15.00
CA PRO B 218 24.55 -0.79 -13.69
C PRO B 218 23.70 -2.04 -13.73
N ALA B 219 23.85 -2.82 -12.67
CA ALA B 219 23.25 -4.16 -12.51
C ALA B 219 24.07 -5.19 -13.26
N GLN B 220 25.13 -4.79 -13.97
CA GLN B 220 25.94 -5.73 -14.74
C GLN B 220 27.24 -6.09 -14.00
N TRP B 221 27.59 -7.37 -14.00
CA TRP B 221 28.70 -7.91 -13.25
C TRP B 221 29.47 -8.91 -14.08
N GLU B 222 30.54 -9.47 -13.52
CA GLU B 222 31.45 -10.36 -14.23
C GLU B 222 32.07 -11.33 -13.26
N PHE B 223 32.28 -12.54 -13.71
CA PHE B 223 33.17 -13.40 -12.96
C PHE B 223 34.05 -14.06 -13.97
N GLN B 224 35.26 -14.42 -13.61
CA GLN B 224 36.20 -15.02 -14.53
C GLN B 224 36.42 -16.45 -14.16
N ILE B 225 36.57 -17.30 -15.15
CA ILE B 225 36.84 -18.70 -14.92
C ILE B 225 38.10 -19.12 -15.61
N GLY B 226 39.08 -19.58 -14.87
CA GLY B 226 40.29 -20.06 -15.49
C GLY B 226 41.50 -19.88 -14.64
N PRO B 227 42.66 -20.23 -15.14
CA PRO B 227 42.80 -20.85 -16.43
C PRO B 227 42.48 -22.30 -16.37
N CYS B 228 41.68 -22.78 -17.28
CA CYS B 228 41.24 -24.14 -17.30
C CYS B 228 41.77 -24.79 -18.54
N GLU B 229 42.38 -25.96 -18.37
CA GLU B 229 43.01 -26.71 -19.44
C GLU B 229 41.93 -27.52 -20.19
N GLY B 230 41.93 -27.42 -21.52
CA GLY B 230 41.13 -28.26 -22.38
C GLY B 230 39.63 -28.22 -22.21
N ILE B 231 39.06 -29.43 -22.12
CA ILE B 231 37.64 -29.61 -21.91
C ILE B 231 37.13 -29.05 -20.53
N SER B 232 38.02 -28.86 -19.57
CA SER B 232 37.54 -28.45 -18.25
C SER B 232 37.08 -26.97 -18.27
N MET B 233 37.39 -26.25 -19.34
CA MET B 233 36.97 -24.85 -19.44
C MET B 233 35.46 -24.79 -19.53
N GLY B 234 34.93 -25.49 -20.51
CA GLY B 234 33.51 -25.50 -20.72
C GLY B 234 32.81 -26.15 -19.54
N ASP B 235 33.48 -27.11 -18.90
CA ASP B 235 32.84 -27.84 -17.80
C ASP B 235 32.62 -26.86 -16.67
N HIS B 236 33.70 -26.17 -16.31
CA HIS B 236 33.70 -25.22 -15.21
C HIS B 236 32.80 -24.02 -15.50
N LEU B 237 32.82 -23.50 -16.70
CA LEU B 237 31.93 -22.37 -17.00
C LEU B 237 30.46 -22.78 -16.96
N TRP B 238 30.11 -23.93 -17.53
CA TRP B 238 28.70 -24.33 -17.51
C TRP B 238 28.20 -24.49 -16.08
N VAL B 239 28.98 -25.14 -15.22
CA VAL B 239 28.57 -25.36 -13.84
C VAL B 239 28.57 -24.00 -13.12
N ALA B 240 29.53 -23.11 -13.44
CA ALA B 240 29.55 -21.76 -12.86
C ALA B 240 28.26 -20.99 -13.19
N ARG B 241 27.77 -21.23 -14.38
CA ARG B 241 26.54 -20.62 -14.86
C ARG B 241 25.35 -21.24 -14.17
N PHE B 242 25.36 -22.56 -13.97
CA PHE B 242 24.27 -23.19 -13.29
C PHE B 242 24.15 -22.62 -11.90
N ILE B 243 25.29 -22.54 -11.21
CA ILE B 243 25.38 -22.01 -9.83
C ILE B 243 24.82 -20.60 -9.78
N LEU B 244 25.18 -19.76 -10.74
CA LEU B 244 24.64 -18.36 -10.80
C LEU B 244 23.12 -18.35 -10.86
N HIS B 245 22.55 -19.11 -11.78
CA HIS B 245 21.12 -19.16 -11.90
C HIS B 245 20.51 -19.65 -10.59
N ARG B 246 21.13 -20.65 -9.96
CA ARG B 246 20.55 -21.16 -8.72
C ARG B 246 20.65 -20.13 -7.63
N VAL B 247 21.79 -19.46 -7.60
CA VAL B 247 21.99 -18.44 -6.60
C VAL B 247 20.97 -17.32 -6.82
N CYS B 248 20.80 -16.88 -8.05
CA CYS B 248 19.86 -15.76 -8.32
C CYS B 248 18.41 -16.14 -7.93
N GLU B 249 18.10 -17.40 -8.19
CA GLU B 249 16.82 -17.95 -7.87
C GLU B 249 16.50 -17.76 -6.42
N ASP B 250 17.46 -18.04 -5.53
CA ASP B 250 17.26 -17.80 -4.09
C ASP B 250 16.96 -16.34 -3.75
N PHE B 251 17.56 -15.42 -4.49
CA PHE B 251 17.41 -13.98 -4.26
C PHE B 251 16.26 -13.37 -5.06
N GLY B 252 15.50 -14.23 -5.75
CA GLY B 252 14.34 -13.78 -6.53
C GLY B 252 14.71 -12.88 -7.68
N VAL B 253 15.88 -13.10 -8.28
CA VAL B 253 16.27 -12.33 -9.46
C VAL B 253 16.74 -13.28 -10.59
N ILE B 254 16.98 -12.72 -11.78
CA ILE B 254 17.29 -13.47 -13.00
C ILE B 254 18.63 -12.94 -13.41
N ALA B 255 19.50 -13.85 -13.86
CA ALA B 255 20.72 -13.49 -14.59
C ALA B 255 20.49 -13.69 -16.07
N THR B 256 20.73 -12.65 -16.88
CA THR B 256 20.58 -12.78 -18.33
C THR B 256 21.99 -12.76 -18.91
N PHE B 257 22.25 -13.67 -19.83
CA PHE B 257 23.50 -13.71 -20.63
C PHE B 257 23.26 -13.15 -22.02
N ASP B 258 22.15 -12.44 -22.23
CA ASP B 258 21.91 -11.80 -23.53
C ASP B 258 22.97 -10.72 -23.77
N PRO B 259 23.54 -10.71 -24.97
CA PRO B 259 24.66 -9.80 -25.20
C PRO B 259 24.32 -8.34 -25.26
N LYS B 260 23.05 -8.00 -25.40
CA LYS B 260 22.67 -6.61 -25.43
C LYS B 260 21.32 -6.44 -24.78
N PRO B 261 21.26 -6.61 -23.47
CA PRO B 261 19.93 -6.68 -22.83
C PRO B 261 19.19 -5.34 -22.86
N ILE B 262 19.94 -4.24 -22.93
CA ILE B 262 19.32 -2.92 -22.96
C ILE B 262 19.96 -2.17 -24.12
N PRO B 263 19.14 -1.88 -25.14
CA PRO B 263 19.61 -1.18 -26.31
C PRO B 263 19.96 0.25 -25.98
N GLY B 264 20.81 0.85 -26.80
CA GLY B 264 21.19 2.23 -26.68
C GLY B 264 22.54 2.41 -26.02
N ASN B 265 22.66 3.50 -25.26
CA ASN B 265 23.93 3.89 -24.72
C ASN B 265 24.25 3.12 -23.44
N TRP B 266 24.26 1.79 -23.54
CA TRP B 266 24.54 0.91 -22.41
C TRP B 266 25.38 -0.25 -22.85
N ASN B 267 26.37 -0.65 -22.06
CA ASN B 267 27.27 -1.69 -22.54
C ASN B 267 26.50 -2.98 -22.75
N GLY B 268 27.00 -3.81 -23.63
CA GLY B 268 26.52 -5.16 -23.78
C GLY B 268 27.39 -6.10 -22.98
N ALA B 269 27.06 -7.38 -23.10
CA ALA B 269 27.64 -8.42 -22.29
C ALA B 269 28.41 -9.44 -23.16
N GLY B 270 29.66 -9.65 -22.85
CA GLY B 270 30.46 -10.55 -23.64
C GLY B 270 30.94 -11.72 -22.83
N CYS B 271 31.72 -12.59 -23.47
CA CYS B 271 32.36 -13.66 -22.77
C CYS B 271 33.79 -13.83 -23.24
N HIS B 272 34.60 -12.80 -22.96
CA HIS B 272 35.97 -12.68 -23.51
C HIS B 272 36.69 -13.93 -23.18
N THR B 273 37.29 -14.56 -24.19
CA THR B 273 37.97 -15.81 -24.00
C THR B 273 39.44 -15.61 -24.21
N ASN B 274 40.18 -15.76 -23.10
CA ASN B 274 41.63 -15.70 -23.10
C ASN B 274 42.18 -17.11 -23.34
N PHE B 275 43.31 -17.15 -24.01
CA PHE B 275 43.82 -18.38 -24.57
C PHE B 275 45.35 -18.39 -24.67
N SER B 276 45.93 -19.51 -24.26
CA SER B 276 47.36 -19.76 -24.45
C SER B 276 47.62 -21.23 -24.64
N THR B 277 48.70 -21.51 -25.31
CA THR B 277 49.26 -22.85 -25.32
C THR B 277 50.53 -22.74 -24.52
N LYS B 278 51.14 -23.92 -24.27
CA LYS B 278 52.40 -24.00 -23.58
C LYS B 278 53.44 -23.13 -24.29
N ALA B 279 53.47 -23.18 -25.61
CA ALA B 279 54.46 -22.42 -26.37
C ALA B 279 54.25 -20.89 -26.18
N MET B 280 52.99 -20.44 -26.13
CA MET B 280 52.71 -19.02 -25.85
C MET B 280 53.09 -18.59 -24.45
N ARG B 281 53.15 -19.54 -23.50
CA ARG B 281 53.47 -19.21 -22.10
C ARG B 281 54.95 -19.20 -21.80
N GLU B 282 55.77 -19.84 -22.64
CA GLU B 282 57.23 -19.87 -22.46
C GLU B 282 57.89 -18.54 -22.88
N GLU B 283 59.21 -18.39 -22.64
CA GLU B 283 59.92 -17.15 -23.05
C GLU B 283 59.67 -16.89 -24.53
N ASN B 284 59.37 -15.65 -24.87
CA ASN B 284 59.11 -15.27 -26.25
C ASN B 284 57.92 -15.95 -26.93
N GLY B 285 56.94 -16.37 -26.13
CA GLY B 285 55.69 -16.93 -26.66
C GLY B 285 54.77 -15.95 -27.39
N LEU B 286 55.09 -14.66 -27.29
CA LEU B 286 54.47 -13.64 -28.12
C LEU B 286 54.62 -13.98 -29.60
N LYS B 287 55.76 -14.55 -29.97
CA LYS B 287 55.93 -15.05 -31.32
C LYS B 287 54.71 -15.91 -31.72
N TYR B 288 54.35 -16.87 -30.86
CA TYR B 288 53.24 -17.80 -31.13
C TYR B 288 51.86 -17.18 -30.95
N ILE B 289 51.75 -16.22 -30.03
CA ILE B 289 50.53 -15.46 -29.93
C ILE B 289 50.25 -14.80 -31.28
N GLU B 290 51.26 -14.14 -31.85
CA GLU B 290 51.10 -13.41 -33.08
C GLU B 290 50.78 -14.37 -34.21
N GLU B 291 51.42 -15.53 -34.24
CA GLU B 291 51.03 -16.54 -35.23
C GLU B 291 49.55 -16.92 -35.13
N ALA B 292 49.04 -17.04 -33.90
CA ALA B 292 47.67 -17.51 -33.67
C ALA B 292 46.62 -16.48 -34.12
N ILE B 293 46.90 -15.22 -33.83
CA ILE B 293 46.05 -14.12 -34.21
C ILE B 293 45.97 -14.00 -35.76
N GLU B 294 47.11 -14.20 -36.41
CA GLU B 294 47.17 -14.19 -37.87
C GLU B 294 46.24 -15.28 -38.44
N LYS B 295 46.26 -16.47 -37.85
CA LYS B 295 45.29 -17.50 -38.23
C LYS B 295 43.87 -17.03 -37.94
N LEU B 296 43.68 -16.38 -36.79
CA LEU B 296 42.35 -15.93 -36.46
C LEU B 296 41.86 -14.83 -37.40
N SER B 297 42.78 -14.04 -37.94
CA SER B 297 42.42 -12.97 -38.86
C SER B 297 41.75 -13.47 -40.14
N LYS B 298 42.06 -14.71 -40.52
CA LYS B 298 41.53 -15.32 -41.75
C LYS B 298 40.27 -16.17 -41.53
N ARG B 299 39.81 -16.26 -40.29
CA ARG B 299 38.69 -17.13 -39.99
C ARG B 299 37.64 -16.46 -39.12
N HIS B 300 37.44 -15.16 -39.37
CA HIS B 300 36.60 -14.29 -38.53
C HIS B 300 35.14 -14.72 -38.62
N GLN B 301 34.64 -14.95 -39.82
CA GLN B 301 33.25 -15.30 -39.98
C GLN B 301 32.93 -16.60 -39.31
N TYR B 302 33.85 -17.55 -39.41
CA TYR B 302 33.69 -18.85 -38.78
C TYR B 302 33.58 -18.73 -37.27
N HIS B 303 34.45 -17.93 -36.66
CA HIS B 303 34.39 -17.73 -35.21
C HIS B 303 33.11 -16.97 -34.80
N ILE B 304 32.74 -15.93 -35.55
CA ILE B 304 31.46 -15.28 -35.30
C ILE B 304 30.30 -16.28 -35.27
N ARG B 305 30.22 -17.18 -36.22
CA ARG B 305 29.14 -18.19 -36.22
C ARG B 305 29.19 -19.10 -35.00
N ALA B 306 30.39 -19.34 -34.46
CA ALA B 306 30.62 -20.23 -33.33
C ALA B 306 30.41 -19.52 -31.98
N TYR B 307 30.31 -18.18 -32.00
CA TYR B 307 30.44 -17.40 -30.79
C TYR B 307 29.12 -16.94 -30.19
N ASP B 308 28.00 -17.31 -30.81
CA ASP B 308 26.70 -17.26 -30.13
C ASP B 308 25.77 -18.37 -30.67
N PRO B 309 24.73 -18.76 -29.90
CA PRO B 309 23.93 -19.91 -30.28
C PRO B 309 23.05 -19.64 -31.43
N LYS B 310 22.98 -18.41 -31.93
CA LYS B 310 22.23 -18.13 -33.16
C LYS B 310 23.14 -17.75 -34.35
N GLY B 311 24.33 -18.35 -34.39
CA GLY B 311 25.26 -18.20 -35.49
C GLY B 311 25.74 -16.79 -35.79
N GLY B 312 25.60 -15.87 -34.84
CA GLY B 312 26.06 -14.50 -35.04
C GLY B 312 25.00 -13.45 -34.91
N LEU B 313 23.74 -13.85 -34.93
CA LEU B 313 22.61 -12.90 -34.88
C LEU B 313 22.48 -12.22 -33.51
N ASP B 314 22.82 -12.90 -32.43
CA ASP B 314 22.77 -12.25 -31.13
C ASP B 314 23.91 -11.23 -31.02
N ASN B 315 25.14 -11.63 -31.34
CA ASN B 315 26.28 -10.69 -31.33
C ASN B 315 26.10 -9.50 -32.27
N ALA B 316 25.22 -9.57 -33.26
CA ALA B 316 24.96 -8.39 -34.15
C ALA B 316 24.47 -7.20 -33.34
N ARG B 317 23.73 -7.45 -32.24
CA ARG B 317 23.22 -6.39 -31.35
C ARG B 317 24.29 -5.82 -30.41
N ARG B 318 25.42 -6.56 -30.26
CA ARG B 318 26.55 -6.17 -29.40
C ARG B 318 27.82 -5.65 -30.13
N LEU B 319 28.28 -6.41 -31.13
CA LEU B 319 29.55 -6.11 -31.75
C LEU B 319 29.33 -5.00 -32.76
N THR B 320 29.18 -3.79 -32.22
CA THR B 320 28.88 -2.58 -32.98
C THR B 320 30.12 -1.71 -33.21
N GLY B 321 31.26 -2.09 -32.62
CA GLY B 321 32.41 -1.20 -32.55
C GLY B 321 32.27 -0.12 -31.48
N PHE B 322 31.10 0.04 -30.87
CA PHE B 322 30.99 0.97 -29.71
C PHE B 322 30.98 0.17 -28.39
N HIS B 323 31.02 0.88 -27.27
CA HIS B 323 30.86 0.27 -25.93
C HIS B 323 31.85 -0.87 -25.63
N GLU B 324 33.09 -0.62 -26.02
CA GLU B 324 34.18 -1.53 -25.78
C GLU B 324 34.07 -2.85 -26.54
N THR B 325 33.49 -2.76 -27.73
CA THR B 325 33.37 -3.84 -28.67
C THR B 325 34.10 -3.47 -29.96
N SER B 326 34.45 -4.49 -30.70
CA SER B 326 34.82 -4.36 -32.12
C SER B 326 33.56 -4.52 -32.96
N ASN B 327 33.59 -4.01 -34.19
CA ASN B 327 32.45 -4.18 -35.12
C ASN B 327 32.40 -5.62 -35.59
N ILE B 328 31.21 -6.22 -35.56
CA ILE B 328 31.03 -7.62 -36.03
C ILE B 328 31.61 -7.90 -37.44
N ASN B 329 31.63 -6.87 -38.29
CA ASN B 329 32.17 -6.96 -39.64
C ASN B 329 33.69 -6.85 -39.82
N ASP B 330 34.45 -6.30 -38.86
CA ASP B 330 35.94 -6.21 -38.97
C ASP B 330 36.67 -7.06 -37.93
N PHE B 331 37.79 -7.64 -38.35
CA PHE B 331 38.80 -8.21 -37.48
C PHE B 331 39.93 -7.19 -37.23
N SER B 332 40.27 -6.98 -35.95
CA SER B 332 41.40 -6.15 -35.51
C SER B 332 42.02 -6.69 -34.23
N ALA B 333 43.29 -6.35 -33.99
CA ALA B 333 44.04 -6.79 -32.82
C ALA B 333 44.92 -5.64 -32.38
N GLY B 334 45.11 -5.51 -31.07
CA GLY B 334 45.98 -4.49 -30.51
C GLY B 334 46.31 -4.75 -29.06
N VAL B 335 47.44 -4.20 -28.64
CA VAL B 335 47.87 -4.21 -27.25
C VAL B 335 46.99 -3.25 -26.48
N ALA B 336 46.39 -3.73 -25.38
CA ALA B 336 45.68 -2.87 -24.44
C ALA B 336 44.45 -2.22 -25.09
N ASN B 337 43.95 -2.82 -26.16
CA ASN B 337 42.93 -2.18 -26.98
C ASN B 337 41.54 -2.82 -26.84
N ARG B 338 40.69 -2.16 -26.07
CA ARG B 338 39.34 -2.67 -25.80
C ARG B 338 38.36 -2.38 -26.94
N SER B 339 38.87 -1.87 -28.07
CA SER B 339 38.07 -1.77 -29.29
C SER B 339 38.42 -2.82 -30.29
N ALA B 340 39.49 -3.59 -30.06
CA ALA B 340 39.91 -4.60 -31.05
C ALA B 340 39.15 -5.91 -30.88
N SER B 341 39.00 -6.65 -31.97
CA SER B 341 38.50 -8.01 -31.90
C SER B 341 39.37 -8.82 -30.93
N ILE B 342 40.68 -8.67 -31.00
CA ILE B 342 41.61 -9.37 -30.12
C ILE B 342 42.42 -8.33 -29.39
N ARG B 343 42.53 -8.46 -28.08
CA ARG B 343 43.42 -7.63 -27.30
C ARG B 343 44.57 -8.46 -26.73
N ILE B 344 45.78 -7.91 -26.88
CA ILE B 344 46.94 -8.41 -26.19
C ILE B 344 47.05 -7.53 -24.93
N PRO B 345 46.82 -8.10 -23.75
CA PRO B 345 46.97 -7.29 -22.54
C PRO B 345 48.35 -6.68 -22.46
N ARG B 346 48.45 -5.49 -21.84
CA ARG B 346 49.73 -4.81 -21.70
C ARG B 346 50.80 -5.73 -21.08
N THR B 347 50.43 -6.38 -19.99
CA THR B 347 51.29 -7.27 -19.26
C THR B 347 51.99 -8.18 -20.22
N VAL B 348 51.21 -8.79 -21.12
CA VAL B 348 51.70 -9.79 -22.08
C VAL B 348 52.61 -9.19 -23.17
N GLY B 349 52.31 -7.96 -23.60
CA GLY B 349 53.20 -7.26 -24.51
C GLY B 349 54.56 -6.98 -23.88
N GLN B 350 54.55 -6.63 -22.59
CA GLN B 350 55.75 -6.27 -21.86
C GLN B 350 56.61 -7.47 -21.55
N GLU B 351 55.97 -8.59 -21.20
CA GLU B 351 56.69 -9.81 -20.85
C GLU B 351 57.00 -10.66 -22.08
N LYS B 352 56.43 -10.31 -23.22
CA LYS B 352 56.65 -11.05 -24.49
C LYS B 352 56.29 -12.54 -24.38
N LYS B 353 55.27 -12.84 -23.59
CA LYS B 353 54.81 -14.18 -23.38
C LYS B 353 53.50 -14.07 -22.64
N GLY B 354 52.67 -15.11 -22.72
CA GLY B 354 51.44 -15.19 -21.93
C GLY B 354 50.26 -15.74 -22.71
N TYR B 355 49.29 -14.87 -22.99
CA TYR B 355 48.01 -15.26 -23.55
C TYR B 355 47.42 -14.06 -24.29
N PHE B 356 46.48 -14.31 -25.22
CA PHE B 356 45.71 -13.22 -25.84
C PHE B 356 44.25 -13.37 -25.49
N GLU B 357 43.50 -12.29 -25.63
CA GLU B 357 42.13 -12.20 -25.22
C GLU B 357 41.29 -12.03 -26.44
N ASP B 358 40.45 -13.03 -26.74
CA ASP B 358 39.47 -12.91 -27.86
C ASP B 358 38.19 -12.27 -27.33
N ARG B 359 37.89 -11.05 -27.76
CA ARG B 359 36.81 -10.25 -27.13
C ARG B 359 35.47 -10.39 -27.84
N ARG B 360 35.42 -11.24 -28.87
CA ARG B 360 34.21 -11.39 -29.66
C ARG B 360 33.10 -12.29 -29.07
N PRO B 361 33.42 -13.32 -28.29
CA PRO B 361 32.31 -14.19 -27.90
C PRO B 361 31.23 -13.48 -27.07
N SER B 362 29.98 -13.80 -27.41
CA SER B 362 28.81 -13.30 -26.69
C SER B 362 28.75 -13.88 -25.27
N ALA B 363 28.21 -13.06 -24.35
CA ALA B 363 27.89 -13.54 -23.02
C ALA B 363 27.14 -14.89 -23.09
N ASN B 364 26.31 -15.13 -24.13
CA ASN B 364 25.52 -16.36 -24.19
C ASN B 364 26.12 -17.43 -25.05
N CYS B 365 27.44 -17.39 -25.28
CA CYS B 365 28.11 -18.43 -26.06
C CYS B 365 28.13 -19.77 -25.38
N ASP B 366 28.38 -20.82 -26.14
CA ASP B 366 28.61 -22.11 -25.54
C ASP B 366 30.12 -22.30 -25.53
N PRO B 367 30.71 -22.33 -24.33
CA PRO B 367 32.15 -22.42 -24.23
C PRO B 367 32.75 -23.59 -25.03
N PHE B 368 31.95 -24.61 -25.29
CA PHE B 368 32.49 -25.77 -25.99
C PHE B 368 32.64 -25.48 -27.49
N SER B 369 31.75 -24.68 -27.98
CA SER B 369 31.87 -24.14 -29.33
C SER B 369 33.03 -23.14 -29.40
N VAL B 370 33.10 -22.19 -28.49
CA VAL B 370 34.20 -21.22 -28.48
C VAL B 370 35.58 -21.88 -28.40
N THR B 371 35.75 -22.76 -27.43
CA THR B 371 37.07 -23.36 -27.18
C THR B 371 37.46 -24.27 -28.34
N GLU B 372 36.50 -24.99 -28.90
CA GLU B 372 36.77 -25.84 -30.07
C GLU B 372 37.21 -25.04 -31.29
N ALA B 373 36.52 -23.95 -31.60
CA ALA B 373 36.94 -23.11 -32.70
C ALA B 373 38.38 -22.60 -32.50
N LEU B 374 38.74 -22.14 -31.32
CA LEU B 374 40.08 -21.63 -31.17
C LEU B 374 41.09 -22.75 -31.46
N ILE B 375 40.84 -23.99 -31.09
CA ILE B 375 41.85 -25.03 -31.26
C ILE B 375 41.96 -25.36 -32.74
N ARG B 376 40.82 -25.62 -33.38
CA ARG B 376 40.80 -25.89 -34.81
C ARG B 376 41.56 -24.85 -35.62
N THR B 377 41.30 -23.57 -35.35
CA THR B 377 41.96 -22.50 -36.06
C THR B 377 43.42 -22.35 -35.67
N CYS B 378 43.73 -22.33 -34.40
CA CYS B 378 45.09 -21.95 -34.02
C CYS B 378 46.10 -23.08 -33.95
N LEU B 379 45.65 -24.31 -33.73
CA LEU B 379 46.55 -25.43 -33.49
C LEU B 379 46.45 -26.50 -34.55
N LEU B 380 45.23 -26.74 -35.07
CA LEU B 380 45.02 -27.70 -36.13
C LEU B 380 45.03 -27.03 -37.51
N ASN B 381 45.24 -25.70 -37.51
CA ASN B 381 45.35 -24.91 -38.74
C ASN B 381 44.28 -25.25 -39.74
N GLU B 382 43.05 -25.32 -39.28
CA GLU B 382 41.94 -25.48 -40.18
C GLU B 382 41.63 -24.18 -40.90
N THR B 383 41.09 -24.35 -42.10
CA THR B 383 40.82 -23.29 -43.05
C THR B 383 39.45 -23.44 -43.76
N GLY B 384 38.61 -24.39 -43.34
CA GLY B 384 37.41 -24.78 -44.12
C GLY B 384 36.06 -24.13 -43.76
N ASN C 29 4.92 -15.72 13.10
CA ASN C 29 6.25 -15.65 12.41
C ASN C 29 7.24 -16.78 12.79
N LYS C 30 7.94 -17.29 11.78
CA LYS C 30 8.63 -18.54 11.94
C LYS C 30 9.95 -18.38 12.70
N GLY C 31 10.56 -17.20 12.67
CA GLY C 31 11.67 -16.92 13.57
C GLY C 31 11.36 -17.05 15.08
N ILE C 32 10.18 -16.58 15.48
CA ILE C 32 9.71 -16.73 16.86
C ILE C 32 9.62 -18.23 17.16
N LYS C 33 9.04 -18.99 16.23
CA LYS C 33 8.81 -20.37 16.52
C LYS C 33 10.11 -21.10 16.77
N GLN C 34 11.11 -20.79 15.97
CA GLN C 34 12.37 -21.52 16.08
C GLN C 34 13.05 -21.38 17.43
N VAL C 35 12.81 -20.25 18.09
CA VAL C 35 13.34 -20.03 19.43
C VAL C 35 12.73 -21.02 20.42
N TYR C 36 11.41 -21.23 20.37
CA TYR C 36 10.77 -22.22 21.24
C TYR C 36 11.25 -23.62 20.89
N MET C 37 11.44 -23.86 19.60
CA MET C 37 11.78 -25.21 19.14
C MET C 37 13.24 -25.61 19.45
N SER C 38 14.07 -24.64 19.84
CA SER C 38 15.42 -24.84 20.40
C SER C 38 15.47 -25.22 21.87
N LEU C 39 14.38 -25.01 22.61
CA LEU C 39 14.31 -25.43 24.01
C LEU C 39 14.52 -26.95 24.12
N PRO C 40 15.51 -27.39 24.90
CA PRO C 40 15.61 -28.85 25.16
C PRO C 40 14.31 -29.39 25.70
N GLN C 41 13.80 -30.51 25.23
CA GLN C 41 12.39 -30.87 25.60
C GLN C 41 12.29 -31.68 26.83
N GLY C 42 13.36 -32.43 27.15
CA GLY C 42 13.39 -33.30 28.32
C GLY C 42 13.17 -34.77 28.03
N GLU C 43 12.57 -35.49 28.98
CA GLU C 43 12.39 -36.97 28.90
C GLU C 43 11.17 -37.38 28.02
N LYS C 44 10.15 -36.55 27.93
CA LYS C 44 8.92 -36.89 27.25
C LYS C 44 9.04 -36.78 25.72
N VAL C 45 8.18 -37.48 25.01
CA VAL C 45 8.39 -37.69 23.58
C VAL C 45 7.03 -37.40 22.92
N GLN C 46 7.03 -36.68 21.79
CA GLN C 46 5.79 -36.39 21.06
C GLN C 46 5.60 -37.40 19.92
N ALA C 47 4.37 -37.93 19.79
CA ALA C 47 4.01 -38.92 18.75
C ALA C 47 2.82 -38.35 17.99
N MET C 48 3.03 -38.05 16.71
CA MET C 48 1.97 -37.48 15.89
C MET C 48 1.35 -38.60 15.13
N TYR C 49 0.09 -38.86 15.43
CA TYR C 49 -0.63 -39.92 14.78
C TYR C 49 -1.31 -39.33 13.60
N ILE C 50 -1.23 -40.03 12.46
CA ILE C 50 -1.71 -39.59 11.13
C ILE C 50 -2.69 -40.62 10.51
N TRP C 51 -3.83 -40.13 10.02
CA TRP C 51 -4.74 -41.04 9.33
C TRP C 51 -5.48 -40.43 8.14
N ILE C 52 -6.01 -41.34 7.29
CA ILE C 52 -6.82 -40.99 6.13
C ILE C 52 -8.28 -40.84 6.54
N ASP C 53 -8.89 -39.72 6.16
CA ASP C 53 -10.30 -39.45 6.57
C ASP C 53 -11.37 -40.06 5.66
N GLY C 54 -12.60 -39.59 5.84
CA GLY C 54 -13.76 -40.12 5.12
C GLY C 54 -13.74 -39.84 3.66
N THR C 55 -12.95 -38.85 3.21
CA THR C 55 -12.84 -38.53 1.75
C THR C 55 -11.90 -39.46 0.99
N GLY C 56 -11.13 -40.27 1.71
CA GLY C 56 -10.15 -41.16 1.10
C GLY C 56 -8.94 -40.43 0.57
N GLU C 57 -8.91 -39.10 0.69
CA GLU C 57 -7.86 -38.23 0.15
C GLU C 57 -7.24 -37.36 1.22
N GLY C 58 -8.07 -36.87 2.14
CA GLY C 58 -7.62 -36.03 3.25
C GLY C 58 -6.87 -36.76 4.37
N LEU C 59 -5.74 -36.20 4.76
CA LEU C 59 -4.95 -36.68 5.86
C LEU C 59 -5.28 -35.84 7.11
N ARG C 60 -5.33 -36.52 8.27
CA ARG C 60 -5.54 -35.87 9.56
C ARG C 60 -4.50 -36.31 10.56
N CYS C 61 -4.30 -35.48 11.58
CA CYS C 61 -3.35 -35.86 12.55
C CYS C 61 -3.56 -35.18 13.88
N LYS C 62 -2.96 -35.75 14.92
CA LYS C 62 -3.01 -35.17 16.28
C LYS C 62 -1.88 -35.81 17.10
N THR C 63 -1.49 -35.15 18.20
CA THR C 63 -0.28 -35.50 18.94
C THR C 63 -0.55 -35.88 20.39
N ARG C 64 0.17 -36.90 20.85
CA ARG C 64 0.20 -37.25 22.26
C ARG C 64 1.62 -37.33 22.75
N THR C 65 1.76 -37.05 24.07
CA THR C 65 2.99 -37.17 24.85
C THR C 65 3.17 -38.62 25.35
N LEU C 66 4.35 -39.19 25.14
CA LEU C 66 4.69 -40.52 25.65
C LEU C 66 5.82 -40.33 26.67
N ASP C 67 5.94 -41.30 27.56
CA ASP C 67 6.93 -41.23 28.63
C ASP C 67 8.33 -41.53 28.19
N SER C 68 8.51 -42.20 27.07
CA SER C 68 9.82 -42.56 26.60
C SER C 68 9.77 -42.71 25.08
N GLU C 69 10.92 -42.74 24.42
CA GLU C 69 10.99 -42.93 22.97
C GLU C 69 10.63 -44.35 22.61
N PRO C 70 9.62 -44.53 21.76
CA PRO C 70 9.37 -45.88 21.26
C PRO C 70 10.40 -46.29 20.21
N LYS C 71 10.79 -47.54 20.24
CA LYS C 71 11.80 -48.05 19.34
C LYS C 71 11.33 -48.92 18.18
N CYS C 72 10.12 -49.46 18.23
CA CYS C 72 9.48 -50.20 17.13
C CYS C 72 8.14 -49.48 17.08
N VAL C 73 7.43 -49.56 15.94
CA VAL C 73 6.03 -49.10 15.84
C VAL C 73 5.06 -49.80 16.82
N GLU C 74 5.40 -50.99 17.23
CA GLU C 74 4.52 -51.81 18.06
C GLU C 74 4.46 -51.33 19.51
N GLU C 75 5.51 -50.65 19.95
CA GLU C 75 5.50 -50.02 21.24
C GLU C 75 4.57 -48.85 21.32
N LEU C 76 4.00 -48.41 20.19
CA LEU C 76 3.05 -47.29 20.22
C LEU C 76 1.68 -47.76 20.63
N PRO C 77 1.01 -47.05 21.51
CA PRO C 77 -0.32 -47.60 21.83
C PRO C 77 -1.39 -47.26 20.84
N GLU C 78 -2.43 -48.09 20.80
CA GLU C 78 -3.63 -47.76 20.04
C GLU C 78 -4.16 -46.44 20.49
N TRP C 79 -4.88 -45.71 19.65
CA TRP C 79 -5.57 -44.53 20.10
C TRP C 79 -6.91 -44.45 19.41
N ASN C 80 -7.47 -43.27 19.36
CA ASN C 80 -8.79 -43.08 18.75
C ASN C 80 -9.03 -41.56 18.53
N PHE C 81 -10.10 -41.20 17.84
CA PHE C 81 -10.38 -39.82 17.53
C PHE C 81 -11.85 -39.73 17.27
N ASP C 82 -12.34 -38.50 17.14
CA ASP C 82 -13.71 -38.25 16.83
C ASP C 82 -14.02 -38.50 15.36
N GLY C 83 -14.68 -39.62 15.04
CA GLY C 83 -15.05 -39.89 13.64
C GLY C 83 -16.16 -39.00 13.11
N SER C 84 -16.94 -38.39 13.99
CA SER C 84 -18.01 -37.51 13.58
C SER C 84 -17.46 -36.19 13.05
N SER C 85 -16.21 -35.89 13.40
CA SER C 85 -15.57 -34.66 12.90
C SER C 85 -14.71 -34.90 11.67
N THR C 86 -14.56 -36.16 11.24
CA THR C 86 -13.87 -36.49 9.96
C THR C 86 -14.79 -37.19 8.95
N LEU C 87 -16.10 -37.02 9.10
CA LEU C 87 -17.06 -37.63 8.18
C LEU C 87 -16.99 -39.16 8.17
N GLN C 88 -16.73 -39.81 9.29
CA GLN C 88 -16.61 -41.27 9.24
C GLN C 88 -17.54 -42.00 10.22
N SER C 89 -18.19 -41.26 11.13
CA SER C 89 -19.04 -41.84 12.16
C SER C 89 -20.06 -40.80 12.66
N GLU C 90 -20.93 -41.17 13.57
CA GLU C 90 -21.94 -40.26 14.08
C GLU C 90 -21.49 -39.80 15.46
N GLY C 91 -21.81 -38.55 15.77
CA GLY C 91 -21.45 -37.95 17.05
C GLY C 91 -21.84 -38.75 18.27
N SER C 92 -22.98 -39.44 18.22
CA SER C 92 -23.53 -40.08 19.43
C SER C 92 -22.91 -41.46 19.69
N ASN C 93 -22.18 -42.00 18.72
CA ASN C 93 -21.30 -43.18 18.90
C ASN C 93 -19.99 -42.93 18.09
N SER C 94 -19.15 -42.01 18.57
CA SER C 94 -18.20 -41.31 17.67
C SER C 94 -16.78 -41.87 17.65
N ASP C 95 -16.25 -42.30 18.78
CA ASP C 95 -14.87 -42.75 18.85
C ASP C 95 -14.55 -43.74 17.72
N MET C 96 -13.40 -43.57 17.07
CA MET C 96 -12.95 -44.58 16.11
C MET C 96 -11.51 -44.90 16.36
N TYR C 97 -11.08 -46.11 16.05
CA TYR C 97 -9.75 -46.57 16.48
C TYR C 97 -8.66 -46.11 15.51
N LEU C 98 -7.50 -45.76 16.08
CA LEU C 98 -6.25 -45.61 15.39
C LEU C 98 -5.33 -46.73 15.81
N VAL C 99 -4.95 -47.58 14.87
CA VAL C 99 -3.93 -48.63 15.10
C VAL C 99 -2.65 -48.29 14.35
N PRO C 100 -1.54 -48.04 15.08
CA PRO C 100 -0.25 -47.71 14.43
C PRO C 100 0.13 -48.73 13.38
N ALA C 101 0.59 -48.26 12.21
CA ALA C 101 0.98 -49.12 11.09
C ALA C 101 2.48 -48.94 10.71
N ALA C 102 2.92 -47.69 10.53
CA ALA C 102 4.31 -47.38 10.16
C ALA C 102 4.79 -46.15 10.94
N MET C 103 6.03 -46.22 11.44
CA MET C 103 6.60 -45.20 12.31
C MET C 103 7.80 -44.58 11.65
N PHE C 104 7.92 -43.26 11.72
CA PHE C 104 9.03 -42.53 11.18
C PHE C 104 9.47 -41.47 12.16
N ARG C 105 10.66 -40.92 11.91
CA ARG C 105 11.20 -39.83 12.69
C ARG C 105 10.48 -38.55 12.32
N ASP C 106 10.26 -37.65 13.26
CA ASP C 106 9.52 -36.42 12.99
C ASP C 106 10.49 -35.31 12.57
N PRO C 107 10.49 -34.91 11.30
CA PRO C 107 11.39 -33.88 10.82
C PRO C 107 10.95 -32.45 11.19
N PHE C 108 9.71 -32.30 11.64
CA PHE C 108 9.22 -30.99 12.14
C PHE C 108 9.60 -30.79 13.61
N ARG C 109 9.67 -31.87 14.38
CA ARG C 109 9.98 -31.76 15.82
C ARG C 109 11.34 -32.36 16.26
N LYS C 110 11.96 -33.10 15.36
CA LYS C 110 13.20 -33.79 15.57
C LYS C 110 13.19 -34.98 16.46
N ASP C 111 14.22 -35.77 16.44
CA ASP C 111 14.40 -36.84 17.38
C ASP C 111 14.24 -36.30 18.76
N PRO C 112 13.50 -36.96 19.63
CA PRO C 112 13.06 -38.34 19.53
C PRO C 112 11.62 -38.48 19.13
N ASN C 113 11.11 -37.51 18.44
CA ASN C 113 9.73 -37.45 18.15
C ASN C 113 9.38 -38.18 16.91
N LYS C 114 8.15 -38.55 16.81
CA LYS C 114 7.76 -39.57 15.83
C LYS C 114 6.53 -39.17 15.01
N LEU C 115 6.51 -39.56 13.74
CA LEU C 115 5.29 -39.59 12.97
C LEU C 115 4.85 -41.05 12.99
N VAL C 116 3.54 -41.28 13.14
CA VAL C 116 2.98 -42.63 13.09
C VAL C 116 1.83 -42.66 12.15
N LEU C 117 1.95 -43.41 11.07
CA LEU C 117 0.79 -43.55 10.18
C LEU C 117 -0.07 -44.67 10.77
N CYS C 118 -1.38 -44.50 10.78
CA CYS C 118 -2.26 -45.46 11.37
C CYS C 118 -3.33 -46.01 10.42
N GLU C 119 -3.86 -47.19 10.76
CA GLU C 119 -5.13 -47.69 10.20
C GLU C 119 -6.30 -47.28 11.08
N VAL C 120 -7.41 -46.90 10.43
CA VAL C 120 -8.65 -46.53 11.10
C VAL C 120 -9.60 -47.74 11.14
N PHE C 121 -10.25 -48.00 12.26
CA PHE C 121 -11.34 -48.98 12.36
C PHE C 121 -12.57 -48.40 13.01
N LYS C 122 -13.71 -49.04 12.79
CA LYS C 122 -15.01 -48.55 13.26
C LYS C 122 -15.33 -48.89 14.71
N TYR C 123 -16.49 -48.43 15.18
CA TYR C 123 -16.94 -48.74 16.56
C TYR C 123 -16.92 -50.27 16.81
N ASN C 124 -17.11 -51.06 15.75
CA ASN C 124 -17.18 -52.50 15.87
C ASN C 124 -15.92 -53.23 15.51
N ARG C 125 -14.79 -52.51 15.54
CA ARG C 125 -13.46 -53.04 15.18
C ARG C 125 -13.28 -53.51 13.72
N ARG C 126 -14.24 -53.21 12.85
CA ARG C 126 -14.05 -53.46 11.42
C ARG C 126 -13.39 -52.29 10.74
N PRO C 127 -12.67 -52.55 9.65
CA PRO C 127 -11.96 -51.45 8.98
C PRO C 127 -12.91 -50.37 8.48
N ALA C 128 -12.47 -49.11 8.58
CA ALA C 128 -13.19 -47.99 8.00
C ALA C 128 -13.30 -48.16 6.49
N GLU C 129 -14.33 -47.54 5.94
CA GLU C 129 -14.62 -47.59 4.52
C GLU C 129 -13.44 -47.07 3.73
N THR C 130 -12.72 -46.08 4.26
CA THR C 130 -11.53 -45.57 3.57
C THR C 130 -10.21 -46.15 4.12
N ASN C 131 -10.28 -47.28 4.81
CA ASN C 131 -9.10 -48.03 5.17
C ASN C 131 -8.85 -49.12 4.12
N LEU C 132 -7.97 -48.81 3.19
CA LEU C 132 -7.68 -49.67 2.08
C LEU C 132 -6.37 -50.41 2.30
N ARG C 133 -5.69 -50.07 3.38
CA ARG C 133 -4.45 -50.73 3.76
C ARG C 133 -4.73 -52.14 4.27
N HIS C 134 -5.83 -52.29 5.02
CA HIS C 134 -6.15 -53.57 5.59
C HIS C 134 -6.12 -54.73 4.57
N THR C 135 -6.98 -54.67 3.54
CA THR C 135 -6.94 -55.65 2.45
C THR C 135 -5.63 -55.65 1.67
N CYS C 136 -5.11 -54.48 1.36
CA CYS C 136 -3.84 -54.44 0.60
C CYS C 136 -2.71 -55.27 1.27
N LYS C 137 -2.55 -55.08 2.58
CA LYS C 137 -1.54 -55.77 3.31
C LYS C 137 -1.65 -57.27 3.20
N ARG C 138 -2.87 -57.79 3.33
CA ARG C 138 -3.09 -59.20 3.18
C ARG C 138 -2.72 -59.63 1.77
N ILE C 139 -3.08 -58.83 0.77
CA ILE C 139 -2.74 -59.20 -0.62
C ILE C 139 -1.21 -59.27 -0.82
N MET C 140 -0.46 -58.34 -0.25
CA MET C 140 1.02 -58.38 -0.35
C MET C 140 1.59 -59.62 0.34
N ASP C 141 1.00 -59.99 1.48
CA ASP C 141 1.48 -61.15 2.22
C ASP C 141 1.31 -62.43 1.44
N MET C 142 0.36 -62.47 0.53
CA MET C 142 0.15 -63.66 -0.30
C MET C 142 1.23 -63.85 -1.37
N VAL C 143 1.99 -62.82 -1.72
CA VAL C 143 2.92 -62.91 -2.83
C VAL C 143 4.32 -62.48 -2.41
N SER C 144 4.60 -62.53 -1.11
CA SER C 144 5.87 -62.03 -0.56
C SER C 144 7.14 -62.68 -1.12
N ASN C 145 7.04 -63.94 -1.53
CA ASN C 145 8.16 -64.60 -2.21
C ASN C 145 8.54 -63.98 -3.53
N GLN C 146 7.62 -63.22 -4.11
CA GLN C 146 7.87 -62.64 -5.40
C GLN C 146 8.41 -61.24 -5.21
N HIS C 147 8.44 -60.79 -3.95
CA HIS C 147 9.12 -59.53 -3.60
C HIS C 147 8.76 -58.37 -4.50
N PRO C 148 7.47 -58.02 -4.56
CA PRO C 148 7.04 -56.90 -5.44
C PRO C 148 7.59 -55.58 -4.94
N TRP C 149 8.33 -54.86 -5.76
CA TRP C 149 8.77 -53.51 -5.42
C TRP C 149 8.01 -52.49 -6.25
N PHE C 150 7.70 -51.35 -5.64
CA PHE C 150 7.02 -50.26 -6.29
C PHE C 150 7.84 -48.97 -6.21
N GLY C 151 7.60 -48.07 -7.17
CA GLY C 151 8.22 -46.74 -7.25
C GLY C 151 7.18 -45.79 -7.79
N MET C 152 6.77 -44.81 -6.97
CA MET C 152 5.68 -43.94 -7.32
C MET C 152 6.16 -42.52 -7.46
N GLU C 153 5.81 -41.94 -8.61
CA GLU C 153 6.20 -40.59 -9.00
C GLU C 153 5.05 -39.63 -8.67
N GLN C 154 5.12 -39.03 -7.46
CA GLN C 154 4.08 -38.12 -7.00
C GLN C 154 4.32 -36.78 -7.64
N GLU C 155 3.49 -36.42 -8.60
CA GLU C 155 3.53 -35.04 -9.14
C GLU C 155 2.48 -34.25 -8.38
N TYR C 156 2.72 -32.97 -8.21
CA TYR C 156 1.77 -32.09 -7.49
C TYR C 156 1.97 -30.68 -7.94
N THR C 157 0.97 -29.84 -7.66
CA THR C 157 1.07 -28.43 -7.97
C THR C 157 0.99 -27.55 -6.73
N LEU C 158 1.89 -26.58 -6.67
CA LEU C 158 1.95 -25.66 -5.55
C LEU C 158 1.02 -24.52 -5.86
N MET C 159 0.13 -24.23 -4.92
CA MET C 159 -0.93 -23.26 -5.10
C MET C 159 -0.82 -22.24 -4.03
N GLY C 160 -1.17 -21.04 -4.43
CA GLY C 160 -1.38 -19.98 -3.50
C GLY C 160 -2.63 -20.29 -2.72
N THR C 161 -2.72 -19.59 -1.60
CA THR C 161 -3.84 -19.73 -0.70
C THR C 161 -5.14 -19.13 -1.33
N ASP C 162 -4.95 -18.27 -2.33
CA ASP C 162 -6.03 -17.83 -3.20
C ASP C 162 -6.49 -18.83 -4.27
N GLY C 163 -5.98 -20.06 -4.32
CA GLY C 163 -6.42 -21.04 -5.35
C GLY C 163 -5.72 -21.00 -6.73
N HIS C 164 -4.84 -20.03 -6.92
CA HIS C 164 -4.09 -19.82 -8.15
C HIS C 164 -2.72 -20.40 -7.94
N PRO C 165 -2.17 -21.07 -8.94
CA PRO C 165 -0.86 -21.69 -8.74
C PRO C 165 0.22 -20.74 -8.25
N PHE C 166 1.11 -21.23 -7.41
CA PHE C 166 2.16 -20.40 -6.80
C PHE C 166 3.12 -19.82 -7.83
N GLY C 167 3.41 -18.54 -7.69
CA GLY C 167 4.22 -17.81 -8.63
C GLY C 167 3.53 -17.36 -9.91
N TRP C 168 2.30 -17.78 -10.16
CA TRP C 168 1.68 -17.41 -11.43
C TRP C 168 1.30 -15.94 -11.37
N PRO C 169 1.15 -15.27 -12.51
CA PRO C 169 0.69 -13.90 -12.45
C PRO C 169 -0.69 -13.82 -11.85
N SER C 170 -0.97 -12.71 -11.24
CA SER C 170 -2.21 -12.60 -10.55
C SER C 170 -3.31 -12.57 -11.59
N ASN C 171 -4.25 -13.51 -11.48
CA ASN C 171 -5.39 -13.55 -12.37
C ASN C 171 -5.01 -13.84 -13.80
N GLY C 172 -3.84 -14.43 -14.03
CA GLY C 172 -3.38 -14.72 -15.38
C GLY C 172 -2.48 -15.93 -15.48
N PHE C 173 -1.84 -16.01 -16.64
CA PHE C 173 -1.06 -17.15 -16.99
C PHE C 173 0.42 -16.80 -17.23
N PRO C 174 1.32 -17.67 -16.77
CA PRO C 174 2.71 -17.50 -17.18
C PRO C 174 2.84 -17.85 -18.67
N GLY C 175 4.04 -17.70 -19.23
CA GLY C 175 4.26 -18.14 -20.62
C GLY C 175 4.09 -19.64 -20.78
N PRO C 176 3.89 -20.10 -22.01
CA PRO C 176 3.56 -21.49 -22.27
C PRO C 176 4.59 -22.46 -21.81
N GLN C 177 4.17 -23.72 -21.71
CA GLN C 177 5.06 -24.76 -21.27
C GLN C 177 6.22 -24.91 -22.25
N GLY C 178 7.33 -25.45 -21.71
CA GLY C 178 8.61 -25.66 -22.43
C GLY C 178 9.80 -25.53 -21.46
N PRO C 179 9.99 -24.33 -20.89
CA PRO C 179 11.15 -23.99 -20.01
C PRO C 179 11.09 -24.42 -18.52
N TYR C 180 9.95 -24.91 -18.05
CA TYR C 180 9.77 -25.15 -16.62
C TYR C 180 10.21 -26.55 -16.21
N TYR C 181 9.96 -27.55 -17.05
CA TYR C 181 10.43 -28.93 -16.76
C TYR C 181 11.93 -28.94 -16.38
N CYS C 182 12.26 -29.43 -15.18
CA CYS C 182 13.64 -29.43 -14.69
C CYS C 182 14.38 -28.10 -14.82
N GLY C 183 13.66 -26.99 -14.65
CA GLY C 183 14.20 -25.67 -14.97
C GLY C 183 14.92 -25.04 -13.80
N VAL C 184 15.76 -24.04 -14.09
CA VAL C 184 16.44 -23.29 -13.08
C VAL C 184 16.29 -21.80 -13.41
N GLY C 185 16.04 -20.98 -12.40
CA GLY C 185 15.85 -19.55 -12.59
C GLY C 185 14.59 -19.06 -11.87
N ALA C 186 14.63 -17.85 -11.31
CA ALA C 186 13.46 -17.25 -10.61
C ALA C 186 12.28 -17.14 -11.54
N ASP C 187 12.52 -17.10 -12.83
CA ASP C 187 11.46 -17.01 -13.83
C ASP C 187 11.00 -18.35 -14.35
N ARG C 188 11.44 -19.46 -13.75
CA ARG C 188 10.90 -20.77 -14.16
C ARG C 188 10.79 -21.89 -13.12
N ALA C 189 11.52 -21.81 -12.02
CA ALA C 189 11.35 -22.81 -10.98
C ALA C 189 10.61 -22.08 -9.93
N TYR C 190 9.29 -22.28 -9.84
CA TYR C 190 8.47 -21.65 -8.82
C TYR C 190 8.26 -22.56 -7.64
N GLY C 191 8.94 -22.25 -6.52
CA GLY C 191 8.66 -22.97 -5.27
C GLY C 191 9.67 -24.01 -4.81
N ARG C 192 10.90 -23.93 -5.32
CA ARG C 192 11.98 -24.86 -4.96
C ARG C 192 12.22 -24.96 -3.44
N ASP C 193 12.05 -23.86 -2.73
CA ASP C 193 12.23 -23.94 -1.29
C ASP C 193 11.48 -25.10 -0.70
N ILE C 194 10.19 -25.22 -1.05
CA ILE C 194 9.34 -26.33 -0.56
C ILE C 194 9.94 -27.68 -0.93
N VAL C 195 10.44 -27.81 -2.16
CA VAL C 195 10.91 -29.09 -2.69
C VAL C 195 12.16 -29.54 -1.96
N GLU C 196 13.07 -28.59 -1.74
CA GLU C 196 14.33 -28.85 -1.04
C GLU C 196 14.09 -29.19 0.41
N ALA C 197 13.17 -28.45 1.03
CA ALA C 197 12.82 -28.69 2.43
C ALA C 197 12.19 -30.11 2.60
N HIS C 198 11.27 -30.45 1.71
CA HIS C 198 10.58 -31.75 1.75
C HIS C 198 11.48 -32.95 1.46
N TYR C 199 12.42 -32.76 0.53
CA TYR C 199 13.44 -33.76 0.24
C TYR C 199 14.22 -34.10 1.54
N ARG C 200 14.65 -33.07 2.21
CA ARG C 200 15.43 -33.24 3.41
C ARG C 200 14.61 -33.82 4.60
N ALA C 201 13.37 -33.33 4.76
CA ALA C 201 12.42 -33.84 5.77
C ALA C 201 12.17 -35.34 5.60
N CYS C 202 11.92 -35.78 4.37
CA CYS C 202 11.79 -37.20 4.10
C CYS C 202 13.04 -38.03 4.39
N LEU C 203 14.22 -37.53 4.00
CA LEU C 203 15.46 -38.25 4.27
C LEU C 203 15.59 -38.43 5.80
N TYR C 204 15.38 -37.35 6.54
CA TYR C 204 15.47 -37.42 7.99
C TYR C 204 14.37 -38.33 8.54
N ALA C 205 13.17 -38.24 7.99
CA ALA C 205 12.06 -39.07 8.45
C ALA C 205 12.37 -40.57 8.23
N GLY C 206 13.18 -40.89 7.23
CA GLY C 206 13.39 -42.31 6.87
C GLY C 206 12.44 -42.75 5.78
N VAL C 207 11.85 -41.78 5.07
CA VAL C 207 11.01 -42.07 3.92
C VAL C 207 11.93 -42.26 2.73
N LYS C 208 11.66 -43.27 1.92
CA LYS C 208 12.55 -43.65 0.85
C LYS C 208 12.32 -42.80 -0.41
N ILE C 209 12.75 -41.55 -0.30
CA ILE C 209 12.65 -40.61 -1.39
C ILE C 209 13.82 -40.90 -2.37
N ALA C 210 13.48 -41.16 -3.62
CA ALA C 210 14.41 -41.58 -4.66
C ALA C 210 14.96 -40.41 -5.45
N GLY C 211 14.19 -39.33 -5.51
CA GLY C 211 14.61 -38.18 -6.30
C GLY C 211 13.47 -37.20 -6.40
N THR C 212 13.75 -36.10 -7.11
CA THR C 212 12.82 -35.00 -7.36
C THR C 212 13.15 -34.32 -8.69
N ASN C 213 12.15 -33.65 -9.24
CA ASN C 213 12.32 -32.76 -10.39
C ASN C 213 11.19 -31.76 -10.47
N ALA C 214 11.52 -30.54 -10.90
CA ALA C 214 10.55 -29.58 -11.47
C ALA C 214 9.80 -30.23 -12.63
N GLU C 215 8.48 -30.03 -12.74
CA GLU C 215 7.68 -30.63 -13.86
C GLU C 215 7.26 -29.64 -14.96
N VAL C 216 6.55 -30.14 -16.00
CA VAL C 216 6.27 -29.39 -17.22
C VAL C 216 5.47 -28.14 -16.94
N MET C 217 4.48 -28.23 -16.07
CA MET C 217 3.71 -27.02 -15.75
C MET C 217 4.46 -26.21 -14.73
N PRO C 218 4.43 -24.89 -14.89
CA PRO C 218 5.06 -24.08 -13.89
C PRO C 218 4.32 -24.19 -12.54
N ALA C 219 5.08 -24.15 -11.43
CA ALA C 219 4.61 -24.47 -10.05
C ALA C 219 4.32 -25.96 -9.83
N GLN C 220 4.51 -26.80 -10.84
CA GLN C 220 4.28 -28.24 -10.67
C GLN C 220 5.64 -28.97 -10.43
N TRP C 221 5.65 -29.97 -9.55
CA TRP C 221 6.89 -30.60 -9.12
C TRP C 221 6.65 -32.08 -8.89
N GLU C 222 7.72 -32.82 -8.61
CA GLU C 222 7.59 -34.23 -8.52
C GLU C 222 8.51 -34.78 -7.47
N PHE C 223 8.10 -35.84 -6.81
CA PHE C 223 9.04 -36.59 -6.02
C PHE C 223 8.76 -38.06 -6.20
N GLN C 224 9.81 -38.84 -6.17
CA GLN C 224 9.75 -40.25 -6.42
C GLN C 224 9.97 -40.98 -5.13
N ILE C 225 9.17 -41.97 -4.85
CA ILE C 225 9.34 -42.78 -3.65
C ILE C 225 9.46 -44.24 -4.00
N GLY C 226 10.62 -44.81 -3.78
CA GLY C 226 10.80 -46.20 -4.04
C GLY C 226 12.25 -46.52 -4.11
N PRO C 227 12.58 -47.75 -4.39
CA PRO C 227 11.58 -48.80 -4.55
C PRO C 227 11.19 -49.38 -3.22
N CYS C 228 9.91 -49.56 -3.00
CA CYS C 228 9.40 -50.00 -1.75
C CYS C 228 8.72 -51.31 -1.92
N GLU C 229 9.03 -52.27 -1.07
CA GLU C 229 8.51 -53.61 -1.18
C GLU C 229 7.17 -53.72 -0.48
N GLY C 230 6.21 -54.29 -1.18
CA GLY C 230 4.95 -54.64 -0.58
C GLY C 230 4.21 -53.44 -0.05
N ILE C 231 3.76 -53.58 1.21
CA ILE C 231 2.88 -52.63 1.86
C ILE C 231 3.62 -51.37 2.18
N SER C 232 4.92 -51.44 2.35
CA SER C 232 5.66 -50.21 2.65
C SER C 232 5.50 -49.09 1.55
N MET C 233 5.10 -49.44 0.33
CA MET C 233 4.94 -48.45 -0.69
C MET C 233 3.93 -47.47 -0.25
N GLY C 234 2.76 -47.97 0.11
CA GLY C 234 1.66 -47.11 0.53
C GLY C 234 1.99 -46.38 1.79
N ASP C 235 2.68 -47.04 2.71
CA ASP C 235 3.06 -46.38 3.94
C ASP C 235 3.94 -45.18 3.65
N HIS C 236 4.93 -45.39 2.81
CA HIS C 236 5.94 -44.36 2.60
C HIS C 236 5.33 -43.20 1.82
N LEU C 237 4.52 -43.50 0.81
CA LEU C 237 3.94 -42.43 0.03
C LEU C 237 2.98 -41.57 0.85
N TRP C 238 2.05 -42.21 1.55
CA TRP C 238 1.18 -41.46 2.47
C TRP C 238 1.96 -40.59 3.47
N VAL C 239 3.07 -41.08 4.01
CA VAL C 239 3.82 -40.26 4.97
C VAL C 239 4.51 -39.10 4.21
N ALA C 240 5.07 -39.39 3.03
CA ALA C 240 5.69 -38.37 2.16
C ALA C 240 4.70 -37.23 1.86
N ARG C 241 3.46 -37.63 1.67
CA ARG C 241 2.40 -36.72 1.32
C ARG C 241 2.06 -35.90 2.53
N PHE C 242 2.03 -36.56 3.69
CA PHE C 242 1.82 -35.82 4.92
C PHE C 242 2.93 -34.80 5.14
N ILE C 243 4.18 -35.23 4.99
CA ILE C 243 5.31 -34.35 5.19
C ILE C 243 5.23 -33.19 4.20
N LEU C 244 4.76 -33.41 2.98
CA LEU C 244 4.64 -32.31 1.98
C LEU C 244 3.63 -31.26 2.43
N HIS C 245 2.44 -31.71 2.81
CA HIS C 245 1.43 -30.78 3.30
C HIS C 245 1.95 -30.01 4.50
N ARG C 246 2.61 -30.67 5.45
CA ARG C 246 3.16 -29.91 6.58
C ARG C 246 4.23 -28.89 6.16
N VAL C 247 5.17 -29.34 5.33
CA VAL C 247 6.16 -28.42 4.81
C VAL C 247 5.51 -27.21 4.12
N CYS C 248 4.46 -27.42 3.32
CA CYS C 248 3.86 -26.30 2.56
C CYS C 248 3.19 -25.37 3.54
N GLU C 249 2.59 -25.98 4.55
CA GLU C 249 1.91 -25.23 5.59
C GLU C 249 2.90 -24.20 6.16
N ASP C 250 4.13 -24.60 6.45
CA ASP C 250 5.15 -23.66 6.93
C ASP C 250 5.43 -22.48 6.00
N PHE C 251 5.45 -22.76 4.70
CA PHE C 251 5.69 -21.76 3.64
C PHE C 251 4.41 -21.01 3.22
N GLY C 252 3.27 -21.29 3.85
CA GLY C 252 2.04 -20.54 3.55
C GLY C 252 1.47 -20.89 2.17
N VAL C 253 1.73 -22.12 1.70
CA VAL C 253 1.26 -22.59 0.39
C VAL C 253 0.59 -23.97 0.51
N ILE C 254 -0.15 -24.36 -0.53
CA ILE C 254 -0.96 -25.56 -0.54
C ILE C 254 -0.37 -26.41 -1.66
N ALA C 255 -0.32 -27.72 -1.41
CA ALA C 255 -0.06 -28.71 -2.43
C ALA C 255 -1.43 -29.28 -2.84
N THR C 256 -1.73 -29.31 -4.14
CA THR C 256 -2.85 -30.06 -4.64
C THR C 256 -2.35 -31.30 -5.42
N PHE C 257 -3.01 -32.42 -5.18
CA PHE C 257 -2.85 -33.62 -5.94
C PHE C 257 -3.98 -33.82 -6.95
N ASP C 258 -4.74 -32.77 -7.26
CA ASP C 258 -5.75 -32.87 -8.32
C ASP C 258 -5.07 -33.20 -9.65
N PRO C 259 -5.63 -34.17 -10.39
CA PRO C 259 -4.93 -34.55 -11.63
C PRO C 259 -4.97 -33.52 -12.75
N LYS C 260 -5.88 -32.55 -12.71
CA LYS C 260 -5.92 -31.53 -13.75
C LYS C 260 -6.32 -30.22 -13.12
N PRO C 261 -5.37 -29.61 -12.45
CA PRO C 261 -5.74 -28.45 -11.65
C PRO C 261 -5.99 -27.21 -12.46
N ILE C 262 -5.39 -27.11 -13.61
CA ILE C 262 -5.63 -25.99 -14.50
C ILE C 262 -6.06 -26.61 -15.82
N PRO C 263 -7.32 -26.34 -16.24
CA PRO C 263 -7.78 -26.86 -17.52
C PRO C 263 -7.11 -26.19 -18.66
N GLY C 264 -7.19 -26.84 -19.81
CA GLY C 264 -6.65 -26.32 -21.04
C GLY C 264 -5.22 -26.82 -21.29
N ASN C 265 -4.39 -25.93 -21.80
CA ASN C 265 -3.11 -26.31 -22.31
C ASN C 265 -1.99 -26.31 -21.27
N TRP C 266 -2.17 -27.15 -20.26
CA TRP C 266 -1.27 -27.19 -19.12
C TRP C 266 -1.28 -28.63 -18.65
N ASN C 267 -0.12 -29.14 -18.28
CA ASN C 267 -0.04 -30.53 -17.95
C ASN C 267 -0.83 -30.88 -16.72
N GLY C 268 -1.38 -32.09 -16.75
CA GLY C 268 -2.01 -32.67 -15.56
C GLY C 268 -0.97 -33.27 -14.65
N ALA C 269 -1.47 -33.89 -13.59
CA ALA C 269 -0.63 -34.46 -12.55
C ALA C 269 -1.03 -35.91 -12.29
N GLY C 270 -0.08 -36.81 -12.47
CA GLY C 270 -0.30 -38.23 -12.23
C GLY C 270 0.54 -38.76 -11.10
N CYS C 271 0.45 -40.05 -10.88
CA CYS C 271 1.27 -40.74 -9.90
C CYS C 271 1.82 -42.03 -10.49
N HIS C 272 2.71 -41.89 -11.49
CA HIS C 272 3.21 -43.06 -12.28
C HIS C 272 3.69 -44.12 -11.32
N THR C 273 3.18 -45.33 -11.44
CA THR C 273 3.60 -46.39 -10.54
C THR C 273 4.50 -47.39 -11.29
N ASN C 274 5.77 -47.43 -10.90
CA ASN C 274 6.75 -48.37 -11.48
C ASN C 274 6.70 -49.64 -10.66
N PHE C 275 6.80 -50.78 -11.31
CA PHE C 275 6.53 -52.07 -10.67
C PHE C 275 7.44 -53.18 -11.18
N SER C 276 7.96 -53.97 -10.25
CA SER C 276 8.70 -55.16 -10.60
C SER C 276 8.58 -56.25 -9.55
N THR C 277 8.70 -57.48 -9.98
CA THR C 277 8.86 -58.63 -9.10
C THR C 277 10.32 -59.12 -9.19
N LYS C 278 10.66 -60.06 -8.33
CA LYS C 278 11.97 -60.68 -8.38
C LYS C 278 12.29 -61.19 -9.78
N ALA C 279 11.33 -61.91 -10.34
CA ALA C 279 11.45 -62.46 -11.68
C ALA C 279 11.76 -61.35 -12.66
N MET C 280 11.00 -60.27 -12.63
CA MET C 280 11.24 -59.17 -13.59
C MET C 280 12.62 -58.50 -13.48
N ARG C 281 13.24 -58.54 -12.30
CA ARG C 281 14.53 -57.89 -12.03
C ARG C 281 15.73 -58.75 -12.43
N GLU C 282 15.52 -60.06 -12.53
CA GLU C 282 16.60 -61.03 -12.89
C GLU C 282 16.91 -60.97 -14.35
N GLU C 283 17.94 -61.69 -14.76
CA GLU C 283 18.33 -61.67 -16.16
C GLU C 283 17.14 -62.15 -17.01
N ASN C 284 16.95 -61.48 -18.13
CA ASN C 284 15.82 -61.70 -19.01
C ASN C 284 14.44 -61.54 -18.37
N GLY C 285 14.36 -60.80 -17.28
CA GLY C 285 13.07 -60.54 -16.67
C GLY C 285 12.09 -59.79 -17.56
N LEU C 286 12.53 -59.27 -18.71
CA LEU C 286 11.58 -58.62 -19.64
C LEU C 286 10.47 -59.56 -20.09
N LYS C 287 10.73 -60.86 -20.16
CA LYS C 287 9.70 -61.83 -20.46
C LYS C 287 8.48 -61.67 -19.53
N TYR C 288 8.77 -61.57 -18.23
CA TYR C 288 7.76 -61.44 -17.20
C TYR C 288 7.15 -60.04 -17.09
N ILE C 289 7.92 -59.01 -17.45
CA ILE C 289 7.38 -57.69 -17.62
C ILE C 289 6.30 -57.76 -18.67
N GLU C 290 6.64 -58.32 -19.81
CA GLU C 290 5.71 -58.40 -20.89
C GLU C 290 4.51 -59.25 -20.55
N GLU C 291 4.69 -60.35 -19.81
CA GLU C 291 3.53 -61.11 -19.34
C GLU C 291 2.60 -60.28 -18.43
N ALA C 292 3.20 -59.47 -17.56
CA ALA C 292 2.41 -58.62 -16.65
C ALA C 292 1.60 -57.59 -17.45
N ILE C 293 2.24 -56.97 -18.44
CA ILE C 293 1.58 -55.97 -19.25
C ILE C 293 0.42 -56.58 -20.06
N GLU C 294 0.52 -57.84 -20.45
CA GLU C 294 -0.56 -58.46 -21.19
C GLU C 294 -1.77 -58.69 -20.27
N LYS C 295 -1.51 -59.12 -19.05
CA LYS C 295 -2.59 -59.23 -18.08
C LYS C 295 -3.22 -57.86 -17.79
N LEU C 296 -2.41 -56.80 -17.82
CA LEU C 296 -2.90 -55.46 -17.55
C LEU C 296 -3.80 -54.97 -18.67
N SER C 297 -3.43 -55.33 -19.89
CA SER C 297 -4.17 -54.97 -21.08
C SER C 297 -5.62 -55.46 -21.10
N LYS C 298 -5.90 -56.54 -20.36
CA LYS C 298 -7.26 -57.11 -20.32
C LYS C 298 -8.09 -56.62 -19.15
N ARG C 299 -7.51 -55.73 -18.35
CA ARG C 299 -8.18 -55.28 -17.13
C ARG C 299 -8.09 -53.77 -16.97
N HIS C 300 -8.17 -53.03 -18.06
CA HIS C 300 -7.99 -51.58 -18.05
C HIS C 300 -9.02 -50.87 -17.19
N GLN C 301 -10.29 -51.22 -17.34
CA GLN C 301 -11.33 -50.47 -16.60
C GLN C 301 -11.23 -50.67 -15.10
N TYR C 302 -10.86 -51.87 -14.70
CA TYR C 302 -10.77 -52.23 -13.31
C TYR C 302 -9.69 -51.38 -12.65
N HIS C 303 -8.55 -51.27 -13.31
CA HIS C 303 -7.49 -50.36 -12.86
C HIS C 303 -7.85 -48.89 -12.84
N ILE C 304 -8.38 -48.35 -13.93
CA ILE C 304 -8.90 -46.99 -13.92
C ILE C 304 -9.78 -46.67 -12.66
N ARG C 305 -10.70 -47.58 -12.35
CA ARG C 305 -11.57 -47.46 -11.19
C ARG C 305 -10.75 -47.43 -9.90
N ALA C 306 -9.64 -48.15 -9.89
CA ALA C 306 -8.82 -48.25 -8.71
C ALA C 306 -7.81 -47.08 -8.61
N TYR C 307 -7.73 -46.26 -9.64
CA TYR C 307 -6.62 -45.34 -9.83
C TYR C 307 -6.99 -43.90 -9.51
N ASP C 308 -8.23 -43.64 -9.08
CA ASP C 308 -8.50 -42.39 -8.36
C ASP C 308 -9.65 -42.56 -7.34
N PRO C 309 -9.77 -41.63 -6.37
CA PRO C 309 -10.74 -41.87 -5.31
C PRO C 309 -12.18 -41.72 -5.76
N LYS C 310 -12.42 -41.18 -6.95
CA LYS C 310 -13.77 -41.06 -7.49
C LYS C 310 -14.02 -42.07 -8.60
N GLY C 311 -13.27 -43.18 -8.60
CA GLY C 311 -13.53 -44.31 -9.48
C GLY C 311 -13.26 -44.09 -10.96
N GLY C 312 -12.46 -43.08 -11.28
CA GLY C 312 -12.09 -42.75 -12.64
C GLY C 312 -12.58 -41.38 -13.08
N LEU C 313 -13.51 -40.77 -12.34
CA LEU C 313 -14.02 -39.44 -12.77
C LEU C 313 -12.99 -38.33 -12.64
N ASP C 314 -12.07 -38.44 -11.68
CA ASP C 314 -11.01 -37.44 -11.63
C ASP C 314 -10.06 -37.58 -12.81
N ASN C 315 -9.58 -38.78 -13.08
CA ASN C 315 -8.65 -39.02 -14.18
C ASN C 315 -9.27 -38.67 -15.53
N ALA C 316 -10.60 -38.66 -15.65
CA ALA C 316 -11.21 -38.32 -16.96
C ALA C 316 -10.79 -36.94 -17.40
N ARG C 317 -10.36 -36.09 -16.47
CA ARG C 317 -9.88 -34.72 -16.79
C ARG C 317 -8.40 -34.66 -17.17
N ARG C 318 -7.65 -35.70 -16.82
CA ARG C 318 -6.21 -35.81 -17.15
C ARG C 318 -5.87 -36.76 -18.33
N LEU C 319 -6.49 -37.93 -18.35
CA LEU C 319 -6.10 -38.97 -19.30
C LEU C 319 -6.81 -38.66 -20.63
N THR C 320 -6.29 -37.64 -21.32
CA THR C 320 -6.90 -37.11 -22.50
C THR C 320 -6.22 -37.69 -23.74
N GLY C 321 -5.00 -38.22 -23.56
CA GLY C 321 -4.16 -38.64 -24.67
C GLY C 321 -3.26 -37.52 -25.14
N PHE C 322 -3.35 -36.37 -24.50
CA PHE C 322 -2.43 -35.26 -24.70
C PHE C 322 -1.68 -35.05 -23.39
N HIS C 323 -0.69 -34.15 -23.46
CA HIS C 323 0.06 -33.69 -22.31
C HIS C 323 0.72 -34.85 -21.61
N GLU C 324 1.26 -35.76 -22.43
CA GLU C 324 2.02 -36.95 -22.02
C GLU C 324 1.17 -37.93 -21.22
N THR C 325 -0.08 -38.01 -21.60
CA THR C 325 -1.02 -38.99 -21.09
C THR C 325 -1.54 -39.91 -22.19
N SER C 326 -2.09 -41.02 -21.75
CA SER C 326 -2.89 -41.91 -22.56
C SER C 326 -4.33 -41.42 -22.47
N ASN C 327 -5.14 -41.78 -23.43
CA ASN C 327 -6.58 -41.59 -23.33
C ASN C 327 -7.16 -42.60 -22.34
N ILE C 328 -8.06 -42.12 -21.47
CA ILE C 328 -8.69 -42.96 -20.45
C ILE C 328 -9.43 -44.20 -21.03
N ASN C 329 -9.83 -44.12 -22.29
CA ASN C 329 -10.58 -45.22 -22.92
C ASN C 329 -9.74 -46.30 -23.57
N ASP C 330 -8.46 -46.07 -23.81
CA ASP C 330 -7.66 -47.03 -24.54
C ASP C 330 -6.47 -47.51 -23.70
N PHE C 331 -6.12 -48.79 -23.81
CA PHE C 331 -4.89 -49.32 -23.26
C PHE C 331 -3.84 -49.39 -24.34
N SER C 332 -2.61 -48.95 -24.03
CA SER C 332 -1.46 -49.09 -24.93
C SER C 332 -0.17 -49.15 -24.13
N ALA C 333 0.87 -49.75 -24.70
CA ALA C 333 2.12 -49.90 -24.01
C ALA C 333 3.21 -49.74 -25.04
N GLY C 334 4.35 -49.17 -24.68
CA GLY C 334 5.45 -49.08 -25.60
C GLY C 334 6.71 -48.64 -24.89
N VAL C 335 7.84 -49.03 -25.45
CA VAL C 335 9.14 -48.62 -24.94
C VAL C 335 9.32 -47.11 -25.06
N ALA C 336 9.66 -46.43 -23.96
CA ALA C 336 10.06 -45.01 -24.01
C ALA C 336 8.88 -44.12 -24.40
N ASN C 337 7.67 -44.67 -24.33
CA ASN C 337 6.52 -43.98 -24.89
C ASN C 337 5.70 -43.23 -23.84
N ARG C 338 5.94 -41.92 -23.73
CA ARG C 338 5.23 -41.09 -22.75
C ARG C 338 3.75 -40.84 -23.07
N SER C 339 3.27 -41.43 -24.18
CA SER C 339 1.85 -41.45 -24.57
C SER C 339 1.14 -42.73 -24.29
N ALA C 340 1.85 -43.75 -23.82
CA ALA C 340 1.21 -45.04 -23.62
C ALA C 340 0.64 -45.08 -22.19
N SER C 341 -0.35 -45.98 -22.03
CA SER C 341 -0.82 -46.36 -20.70
C SER C 341 0.34 -46.86 -19.90
N ILE C 342 1.07 -47.83 -20.44
CA ILE C 342 2.28 -48.35 -19.82
C ILE C 342 3.49 -47.92 -20.64
N ARG C 343 4.59 -47.56 -19.97
CA ARG C 343 5.87 -47.28 -20.63
C ARG C 343 6.92 -48.23 -20.12
N ILE C 344 7.65 -48.85 -21.04
CA ILE C 344 8.83 -49.59 -20.66
C ILE C 344 10.01 -48.66 -20.82
N PRO C 345 10.66 -48.30 -19.74
CA PRO C 345 11.76 -47.36 -19.96
C PRO C 345 12.84 -47.94 -20.86
N ARG C 346 13.53 -47.05 -21.58
CA ARG C 346 14.54 -47.47 -22.54
C ARG C 346 15.60 -48.37 -21.87
N THR C 347 16.13 -47.95 -20.73
CA THR C 347 17.06 -48.77 -19.96
C THR C 347 16.64 -50.23 -19.80
N VAL C 348 15.36 -50.41 -19.52
CA VAL C 348 14.83 -51.71 -19.23
C VAL C 348 14.74 -52.53 -20.51
N GLY C 349 14.29 -51.93 -21.59
CA GLY C 349 14.27 -52.61 -22.85
C GLY C 349 15.67 -53.10 -23.22
N GLN C 350 16.62 -52.20 -23.06
CA GLN C 350 18.01 -52.47 -23.35
C GLN C 350 18.59 -53.56 -22.49
N GLU C 351 18.34 -53.55 -21.19
CA GLU C 351 18.91 -54.57 -20.32
C GLU C 351 18.06 -55.85 -20.31
N LYS C 352 16.88 -55.78 -20.93
CA LYS C 352 15.97 -56.91 -20.93
C LYS C 352 15.63 -57.38 -19.51
N LYS C 353 15.63 -56.43 -18.58
CA LYS C 353 15.23 -56.68 -17.20
C LYS C 353 14.96 -55.37 -16.50
N GLY C 354 14.24 -55.46 -15.38
CA GLY C 354 13.91 -54.33 -14.49
C GLY C 354 12.42 -54.27 -14.16
N TYR C 355 11.82 -53.13 -14.47
CA TYR C 355 10.44 -52.81 -14.08
C TYR C 355 9.72 -52.15 -15.26
N PHE C 356 8.39 -52.08 -15.18
CA PHE C 356 7.65 -51.20 -16.09
C PHE C 356 6.96 -50.13 -15.30
N GLU C 357 6.43 -49.15 -16.02
CA GLU C 357 5.84 -47.95 -15.46
C GLU C 357 4.39 -47.92 -15.87
N ASP C 358 3.47 -47.97 -14.89
CA ASP C 358 2.05 -47.71 -15.18
C ASP C 358 1.76 -46.21 -15.03
N ARG C 359 1.49 -45.54 -16.15
CA ARG C 359 1.33 -44.06 -16.17
C ARG C 359 -0.08 -43.57 -15.92
N ARG C 360 -1.01 -44.50 -15.72
CA ARG C 360 -2.43 -44.17 -15.51
C ARG C 360 -2.89 -43.60 -14.11
N PRO C 361 -2.25 -44.02 -13.01
CA PRO C 361 -2.78 -43.52 -11.72
C PRO C 361 -2.78 -41.99 -11.60
N SER C 362 -3.86 -41.46 -11.03
CA SER C 362 -3.99 -40.04 -10.71
C SER C 362 -3.02 -39.62 -9.61
N ALA C 363 -2.55 -38.38 -9.67
CA ALA C 363 -1.76 -37.77 -8.60
C ALA C 363 -2.47 -37.96 -7.26
N ASN C 364 -3.82 -37.96 -7.25
CA ASN C 364 -4.58 -38.17 -6.00
C ASN C 364 -5.05 -39.62 -5.79
N CYS C 365 -4.37 -40.58 -6.39
CA CYS C 365 -4.67 -41.96 -6.08
C CYS C 365 -4.33 -42.35 -4.64
N ASP C 366 -4.94 -43.43 -4.18
CA ASP C 366 -4.52 -44.03 -2.94
C ASP C 366 -3.56 -45.21 -3.25
N PRO C 367 -2.31 -45.08 -2.82
CA PRO C 367 -1.35 -46.08 -3.21
C PRO C 367 -1.74 -47.50 -2.77
N PHE C 368 -2.51 -47.64 -1.71
CA PHE C 368 -2.90 -48.97 -1.29
C PHE C 368 -3.83 -49.57 -2.33
N SER C 369 -4.62 -48.72 -2.95
CA SER C 369 -5.53 -49.20 -3.95
C SER C 369 -4.78 -49.53 -5.28
N VAL C 370 -3.81 -48.69 -5.64
CA VAL C 370 -3.07 -48.87 -6.89
C VAL C 370 -2.22 -50.14 -6.80
N THR C 371 -1.46 -50.28 -5.71
CA THR C 371 -0.52 -51.38 -5.56
C THR C 371 -1.28 -52.71 -5.47
N GLU C 372 -2.43 -52.68 -4.81
CA GLU C 372 -3.21 -53.91 -4.67
C GLU C 372 -3.75 -54.36 -6.03
N ALA C 373 -4.29 -53.44 -6.84
CA ALA C 373 -4.80 -53.81 -8.17
C ALA C 373 -3.70 -54.51 -9.00
N LEU C 374 -2.51 -53.92 -8.99
CA LEU C 374 -1.37 -54.43 -9.70
C LEU C 374 -1.07 -55.87 -9.27
N ILE C 375 -1.19 -56.16 -7.99
CA ILE C 375 -0.89 -57.52 -7.52
C ILE C 375 -1.96 -58.48 -7.99
N ARG C 376 -3.21 -58.10 -7.85
CA ARG C 376 -4.29 -58.99 -8.16
C ARG C 376 -4.28 -59.39 -9.64
N THR C 377 -4.07 -58.40 -10.48
CA THR C 377 -4.04 -58.60 -11.92
C THR C 377 -2.76 -59.33 -12.34
N CYS C 378 -1.62 -58.82 -11.95
CA CYS C 378 -0.37 -59.39 -12.47
C CYS C 378 0.15 -60.64 -11.77
N LEU C 379 -0.06 -60.77 -10.48
CA LEU C 379 0.49 -61.92 -9.77
C LEU C 379 -0.57 -62.95 -9.34
N LEU C 380 -1.78 -62.51 -8.95
CA LEU C 380 -2.84 -63.45 -8.54
C LEU C 380 -3.78 -63.81 -9.70
N ASN C 381 -3.52 -63.26 -10.89
CA ASN C 381 -4.20 -63.65 -12.11
C ASN C 381 -5.72 -63.53 -12.05
N GLU C 382 -6.18 -62.50 -11.34
CA GLU C 382 -7.61 -62.21 -11.26
C GLU C 382 -8.21 -61.69 -12.55
N THR C 383 -9.48 -61.98 -12.74
CA THR C 383 -10.26 -61.58 -13.91
C THR C 383 -11.66 -61.20 -13.36
N GLY C 384 -12.33 -60.21 -13.97
CA GLY C 384 -13.45 -59.49 -13.28
C GLY C 384 -13.45 -57.94 -13.31
N ASN D 29 10.88 -5.80 16.99
CA ASN D 29 11.06 -7.10 16.23
C ASN D 29 11.79 -8.19 17.04
N LYS D 30 11.44 -9.45 16.79
CA LYS D 30 11.86 -10.53 17.66
C LYS D 30 13.31 -10.98 17.46
N GLY D 31 13.88 -10.71 16.30
CA GLY D 31 15.29 -11.02 16.12
C GLY D 31 16.18 -10.10 16.95
N ILE D 32 15.76 -8.86 17.14
CA ILE D 32 16.52 -7.91 17.95
C ILE D 32 16.53 -8.44 19.39
N LYS D 33 15.35 -8.80 19.86
CA LYS D 33 15.21 -9.35 21.18
C LYS D 33 16.10 -10.58 21.40
N GLN D 34 16.20 -11.46 20.40
CA GLN D 34 16.91 -12.71 20.61
C GLN D 34 18.38 -12.50 20.88
N VAL D 35 18.92 -11.44 20.29
CA VAL D 35 20.26 -11.07 20.53
C VAL D 35 20.48 -10.75 22.01
N TYR D 36 19.59 -9.96 22.61
CA TYR D 36 19.74 -9.60 24.02
C TYR D 36 19.58 -10.84 24.93
N MET D 37 18.62 -11.69 24.59
CA MET D 37 18.35 -12.93 25.32
C MET D 37 19.46 -14.00 25.14
N SER D 38 20.46 -13.75 24.28
CA SER D 38 21.65 -14.59 24.15
C SER D 38 22.73 -14.17 25.09
N LEU D 39 22.60 -12.98 25.66
CA LEU D 39 23.59 -12.48 26.62
C LEU D 39 23.53 -13.39 27.86
N PRO D 40 24.68 -13.88 28.33
CA PRO D 40 24.74 -14.58 29.62
C PRO D 40 24.31 -13.68 30.76
N GLN D 41 23.41 -14.18 31.60
CA GLN D 41 22.77 -13.31 32.62
C GLN D 41 23.53 -13.17 33.92
N GLY D 42 24.44 -14.11 34.23
CA GLY D 42 25.24 -14.04 35.45
C GLY D 42 24.62 -14.83 36.58
N GLU D 43 24.87 -14.46 37.83
CA GLU D 43 24.46 -15.23 39.02
C GLU D 43 22.99 -15.01 39.45
N LYS D 44 22.40 -13.87 39.07
CA LYS D 44 21.03 -13.49 39.46
C LYS D 44 19.93 -14.27 38.69
N VAL D 45 18.77 -14.44 39.30
CA VAL D 45 17.76 -15.35 38.77
C VAL D 45 16.48 -14.54 38.68
N GLN D 46 15.70 -14.73 37.63
CA GLN D 46 14.40 -14.01 37.43
C GLN D 46 13.28 -14.93 37.80
N ALA D 47 12.30 -14.41 38.55
CA ALA D 47 11.14 -15.20 38.98
C ALA D 47 9.91 -14.41 38.61
N MET D 48 9.11 -14.96 37.69
CA MET D 48 7.86 -14.30 37.29
C MET D 48 6.70 -14.84 38.11
N TYR D 49 6.03 -13.96 38.84
CA TYR D 49 4.96 -14.35 39.74
C TYR D 49 3.70 -14.08 38.97
N ILE D 50 2.78 -15.05 39.03
CA ILE D 50 1.57 -15.10 38.22
C ILE D 50 0.38 -15.28 39.17
N TRP D 51 -0.68 -14.50 38.96
CA TRP D 51 -1.92 -14.71 39.71
C TRP D 51 -3.21 -14.39 38.94
N ILE D 52 -4.33 -14.81 39.53
CA ILE D 52 -5.66 -14.61 38.96
C ILE D 52 -6.25 -13.35 39.51
N ASP D 53 -6.75 -12.47 38.65
CA ASP D 53 -7.26 -11.14 39.07
C ASP D 53 -8.72 -11.16 39.52
N GLY D 54 -9.32 -9.97 39.60
CA GLY D 54 -10.64 -9.80 40.18
C GLY D 54 -11.75 -10.29 39.29
N THR D 55 -11.44 -10.55 38.02
CA THR D 55 -12.42 -11.10 37.11
C THR D 55 -12.56 -12.62 37.22
N GLY D 56 -11.59 -13.27 37.87
CA GLY D 56 -11.53 -14.73 37.96
C GLY D 56 -11.13 -15.42 36.68
N GLU D 57 -10.85 -14.64 35.64
CA GLU D 57 -10.42 -15.21 34.33
C GLU D 57 -9.09 -14.66 33.86
N GLY D 58 -8.79 -13.40 34.11
CA GLY D 58 -7.53 -12.80 33.69
C GLY D 58 -6.38 -13.23 34.60
N LEU D 59 -5.22 -13.45 33.99
CA LEU D 59 -4.00 -13.73 34.69
C LEU D 59 -3.12 -12.46 34.68
N ARG D 60 -2.38 -12.26 35.75
CA ARG D 60 -1.47 -11.13 35.85
C ARG D 60 -0.10 -11.63 36.26
N CYS D 61 0.92 -10.85 36.00
CA CYS D 61 2.23 -11.26 36.37
C CYS D 61 3.21 -10.13 36.48
N LYS D 62 4.29 -10.41 37.19
CA LYS D 62 5.41 -9.48 37.32
C LYS D 62 6.63 -10.26 37.85
N THR D 63 7.82 -9.66 37.70
CA THR D 63 9.10 -10.36 37.88
C THR D 63 9.96 -9.70 38.95
N ARG D 64 10.59 -10.51 39.79
CA ARG D 64 11.57 -10.00 40.73
C ARG D 64 12.90 -10.70 40.47
N THR D 65 14.01 -10.04 40.81
CA THR D 65 15.35 -10.65 40.76
C THR D 65 15.65 -11.35 42.08
N LEU D 66 16.21 -12.54 42.02
CA LEU D 66 16.64 -13.22 43.23
C LEU D 66 18.14 -13.49 43.15
N ASP D 67 18.77 -13.65 44.31
CA ASP D 67 20.22 -13.89 44.39
C ASP D 67 20.69 -15.24 43.96
N SER D 68 19.81 -16.22 43.99
CA SER D 68 20.20 -17.54 43.46
C SER D 68 18.99 -18.34 43.11
N GLU D 69 19.22 -19.51 42.56
CA GLU D 69 18.16 -20.28 41.99
C GLU D 69 17.45 -21.04 43.07
N PRO D 70 16.17 -20.85 43.22
CA PRO D 70 15.42 -21.59 44.21
C PRO D 70 15.24 -23.05 43.84
N LYS D 71 15.47 -23.95 44.79
CA LYS D 71 15.45 -25.37 44.47
C LYS D 71 14.04 -25.93 44.53
N CYS D 72 13.09 -25.15 45.06
CA CYS D 72 11.67 -25.52 45.04
C CYS D 72 10.78 -24.38 45.52
N VAL D 73 9.48 -24.55 45.34
CA VAL D 73 8.52 -23.49 45.54
C VAL D 73 8.63 -22.92 46.96
N GLU D 74 8.92 -23.78 47.91
CA GLU D 74 9.00 -23.34 49.32
C GLU D 74 10.12 -22.36 49.59
N GLU D 75 11.15 -22.30 48.75
CA GLU D 75 12.26 -21.35 48.91
C GLU D 75 11.98 -19.94 48.34
N LEU D 76 10.86 -19.77 47.64
CA LEU D 76 10.50 -18.49 47.05
C LEU D 76 9.85 -17.63 48.12
N PRO D 77 10.23 -16.35 48.18
CA PRO D 77 9.61 -15.50 49.14
C PRO D 77 8.19 -15.06 48.74
N GLU D 78 7.39 -14.73 49.75
CA GLU D 78 6.12 -14.06 49.53
C GLU D 78 6.34 -12.77 48.81
N TRP D 79 5.29 -12.26 48.20
CA TRP D 79 5.37 -10.95 47.64
C TRP D 79 3.98 -10.34 47.70
N ASN D 80 3.75 -9.33 46.88
CA ASN D 80 2.51 -8.55 46.92
C ASN D 80 2.39 -7.66 45.67
N PHE D 81 1.20 -7.15 45.42
CA PHE D 81 0.91 -6.29 44.29
C PHE D 81 -0.13 -5.26 44.62
N ASP D 82 -0.34 -4.34 43.72
CA ASP D 82 -1.38 -3.32 43.84
C ASP D 82 -2.70 -3.95 43.49
N GLY D 83 -3.47 -4.34 44.50
CA GLY D 83 -4.80 -4.89 44.25
C GLY D 83 -5.81 -3.89 43.70
N SER D 84 -5.52 -2.60 43.79
CA SER D 84 -6.43 -1.59 43.25
C SER D 84 -6.27 -1.46 41.75
N SER D 85 -5.24 -2.10 41.18
CA SER D 85 -5.03 -2.01 39.73
C SER D 85 -5.43 -3.33 39.07
N THR D 86 -5.95 -4.26 39.88
CA THR D 86 -6.52 -5.53 39.33
C THR D 86 -7.96 -5.78 39.73
N LEU D 87 -8.68 -4.74 40.16
CA LEU D 87 -10.08 -4.87 40.63
C LEU D 87 -10.26 -5.75 41.88
N GLN D 88 -9.28 -5.75 42.77
CA GLN D 88 -9.36 -6.61 43.94
C GLN D 88 -9.28 -5.92 45.30
N SER D 89 -8.93 -4.63 45.33
CA SER D 89 -8.82 -3.88 46.58
C SER D 89 -8.87 -2.36 46.36
N GLU D 90 -8.88 -1.59 47.42
CA GLU D 90 -8.98 -0.13 47.28
C GLU D 90 -7.61 0.52 47.26
N GLY D 91 -7.49 1.54 46.41
CA GLY D 91 -6.27 2.32 46.27
C GLY D 91 -5.55 2.60 47.57
N SER D 92 -6.31 3.07 48.56
CA SER D 92 -5.69 3.63 49.76
C SER D 92 -5.34 2.59 50.81
N ASN D 93 -5.69 1.33 50.56
CA ASN D 93 -5.25 0.19 51.39
C ASN D 93 -5.01 -1.00 50.43
N SER D 94 -4.05 -0.82 49.54
CA SER D 94 -4.03 -1.52 48.26
C SER D 94 -3.22 -2.79 48.23
N ASP D 95 -2.12 -2.86 48.99
CA ASP D 95 -1.27 -4.04 48.89
C ASP D 95 -2.09 -5.31 49.09
N MET D 96 -1.83 -6.31 48.24
CA MET D 96 -2.38 -7.64 48.45
C MET D 96 -1.25 -8.62 48.35
N TYR D 97 -1.42 -9.78 48.98
CA TYR D 97 -0.35 -10.76 49.14
C TYR D 97 -0.30 -11.76 48.02
N LEU D 98 0.93 -12.13 47.64
CA LEU D 98 1.17 -13.25 46.75
C LEU D 98 1.93 -14.34 47.49
N VAL D 99 1.34 -15.52 47.57
CA VAL D 99 1.98 -16.66 48.23
C VAL D 99 2.19 -17.76 47.19
N PRO D 100 3.47 -18.09 46.90
CA PRO D 100 3.78 -19.13 45.93
C PRO D 100 3.08 -20.43 46.20
N ALA D 101 2.56 -21.05 45.16
CA ALA D 101 1.81 -22.28 45.23
C ALA D 101 2.54 -23.35 44.39
N ALA D 102 2.89 -23.01 43.14
CA ALA D 102 3.48 -23.96 42.16
C ALA D 102 4.59 -23.31 41.31
N MET D 103 5.76 -23.94 41.35
CA MET D 103 6.93 -23.45 40.61
C MET D 103 7.24 -24.29 39.37
N PHE D 104 7.61 -23.60 38.29
CA PHE D 104 7.93 -24.19 37.01
C PHE D 104 9.14 -23.47 36.40
N ARG D 105 9.79 -24.14 35.47
CA ARG D 105 10.89 -23.52 34.71
C ARG D 105 10.31 -22.58 33.65
N ASP D 106 10.99 -21.46 33.40
CA ASP D 106 10.49 -20.43 32.54
C ASP D 106 11.01 -20.68 31.14
N PRO D 107 10.11 -21.05 30.21
CA PRO D 107 10.47 -21.39 28.84
C PRO D 107 10.61 -20.15 27.97
N PHE D 108 10.24 -18.96 28.50
CA PHE D 108 10.52 -17.68 27.84
C PHE D 108 11.92 -17.17 28.16
N ARG D 109 12.49 -17.50 29.31
CA ARG D 109 13.80 -16.92 29.70
C ARG D 109 14.88 -18.00 29.98
N LYS D 110 14.43 -19.24 30.05
CA LYS D 110 15.24 -20.42 30.22
C LYS D 110 15.78 -20.62 31.61
N ASP D 111 16.41 -21.74 31.89
CA ASP D 111 17.01 -21.93 33.19
C ASP D 111 17.99 -20.83 33.43
N PRO D 112 18.06 -20.24 34.62
CA PRO D 112 17.52 -20.72 35.89
C PRO D 112 16.30 -19.99 36.35
N ASN D 113 15.60 -19.39 35.44
CA ASN D 113 14.49 -18.55 35.74
C ASN D 113 13.24 -19.29 35.86
N LYS D 114 12.29 -18.70 36.51
CA LYS D 114 11.16 -19.46 37.03
C LYS D 114 9.87 -18.75 36.79
N LEU D 115 8.83 -19.58 36.64
CA LEU D 115 7.44 -19.15 36.72
C LEU D 115 6.86 -19.66 38.05
N VAL D 116 6.06 -18.80 38.70
CA VAL D 116 5.49 -19.10 40.02
C VAL D 116 4.02 -18.77 40.04
N LEU D 117 3.19 -19.81 40.07
CA LEU D 117 1.81 -19.59 40.29
C LEU D 117 1.63 -19.29 41.80
N CYS D 118 0.85 -18.25 42.10
CA CYS D 118 0.58 -17.80 43.43
C CYS D 118 -0.91 -17.80 43.73
N GLU D 119 -1.21 -17.96 45.01
CA GLU D 119 -2.51 -17.63 45.57
C GLU D 119 -2.51 -16.19 46.08
N VAL D 120 -3.65 -15.50 45.90
CA VAL D 120 -3.86 -14.14 46.36
C VAL D 120 -4.63 -14.10 47.71
N PHE D 121 -4.16 -13.26 48.64
CA PHE D 121 -4.88 -12.98 49.88
C PHE D 121 -5.04 -11.50 50.10
N LYS D 122 -6.00 -11.15 50.95
CA LYS D 122 -6.31 -9.77 51.14
C LYS D 122 -5.46 -9.10 52.28
N TYR D 123 -5.67 -7.79 52.46
CA TYR D 123 -5.04 -6.99 53.56
C TYR D 123 -5.10 -7.71 54.89
N ASN D 124 -6.22 -8.38 55.18
CA ASN D 124 -6.41 -9.12 56.42
C ASN D 124 -5.97 -10.60 56.40
N ARG D 125 -5.13 -10.98 55.44
CA ARG D 125 -4.57 -12.35 55.32
C ARG D 125 -5.57 -13.43 54.86
N ARG D 126 -6.81 -13.04 54.58
CA ARG D 126 -7.81 -13.99 54.05
C ARG D 126 -7.81 -14.14 52.52
N PRO D 127 -8.19 -15.33 52.02
CA PRO D 127 -8.15 -15.58 50.59
C PRO D 127 -8.96 -14.55 49.80
N ALA D 128 -8.42 -14.05 48.68
CA ALA D 128 -9.19 -13.12 47.81
C ALA D 128 -10.46 -13.80 47.28
N GLU D 129 -11.46 -13.01 46.93
CA GLU D 129 -12.73 -13.51 46.43
C GLU D 129 -12.53 -14.47 45.25
N THR D 130 -11.57 -14.18 44.38
CA THR D 130 -11.28 -15.06 43.25
C THR D 130 -10.14 -16.06 43.57
N ASN D 131 -9.79 -16.24 44.84
CA ASN D 131 -8.87 -17.32 45.25
C ASN D 131 -9.64 -18.62 45.51
N LEU D 132 -9.82 -19.43 44.47
CA LEU D 132 -10.60 -20.64 44.57
C LEU D 132 -9.70 -21.84 44.79
N ARG D 133 -8.39 -21.60 44.76
CA ARG D 133 -7.43 -22.63 45.03
C ARG D 133 -7.41 -22.99 46.51
N HIS D 134 -7.56 -21.99 47.36
CA HIS D 134 -7.46 -22.25 48.77
C HIS D 134 -8.36 -23.36 49.33
N THR D 135 -9.67 -23.26 49.10
CA THR D 135 -10.60 -24.32 49.51
C THR D 135 -10.30 -25.61 48.75
N CYS D 136 -10.08 -25.49 47.43
CA CYS D 136 -9.88 -26.65 46.59
C CYS D 136 -8.72 -27.52 47.09
N LYS D 137 -7.62 -26.89 47.45
CA LYS D 137 -6.49 -27.62 48.03
C LYS D 137 -6.89 -28.44 49.24
N ARG D 138 -7.64 -27.84 50.15
CA ARG D 138 -8.01 -28.54 51.37
C ARG D 138 -8.84 -29.77 51.03
N ILE D 139 -9.76 -29.63 50.09
CA ILE D 139 -10.61 -30.73 49.65
C ILE D 139 -9.79 -31.84 48.98
N MET D 140 -8.81 -31.48 48.16
CA MET D 140 -7.94 -32.50 47.58
C MET D 140 -7.09 -33.18 48.63
N ASP D 141 -6.56 -32.41 49.59
CA ASP D 141 -5.76 -32.98 50.68
C ASP D 141 -6.56 -33.98 51.52
N MET D 142 -7.86 -33.79 51.59
CA MET D 142 -8.69 -34.71 52.33
C MET D 142 -8.99 -36.02 51.66
N VAL D 143 -9.03 -36.06 50.31
CA VAL D 143 -9.36 -37.29 49.62
C VAL D 143 -8.12 -37.90 48.94
N SER D 144 -6.93 -37.55 49.41
CA SER D 144 -5.72 -37.98 48.74
C SER D 144 -5.49 -39.51 48.67
N ASN D 145 -5.93 -40.27 49.67
CA ASN D 145 -5.92 -41.74 49.57
C ASN D 145 -6.70 -42.31 48.36
N GLN D 146 -7.63 -41.56 47.80
CA GLN D 146 -8.33 -42.01 46.60
C GLN D 146 -7.70 -41.48 45.31
N HIS D 147 -6.57 -40.80 45.45
CA HIS D 147 -5.74 -40.40 44.34
C HIS D 147 -6.58 -39.93 43.15
N PRO D 148 -7.35 -38.88 43.34
CA PRO D 148 -8.14 -38.41 42.22
C PRO D 148 -7.25 -37.86 41.13
N TRP D 149 -7.39 -38.37 39.91
CA TRP D 149 -6.65 -37.88 38.74
C TRP D 149 -7.61 -37.14 37.82
N PHE D 150 -7.14 -36.07 37.23
CA PHE D 150 -7.91 -35.27 36.29
C PHE D 150 -7.16 -35.07 34.99
N GLY D 151 -7.90 -35.03 33.89
CA GLY D 151 -7.35 -34.66 32.57
C GLY D 151 -8.23 -33.62 31.94
N MET D 152 -7.69 -32.41 31.72
CA MET D 152 -8.51 -31.33 31.16
C MET D 152 -8.15 -30.97 29.73
N GLU D 153 -9.16 -30.86 28.89
CA GLU D 153 -8.96 -30.57 27.50
C GLU D 153 -9.32 -29.10 27.26
N GLN D 154 -8.29 -28.26 27.23
CA GLN D 154 -8.46 -26.85 26.99
C GLN D 154 -8.58 -26.56 25.48
N GLU D 155 -9.78 -26.16 25.08
CA GLU D 155 -10.00 -25.67 23.72
C GLU D 155 -9.96 -24.15 23.78
N TYR D 156 -9.64 -23.53 22.66
CA TYR D 156 -9.42 -22.10 22.60
C TYR D 156 -9.39 -21.72 21.14
N THR D 157 -9.60 -20.46 20.83
CA THR D 157 -9.57 -20.02 19.47
C THR D 157 -8.57 -18.89 19.34
N LEU D 158 -7.83 -18.88 18.26
CA LEU D 158 -6.76 -17.91 18.10
C LEU D 158 -7.41 -16.79 17.35
N MET D 159 -7.23 -15.57 17.84
CA MET D 159 -7.87 -14.38 17.32
C MET D 159 -6.83 -13.39 16.88
N GLY D 160 -7.13 -12.73 15.80
CA GLY D 160 -6.38 -11.58 15.45
C GLY D 160 -6.59 -10.51 16.49
N THR D 161 -5.71 -9.53 16.46
CA THR D 161 -5.84 -8.37 17.36
C THR D 161 -7.09 -7.47 17.04
N ASP D 162 -7.57 -7.56 15.78
CA ASP D 162 -8.85 -6.98 15.38
C ASP D 162 -10.11 -7.73 15.91
N GLY D 163 -9.96 -8.75 16.77
CA GLY D 163 -11.14 -9.48 17.28
C GLY D 163 -11.79 -10.49 16.33
N HIS D 164 -11.22 -10.66 15.14
CA HIS D 164 -11.66 -11.67 14.19
C HIS D 164 -10.72 -12.87 14.30
N PRO D 165 -11.27 -14.11 14.22
CA PRO D 165 -10.36 -15.26 14.38
C PRO D 165 -9.19 -15.25 13.40
N PHE D 166 -8.07 -15.83 13.83
CA PHE D 166 -6.79 -15.79 13.09
C PHE D 166 -6.95 -16.56 11.83
N GLY D 167 -6.51 -15.98 10.71
CA GLY D 167 -6.56 -16.66 9.42
C GLY D 167 -7.91 -16.63 8.70
N TRP D 168 -8.95 -16.14 9.37
CA TRP D 168 -10.27 -16.06 8.75
C TRP D 168 -10.34 -14.95 7.72
N PRO D 169 -11.18 -15.11 6.70
CA PRO D 169 -11.24 -14.00 5.76
C PRO D 169 -11.57 -12.70 6.46
N SER D 170 -10.86 -11.64 6.12
CA SER D 170 -11.18 -10.33 6.66
C SER D 170 -12.68 -10.03 6.49
N ASN D 171 -13.38 -9.78 7.60
CA ASN D 171 -14.81 -9.45 7.52
C ASN D 171 -15.70 -10.60 7.06
N GLY D 172 -15.24 -11.84 7.18
CA GLY D 172 -15.89 -12.93 6.47
C GLY D 172 -15.68 -14.26 7.14
N PHE D 173 -16.15 -15.31 6.46
CA PHE D 173 -16.10 -16.64 7.01
C PHE D 173 -15.35 -17.53 6.09
N PRO D 174 -14.56 -18.43 6.65
CA PRO D 174 -13.98 -19.45 5.84
C PRO D 174 -15.10 -20.49 5.52
N GLY D 175 -14.79 -21.47 4.66
CA GLY D 175 -15.73 -22.53 4.32
C GLY D 175 -16.20 -23.29 5.56
N PRO D 176 -17.34 -24.00 5.45
CA PRO D 176 -18.01 -24.68 6.55
C PRO D 176 -17.12 -25.67 7.28
N GLN D 177 -17.48 -25.96 8.53
CA GLN D 177 -16.73 -26.92 9.31
C GLN D 177 -16.79 -28.27 8.62
N GLY D 178 -15.76 -29.10 8.84
CA GLY D 178 -15.56 -30.37 8.17
C GLY D 178 -14.06 -30.68 8.05
N PRO D 179 -13.30 -29.88 7.29
CA PRO D 179 -11.87 -30.15 7.06
C PRO D 179 -10.81 -29.63 8.08
N TYR D 180 -11.23 -28.93 9.12
CA TYR D 180 -10.28 -28.27 10.00
C TYR D 180 -9.86 -29.19 11.13
N TYR D 181 -10.78 -30.03 11.59
CA TYR D 181 -10.48 -30.88 12.74
C TYR D 181 -9.26 -31.77 12.48
N CYS D 182 -8.24 -31.68 13.34
CA CYS D 182 -6.97 -32.45 13.12
C CYS D 182 -6.42 -32.29 11.71
N GLY D 183 -6.58 -31.10 11.14
CA GLY D 183 -6.22 -30.91 9.78
C GLY D 183 -4.76 -30.53 9.59
N VAL D 184 -4.32 -30.62 8.34
CA VAL D 184 -2.98 -30.23 7.95
C VAL D 184 -3.12 -29.50 6.62
N GLY D 185 -2.36 -28.41 6.43
CA GLY D 185 -2.44 -27.59 5.20
C GLY D 185 -2.67 -26.12 5.54
N ALA D 186 -2.05 -25.20 4.80
CA ALA D 186 -2.20 -23.75 5.02
C ALA D 186 -3.65 -23.34 4.86
N ASP D 187 -4.43 -24.08 4.10
CA ASP D 187 -5.85 -23.78 3.97
C ASP D 187 -6.72 -24.37 5.04
N ARG D 188 -6.15 -24.94 6.08
CA ARG D 188 -7.04 -25.44 7.13
C ARG D 188 -6.53 -25.46 8.60
N ALA D 189 -5.23 -25.53 8.81
CA ALA D 189 -4.66 -25.48 10.16
C ALA D 189 -4.15 -24.08 10.20
N TYR D 190 -4.89 -23.21 10.88
CA TYR D 190 -4.53 -21.80 11.07
C TYR D 190 -3.91 -21.60 12.46
N GLY D 191 -2.62 -21.31 12.51
CA GLY D 191 -1.92 -20.98 13.77
C GLY D 191 -1.03 -22.05 14.40
N ARG D 192 -0.74 -23.13 13.70
CA ARG D 192 0.09 -24.20 14.28
C ARG D 192 1.41 -23.73 14.95
N ASP D 193 2.00 -22.65 14.45
CA ASP D 193 3.23 -22.19 15.09
C ASP D 193 3.03 -21.99 16.60
N ILE D 194 1.91 -21.34 16.97
CA ILE D 194 1.57 -21.14 18.36
C ILE D 194 1.46 -22.50 19.04
N VAL D 195 0.71 -23.42 18.42
CA VAL D 195 0.43 -24.72 19.03
C VAL D 195 1.76 -25.46 19.32
N GLU D 196 2.67 -25.44 18.34
CA GLU D 196 3.94 -26.13 18.45
C GLU D 196 4.83 -25.48 19.50
N ALA D 197 4.83 -24.15 19.53
CA ALA D 197 5.64 -23.40 20.47
C ALA D 197 5.17 -23.62 21.87
N HIS D 198 3.85 -23.58 22.06
CA HIS D 198 3.24 -23.79 23.40
C HIS D 198 3.48 -25.21 23.93
N TYR D 199 3.40 -26.17 23.03
CA TYR D 199 3.61 -27.58 23.41
C TYR D 199 5.07 -27.75 23.93
N ARG D 200 6.01 -27.23 23.18
CA ARG D 200 7.40 -27.25 23.59
C ARG D 200 7.67 -26.39 24.86
N ALA D 201 7.01 -25.22 25.00
CA ALA D 201 7.22 -24.36 26.19
C ALA D 201 6.74 -25.07 27.47
N CYS D 202 5.57 -25.70 27.38
CA CYS D 202 5.03 -26.51 28.46
C CYS D 202 5.92 -27.66 28.86
N LEU D 203 6.37 -28.43 27.86
CA LEU D 203 7.29 -29.53 28.13
C LEU D 203 8.50 -28.99 28.89
N TYR D 204 9.10 -27.91 28.42
CA TYR D 204 10.28 -27.36 29.07
C TYR D 204 9.97 -26.87 30.47
N ALA D 205 8.80 -26.25 30.62
CA ALA D 205 8.36 -25.70 31.93
C ALA D 205 8.18 -26.79 33.02
N GLY D 206 7.76 -28.00 32.64
CA GLY D 206 7.39 -29.03 33.57
C GLY D 206 5.88 -29.21 33.63
N VAL D 207 5.15 -28.57 32.72
CA VAL D 207 3.68 -28.69 32.70
C VAL D 207 3.36 -30.03 32.11
N LYS D 208 2.38 -30.74 32.67
CA LYS D 208 2.05 -32.08 32.21
C LYS D 208 1.04 -32.07 31.01
N ILE D 209 1.53 -31.54 29.89
CA ILE D 209 0.79 -31.55 28.61
C ILE D 209 0.76 -32.97 28.05
N ALA D 210 -0.45 -33.49 27.79
CA ALA D 210 -0.68 -34.87 27.32
C ALA D 210 -0.78 -34.94 25.78
N GLY D 211 -1.04 -33.80 25.17
CA GLY D 211 -1.26 -33.76 23.74
C GLY D 211 -2.01 -32.53 23.28
N THR D 212 -2.16 -32.45 21.97
CA THR D 212 -2.79 -31.33 21.29
C THR D 212 -3.51 -31.79 20.01
N ASN D 213 -4.46 -30.98 19.54
CA ASN D 213 -5.06 -31.19 18.24
C ASN D 213 -5.73 -29.93 17.69
N ALA D 214 -5.69 -29.76 16.37
CA ALA D 214 -6.55 -28.85 15.64
C ALA D 214 -7.97 -29.28 15.94
N GLU D 215 -8.88 -28.30 16.05
CA GLU D 215 -10.29 -28.53 16.38
C GLU D 215 -11.21 -28.10 15.24
N VAL D 216 -12.50 -28.46 15.45
CA VAL D 216 -13.54 -28.36 14.44
C VAL D 216 -13.67 -26.94 13.83
N MET D 217 -13.64 -25.92 14.64
CA MET D 217 -13.76 -24.60 14.09
C MET D 217 -12.39 -24.23 13.56
N PRO D 218 -12.33 -23.61 12.39
CA PRO D 218 -11.04 -23.14 11.94
C PRO D 218 -10.52 -22.07 12.87
N ALA D 219 -9.21 -22.08 13.14
CA ALA D 219 -8.48 -21.20 14.12
C ALA D 219 -8.60 -21.66 15.56
N GLN D 220 -9.35 -22.73 15.79
CA GLN D 220 -9.59 -23.29 17.12
C GLN D 220 -8.72 -24.52 17.35
N TRP D 221 -8.16 -24.64 18.55
CA TRP D 221 -7.21 -25.72 18.85
C TRP D 221 -7.45 -26.24 20.29
N GLU D 222 -6.60 -27.20 20.71
CA GLU D 222 -6.78 -27.89 21.97
C GLU D 222 -5.44 -28.34 22.49
N PHE D 223 -5.32 -28.32 23.80
CA PHE D 223 -4.26 -29.05 24.44
C PHE D 223 -4.90 -29.71 25.64
N GLN D 224 -4.42 -30.90 25.92
CA GLN D 224 -4.85 -31.66 27.05
C GLN D 224 -3.81 -31.58 28.12
N ILE D 225 -4.24 -31.39 29.36
CA ILE D 225 -3.34 -31.43 30.49
C ILE D 225 -3.77 -32.51 31.46
N GLY D 226 -2.87 -33.41 31.79
CA GLY D 226 -3.21 -34.53 32.62
C GLY D 226 -2.42 -35.76 32.30
N PRO D 227 -2.68 -36.85 33.00
CA PRO D 227 -3.52 -36.84 34.18
C PRO D 227 -2.79 -36.30 35.39
N CYS D 228 -3.44 -35.38 36.07
CA CYS D 228 -2.88 -34.66 37.20
C CYS D 228 -3.62 -35.01 38.44
N GLU D 229 -2.91 -35.26 39.54
CA GLU D 229 -3.52 -35.70 40.78
C GLU D 229 -3.80 -34.46 41.59
N GLY D 230 -5.03 -34.36 42.04
CA GLY D 230 -5.38 -33.41 43.08
C GLY D 230 -5.26 -31.98 42.64
N ILE D 231 -4.63 -31.18 43.50
CA ILE D 231 -4.51 -29.74 43.33
C ILE D 231 -3.64 -29.44 42.13
N SER D 232 -2.80 -30.39 41.73
CA SER D 232 -1.92 -30.08 40.60
C SER D 232 -2.69 -29.86 39.26
N MET D 233 -3.92 -30.31 39.19
CA MET D 233 -4.64 -30.15 37.93
C MET D 233 -4.80 -28.65 37.66
N GLY D 234 -5.35 -27.94 38.66
CA GLY D 234 -5.58 -26.52 38.51
C GLY D 234 -4.28 -25.77 38.34
N ASP D 235 -3.25 -26.20 39.08
CA ASP D 235 -1.98 -25.54 38.96
C ASP D 235 -1.43 -25.64 37.53
N HIS D 236 -1.31 -26.85 37.05
CA HIS D 236 -0.80 -27.09 35.72
C HIS D 236 -1.66 -26.40 34.64
N LEU D 237 -2.98 -26.47 34.75
CA LEU D 237 -3.84 -25.88 33.73
C LEU D 237 -3.64 -24.37 33.70
N TRP D 238 -3.67 -23.76 34.88
CA TRP D 238 -3.49 -22.30 34.91
C TRP D 238 -2.14 -21.85 34.37
N VAL D 239 -1.07 -22.59 34.66
CA VAL D 239 0.20 -22.18 34.14
C VAL D 239 0.20 -22.43 32.63
N ALA D 240 -0.46 -23.51 32.19
CA ALA D 240 -0.55 -23.82 30.77
C ALA D 240 -1.27 -22.71 30.01
N ARG D 241 -2.29 -22.13 30.65
CA ARG D 241 -3.01 -21.01 30.08
C ARG D 241 -2.17 -19.76 30.07
N PHE D 242 -1.35 -19.56 31.12
CA PHE D 242 -0.42 -18.42 31.12
C PHE D 242 0.59 -18.49 29.98
N ILE D 243 1.25 -19.64 29.84
CA ILE D 243 2.20 -19.89 28.78
C ILE D 243 1.52 -19.64 27.39
N LEU D 244 0.26 -20.03 27.25
CA LEU D 244 -0.40 -19.87 25.92
C LEU D 244 -0.53 -18.39 25.59
N HIS D 245 -0.95 -17.58 26.57
CA HIS D 245 -1.18 -16.16 26.33
C HIS D 245 0.14 -15.47 26.06
N ARG D 246 1.19 -15.84 26.78
CA ARG D 246 2.53 -15.32 26.51
C ARG D 246 3.05 -15.74 25.19
N VAL D 247 2.84 -16.99 24.82
CA VAL D 247 3.29 -17.46 23.52
C VAL D 247 2.55 -16.66 22.47
N CYS D 248 1.23 -16.58 22.62
CA CYS D 248 0.41 -15.88 21.61
C CYS D 248 0.86 -14.43 21.49
N GLU D 249 1.24 -13.86 22.63
CA GLU D 249 1.72 -12.50 22.68
C GLU D 249 2.91 -12.33 21.75
N ASP D 250 3.84 -13.27 21.72
CA ASP D 250 5.00 -13.17 20.84
C ASP D 250 4.64 -13.18 19.36
N PHE D 251 3.53 -13.84 19.03
CA PHE D 251 3.11 -14.03 17.65
C PHE D 251 2.12 -12.97 17.27
N GLY D 252 1.93 -11.98 18.15
CA GLY D 252 0.98 -10.90 17.92
C GLY D 252 -0.45 -11.40 17.76
N VAL D 253 -0.83 -12.49 18.45
CA VAL D 253 -2.22 -12.95 18.48
C VAL D 253 -2.75 -13.13 19.90
N ILE D 254 -4.07 -13.36 19.99
CA ILE D 254 -4.79 -13.48 21.23
C ILE D 254 -5.33 -14.89 21.21
N ALA D 255 -5.37 -15.56 22.37
CA ALA D 255 -6.14 -16.77 22.58
C ALA D 255 -7.39 -16.40 23.33
N THR D 256 -8.56 -16.84 22.88
CA THR D 256 -9.76 -16.62 23.70
C THR D 256 -10.27 -17.97 24.21
N PHE D 257 -10.67 -17.97 25.49
CA PHE D 257 -11.32 -19.11 26.10
C PHE D 257 -12.83 -18.88 26.15
N ASP D 258 -13.37 -17.88 25.44
CA ASP D 258 -14.82 -17.75 25.45
C ASP D 258 -15.45 -19.03 24.91
N PRO D 259 -16.49 -19.57 25.58
CA PRO D 259 -17.11 -20.82 25.16
C PRO D 259 -17.89 -20.78 23.85
N LYS D 260 -18.29 -19.60 23.37
CA LYS D 260 -18.87 -19.48 22.02
C LYS D 260 -18.43 -18.19 21.31
N PRO D 261 -17.19 -18.16 20.82
CA PRO D 261 -16.64 -16.90 20.34
C PRO D 261 -17.27 -16.45 19.03
N ILE D 262 -17.77 -17.39 18.23
CA ILE D 262 -18.47 -17.06 17.00
C ILE D 262 -19.86 -17.68 17.01
N PRO D 263 -20.90 -16.85 17.00
CA PRO D 263 -22.23 -17.40 17.01
C PRO D 263 -22.63 -18.06 15.71
N GLY D 264 -23.52 -19.04 15.83
CA GLY D 264 -24.11 -19.68 14.65
C GLY D 264 -23.54 -21.08 14.43
N ASN D 265 -23.36 -21.44 13.15
CA ASN D 265 -22.90 -22.77 12.78
C ASN D 265 -21.39 -22.97 12.95
N TRP D 266 -20.91 -22.70 14.16
CA TRP D 266 -19.49 -22.82 14.46
C TRP D 266 -19.38 -23.42 15.81
N ASN D 267 -18.39 -24.27 16.00
CA ASN D 267 -18.31 -24.98 17.25
C ASN D 267 -17.88 -24.05 18.39
N GLY D 268 -18.40 -24.35 19.58
CA GLY D 268 -18.01 -23.68 20.82
C GLY D 268 -16.71 -24.25 21.39
N ALA D 269 -16.27 -23.67 22.51
CA ALA D 269 -15.04 -24.13 23.16
C ALA D 269 -15.37 -24.60 24.58
N GLY D 270 -14.94 -25.82 24.86
CA GLY D 270 -15.15 -26.40 26.18
C GLY D 270 -13.87 -26.63 26.92
N CYS D 271 -14.03 -27.13 28.14
CA CYS D 271 -12.90 -27.67 28.87
C CYS D 271 -13.26 -29.05 29.48
N HIS D 272 -13.44 -30.04 28.63
CA HIS D 272 -13.87 -31.39 29.06
C HIS D 272 -12.97 -31.84 30.19
N THR D 273 -13.59 -32.26 31.30
CA THR D 273 -12.83 -32.75 32.44
C THR D 273 -12.94 -34.27 32.59
N ASN D 274 -11.82 -34.94 32.38
CA ASN D 274 -11.73 -36.38 32.50
C ASN D 274 -11.31 -36.65 33.93
N PHE D 275 -11.90 -37.66 34.56
CA PHE D 275 -11.77 -37.86 36.00
C PHE D 275 -11.78 -39.31 36.38
N SER D 276 -10.89 -39.67 37.28
CA SER D 276 -10.89 -40.99 37.84
C SER D 276 -10.32 -41.00 39.27
N THR D 277 -10.84 -41.92 40.07
CA THR D 277 -10.26 -42.24 41.36
C THR D 277 -9.49 -43.54 41.17
N LYS D 278 -8.76 -43.93 42.19
CA LYS D 278 -8.00 -45.19 42.19
C LYS D 278 -8.93 -46.38 41.93
N ALA D 279 -10.09 -46.38 42.59
CA ALA D 279 -11.07 -47.44 42.44
C ALA D 279 -11.50 -47.59 40.99
N MET D 280 -11.66 -46.47 40.28
CA MET D 280 -12.15 -46.47 38.89
C MET D 280 -11.11 -46.97 37.90
N ARG D 281 -9.84 -46.83 38.28
CA ARG D 281 -8.73 -47.30 37.46
C ARG D 281 -8.37 -48.79 37.67
N GLU D 282 -8.90 -49.41 38.73
CA GLU D 282 -8.61 -50.82 38.99
C GLU D 282 -9.55 -51.71 38.18
N GLU D 283 -9.32 -53.01 38.18
CA GLU D 283 -10.20 -53.92 37.44
C GLU D 283 -11.66 -53.78 37.95
N ASN D 284 -12.57 -53.65 36.99
CA ASN D 284 -14.01 -53.39 37.18
C ASN D 284 -14.37 -52.04 37.77
N GLY D 285 -13.46 -51.09 37.59
CA GLY D 285 -13.65 -49.72 38.07
C GLY D 285 -14.82 -49.04 37.40
N LEU D 286 -15.27 -49.55 36.26
CA LEU D 286 -16.50 -49.07 35.64
C LEU D 286 -17.68 -49.07 36.64
N LYS D 287 -17.70 -50.01 37.56
CA LYS D 287 -18.73 -50.03 38.56
C LYS D 287 -18.80 -48.67 39.26
N TYR D 288 -17.63 -48.13 39.60
CA TYR D 288 -17.48 -46.87 40.33
C TYR D 288 -17.64 -45.64 39.43
N ILE D 289 -17.18 -45.74 38.20
CA ILE D 289 -17.55 -44.78 37.18
C ILE D 289 -19.07 -44.60 37.13
N GLU D 290 -19.82 -45.69 37.03
CA GLU D 290 -21.28 -45.57 36.97
C GLU D 290 -21.88 -44.93 38.22
N GLU D 291 -21.36 -45.29 39.38
CA GLU D 291 -21.81 -44.67 40.60
C GLU D 291 -21.54 -43.16 40.64
N ALA D 292 -20.38 -42.74 40.14
CA ALA D 292 -20.02 -41.29 40.16
C ALA D 292 -21.00 -40.53 39.27
N ILE D 293 -21.26 -41.10 38.09
CA ILE D 293 -22.23 -40.53 37.13
C ILE D 293 -23.65 -40.43 37.72
N GLU D 294 -24.09 -41.52 38.33
CA GLU D 294 -25.38 -41.57 39.01
C GLU D 294 -25.48 -40.42 40.05
N LYS D 295 -24.41 -40.20 40.80
CA LYS D 295 -24.38 -39.06 41.72
C LYS D 295 -24.33 -37.71 41.00
N LEU D 296 -23.60 -37.64 39.87
CA LEU D 296 -23.55 -36.41 39.09
C LEU D 296 -24.91 -36.12 38.50
N SER D 297 -25.68 -37.16 38.21
CA SER D 297 -27.01 -36.98 37.62
C SER D 297 -27.96 -36.18 38.52
N LYS D 298 -27.74 -36.22 39.83
CA LYS D 298 -28.64 -35.54 40.75
C LYS D 298 -28.20 -34.12 41.09
N ARG D 299 -27.05 -33.72 40.58
CA ARG D 299 -26.44 -32.44 40.97
C ARG D 299 -25.99 -31.62 39.76
N HIS D 300 -26.80 -31.69 38.70
CA HIS D 300 -26.47 -31.09 37.43
C HIS D 300 -26.34 -29.59 37.55
N GLN D 301 -27.32 -28.94 38.20
CA GLN D 301 -27.35 -27.48 38.27
C GLN D 301 -26.16 -26.94 39.01
N TYR D 302 -25.84 -27.60 40.10
CA TYR D 302 -24.76 -27.19 40.98
C TYR D 302 -23.46 -27.24 40.19
N HIS D 303 -23.36 -28.24 39.32
CA HIS D 303 -22.19 -28.35 38.46
C HIS D 303 -22.19 -27.28 37.37
N ILE D 304 -23.33 -27.02 36.74
CA ILE D 304 -23.39 -25.91 35.78
C ILE D 304 -22.98 -24.58 36.45
N ARG D 305 -23.43 -24.29 37.67
CA ARG D 305 -23.00 -23.08 38.37
C ARG D 305 -21.50 -23.04 38.64
N ALA D 306 -20.87 -24.20 38.82
CA ALA D 306 -19.42 -24.28 39.06
C ALA D 306 -18.57 -24.31 37.76
N TYR D 307 -19.20 -24.42 36.59
CA TYR D 307 -18.49 -24.72 35.36
C TYR D 307 -18.20 -23.51 34.46
N ASP D 308 -18.56 -22.30 34.87
CA ASP D 308 -17.98 -21.08 34.27
C ASP D 308 -17.94 -19.93 35.27
N PRO D 309 -17.17 -18.86 34.99
CA PRO D 309 -17.06 -17.80 35.98
C PRO D 309 -18.30 -16.93 36.11
N LYS D 310 -19.31 -17.11 35.25
CA LYS D 310 -20.57 -16.41 35.46
C LYS D 310 -21.74 -17.34 35.85
N GLY D 311 -21.39 -18.43 36.54
CA GLY D 311 -22.36 -19.34 37.14
C GLY D 311 -23.35 -19.99 36.18
N GLY D 312 -22.93 -20.15 34.92
CA GLY D 312 -23.73 -20.82 33.90
C GLY D 312 -24.16 -19.91 32.74
N LEU D 313 -23.95 -18.61 32.86
CA LEU D 313 -24.39 -17.69 31.81
C LEU D 313 -23.53 -17.81 30.54
N ASP D 314 -22.24 -18.08 30.71
CA ASP D 314 -21.37 -18.16 29.56
C ASP D 314 -21.69 -19.46 28.84
N ASN D 315 -21.78 -20.56 29.57
CA ASN D 315 -22.15 -21.86 28.98
C ASN D 315 -23.54 -21.88 28.30
N ALA D 316 -24.43 -20.95 28.62
CA ALA D 316 -25.75 -20.94 27.97
C ALA D 316 -25.61 -20.79 26.45
N ARG D 317 -24.57 -20.07 26.01
CA ARG D 317 -24.28 -19.80 24.58
C ARG D 317 -23.62 -20.96 23.86
N ARG D 318 -23.06 -21.90 24.64
CA ARG D 318 -22.42 -23.10 24.10
C ARG D 318 -23.27 -24.39 24.27
N LEU D 319 -23.73 -24.64 25.51
CA LEU D 319 -24.38 -25.93 25.78
C LEU D 319 -25.79 -25.94 25.21
N THR D 320 -25.88 -26.19 23.89
CA THR D 320 -27.13 -26.13 23.14
C THR D 320 -27.72 -27.48 22.75
N GLY D 321 -26.95 -28.56 22.92
CA GLY D 321 -27.28 -29.86 22.35
C GLY D 321 -26.87 -29.99 20.88
N PHE D 322 -26.23 -28.97 20.35
CA PHE D 322 -25.68 -29.05 19.01
C PHE D 322 -24.16 -28.82 19.11
N HIS D 323 -23.48 -29.07 17.99
CA HIS D 323 -22.05 -28.80 17.82
C HIS D 323 -21.27 -29.57 18.87
N GLU D 324 -21.76 -30.79 19.10
CA GLU D 324 -21.12 -31.74 20.03
C GLU D 324 -21.17 -31.28 21.48
N THR D 325 -22.28 -30.65 21.83
CA THR D 325 -22.61 -30.35 23.21
C THR D 325 -23.88 -31.05 23.63
N SER D 326 -23.99 -31.25 24.93
CA SER D 326 -25.27 -31.53 25.55
C SER D 326 -26.04 -30.23 25.81
N ASN D 327 -27.35 -30.35 25.98
CA ASN D 327 -28.17 -29.19 26.36
C ASN D 327 -27.97 -28.80 27.81
N ILE D 328 -27.69 -27.52 28.05
CA ILE D 328 -27.45 -27.03 29.41
C ILE D 328 -28.52 -27.51 30.42
N ASN D 329 -29.79 -27.54 30.01
CA ASN D 329 -30.86 -28.00 30.90
C ASN D 329 -30.94 -29.52 31.11
N ASP D 330 -30.23 -30.35 30.35
CA ASP D 330 -30.45 -31.81 30.44
C ASP D 330 -29.19 -32.61 30.72
N PHE D 331 -29.19 -33.34 31.84
CA PHE D 331 -28.15 -34.30 32.15
C PHE D 331 -28.33 -35.63 31.39
N SER D 332 -27.26 -36.10 30.78
CA SER D 332 -27.23 -37.39 30.08
C SER D 332 -25.80 -37.97 30.11
N ALA D 333 -25.68 -39.30 30.01
CA ALA D 333 -24.38 -39.96 29.94
C ALA D 333 -24.47 -41.05 28.90
N GLY D 334 -23.35 -41.40 28.26
CA GLY D 334 -23.38 -42.39 27.20
C GLY D 334 -22.00 -42.79 26.72
N VAL D 335 -21.83 -44.04 26.32
CA VAL D 335 -20.53 -44.49 25.85
C VAL D 335 -20.25 -43.88 24.50
N ALA D 336 -19.07 -43.28 24.34
CA ALA D 336 -18.63 -42.77 23.01
C ALA D 336 -19.56 -41.69 22.45
N ASN D 337 -20.36 -41.05 23.32
CA ASN D 337 -21.43 -40.16 22.90
C ASN D 337 -21.08 -38.67 23.12
N ARG D 338 -20.67 -38.02 22.05
CA ARG D 338 -20.22 -36.63 22.12
C ARG D 338 -21.37 -35.63 22.21
N SER D 339 -22.59 -36.14 22.40
CA SER D 339 -23.78 -35.32 22.65
C SER D 339 -24.29 -35.35 24.09
N ALA D 340 -23.69 -36.22 24.91
CA ALA D 340 -24.11 -36.37 26.31
C ALA D 340 -23.35 -35.43 27.19
N SER D 341 -23.92 -35.15 28.36
CA SER D 341 -23.24 -34.39 29.41
C SER D 341 -21.95 -35.11 29.85
N ILE D 342 -22.05 -36.43 30.04
CA ILE D 342 -20.89 -37.27 30.31
C ILE D 342 -20.70 -38.33 29.20
N ARG D 343 -19.47 -38.47 28.73
CA ARG D 343 -19.08 -39.56 27.84
C ARG D 343 -18.16 -40.56 28.55
N ILE D 344 -18.47 -41.85 28.40
CA ILE D 344 -17.57 -42.94 28.78
C ILE D 344 -16.86 -43.25 27.47
N PRO D 345 -15.56 -42.96 27.41
CA PRO D 345 -14.86 -43.28 26.17
C PRO D 345 -14.96 -44.78 25.85
N ARG D 346 -15.04 -45.13 24.55
CA ARG D 346 -15.13 -46.52 24.11
C ARG D 346 -14.12 -47.44 24.81
N THR D 347 -12.87 -47.00 24.84
CA THR D 347 -11.80 -47.67 25.59
C THR D 347 -12.13 -48.09 26.99
N VAL D 348 -12.67 -47.16 27.73
CA VAL D 348 -13.06 -47.40 29.09
C VAL D 348 -14.22 -48.37 29.12
N GLY D 349 -15.20 -48.20 28.26
CA GLY D 349 -16.29 -49.16 28.18
C GLY D 349 -15.80 -50.58 27.97
N GLN D 350 -14.91 -50.76 27.01
CA GLN D 350 -14.39 -52.08 26.68
C GLN D 350 -13.55 -52.65 27.80
N GLU D 351 -12.72 -51.83 28.41
CA GLU D 351 -11.78 -52.35 29.38
C GLU D 351 -12.39 -52.51 30.75
N LYS D 352 -13.52 -51.85 30.97
CA LYS D 352 -14.31 -51.90 32.22
C LYS D 352 -13.57 -51.26 33.38
N LYS D 353 -12.74 -50.30 33.03
CA LYS D 353 -12.04 -49.51 34.01
C LYS D 353 -11.49 -48.28 33.27
N GLY D 354 -11.07 -47.28 34.04
CA GLY D 354 -10.52 -46.04 33.50
C GLY D 354 -11.14 -44.83 34.15
N TYR D 355 -11.74 -43.99 33.33
CA TYR D 355 -12.17 -42.65 33.74
C TYR D 355 -13.39 -42.27 32.91
N PHE D 356 -14.12 -41.25 33.36
CA PHE D 356 -15.20 -40.71 32.54
C PHE D 356 -14.87 -39.28 32.21
N GLU D 357 -15.59 -38.74 31.23
CA GLU D 357 -15.32 -37.41 30.69
C GLU D 357 -16.54 -36.55 30.99
N ASP D 358 -16.38 -35.52 31.80
CA ASP D 358 -17.43 -34.53 31.96
C ASP D 358 -17.32 -33.46 30.86
N ARG D 359 -18.26 -33.44 29.95
CA ARG D 359 -18.17 -32.55 28.78
C ARG D 359 -18.75 -31.15 28.96
N ARG D 360 -19.19 -30.82 30.18
CA ARG D 360 -19.90 -29.58 30.47
C ARG D 360 -19.04 -28.34 30.77
N PRO D 361 -17.91 -28.52 31.44
CA PRO D 361 -17.17 -27.27 31.71
C PRO D 361 -16.86 -26.40 30.47
N SER D 362 -17.07 -25.11 30.61
CA SER D 362 -16.64 -24.12 29.65
C SER D 362 -15.11 -24.03 29.47
N ALA D 363 -14.68 -23.70 28.25
CA ALA D 363 -13.28 -23.33 27.98
C ALA D 363 -12.76 -22.37 29.00
N ASN D 364 -13.63 -21.48 29.52
CA ASN D 364 -13.23 -20.39 30.46
C ASN D 364 -13.46 -20.66 31.95
N CYS D 365 -13.78 -21.90 32.29
CA CYS D 365 -13.91 -22.33 33.66
C CYS D 365 -12.61 -22.13 34.42
N ASP D 366 -12.71 -22.04 35.75
CA ASP D 366 -11.57 -22.11 36.67
C ASP D 366 -11.50 -23.56 37.11
N PRO D 367 -10.39 -24.24 36.80
CA PRO D 367 -10.24 -25.64 37.11
C PRO D 367 -10.35 -25.93 38.60
N PHE D 368 -10.06 -24.96 39.45
CA PHE D 368 -10.18 -25.22 40.88
C PHE D 368 -11.65 -25.40 41.23
N SER D 369 -12.53 -24.70 40.53
CA SER D 369 -13.96 -24.76 40.82
C SER D 369 -14.50 -26.07 40.26
N VAL D 370 -14.02 -26.41 39.07
CA VAL D 370 -14.44 -27.62 38.41
C VAL D 370 -13.98 -28.85 39.19
N THR D 371 -12.69 -28.95 39.52
CA THR D 371 -12.20 -30.16 40.14
C THR D 371 -12.79 -30.29 41.54
N GLU D 372 -13.00 -29.19 42.21
CA GLU D 372 -13.52 -29.22 43.57
C GLU D 372 -14.96 -29.75 43.54
N ALA D 373 -15.71 -29.36 42.49
CA ALA D 373 -17.13 -29.78 42.41
C ALA D 373 -17.22 -31.31 42.24
N LEU D 374 -16.39 -31.81 41.33
CA LEU D 374 -16.31 -33.25 41.09
C LEU D 374 -15.98 -34.02 42.39
N ILE D 375 -15.14 -33.46 43.28
CA ILE D 375 -14.75 -34.17 44.48
C ILE D 375 -15.90 -34.17 45.46
N ARG D 376 -16.46 -32.99 45.69
CA ARG D 376 -17.56 -32.84 46.61
C ARG D 376 -18.71 -33.77 46.28
N THR D 377 -19.03 -33.88 45.00
CA THR D 377 -20.19 -34.66 44.60
C THR D 377 -19.89 -36.16 44.54
N CYS D 378 -18.71 -36.52 44.04
CA CYS D 378 -18.41 -37.91 43.75
C CYS D 378 -17.70 -38.64 44.86
N LEU D 379 -16.94 -37.92 45.67
CA LEU D 379 -16.20 -38.55 46.75
C LEU D 379 -16.70 -38.16 48.14
N LEU D 380 -17.04 -36.89 48.36
CA LEU D 380 -17.54 -36.44 49.67
C LEU D 380 -19.07 -36.60 49.74
N ASN D 381 -19.70 -37.05 48.67
CA ASN D 381 -21.13 -37.35 48.71
C ASN D 381 -22.00 -36.20 49.23
N GLU D 382 -21.65 -34.97 48.90
CA GLU D 382 -22.49 -33.84 49.20
C GLU D 382 -23.71 -33.81 48.31
N THR D 383 -24.80 -33.31 48.88
CA THR D 383 -26.07 -33.17 48.16
C THR D 383 -26.67 -31.77 48.44
N GLY D 384 -27.56 -31.28 47.56
CA GLY D 384 -28.05 -29.88 47.66
C GLY D 384 -27.17 -28.83 46.96
N ASN E 29 19.01 -2.60 8.95
CA ASN E 29 18.36 -3.86 9.45
C ASN E 29 19.29 -4.70 10.35
N LYS E 30 18.74 -5.22 11.45
CA LYS E 30 19.59 -5.67 12.55
C LYS E 30 20.20 -7.06 12.34
N GLY E 31 19.67 -7.83 11.41
CA GLY E 31 20.37 -9.03 10.93
C GLY E 31 21.70 -8.75 10.21
N ILE E 32 21.78 -7.65 9.46
CA ILE E 32 23.06 -7.25 8.90
C ILE E 32 24.02 -6.86 10.03
N LYS E 33 23.59 -5.95 10.90
CA LYS E 33 24.43 -5.52 11.98
C LYS E 33 24.99 -6.74 12.73
N GLN E 34 24.15 -7.75 12.96
CA GLN E 34 24.56 -8.88 13.78
C GLN E 34 25.71 -9.68 13.18
N VAL E 35 25.75 -9.77 11.85
CA VAL E 35 26.89 -10.37 11.18
C VAL E 35 28.16 -9.63 11.55
N TYR E 36 28.13 -8.30 11.52
CA TYR E 36 29.31 -7.51 11.84
C TYR E 36 29.71 -7.70 13.27
N MET E 37 28.71 -7.72 14.15
CA MET E 37 28.99 -7.83 15.61
C MET E 37 29.56 -9.20 16.00
N SER E 38 29.41 -10.21 15.14
CA SER E 38 30.04 -11.50 15.34
C SER E 38 31.51 -11.52 15.03
N LEU E 39 32.03 -10.49 14.35
CA LEU E 39 33.48 -10.49 14.01
C LEU E 39 34.33 -10.38 15.28
N PRO E 40 35.26 -11.32 15.46
CA PRO E 40 36.19 -11.24 16.59
C PRO E 40 36.85 -9.88 16.64
N GLN E 41 36.85 -9.20 17.79
CA GLN E 41 37.36 -7.82 17.77
C GLN E 41 38.86 -7.65 17.93
N GLY E 42 39.52 -8.56 18.65
CA GLY E 42 40.97 -8.50 18.80
C GLY E 42 41.36 -8.01 20.17
N GLU E 43 42.51 -7.37 20.30
CA GLU E 43 42.99 -6.91 21.63
C GLU E 43 42.48 -5.50 22.04
N LYS E 44 41.98 -4.74 21.08
CA LYS E 44 41.41 -3.38 21.39
C LYS E 44 40.00 -3.46 22.02
N VAL E 45 39.70 -2.51 22.89
CA VAL E 45 38.46 -2.47 23.64
C VAL E 45 37.75 -1.16 23.33
N GLN E 46 36.43 -1.20 23.27
CA GLN E 46 35.62 0.02 23.13
C GLN E 46 35.07 0.44 24.46
N ALA E 47 35.18 1.74 24.75
CA ALA E 47 34.68 2.32 25.99
C ALA E 47 33.72 3.44 25.60
N MET E 48 32.44 3.30 25.93
CA MET E 48 31.46 4.35 25.62
C MET E 48 31.23 5.19 26.86
N TYR E 49 31.62 6.46 26.77
CA TYR E 49 31.46 7.41 27.86
C TYR E 49 30.09 8.04 27.73
N ILE E 50 29.43 8.21 28.88
CA ILE E 50 28.03 8.64 28.98
C ILE E 50 27.96 9.84 29.92
N TRP E 51 27.20 10.88 29.54
CA TRP E 51 27.00 11.99 30.43
C TRP E 51 25.64 12.64 30.28
N ILE E 52 25.29 13.38 31.33
CA ILE E 52 24.07 14.14 31.46
C ILE E 52 24.35 15.52 30.86
N ASP E 53 23.42 16.00 30.04
CA ASP E 53 23.65 17.21 29.26
C ASP E 53 23.14 18.46 29.95
N GLY E 54 23.10 19.58 29.22
CA GLY E 54 22.68 20.90 29.75
C GLY E 54 21.20 21.01 30.10
N THR E 55 20.40 20.03 29.67
CA THR E 55 18.99 19.96 30.08
C THR E 55 18.77 19.34 31.44
N GLY E 56 19.74 18.58 31.96
CA GLY E 56 19.57 17.81 33.19
C GLY E 56 18.78 16.53 32.99
N GLU E 57 18.30 16.30 31.77
CA GLU E 57 17.49 15.14 31.48
C GLU E 57 18.12 14.30 30.39
N GLY E 58 18.73 14.92 29.40
CA GLY E 58 19.23 14.19 28.25
C GLY E 58 20.58 13.54 28.51
N LEU E 59 20.73 12.31 28.01
CA LEU E 59 21.99 11.62 28.08
C LEU E 59 22.73 11.68 26.74
N ARG E 60 24.04 11.81 26.82
CA ARG E 60 24.91 11.86 25.65
C ARG E 60 25.96 10.80 25.81
N CYS E 61 26.47 10.34 24.70
CA CYS E 61 27.53 9.38 24.76
C CYS E 61 28.40 9.43 23.52
N LYS E 62 29.61 8.93 23.67
CA LYS E 62 30.54 8.72 22.56
C LYS E 62 31.61 7.68 22.94
N THR E 63 32.27 7.09 21.94
CA THR E 63 33.15 5.91 22.15
C THR E 63 34.60 6.15 21.83
N ARG E 64 35.51 5.67 22.68
CA ARG E 64 36.95 5.59 22.32
C ARG E 64 37.47 4.18 22.32
N THR E 65 38.53 3.94 21.57
CA THR E 65 39.24 2.65 21.50
C THR E 65 40.33 2.69 22.54
N LEU E 66 40.42 1.68 23.41
CA LEU E 66 41.50 1.58 24.40
C LEU E 66 42.39 0.43 23.99
N ASP E 67 43.63 0.44 24.44
CA ASP E 67 44.57 -0.64 24.18
C ASP E 67 44.34 -1.90 24.96
N SER E 68 43.65 -1.83 26.08
CA SER E 68 43.39 -3.06 26.82
C SER E 68 42.13 -2.92 27.64
N GLU E 69 41.67 -4.00 28.24
CA GLU E 69 40.48 -3.93 29.08
C GLU E 69 40.81 -3.30 30.42
N PRO E 70 40.09 -2.23 30.79
CA PRO E 70 40.22 -1.72 32.15
C PRO E 70 39.64 -2.69 33.20
N LYS E 71 40.37 -2.86 34.31
CA LYS E 71 39.98 -3.78 35.37
C LYS E 71 39.00 -3.10 36.29
N CYS E 72 39.03 -1.76 36.31
CA CYS E 72 38.05 -0.97 37.07
C CYS E 72 38.00 0.50 36.59
N VAL E 73 37.06 1.28 37.14
CA VAL E 73 36.81 2.63 36.63
C VAL E 73 38.02 3.55 36.79
N GLU E 74 38.92 3.24 37.73
CA GLU E 74 40.03 4.14 38.03
C GLU E 74 41.06 4.10 36.93
N GLU E 75 41.09 2.99 36.19
CA GLU E 75 41.97 2.85 35.02
C GLU E 75 41.47 3.55 33.73
N LEU E 76 40.22 4.01 33.73
CA LEU E 76 39.69 4.70 32.58
C LEU E 76 40.32 6.09 32.60
N PRO E 77 40.81 6.56 31.43
CA PRO E 77 41.32 7.93 31.34
C PRO E 77 40.20 8.95 31.36
N GLU E 78 40.58 10.18 31.70
CA GLU E 78 39.73 11.35 31.55
C GLU E 78 39.53 11.59 30.08
N TRP E 79 38.46 12.25 29.73
CA TRP E 79 38.22 12.64 28.36
C TRP E 79 37.48 13.98 28.34
N ASN E 80 36.94 14.33 27.18
CA ASN E 80 36.25 15.61 27.03
C ASN E 80 35.35 15.59 25.82
N PHE E 81 34.56 16.64 25.67
CA PHE E 81 33.58 16.74 24.64
C PHE E 81 33.31 18.20 24.32
N ASP E 82 32.59 18.41 23.20
CA ASP E 82 32.14 19.74 22.79
C ASP E 82 30.93 20.23 23.60
N GLY E 83 31.19 20.92 24.71
CA GLY E 83 30.11 21.53 25.50
C GLY E 83 29.18 22.49 24.72
N SER E 84 29.66 23.06 23.63
CA SER E 84 28.79 23.96 22.86
C SER E 84 27.73 23.23 22.04
N SER E 85 27.90 21.92 21.88
CA SER E 85 26.90 21.13 21.13
C SER E 85 25.96 20.37 22.08
N THR E 86 26.14 20.55 23.39
CA THR E 86 25.22 20.00 24.40
C THR E 86 24.59 21.07 25.31
N LEU E 87 24.63 22.32 24.87
CA LEU E 87 24.05 23.44 25.64
C LEU E 87 24.81 23.66 26.97
N GLN E 88 26.12 23.44 27.02
CA GLN E 88 26.81 23.54 28.32
C GLN E 88 28.01 24.50 28.37
N SER E 89 28.47 24.94 27.19
CA SER E 89 29.50 25.98 27.08
C SER E 89 29.44 26.69 25.70
N GLU E 90 30.33 27.67 25.49
CA GLU E 90 30.43 28.44 24.24
C GLU E 90 31.39 27.80 23.28
N GLY E 91 31.08 27.91 21.99
CA GLY E 91 31.91 27.34 20.92
C GLY E 91 33.39 27.69 20.98
N SER E 92 33.71 28.95 21.29
CA SER E 92 35.10 29.43 21.27
C SER E 92 35.95 29.05 22.53
N ASN E 93 35.33 28.42 23.51
CA ASN E 93 36.03 27.89 24.68
C ASN E 93 35.23 26.66 25.17
N SER E 94 35.20 25.63 24.32
CA SER E 94 34.12 24.64 24.29
C SER E 94 34.45 23.30 24.98
N ASP E 95 35.68 22.81 24.85
CA ASP E 95 36.07 21.58 25.56
C ASP E 95 35.48 21.60 26.99
N MET E 96 34.80 20.50 27.35
CA MET E 96 34.36 20.25 28.74
C MET E 96 34.87 18.87 29.13
N TYR E 97 35.28 18.73 30.40
CA TYR E 97 35.87 17.49 30.89
C TYR E 97 34.84 16.39 31.15
N LEU E 98 35.21 15.14 30.85
CA LEU E 98 34.50 13.96 31.35
C LEU E 98 35.44 13.21 32.27
N VAL E 99 35.00 12.98 33.50
CA VAL E 99 35.74 12.20 34.49
C VAL E 99 34.96 10.94 34.87
N PRO E 100 35.51 9.76 34.55
CA PRO E 100 34.82 8.50 34.83
C PRO E 100 34.33 8.40 36.27
N ALA E 101 33.13 7.87 36.46
CA ALA E 101 32.51 7.76 37.76
C ALA E 101 32.15 6.29 38.07
N ALA E 102 31.41 5.64 37.16
CA ALA E 102 30.99 4.23 37.29
C ALA E 102 31.07 3.49 35.92
N MET E 103 31.70 2.31 35.97
CA MET E 103 31.95 1.46 34.84
C MET E 103 31.05 0.22 34.87
N PHE E 104 30.59 -0.18 33.68
CA PHE E 104 29.72 -1.33 33.54
C PHE E 104 30.08 -2.04 32.26
N ARG E 105 29.68 -3.30 32.22
CA ARG E 105 29.85 -4.10 31.02
C ARG E 105 28.84 -3.62 29.98
N ASP E 106 29.28 -3.52 28.72
CA ASP E 106 28.47 -2.99 27.64
C ASP E 106 27.69 -4.17 27.07
N PRO E 107 26.37 -4.18 27.22
CA PRO E 107 25.52 -5.28 26.76
C PRO E 107 25.12 -5.11 25.28
N PHE E 108 25.48 -3.99 24.68
CA PHE E 108 25.29 -3.75 23.26
C PHE E 108 26.45 -4.30 22.47
N ARG E 109 27.64 -4.31 23.06
CA ARG E 109 28.85 -4.68 22.34
C ARG E 109 29.57 -5.86 22.98
N LYS E 110 29.10 -6.31 24.13
CA LYS E 110 29.72 -7.38 24.89
C LYS E 110 31.07 -7.13 25.49
N ASP E 111 31.54 -8.09 26.26
CA ASP E 111 32.85 -8.06 26.86
C ASP E 111 33.83 -8.12 25.75
N PRO E 112 34.87 -7.30 25.73
CA PRO E 112 35.45 -6.62 26.87
C PRO E 112 35.12 -5.16 26.94
N ASN E 113 34.02 -4.80 26.37
CA ASN E 113 33.68 -3.43 26.17
C ASN E 113 32.88 -2.85 27.28
N LYS E 114 33.02 -1.57 27.46
CA LYS E 114 32.53 -0.92 28.64
C LYS E 114 31.60 0.24 28.41
N LEU E 115 30.75 0.49 29.38
CA LEU E 115 29.99 1.74 29.45
C LEU E 115 30.59 2.48 30.64
N VAL E 116 30.70 3.79 30.57
CA VAL E 116 31.29 4.60 31.64
C VAL E 116 30.39 5.81 31.89
N LEU E 117 29.76 5.87 33.05
CA LEU E 117 28.97 7.04 33.40
C LEU E 117 29.97 8.05 33.91
N CYS E 118 29.97 9.25 33.38
CA CYS E 118 30.94 10.25 33.78
C CYS E 118 30.28 11.44 34.51
N GLU E 119 31.12 12.18 35.25
CA GLU E 119 30.81 13.52 35.71
C GLU E 119 31.39 14.53 34.70
N VAL E 120 30.66 15.64 34.52
CA VAL E 120 31.07 16.74 33.66
C VAL E 120 31.66 17.90 34.54
N PHE E 121 32.78 18.44 34.09
CA PHE E 121 33.31 19.66 34.67
C PHE E 121 33.54 20.72 33.60
N LYS E 122 33.45 21.99 34.01
CA LYS E 122 33.59 23.13 33.12
C LYS E 122 35.07 23.41 32.81
N TYR E 123 35.33 24.35 31.91
CA TYR E 123 36.71 24.81 31.55
C TYR E 123 37.63 25.08 32.74
N ASN E 124 37.04 25.59 33.82
CA ASN E 124 37.77 25.96 35.04
C ASN E 124 37.84 24.83 36.08
N ARG E 125 37.57 23.60 35.63
CA ARG E 125 37.51 22.40 36.51
C ARG E 125 36.42 22.38 37.58
N ARG E 126 35.49 23.33 37.57
CA ARG E 126 34.33 23.23 38.48
C ARG E 126 33.23 22.38 37.88
N PRO E 127 32.42 21.73 38.73
CA PRO E 127 31.32 20.91 38.22
C PRO E 127 30.34 21.68 37.34
N ALA E 128 29.84 21.03 36.28
CA ALA E 128 28.77 21.60 35.42
C ALA E 128 27.51 21.87 36.23
N GLU E 129 26.72 22.82 35.77
CA GLU E 129 25.44 23.15 36.38
C GLU E 129 24.55 21.93 36.59
N THR E 130 24.57 20.98 35.67
CA THR E 130 23.76 19.78 35.79
C THR E 130 24.58 18.60 36.31
N ASN E 131 25.78 18.84 36.83
CA ASN E 131 26.47 17.81 37.58
C ASN E 131 25.95 17.87 39.01
N LEU E 132 24.90 17.10 39.31
CA LEU E 132 24.34 17.01 40.64
C LEU E 132 24.97 15.86 41.38
N ARG E 133 25.76 15.04 40.68
CA ARG E 133 26.42 13.92 41.33
C ARG E 133 27.50 14.36 42.33
N HIS E 134 28.19 15.46 42.02
CA HIS E 134 29.37 15.87 42.78
C HIS E 134 29.06 16.09 44.27
N THR E 135 28.07 16.96 44.53
CA THR E 135 27.58 17.21 45.87
C THR E 135 26.89 16.00 46.49
N CYS E 136 26.10 15.28 45.72
CA CYS E 136 25.43 14.10 46.21
C CYS E 136 26.41 13.05 46.76
N LYS E 137 27.52 12.86 46.06
CA LYS E 137 28.49 11.87 46.50
C LYS E 137 29.10 12.25 47.82
N ARG E 138 29.40 13.53 48.00
CA ARG E 138 29.96 14.01 49.27
C ARG E 138 28.98 13.79 50.43
N ILE E 139 27.72 14.14 50.21
CA ILE E 139 26.67 13.94 51.22
C ILE E 139 26.55 12.45 51.62
N MET E 140 26.64 11.54 50.64
CA MET E 140 26.53 10.10 50.92
C MET E 140 27.74 9.53 51.65
N ASP E 141 28.92 10.06 51.37
CA ASP E 141 30.10 9.64 52.08
C ASP E 141 30.00 10.01 53.57
N MET E 142 29.43 11.18 53.86
CA MET E 142 29.25 11.61 55.21
C MET E 142 28.24 10.79 56.04
N VAL E 143 27.29 10.11 55.44
CA VAL E 143 26.31 9.34 56.22
C VAL E 143 26.50 7.80 56.03
N SER E 144 27.71 7.38 55.63
CA SER E 144 27.94 5.99 55.26
C SER E 144 27.82 4.98 56.42
N ASN E 145 28.07 5.45 57.64
CA ASN E 145 27.88 4.61 58.82
C ASN E 145 26.43 4.16 59.00
N GLN E 146 25.51 4.90 58.41
CA GLN E 146 24.10 4.55 58.45
C GLN E 146 23.60 3.76 57.24
N HIS E 147 24.53 3.52 56.30
CA HIS E 147 24.29 2.65 55.19
C HIS E 147 22.92 2.89 54.57
N PRO E 148 22.71 4.09 54.00
CA PRO E 148 21.46 4.39 53.33
C PRO E 148 21.26 3.57 52.05
N TRP E 149 20.10 2.91 51.96
CA TRP E 149 19.71 2.11 50.82
C TRP E 149 18.51 2.70 50.09
N PHE E 150 18.58 2.66 48.77
CA PHE E 150 17.55 3.22 47.92
C PHE E 150 17.11 2.19 46.90
N GLY E 151 15.81 2.23 46.60
CA GLY E 151 15.21 1.43 45.55
C GLY E 151 14.25 2.33 44.78
N MET E 152 14.54 2.58 43.50
CA MET E 152 13.75 3.51 42.73
C MET E 152 13.03 2.76 41.63
N GLU E 153 11.77 3.15 41.43
CA GLU E 153 10.86 2.49 40.50
C GLU E 153 10.65 3.43 39.30
N GLN E 154 11.42 3.14 38.26
CA GLN E 154 11.38 3.97 37.07
C GLN E 154 10.21 3.51 36.22
N GLU E 155 9.14 4.29 36.27
CA GLU E 155 8.01 4.06 35.38
C GLU E 155 8.38 4.86 34.14
N TYR E 156 7.83 4.46 33.00
CA TYR E 156 8.10 5.16 31.75
C TYR E 156 7.08 4.68 30.74
N THR E 157 6.96 5.38 29.62
CA THR E 157 5.99 4.98 28.61
C THR E 157 6.65 4.78 27.24
N LEU E 158 6.30 3.71 26.55
CA LEU E 158 6.91 3.47 25.24
C LEU E 158 6.07 4.22 24.20
N MET E 159 6.76 4.89 23.30
CA MET E 159 6.15 5.79 22.31
C MET E 159 6.65 5.45 20.93
N GLY E 160 5.72 5.50 19.99
CA GLY E 160 6.10 5.50 18.61
C GLY E 160 6.93 6.73 18.28
N THR E 161 7.70 6.62 17.24
CA THR E 161 8.48 7.76 16.74
C THR E 161 7.56 8.97 16.35
N ASP E 162 6.30 8.66 16.03
CA ASP E 162 5.27 9.66 15.76
C ASP E 162 4.72 10.37 17.00
N GLY E 163 5.22 10.10 18.20
CA GLY E 163 4.72 10.79 19.42
C GLY E 163 3.56 10.10 20.13
N HIS E 164 2.91 9.14 19.47
CA HIS E 164 1.75 8.44 20.03
C HIS E 164 2.23 7.19 20.74
N PRO E 165 1.61 6.83 21.87
CA PRO E 165 2.11 5.65 22.57
C PRO E 165 2.10 4.33 21.77
N PHE E 166 3.13 3.53 21.98
CA PHE E 166 3.34 2.27 21.27
C PHE E 166 2.17 1.33 21.45
N GLY E 167 1.68 0.77 20.35
CA GLY E 167 0.51 -0.10 20.33
C GLY E 167 -0.85 0.57 20.35
N TRP E 168 -0.89 1.88 20.61
CA TRP E 168 -2.16 2.55 20.70
C TRP E 168 -2.81 2.64 19.34
N PRO E 169 -4.15 2.65 19.33
CA PRO E 169 -4.79 2.88 18.06
C PRO E 169 -4.34 4.20 17.47
N SER E 170 -4.29 4.26 16.16
CA SER E 170 -3.77 5.43 15.51
C SER E 170 -4.78 6.57 15.58
N ASN E 171 -4.29 7.73 16.00
CA ASN E 171 -5.12 8.92 16.35
C ASN E 171 -6.19 8.62 17.38
N GLY E 172 -5.91 7.70 18.30
CA GLY E 172 -6.94 7.20 19.17
C GLY E 172 -6.48 6.51 20.43
N PHE E 173 -7.46 6.01 21.17
CA PHE E 173 -7.24 5.51 22.51
C PHE E 173 -7.62 4.05 22.58
N PRO E 174 -6.83 3.23 23.31
CA PRO E 174 -7.24 1.85 23.56
C PRO E 174 -8.37 1.88 24.56
N GLY E 175 -8.83 0.72 24.99
CA GLY E 175 -9.90 0.66 26.00
C GLY E 175 -9.40 1.20 27.34
N PRO E 176 -10.30 1.54 28.25
CA PRO E 176 -9.90 2.21 29.51
C PRO E 176 -8.99 1.35 30.38
N GLN E 177 -8.30 2.01 31.30
CA GLN E 177 -7.41 1.36 32.23
C GLN E 177 -8.17 0.35 33.04
N GLY E 178 -7.46 -0.70 33.43
CA GLY E 178 -8.04 -1.83 34.12
C GLY E 178 -7.19 -3.06 33.84
N PRO E 179 -7.17 -3.51 32.59
CA PRO E 179 -6.50 -4.76 32.21
C PRO E 179 -5.00 -4.72 31.88
N TYR E 180 -4.35 -3.56 31.91
CA TYR E 180 -2.97 -3.50 31.43
C TYR E 180 -1.93 -3.75 32.50
N TYR E 181 -2.21 -3.34 33.74
CA TYR E 181 -1.31 -3.54 34.87
C TYR E 181 -0.92 -5.01 35.02
N CYS E 182 0.38 -5.31 35.01
CA CYS E 182 0.87 -6.70 35.07
C CYS E 182 0.14 -7.66 34.12
N GLY E 183 -0.20 -7.19 32.91
CA GLY E 183 -1.06 -7.94 32.00
C GLY E 183 -0.33 -8.79 30.98
N VAL E 184 -1.04 -9.78 30.42
CA VAL E 184 -0.44 -10.69 29.49
C VAL E 184 -1.40 -10.86 28.31
N GLY E 185 -0.84 -10.78 27.10
CA GLY E 185 -1.60 -10.93 25.85
C GLY E 185 -1.31 -9.79 24.87
N ALA E 186 -1.24 -10.07 23.59
CA ALA E 186 -1.05 -9.04 22.56
C ALA E 186 -2.05 -7.87 22.66
N ASP E 187 -3.22 -8.10 23.24
CA ASP E 187 -4.21 -7.04 23.40
C ASP E 187 -4.01 -6.18 24.64
N ARG E 188 -3.01 -6.45 25.47
CA ARG E 188 -2.77 -5.57 26.63
C ARG E 188 -1.32 -5.33 27.11
N ALA E 189 -0.39 -6.19 26.74
CA ALA E 189 0.99 -5.92 27.06
C ALA E 189 1.63 -5.44 25.80
N TYR E 190 1.83 -4.13 25.67
CA TYR E 190 2.41 -3.50 24.49
C TYR E 190 3.86 -3.17 24.70
N GLY E 191 4.76 -3.93 24.09
CA GLY E 191 6.20 -3.62 24.15
C GLY E 191 7.05 -4.51 25.04
N ARG E 192 6.56 -5.67 25.46
CA ARG E 192 7.36 -6.56 26.34
C ARG E 192 8.77 -6.86 25.84
N ASP E 193 8.96 -6.89 24.53
CA ASP E 193 10.25 -7.13 23.97
C ASP E 193 11.28 -6.16 24.53
N ILE E 194 10.93 -4.87 24.59
CA ILE E 194 11.87 -3.88 25.15
C ILE E 194 12.25 -4.26 26.58
N VAL E 195 11.22 -4.55 27.38
CA VAL E 195 11.34 -4.80 28.83
C VAL E 195 12.27 -5.98 29.08
N GLU E 196 12.05 -7.06 28.32
CA GLU E 196 12.80 -8.28 28.44
C GLU E 196 14.24 -8.08 28.09
N ALA E 197 14.44 -7.43 26.94
CA ALA E 197 15.78 -7.08 26.44
C ALA E 197 16.52 -6.16 27.43
N HIS E 198 15.85 -5.11 27.87
CA HIS E 198 16.43 -4.20 28.90
C HIS E 198 16.82 -4.91 30.21
N TYR E 199 15.93 -5.77 30.67
CA TYR E 199 16.15 -6.54 31.90
C TYR E 199 17.47 -7.34 31.79
N ARG E 200 17.65 -7.97 30.64
CA ARG E 200 18.79 -8.83 30.40
C ARG E 200 20.05 -7.99 30.14
N ALA E 201 19.91 -6.86 29.45
CA ALA E 201 21.03 -5.96 29.23
C ALA E 201 21.57 -5.45 30.60
N CYS E 202 20.64 -5.08 31.48
CA CYS E 202 21.02 -4.62 32.83
C CYS E 202 21.72 -5.69 33.65
N LEU E 203 21.18 -6.91 33.66
CA LEU E 203 21.83 -8.00 34.38
C LEU E 203 23.25 -8.20 33.80
N TYR E 204 23.41 -8.21 32.48
CA TYR E 204 24.73 -8.36 31.86
C TYR E 204 25.66 -7.19 32.21
N ALA E 205 25.12 -5.97 32.14
CA ALA E 205 25.90 -4.78 32.47
C ALA E 205 26.40 -4.79 33.93
N GLY E 206 25.73 -5.53 34.82
CA GLY E 206 25.96 -5.34 36.26
C GLY E 206 25.11 -4.25 36.92
N VAL E 207 24.05 -3.77 36.27
CA VAL E 207 23.10 -2.85 36.93
C VAL E 207 22.18 -3.67 37.84
N LYS E 208 21.92 -3.16 39.05
CA LYS E 208 21.16 -3.85 40.06
C LYS E 208 19.65 -3.68 39.85
N ILE E 209 19.17 -4.31 38.79
CA ILE E 209 17.76 -4.35 38.42
C ILE E 209 17.06 -5.36 39.34
N ALA E 210 16.10 -4.89 40.13
CA ALA E 210 15.40 -5.70 41.14
C ALA E 210 14.14 -6.38 40.58
N GLY E 211 13.55 -5.81 39.55
CA GLY E 211 12.42 -6.46 38.87
C GLY E 211 11.74 -5.56 37.87
N THR E 212 10.61 -6.00 37.34
CA THR E 212 9.91 -5.24 36.32
C THR E 212 8.43 -5.54 36.45
N ASN E 213 7.61 -4.63 35.91
CA ASN E 213 6.17 -4.90 35.66
C ASN E 213 5.55 -3.96 34.62
N ALA E 214 4.63 -4.51 33.85
CA ALA E 214 3.66 -3.73 33.07
C ALA E 214 2.88 -2.84 34.04
N GLU E 215 2.65 -1.59 33.65
CA GLU E 215 1.91 -0.63 34.46
C GLU E 215 0.48 -0.36 34.00
N VAL E 216 -0.18 0.56 34.68
CA VAL E 216 -1.62 0.76 34.58
C VAL E 216 -2.06 1.33 33.21
N MET E 217 -1.28 2.24 32.67
CA MET E 217 -1.53 2.76 31.32
C MET E 217 -0.99 1.79 30.29
N PRO E 218 -1.74 1.52 29.21
CA PRO E 218 -1.18 0.63 28.24
C PRO E 218 0.05 1.25 27.59
N ALA E 219 1.03 0.40 27.29
CA ALA E 219 2.38 0.79 26.81
C ALA E 219 3.24 1.40 27.85
N GLN E 220 2.78 1.43 29.09
CA GLN E 220 3.57 1.96 30.21
C GLN E 220 4.15 0.81 31.02
N TRP E 221 5.43 0.93 31.35
CA TRP E 221 6.18 -0.16 31.98
C TRP E 221 6.96 0.36 33.18
N GLU E 222 7.63 -0.54 33.90
CA GLU E 222 8.37 -0.24 35.10
C GLU E 222 9.56 -1.18 35.27
N PHE E 223 10.69 -0.63 35.71
CA PHE E 223 11.72 -1.43 36.29
C PHE E 223 12.15 -0.80 37.61
N GLN E 224 12.61 -1.65 38.50
CA GLN E 224 13.00 -1.26 39.83
C GLN E 224 14.47 -1.42 39.91
N ILE E 225 15.15 -0.46 40.49
CA ILE E 225 16.58 -0.54 40.66
C ILE E 225 16.97 -0.41 42.13
N GLY E 226 17.55 -1.45 42.69
CA GLY E 226 17.97 -1.43 44.06
C GLY E 226 18.00 -2.77 44.71
N PRO E 227 18.22 -2.81 46.01
CA PRO E 227 18.56 -1.62 46.75
C PRO E 227 20.02 -1.24 46.59
N CYS E 228 20.26 0.02 46.32
CA CYS E 228 21.58 0.52 46.09
C CYS E 228 21.97 1.38 47.24
N GLU E 229 23.15 1.17 47.79
CA GLU E 229 23.64 1.99 48.87
C GLU E 229 24.26 3.25 48.28
N GLY E 230 23.93 4.39 48.87
CA GLY E 230 24.73 5.60 48.68
C GLY E 230 24.65 6.12 47.27
N ILE E 231 25.81 6.52 46.75
CA ILE E 231 25.88 7.15 45.45
C ILE E 231 25.58 6.17 44.29
N SER E 232 25.73 4.88 44.55
CA SER E 232 25.49 3.88 43.52
C SER E 232 24.01 3.84 43.06
N MET E 233 23.07 4.40 43.84
CA MET E 233 21.67 4.47 43.38
C MET E 233 21.57 5.31 42.12
N GLY E 234 22.05 6.54 42.21
CA GLY E 234 22.06 7.46 41.08
C GLY E 234 22.84 6.87 39.92
N ASP E 235 24.04 6.39 40.19
CA ASP E 235 24.84 5.72 39.18
C ASP E 235 24.06 4.60 38.42
N HIS E 236 23.51 3.65 39.19
CA HIS E 236 22.83 2.51 38.59
C HIS E 236 21.56 2.95 37.84
N LEU E 237 20.80 3.90 38.37
CA LEU E 237 19.59 4.32 37.62
C LEU E 237 19.94 5.02 36.31
N TRP E 238 20.87 5.98 36.34
CA TRP E 238 21.23 6.70 35.11
C TRP E 238 21.71 5.72 34.02
N VAL E 239 22.53 4.74 34.39
CA VAL E 239 23.01 3.79 33.40
C VAL E 239 21.85 2.92 33.02
N ALA E 240 20.97 2.60 33.98
CA ALA E 240 19.72 1.87 33.68
C ALA E 240 18.93 2.58 32.60
N ARG E 241 18.87 3.90 32.76
CA ARG E 241 18.13 4.76 31.83
C ARG E 241 18.75 4.81 30.48
N PHE E 242 20.06 4.92 30.46
CA PHE E 242 20.80 4.89 29.18
C PHE E 242 20.56 3.59 28.45
N ILE E 243 20.60 2.48 29.16
CA ILE E 243 20.35 1.17 28.55
C ILE E 243 18.93 1.11 28.01
N LEU E 244 17.95 1.69 28.72
CA LEU E 244 16.56 1.70 28.19
C LEU E 244 16.53 2.42 26.81
N HIS E 245 17.11 3.60 26.74
CA HIS E 245 17.09 4.35 25.51
C HIS E 245 17.81 3.65 24.34
N ARG E 246 19.00 3.08 24.61
CA ARG E 246 19.71 2.35 23.57
C ARG E 246 18.94 1.14 23.17
N VAL E 247 18.41 0.40 24.15
CA VAL E 247 17.56 -0.72 23.82
C VAL E 247 16.40 -0.26 22.93
N CYS E 248 15.73 0.82 23.32
CA CYS E 248 14.52 1.26 22.57
C CYS E 248 14.89 1.69 21.18
N GLU E 249 16.04 2.36 21.10
CA GLU E 249 16.60 2.77 19.80
C GLU E 249 16.67 1.59 18.86
N ASP E 250 17.21 0.47 19.31
CA ASP E 250 17.22 -0.75 18.50
C ASP E 250 15.86 -1.21 18.02
N PHE E 251 14.81 -1.08 18.83
CA PHE E 251 13.47 -1.49 18.42
C PHE E 251 12.71 -0.40 17.68
N GLY E 252 13.36 0.73 17.42
CA GLY E 252 12.70 1.81 16.70
C GLY E 252 11.60 2.53 17.45
N VAL E 253 11.68 2.54 18.81
CA VAL E 253 10.73 3.23 19.66
C VAL E 253 11.43 4.15 20.64
N ILE E 254 10.62 4.93 21.36
CA ILE E 254 11.07 6.01 22.23
C ILE E 254 10.60 5.68 23.65
N ALA E 255 11.49 5.86 24.65
CA ALA E 255 11.09 5.84 26.06
C ALA E 255 10.96 7.27 26.54
N THR E 256 9.81 7.58 27.13
CA THR E 256 9.60 8.87 27.75
C THR E 256 9.50 8.72 29.28
N PHE E 257 10.16 9.61 29.99
CA PHE E 257 10.05 9.73 31.44
C PHE E 257 9.22 10.90 31.83
N ASP E 258 8.37 11.41 30.93
CA ASP E 258 7.52 12.53 31.31
C ASP E 258 6.49 12.07 32.32
N PRO E 259 6.32 12.80 33.40
CA PRO E 259 5.35 12.38 34.41
C PRO E 259 3.90 12.31 33.99
N LYS E 260 3.49 12.95 32.92
CA LYS E 260 2.08 12.89 32.48
C LYS E 260 2.00 12.95 30.95
N PRO E 261 2.42 11.88 30.30
CA PRO E 261 2.52 11.90 28.84
C PRO E 261 1.17 12.00 28.15
N ILE E 262 0.13 11.42 28.72
CA ILE E 262 -1.19 11.58 28.12
C ILE E 262 -2.12 12.20 29.13
N PRO E 263 -2.58 13.42 28.86
CA PRO E 263 -3.49 14.07 29.78
C PRO E 263 -4.82 13.35 29.87
N GLY E 264 -5.52 13.50 30.99
CA GLY E 264 -6.87 12.99 31.14
C GLY E 264 -6.86 11.72 31.97
N ASN E 265 -7.79 10.81 31.68
CA ASN E 265 -7.97 9.59 32.48
C ASN E 265 -6.94 8.49 32.18
N TRP E 266 -5.66 8.82 32.35
CA TRP E 266 -4.56 7.89 32.11
C TRP E 266 -3.53 8.16 33.14
N ASN E 267 -2.90 7.11 33.62
CA ASN E 267 -1.93 7.27 34.67
C ASN E 267 -0.70 8.00 34.21
N GLY E 268 -0.15 8.82 35.08
CA GLY E 268 1.15 9.42 34.93
C GLY E 268 2.25 8.47 35.35
N ALA E 269 3.47 8.98 35.36
CA ALA E 269 4.69 8.18 35.49
C ALA E 269 5.53 8.78 36.59
N GLY E 270 5.80 7.98 37.61
CA GLY E 270 6.60 8.46 38.72
C GLY E 270 7.89 7.69 38.88
N CYS E 271 8.66 8.07 39.89
CA CYS E 271 9.87 7.37 40.24
C CYS E 271 9.95 7.19 41.77
N HIS E 272 8.97 6.47 42.30
CA HIS E 272 8.88 6.19 43.72
C HIS E 272 10.26 5.81 44.23
N THR E 273 10.69 6.45 45.31
CA THR E 273 12.00 6.15 45.90
C THR E 273 11.80 5.52 47.26
N ASN E 274 12.20 4.25 47.37
CA ASN E 274 12.14 3.54 48.64
C ASN E 274 13.43 3.82 49.39
N PHE E 275 13.35 3.97 50.71
CA PHE E 275 14.48 4.42 51.50
C PHE E 275 14.51 3.76 52.85
N SER E 276 15.72 3.40 53.25
CA SER E 276 15.95 2.83 54.55
C SER E 276 17.39 3.06 54.93
N THR E 277 17.59 3.22 56.23
CA THR E 277 18.90 3.20 56.85
C THR E 277 19.06 1.84 57.55
N LYS E 278 20.27 1.62 58.05
CA LYS E 278 20.55 0.45 58.84
C LYS E 278 19.58 0.31 60.02
N ALA E 279 19.39 1.40 60.77
CA ALA E 279 18.53 1.37 61.94
C ALA E 279 17.11 0.96 61.53
N MET E 280 16.64 1.48 60.39
CA MET E 280 15.25 1.18 59.92
C MET E 280 15.02 -0.30 59.57
N ARG E 281 16.12 -0.99 59.25
CA ARG E 281 16.09 -2.39 58.80
C ARG E 281 16.25 -3.35 59.96
N GLU E 282 16.67 -2.81 61.10
CA GLU E 282 16.79 -3.63 62.30
C GLU E 282 15.44 -3.81 62.98
N GLU E 283 15.35 -4.77 63.90
CA GLU E 283 14.12 -5.03 64.65
C GLU E 283 13.57 -3.73 65.27
N ASN E 284 12.29 -3.50 65.05
CA ASN E 284 11.60 -2.28 65.45
C ASN E 284 12.10 -1.01 64.77
N GLY E 285 12.57 -1.15 63.53
CA GLY E 285 13.04 0.01 62.78
C GLY E 285 11.92 0.96 62.38
N LEU E 286 10.69 0.48 62.44
CA LEU E 286 9.55 1.32 62.13
C LEU E 286 9.55 2.60 62.95
N LYS E 287 10.08 2.56 64.17
CA LYS E 287 10.26 3.76 64.99
C LYS E 287 10.95 4.87 64.18
N TYR E 288 12.04 4.49 63.50
CA TYR E 288 12.89 5.42 62.75
C TYR E 288 12.31 5.77 61.39
N ILE E 289 11.58 4.85 60.80
CA ILE E 289 10.83 5.13 59.62
C ILE E 289 9.87 6.28 59.95
N GLU E 290 9.20 6.16 61.09
CA GLU E 290 8.20 7.15 61.47
C GLU E 290 8.84 8.49 61.79
N GLU E 291 10.03 8.48 62.39
CA GLU E 291 10.78 9.73 62.60
C GLU E 291 11.18 10.38 61.27
N ALA E 292 11.52 9.55 60.30
CA ALA E 292 11.93 10.05 58.99
C ALA E 292 10.75 10.71 58.27
N ILE E 293 9.60 10.07 58.35
CA ILE E 293 8.40 10.58 57.70
C ILE E 293 8.00 11.91 58.34
N GLU E 294 8.11 11.96 59.66
CA GLU E 294 7.83 13.15 60.43
C GLU E 294 8.70 14.30 59.96
N LYS E 295 9.97 14.02 59.76
CA LYS E 295 10.87 15.04 59.25
C LYS E 295 10.50 15.48 57.84
N LEU E 296 10.19 14.52 56.97
CA LEU E 296 9.78 14.84 55.61
C LEU E 296 8.52 15.69 55.59
N SER E 297 7.65 15.53 56.60
CA SER E 297 6.37 16.21 56.64
C SER E 297 6.52 17.71 56.82
N LYS E 298 7.72 18.13 57.20
CA LYS E 298 8.04 19.54 57.39
C LYS E 298 8.83 20.16 56.26
N ARG E 299 9.21 19.36 55.28
CA ARG E 299 10.07 19.83 54.21
C ARG E 299 9.50 19.41 52.85
N HIS E 300 8.18 19.42 52.76
CA HIS E 300 7.45 19.02 51.58
C HIS E 300 7.85 19.82 50.34
N GLN E 301 7.74 21.15 50.36
CA GLN E 301 8.05 22.00 49.20
C GLN E 301 9.47 21.82 48.70
N TYR E 302 10.42 21.79 49.63
CA TYR E 302 11.81 21.59 49.32
C TYR E 302 12.00 20.31 48.54
N HIS E 303 11.32 19.25 48.96
CA HIS E 303 11.35 17.97 48.24
C HIS E 303 10.62 18.04 46.90
N ILE E 304 9.42 18.60 46.83
CA ILE E 304 8.82 18.85 45.51
C ILE E 304 9.76 19.58 44.52
N ARG E 305 10.50 20.59 44.99
CA ARG E 305 11.48 21.27 44.14
C ARG E 305 12.69 20.41 43.75
N ALA E 306 13.04 19.43 44.59
CA ALA E 306 14.12 18.50 44.30
C ALA E 306 13.71 17.34 43.36
N TYR E 307 12.42 17.19 43.08
CA TYR E 307 11.86 15.93 42.59
C TYR E 307 11.46 15.94 41.12
N ASP E 308 11.65 17.07 40.43
CA ASP E 308 11.69 17.10 38.97
C ASP E 308 12.67 18.19 38.48
N PRO E 309 13.14 18.11 37.22
CA PRO E 309 14.16 19.05 36.78
C PRO E 309 13.62 20.44 36.54
N LYS E 310 12.31 20.66 36.63
CA LYS E 310 11.78 22.01 36.52
C LYS E 310 11.23 22.49 37.86
N GLY E 311 11.86 22.04 38.95
CA GLY E 311 11.55 22.51 40.29
C GLY E 311 10.15 22.22 40.79
N GLY E 312 9.44 21.27 40.16
CA GLY E 312 8.05 20.96 40.52
C GLY E 312 6.98 21.23 39.48
N LEU E 313 7.32 21.96 38.40
CA LEU E 313 6.34 22.30 37.35
C LEU E 313 5.91 21.06 36.58
N ASP E 314 6.83 20.11 36.40
CA ASP E 314 6.48 18.87 35.71
C ASP E 314 5.56 17.97 36.59
N ASN E 315 5.86 17.83 37.87
CA ASN E 315 5.02 17.01 38.74
C ASN E 315 3.65 17.66 38.94
N ALA E 316 3.55 18.95 38.65
CA ALA E 316 2.27 19.60 38.78
C ALA E 316 1.21 18.90 37.92
N ARG E 317 1.63 18.24 36.83
CA ARG E 317 0.69 17.56 35.89
C ARG E 317 0.38 16.09 36.29
N ARG E 318 1.23 15.51 37.11
CA ARG E 318 1.00 14.17 37.72
C ARG E 318 0.34 14.22 39.11
N LEU E 319 0.95 14.98 40.03
CA LEU E 319 0.58 14.91 41.44
C LEU E 319 -0.73 15.66 41.66
N THR E 320 -1.82 15.03 41.26
CA THR E 320 -3.13 15.61 41.27
C THR E 320 -3.99 15.02 42.38
N GLY E 321 -3.52 13.94 42.99
CA GLY E 321 -4.29 13.23 43.99
C GLY E 321 -5.23 12.25 43.34
N PHE E 322 -5.12 12.02 42.03
CA PHE E 322 -5.86 10.95 41.37
C PHE E 322 -4.84 10.05 40.71
N HIS E 323 -5.30 8.95 40.14
CA HIS E 323 -4.45 8.04 39.36
C HIS E 323 -3.24 7.54 40.15
N GLU E 324 -3.55 7.22 41.41
CA GLU E 324 -2.61 6.67 42.39
C GLU E 324 -1.49 7.68 42.74
N THR E 325 -1.87 8.94 42.93
CA THR E 325 -0.92 9.99 43.29
C THR E 325 -1.45 10.74 44.50
N SER E 326 -0.56 11.47 45.16
CA SER E 326 -0.95 12.40 46.19
C SER E 326 -1.13 13.74 45.49
N ASN E 327 -1.84 14.68 46.10
CA ASN E 327 -1.92 16.04 45.54
C ASN E 327 -0.62 16.78 45.81
N ILE E 328 -0.12 17.54 44.85
CA ILE E 328 1.18 18.22 44.99
C ILE E 328 1.27 19.18 46.18
N ASN E 329 0.15 19.75 46.62
CA ASN E 329 0.14 20.69 47.77
C ASN E 329 0.07 20.02 49.15
N ASP E 330 -0.27 18.72 49.23
CA ASP E 330 -0.59 18.05 50.50
C ASP E 330 0.22 16.81 50.86
N PHE E 331 1.10 16.95 51.85
CA PHE E 331 1.79 15.83 52.47
C PHE E 331 0.90 14.87 53.26
N SER E 332 1.09 13.57 53.05
CA SER E 332 0.37 12.55 53.78
C SER E 332 1.18 11.27 53.78
N ALA E 333 0.98 10.43 54.80
CA ALA E 333 1.58 9.11 54.83
C ALA E 333 0.53 8.09 55.26
N GLY E 334 0.73 6.82 54.89
CA GLY E 334 -0.21 5.79 55.28
C GLY E 334 0.28 4.42 54.91
N VAL E 335 -0.19 3.41 55.64
CA VAL E 335 0.21 2.04 55.39
C VAL E 335 -0.54 1.54 54.17
N ALA E 336 0.20 1.00 53.20
CA ALA E 336 -0.38 0.41 51.97
C ALA E 336 -1.24 1.39 51.22
N ASN E 337 -0.95 2.68 51.35
CA ASN E 337 -1.78 3.75 50.76
C ASN E 337 -1.15 4.42 49.51
N ARG E 338 -1.62 3.97 48.35
CA ARG E 338 -1.13 4.48 47.05
C ARG E 338 -1.67 5.88 46.67
N SER E 339 -2.37 6.51 47.61
CA SER E 339 -2.75 7.92 47.50
C SER E 339 -1.94 8.83 48.37
N ALA E 340 -1.09 8.28 49.23
CA ALA E 340 -0.30 9.12 50.15
C ALA E 340 0.99 9.55 49.47
N SER E 341 1.57 10.66 49.96
CA SER E 341 2.89 11.08 49.57
C SER E 341 3.93 10.01 49.91
N ILE E 342 3.91 9.52 51.15
CA ILE E 342 4.70 8.36 51.55
C ILE E 342 3.79 7.17 51.85
N ARG E 343 4.17 6.00 51.38
CA ARG E 343 3.48 4.77 51.74
C ARG E 343 4.42 3.89 52.51
N ILE E 344 3.92 3.35 53.60
CA ILE E 344 4.59 2.31 54.32
C ILE E 344 3.98 1.01 53.80
N PRO E 345 4.80 0.22 53.11
CA PRO E 345 4.27 -1.04 52.59
C PRO E 345 3.69 -1.89 53.70
N ARG E 346 2.67 -2.68 53.36
CA ARG E 346 2.07 -3.57 54.34
C ARG E 346 3.11 -4.42 55.05
N THR E 347 3.97 -5.08 54.29
CA THR E 347 5.05 -5.90 54.85
C THR E 347 5.86 -5.25 55.97
N VAL E 348 6.19 -3.99 55.76
CA VAL E 348 6.99 -3.20 56.67
C VAL E 348 6.17 -2.86 57.92
N GLY E 349 4.89 -2.60 57.73
CA GLY E 349 3.99 -2.37 58.87
C GLY E 349 3.88 -3.63 59.72
N GLN E 350 3.73 -4.78 59.09
CA GLN E 350 3.62 -6.04 59.83
C GLN E 350 4.93 -6.34 60.56
N GLU E 351 6.04 -6.29 59.84
CA GLU E 351 7.32 -6.74 60.37
C GLU E 351 7.96 -5.72 61.31
N LYS E 352 7.47 -4.48 61.25
CA LYS E 352 7.93 -3.34 62.08
C LYS E 352 9.40 -3.01 61.83
N LYS E 353 9.84 -3.32 60.62
CA LYS E 353 11.13 -2.95 60.16
C LYS E 353 11.08 -2.95 58.63
N GLY E 354 12.02 -2.22 58.01
CA GLY E 354 12.18 -2.22 56.55
C GLY E 354 12.47 -0.85 56.00
N TYR E 355 11.56 -0.38 55.15
CA TYR E 355 11.77 0.86 54.38
C TYR E 355 10.43 1.56 54.18
N PHE E 356 10.48 2.87 53.94
CA PHE E 356 9.31 3.59 53.43
C PHE E 356 9.49 3.95 51.95
N GLU E 357 8.37 4.28 51.31
CA GLU E 357 8.32 4.61 49.88
C GLU E 357 7.87 6.07 49.70
N ASP E 358 8.76 6.91 49.20
CA ASP E 358 8.39 8.27 48.84
C ASP E 358 7.82 8.25 47.40
N ARG E 359 6.52 8.55 47.28
CA ARG E 359 5.83 8.37 46.01
C ARG E 359 5.76 9.64 45.21
N ARG E 360 6.41 10.69 45.72
CA ARG E 360 6.36 11.99 45.08
C ARG E 360 7.27 12.21 43.87
N PRO E 361 8.46 11.59 43.82
CA PRO E 361 9.32 11.94 42.67
C PRO E 361 8.75 11.60 41.28
N SER E 362 8.90 12.54 40.36
CA SER E 362 8.60 12.33 38.94
C SER E 362 9.45 11.23 38.28
N ALA E 363 8.86 10.61 37.25
CA ALA E 363 9.60 9.68 36.43
C ALA E 363 10.83 10.36 35.85
N ASN E 364 10.79 11.69 35.59
CA ASN E 364 11.96 12.40 35.03
C ASN E 364 12.94 13.04 36.02
N CYS E 365 12.84 12.70 37.31
CA CYS E 365 13.77 13.21 38.29
C CYS E 365 15.21 12.79 38.04
N ASP E 366 16.12 13.47 38.70
CA ASP E 366 17.53 13.13 38.70
C ASP E 366 17.70 12.46 40.06
N PRO E 367 18.05 11.17 40.06
CA PRO E 367 18.22 10.45 41.30
C PRO E 367 19.26 11.06 42.22
N PHE E 368 20.22 11.81 41.72
CA PHE E 368 21.19 12.42 42.65
C PHE E 368 20.54 13.53 43.51
N SER E 369 19.58 14.24 42.92
CA SER E 369 18.81 15.27 43.60
C SER E 369 17.82 14.61 44.56
N VAL E 370 17.13 13.56 44.10
CA VAL E 370 16.14 12.85 44.96
C VAL E 370 16.84 12.23 46.17
N THR E 371 17.88 11.45 45.93
CA THR E 371 18.58 10.78 47.04
C THR E 371 19.29 11.76 48.02
N GLU E 372 19.82 12.86 47.49
CA GLU E 372 20.49 13.84 48.32
C GLU E 372 19.48 14.52 49.22
N ALA E 373 18.30 14.83 48.69
CA ALA E 373 17.33 15.54 49.49
C ALA E 373 16.92 14.64 50.67
N LEU E 374 16.70 13.37 50.37
CA LEU E 374 16.30 12.41 51.42
C LEU E 374 17.36 12.32 52.53
N ILE E 375 18.65 12.40 52.20
CA ILE E 375 19.68 12.32 53.23
C ILE E 375 19.68 13.61 54.04
N ARG E 376 19.69 14.75 53.37
CA ARG E 376 19.72 16.01 54.06
C ARG E 376 18.55 16.18 55.02
N THR E 377 17.35 15.84 54.56
CA THR E 377 16.18 15.98 55.44
C THR E 377 16.11 14.89 56.50
N CYS E 378 16.44 13.65 56.15
CA CYS E 378 16.28 12.57 57.13
C CYS E 378 17.47 12.25 58.01
N LEU E 379 18.69 12.38 57.52
CA LEU E 379 19.85 12.04 58.33
C LEU E 379 20.61 13.26 58.82
N LEU E 380 20.70 14.30 58.01
CA LEU E 380 21.46 15.49 58.37
C LEU E 380 20.64 16.58 59.10
N ASN E 381 19.32 16.41 59.15
CA ASN E 381 18.42 17.28 59.93
C ASN E 381 18.37 18.73 59.48
N GLU E 382 18.57 18.97 58.20
CA GLU E 382 18.40 20.31 57.66
C GLU E 382 16.93 20.77 57.70
N THR E 383 16.69 22.07 57.71
CA THR E 383 15.31 22.61 57.83
C THR E 383 14.99 23.89 57.04
N ASN F 29 -10.12 18.38 -1.59
CA ASN F 29 -10.45 17.86 -2.98
C ASN F 29 -11.16 18.89 -3.91
N LYS F 30 -10.90 18.81 -5.22
CA LYS F 30 -11.30 19.90 -6.11
C LYS F 30 -12.78 19.90 -6.50
N GLY F 31 -13.47 18.77 -6.35
CA GLY F 31 -14.90 18.70 -6.61
C GLY F 31 -15.66 19.48 -5.55
N ILE F 32 -15.16 19.37 -4.33
CA ILE F 32 -15.73 20.08 -3.21
C ILE F 32 -15.59 21.57 -3.49
N LYS F 33 -14.38 22.02 -3.82
CA LYS F 33 -14.16 23.43 -4.08
C LYS F 33 -15.12 23.94 -5.16
N GLN F 34 -15.26 23.17 -6.23
CA GLN F 34 -16.01 23.64 -7.36
C GLN F 34 -17.46 23.98 -6.99
N VAL F 35 -18.01 23.25 -6.03
CA VAL F 35 -19.40 23.44 -5.58
C VAL F 35 -19.56 24.79 -4.94
N TYR F 36 -18.61 25.16 -4.08
CA TYR F 36 -18.62 26.49 -3.46
C TYR F 36 -18.40 27.57 -4.49
N MET F 37 -17.56 27.27 -5.49
CA MET F 37 -17.29 28.27 -6.52
C MET F 37 -18.51 28.49 -7.42
N SER F 38 -19.40 27.50 -7.50
CA SER F 38 -20.69 27.67 -8.21
C SER F 38 -21.71 28.55 -7.50
N LEU F 39 -21.50 28.87 -6.23
CA LEU F 39 -22.41 29.77 -5.54
C LEU F 39 -22.29 31.15 -6.19
N PRO F 40 -23.41 31.77 -6.53
CA PRO F 40 -23.36 33.16 -7.02
C PRO F 40 -22.86 34.10 -5.94
N GLN F 41 -21.89 34.94 -6.27
CA GLN F 41 -21.22 35.73 -5.25
C GLN F 41 -21.92 37.04 -4.85
N GLY F 42 -22.91 37.51 -5.62
CA GLY F 42 -23.61 38.75 -5.29
C GLY F 42 -22.88 39.96 -5.85
N GLU F 43 -23.13 41.14 -5.27
CA GLU F 43 -22.58 42.39 -5.79
C GLU F 43 -21.08 42.68 -5.42
N LYS F 44 -20.58 42.15 -4.31
CA LYS F 44 -19.15 42.29 -3.96
C LYS F 44 -18.20 41.63 -5.00
N VAL F 45 -17.01 42.19 -5.12
CA VAL F 45 -16.01 41.77 -6.12
C VAL F 45 -14.67 41.48 -5.42
N GLN F 46 -13.92 40.52 -5.94
CA GLN F 46 -12.63 40.17 -5.35
C GLN F 46 -11.53 40.71 -6.25
N ALA F 47 -10.52 41.31 -5.65
CA ALA F 47 -9.36 41.83 -6.39
C ALA F 47 -8.10 41.25 -5.75
N MET F 48 -7.37 40.48 -6.55
CA MET F 48 -6.13 39.86 -6.10
C MET F 48 -4.98 40.72 -6.60
N TYR F 49 -4.21 41.26 -5.66
CA TYR F 49 -3.07 42.10 -5.97
C TYR F 49 -1.83 41.23 -6.04
N ILE F 50 -1.03 41.39 -7.10
CA ILE F 50 0.16 40.57 -7.32
C ILE F 50 1.42 41.44 -7.28
N TRP F 51 2.47 40.96 -6.63
CA TRP F 51 3.74 41.67 -6.67
C TRP F 51 4.96 40.80 -6.61
N ILE F 52 6.11 41.41 -6.94
CA ILE F 52 7.40 40.75 -7.00
C ILE F 52 8.08 41.00 -5.66
N ASP F 53 8.63 39.94 -5.08
CA ASP F 53 9.15 40.01 -3.73
C ASP F 53 10.62 40.45 -3.73
N GLY F 54 11.26 40.25 -2.57
CA GLY F 54 12.63 40.62 -2.33
C GLY F 54 13.64 39.81 -3.11
N THR F 55 13.21 38.67 -3.61
CA THR F 55 14.08 37.80 -4.41
C THR F 55 14.19 38.29 -5.86
N GLY F 56 13.23 39.13 -6.30
CA GLY F 56 13.14 39.52 -7.70
C GLY F 56 12.72 38.43 -8.69
N GLU F 57 12.41 37.24 -8.17
CA GLU F 57 11.82 36.14 -8.96
C GLU F 57 10.46 35.69 -8.40
N GLY F 58 10.24 35.86 -7.11
CA GLY F 58 9.05 35.38 -6.44
C GLY F 58 7.85 36.31 -6.56
N LEU F 59 6.70 35.70 -6.80
CA LEU F 59 5.45 36.41 -6.88
C LEU F 59 4.72 36.24 -5.56
N ARG F 60 4.08 37.32 -5.11
CA ARG F 60 3.22 37.28 -3.92
C ARG F 60 1.86 37.82 -4.31
N CYS F 61 0.86 37.47 -3.52
CA CYS F 61 -0.46 38.04 -3.72
C CYS F 61 -1.37 37.93 -2.51
N LYS F 62 -2.39 38.79 -2.50
CA LYS F 62 -3.47 38.74 -1.53
C LYS F 62 -4.70 39.46 -2.10
N THR F 63 -5.85 39.24 -1.47
CA THR F 63 -7.17 39.61 -2.00
C THR F 63 -7.92 40.57 -1.10
N ARG F 64 -8.65 41.51 -1.69
CA ARG F 64 -9.55 42.38 -0.95
C ARG F 64 -10.92 42.40 -1.66
N THR F 65 -11.97 42.72 -0.90
CA THR F 65 -13.33 42.82 -1.43
C THR F 65 -13.56 44.27 -1.87
N LEU F 66 -14.15 44.48 -3.04
CA LEU F 66 -14.52 45.82 -3.51
C LEU F 66 -16.04 45.88 -3.59
N ASP F 67 -16.60 47.08 -3.43
CA ASP F 67 -18.05 47.27 -3.48
C ASP F 67 -18.62 47.03 -4.88
N SER F 68 -17.80 47.26 -5.90
CA SER F 68 -18.24 47.10 -7.29
C SER F 68 -17.10 46.68 -8.22
N GLU F 69 -17.45 46.31 -9.44
CA GLU F 69 -16.47 45.88 -10.41
C GLU F 69 -15.72 47.09 -10.95
N PRO F 70 -14.39 47.11 -10.78
CA PRO F 70 -13.63 48.19 -11.39
C PRO F 70 -13.50 47.92 -12.88
N LYS F 71 -13.57 48.95 -13.69
CA LYS F 71 -13.54 48.75 -15.13
C LYS F 71 -12.18 49.10 -15.75
N CYS F 72 -11.41 49.93 -15.06
CA CYS F 72 -10.03 50.25 -15.45
C CYS F 72 -9.13 50.03 -14.25
N VAL F 73 -7.86 49.78 -14.55
CA VAL F 73 -6.84 49.56 -13.53
C VAL F 73 -6.74 50.78 -12.60
N GLU F 74 -6.96 51.97 -13.14
CA GLU F 74 -6.83 53.22 -12.37
C GLU F 74 -7.92 53.39 -11.32
N GLU F 75 -9.08 52.75 -11.47
CA GLU F 75 -10.08 52.72 -10.38
C GLU F 75 -9.66 51.99 -9.12
N LEU F 76 -8.71 51.07 -9.25
CA LEU F 76 -8.31 50.21 -8.15
C LEU F 76 -7.49 51.03 -7.18
N PRO F 77 -7.82 50.95 -5.89
CA PRO F 77 -7.07 51.71 -4.90
C PRO F 77 -5.69 51.14 -4.56
N GLU F 78 -4.84 52.02 -4.05
CA GLU F 78 -3.55 51.66 -3.54
C GLU F 78 -3.78 50.80 -2.33
N TRP F 79 -2.81 49.94 -2.08
CA TRP F 79 -2.89 49.07 -0.96
C TRP F 79 -1.47 48.89 -0.47
N ASN F 80 -1.23 47.93 0.41
CA ASN F 80 0.06 47.80 1.03
C ASN F 80 0.22 46.39 1.59
N PHE F 81 1.41 46.05 2.05
CA PHE F 81 1.64 44.73 2.64
C PHE F 81 2.80 44.77 3.62
N ASP F 82 3.03 43.62 4.23
CA ASP F 82 4.10 43.45 5.19
C ASP F 82 5.39 43.19 4.46
N GLY F 83 6.12 44.24 4.15
CA GLY F 83 7.47 44.11 3.61
C GLY F 83 8.41 43.18 4.37
N SER F 84 8.27 43.10 5.68
CA SER F 84 9.20 42.36 6.51
C SER F 84 8.98 40.87 6.44
N SER F 85 7.87 40.45 5.84
CA SER F 85 7.61 39.03 5.60
C SER F 85 7.90 38.58 4.14
N THR F 86 8.48 39.50 3.37
CA THR F 86 8.84 39.28 1.95
C THR F 86 10.28 39.65 1.65
N LEU F 87 11.09 39.83 2.69
CA LEU F 87 12.48 40.27 2.58
C LEU F 87 12.61 41.64 1.89
N GLN F 88 11.71 42.57 2.18
CA GLN F 88 11.75 43.90 1.51
C GLN F 88 11.84 45.11 2.45
N SER F 89 11.50 44.94 3.73
CA SER F 89 11.60 45.98 4.76
C SER F 89 11.79 45.39 6.17
N GLU F 90 11.86 46.25 7.18
CA GLU F 90 12.03 45.86 8.60
C GLU F 90 10.70 45.73 9.37
N GLY F 91 10.65 44.74 10.27
CA GLY F 91 9.47 44.49 11.12
C GLY F 91 8.86 45.76 11.71
N SER F 92 9.72 46.61 12.25
CA SER F 92 9.25 47.75 13.02
C SER F 92 8.79 48.92 12.16
N ASN F 93 9.13 48.90 10.86
CA ASN F 93 8.68 49.93 9.88
C ASN F 93 8.24 49.28 8.56
N SER F 94 7.24 48.41 8.65
CA SER F 94 7.08 47.31 7.68
C SER F 94 6.18 47.59 6.47
N ASP F 95 5.13 48.38 6.65
CA ASP F 95 4.24 48.66 5.53
C ASP F 95 5.07 49.07 4.31
N MET F 96 4.70 48.47 3.16
CA MET F 96 5.18 48.85 1.84
C MET F 96 3.96 49.01 0.94
N TYR F 97 4.10 49.88 -0.06
CA TYR F 97 3.01 50.22 -0.96
C TYR F 97 2.84 49.25 -2.15
N LEU F 98 1.58 49.03 -2.52
CA LEU F 98 1.19 48.42 -3.79
C LEU F 98 0.40 49.42 -4.62
N VAL F 99 0.99 49.84 -5.74
CA VAL F 99 0.27 50.69 -6.71
C VAL F 99 -0.12 49.84 -7.92
N PRO F 100 -1.45 49.70 -8.18
CA PRO F 100 -1.92 49.01 -9.38
C PRO F 100 -1.22 49.52 -10.63
N ALA F 101 -0.80 48.58 -11.47
CA ALA F 101 -0.07 48.84 -12.69
C ALA F 101 -0.86 48.20 -13.81
N ALA F 102 -1.26 46.92 -13.67
CA ALA F 102 -2.10 46.27 -14.71
C ALA F 102 -3.17 45.29 -14.18
N MET F 103 -4.36 45.38 -14.79
CA MET F 103 -5.53 44.61 -14.40
C MET F 103 -5.90 43.62 -15.50
N PHE F 104 -6.28 42.43 -15.05
CA PHE F 104 -6.77 41.36 -15.92
C PHE F 104 -7.96 40.69 -15.27
N ARG F 105 -8.68 39.92 -16.07
CA ARG F 105 -9.80 39.17 -15.58
C ARG F 105 -9.29 37.94 -14.82
N ASP F 106 -9.96 37.57 -13.75
CA ASP F 106 -9.51 36.44 -12.93
C ASP F 106 -10.05 35.12 -13.47
N PRO F 107 -9.16 34.27 -13.96
CA PRO F 107 -9.58 32.99 -14.53
C PRO F 107 -9.82 31.90 -13.45
N PHE F 108 -9.39 32.16 -12.22
CA PHE F 108 -9.56 31.22 -11.12
C PHE F 108 -10.87 31.47 -10.42
N ARG F 109 -11.32 32.72 -10.44
CA ARG F 109 -12.56 33.12 -9.77
C ARG F 109 -13.69 33.55 -10.72
N LYS F 110 -13.30 33.95 -11.92
CA LYS F 110 -14.22 34.33 -12.95
C LYS F 110 -14.67 35.75 -12.79
N ASP F 111 -15.32 36.28 -13.80
CA ASP F 111 -15.80 37.63 -13.72
C ASP F 111 -16.71 37.67 -12.53
N PRO F 112 -16.71 38.75 -11.78
CA PRO F 112 -16.13 40.02 -12.16
C PRO F 112 -14.87 40.27 -11.44
N ASN F 113 -14.25 39.19 -11.03
CA ASN F 113 -13.09 39.24 -10.19
C ASN F 113 -11.84 39.49 -10.98
N LYS F 114 -10.87 40.11 -10.35
CA LYS F 114 -9.74 40.72 -11.04
C LYS F 114 -8.39 40.31 -10.52
N LEU F 115 -7.45 40.17 -11.46
CA LEU F 115 -6.04 40.03 -11.11
C LEU F 115 -5.43 41.41 -11.37
N VAL F 116 -4.55 41.85 -10.48
CA VAL F 116 -3.98 43.19 -10.49
C VAL F 116 -2.49 43.17 -10.18
N LEU F 117 -1.69 43.35 -11.22
CA LEU F 117 -0.25 43.44 -11.08
C LEU F 117 0.08 44.82 -10.54
N CYS F 118 1.03 44.84 -9.59
CA CYS F 118 1.41 46.07 -8.92
C CYS F 118 2.91 46.29 -8.98
N GLU F 119 3.28 47.56 -8.85
CA GLU F 119 4.62 47.99 -8.46
C GLU F 119 4.71 48.15 -6.94
N VAL F 120 5.88 47.79 -6.38
CA VAL F 120 6.16 48.03 -4.93
C VAL F 120 6.98 49.31 -4.67
N PHE F 121 6.58 50.07 -3.67
CA PHE F 121 7.41 51.19 -3.21
C PHE F 121 7.69 51.08 -1.71
N LYS F 122 8.73 51.78 -1.26
CA LYS F 122 9.21 51.68 0.11
C LYS F 122 8.46 52.65 0.98
N TYR F 123 8.75 52.62 2.29
CA TYR F 123 8.16 53.52 3.28
C TYR F 123 8.25 54.97 2.81
N ASN F 124 9.38 55.33 2.19
CA ASN F 124 9.64 56.70 1.69
C ASN F 124 9.13 56.94 0.27
N ARG F 125 8.21 56.10 -0.20
CA ARG F 125 7.55 56.23 -1.51
C ARG F 125 8.48 56.09 -2.74
N ARG F 126 9.72 55.68 -2.55
CA ARG F 126 10.62 55.41 -3.68
C ARG F 126 10.52 53.96 -4.13
N PRO F 127 10.86 53.67 -5.41
CA PRO F 127 10.78 52.28 -5.91
C PRO F 127 11.55 51.29 -5.04
N ALA F 128 10.92 50.15 -4.77
CA ALA F 128 11.59 49.07 -4.07
C ALA F 128 12.70 48.53 -4.96
N GLU F 129 13.70 47.89 -4.35
CA GLU F 129 14.91 47.45 -5.09
C GLU F 129 14.61 46.45 -6.23
N THR F 130 13.60 45.60 -6.01
CA THR F 130 13.12 44.73 -7.05
C THR F 130 11.94 45.28 -7.89
N ASN F 131 11.66 46.58 -7.83
CA ASN F 131 10.71 47.20 -8.76
C ASN F 131 11.56 47.68 -9.93
N LEU F 132 11.66 46.87 -10.97
CA LEU F 132 12.43 47.25 -12.14
C LEU F 132 11.50 47.85 -13.21
N ARG F 133 10.20 47.70 -12.98
CA ARG F 133 9.20 48.27 -13.86
C ARG F 133 9.20 49.78 -13.89
N HIS F 134 9.59 50.42 -12.79
CA HIS F 134 9.48 51.90 -12.71
C HIS F 134 10.35 52.59 -13.78
N THR F 135 11.65 52.28 -13.76
CA THR F 135 12.63 52.79 -14.72
C THR F 135 12.32 52.33 -16.13
N CYS F 136 11.86 51.08 -16.24
CA CYS F 136 11.55 50.53 -17.54
C CYS F 136 10.41 51.24 -18.24
N LYS F 137 9.38 51.63 -17.51
CA LYS F 137 8.29 52.42 -18.09
C LYS F 137 8.74 53.79 -18.66
N ARG F 138 9.61 54.50 -17.93
CA ARG F 138 10.13 55.80 -18.35
C ARG F 138 10.95 55.69 -19.62
N ILE F 139 11.61 54.54 -19.78
CA ILE F 139 12.40 54.22 -20.97
C ILE F 139 11.47 53.92 -22.14
N MET F 140 10.55 52.99 -21.96
CA MET F 140 9.54 52.71 -22.97
C MET F 140 8.82 53.97 -23.47
N ASP F 141 8.57 54.92 -22.56
CA ASP F 141 7.91 56.20 -22.91
C ASP F 141 8.79 57.11 -23.75
N MET F 142 10.11 57.02 -23.58
CA MET F 142 11.04 57.76 -24.45
C MET F 142 11.06 57.24 -25.89
N VAL F 143 10.38 56.14 -26.20
CA VAL F 143 10.43 55.62 -27.57
C VAL F 143 9.07 55.14 -28.12
N SER F 144 7.97 55.62 -27.55
CA SER F 144 6.60 55.30 -28.04
C SER F 144 6.50 55.43 -29.56
N ASN F 145 7.13 56.46 -30.12
CA ASN F 145 7.09 56.73 -31.55
C ASN F 145 7.77 55.69 -32.46
N GLN F 146 8.49 54.75 -31.85
CA GLN F 146 9.09 53.62 -32.56
C GLN F 146 8.36 52.32 -32.29
N HIS F 147 7.30 52.38 -31.46
CA HIS F 147 6.37 51.27 -31.20
C HIS F 147 7.04 49.91 -31.02
N PRO F 148 7.91 49.81 -30.03
CA PRO F 148 8.66 48.58 -29.89
C PRO F 148 7.75 47.44 -29.47
N TRP F 149 7.78 46.34 -30.20
CA TRP F 149 7.04 45.16 -29.81
C TRP F 149 8.01 44.10 -29.33
N PHE F 150 7.53 43.33 -28.34
CA PHE F 150 8.25 42.17 -27.85
C PHE F 150 7.36 40.93 -27.86
N GLY F 151 8.03 39.79 -27.99
CA GLY F 151 7.42 38.50 -27.94
C GLY F 151 8.38 37.63 -27.16
N MET F 152 7.90 37.10 -26.02
CA MET F 152 8.76 36.30 -25.17
C MET F 152 8.25 34.87 -25.10
N GLU F 153 9.21 33.94 -25.17
CA GLU F 153 8.94 32.51 -25.18
C GLU F 153 9.35 31.97 -23.84
N GLN F 154 8.40 31.82 -22.96
CA GLN F 154 8.73 31.36 -21.62
C GLN F 154 8.79 29.83 -21.60
N GLU F 155 10.01 29.31 -21.47
CA GLU F 155 10.21 27.90 -21.23
C GLU F 155 10.24 27.69 -19.72
N TYR F 156 9.81 26.49 -19.31
CA TYR F 156 9.73 26.11 -17.91
C TYR F 156 9.62 24.60 -17.78
N THR F 157 9.91 24.09 -16.60
CA THR F 157 9.78 22.67 -16.37
C THR F 157 8.81 22.42 -15.24
N LEU F 158 7.91 21.43 -15.43
CA LEU F 158 6.98 20.97 -14.41
C LEU F 158 7.64 19.91 -13.54
N MET F 159 7.56 20.13 -12.21
CA MET F 159 8.25 19.33 -11.20
C MET F 159 7.20 18.75 -10.31
N GLY F 160 7.45 17.55 -9.85
CA GLY F 160 6.74 17.03 -8.74
C GLY F 160 7.07 17.83 -7.49
N THR F 161 6.14 17.76 -6.55
CA THR F 161 6.30 18.31 -5.20
C THR F 161 7.65 17.87 -4.49
N ASP F 162 8.16 16.69 -4.92
CA ASP F 162 9.44 16.11 -4.48
C ASP F 162 10.72 16.62 -5.20
N GLY F 163 10.62 17.70 -5.95
CA GLY F 163 11.78 18.29 -6.65
C GLY F 163 12.25 17.58 -7.91
N HIS F 164 11.53 16.54 -8.33
CA HIS F 164 11.89 15.73 -9.49
C HIS F 164 10.88 16.06 -10.58
N PRO F 165 11.33 16.22 -11.84
CA PRO F 165 10.43 16.62 -12.92
C PRO F 165 9.20 15.71 -13.08
N PHE F 166 8.03 16.31 -13.33
CA PHE F 166 6.75 15.61 -13.43
C PHE F 166 6.77 14.48 -14.45
N GLY F 167 6.29 13.30 -14.05
CA GLY F 167 6.29 12.17 -14.96
C GLY F 167 7.59 11.39 -15.08
N TRP F 168 8.73 11.94 -14.68
CA TRP F 168 9.99 11.21 -14.78
C TRP F 168 9.97 10.01 -13.87
N PRO F 169 10.72 8.98 -14.22
CA PRO F 169 10.79 7.84 -13.32
C PRO F 169 11.33 8.31 -11.99
N SER F 170 10.86 7.65 -10.96
CA SER F 170 11.18 8.04 -9.61
C SER F 170 12.66 7.71 -9.30
N ASN F 171 13.43 8.74 -8.90
CA ASN F 171 14.88 8.60 -8.70
C ASN F 171 15.64 8.29 -9.98
N GLY F 172 15.02 8.58 -11.12
CA GLY F 172 15.54 8.12 -12.39
C GLY F 172 15.30 9.06 -13.55
N PHE F 173 15.72 8.57 -14.70
CA PHE F 173 15.61 9.30 -15.93
C PHE F 173 14.71 8.61 -16.96
N PRO F 174 14.00 9.42 -17.73
CA PRO F 174 13.34 8.87 -18.86
C PRO F 174 14.35 8.70 -19.98
N GLY F 175 13.87 8.22 -21.12
CA GLY F 175 14.74 8.02 -22.27
C GLY F 175 15.31 9.34 -22.77
N PRO F 176 16.41 9.27 -23.50
CA PRO F 176 17.09 10.48 -23.93
C PRO F 176 16.21 11.38 -24.74
N GLN F 177 16.61 12.64 -24.83
CA GLN F 177 15.89 13.65 -25.62
C GLN F 177 15.79 13.21 -27.08
N GLY F 178 14.78 13.73 -27.78
CA GLY F 178 14.52 13.36 -29.17
C GLY F 178 13.02 13.35 -29.43
N PRO F 179 12.29 12.50 -28.71
CA PRO F 179 10.86 12.35 -28.94
C PRO F 179 9.93 13.30 -28.22
N TYR F 180 10.42 14.17 -27.33
CA TYR F 180 9.48 14.94 -26.46
C TYR F 180 9.05 16.28 -27.07
N TYR F 181 9.94 16.92 -27.82
CA TYR F 181 9.66 18.19 -28.43
C TYR F 181 8.42 18.07 -29.28
N CYS F 182 7.45 18.95 -29.04
CA CYS F 182 6.17 18.88 -29.73
C CYS F 182 5.59 17.45 -29.77
N GLY F 183 5.72 16.72 -28.66
CA GLY F 183 5.35 15.31 -28.62
C GLY F 183 3.86 15.12 -28.42
N VAL F 184 3.36 13.94 -28.80
CA VAL F 184 2.01 13.54 -28.43
C VAL F 184 2.04 12.10 -27.94
N GLY F 185 1.33 11.85 -26.83
CA GLY F 185 1.31 10.52 -26.21
C GLY F 185 1.66 10.54 -24.72
N ALA F 186 1.01 9.65 -23.98
CA ALA F 186 1.23 9.51 -22.55
C ALA F 186 2.70 9.19 -22.19
N ASP F 187 3.45 8.72 -23.17
CA ASP F 187 4.85 8.41 -22.98
C ASP F 187 5.84 9.45 -23.41
N ARG F 188 5.37 10.65 -23.66
CA ARG F 188 6.26 11.70 -24.06
C ARG F 188 5.74 13.03 -23.62
N ALA F 189 4.43 13.21 -23.67
CA ALA F 189 3.84 14.46 -23.31
C ALA F 189 3.44 14.43 -21.87
N TYR F 190 4.27 14.99 -21.02
CA TYR F 190 4.00 14.97 -19.59
C TYR F 190 3.43 16.27 -19.04
N GLY F 191 2.16 16.26 -18.69
CA GLY F 191 1.52 17.38 -17.99
C GLY F 191 0.81 18.39 -18.88
N ARG F 192 0.31 17.95 -20.02
CA ARG F 192 -0.42 18.82 -20.97
C ARG F 192 -1.64 19.50 -20.32
N ASP F 193 -2.28 18.80 -19.40
CA ASP F 193 -3.38 19.37 -18.62
C ASP F 193 -3.06 20.76 -18.07
N ILE F 194 -1.85 20.93 -17.53
CA ILE F 194 -1.39 22.24 -17.07
C ILE F 194 -1.34 23.23 -18.23
N VAL F 195 -0.73 22.80 -19.33
CA VAL F 195 -0.49 23.65 -20.49
C VAL F 195 -1.81 24.11 -21.09
N GLU F 196 -2.77 23.18 -21.17
CA GLU F 196 -4.09 23.44 -21.72
C GLU F 196 -4.86 24.42 -20.87
N ALA F 197 -4.82 24.18 -19.56
CA ALA F 197 -5.56 24.98 -18.61
C ALA F 197 -4.98 26.40 -18.56
N HIS F 198 -3.66 26.49 -18.54
CA HIS F 198 -2.99 27.78 -18.51
C HIS F 198 -3.31 28.64 -19.77
N TYR F 199 -3.36 27.96 -20.92
CA TYR F 199 -3.66 28.61 -22.18
C TYR F 199 -5.02 29.26 -22.09
N ARG F 200 -6.00 28.47 -21.70
CA ARG F 200 -7.35 28.92 -21.61
C ARG F 200 -7.48 29.98 -20.51
N ALA F 201 -6.72 29.82 -19.42
CA ALA F 201 -6.72 30.77 -18.30
C ALA F 201 -6.21 32.13 -18.75
N CYS F 202 -5.18 32.14 -19.59
CA CYS F 202 -4.62 33.40 -20.08
C CYS F 202 -5.53 34.08 -21.07
N LEU F 203 -6.14 33.29 -21.93
CA LEU F 203 -7.05 33.81 -22.92
C LEU F 203 -8.18 34.56 -22.24
N TYR F 204 -8.74 33.93 -21.20
CA TYR F 204 -9.86 34.47 -20.43
C TYR F 204 -9.42 35.72 -19.67
N ALA F 205 -8.19 35.64 -19.14
CA ALA F 205 -7.63 36.76 -18.37
C ALA F 205 -7.33 37.99 -19.24
N GLY F 206 -7.09 37.76 -20.53
CA GLY F 206 -6.69 38.81 -21.46
C GLY F 206 -5.17 38.96 -21.58
N VAL F 207 -4.41 37.95 -21.17
CA VAL F 207 -2.97 37.93 -21.39
C VAL F 207 -2.79 37.62 -22.87
N LYS F 208 -1.81 38.25 -23.51
CA LYS F 208 -1.63 38.09 -24.95
C LYS F 208 -0.77 36.83 -25.26
N ILE F 209 -1.35 35.67 -24.96
CA ILE F 209 -0.72 34.39 -25.22
C ILE F 209 -0.77 34.05 -26.72
N ALA F 210 0.39 33.96 -27.35
CA ALA F 210 0.53 33.70 -28.80
C ALA F 210 0.55 32.22 -29.21
N GLY F 211 0.92 31.33 -28.30
CA GLY F 211 1.06 29.92 -28.63
C GLY F 211 1.63 29.08 -27.50
N THR F 212 1.70 27.77 -27.73
CA THR F 212 2.34 26.86 -26.79
C THR F 212 3.00 25.73 -27.57
N ASN F 213 4.04 25.14 -26.98
CA ASN F 213 4.55 23.82 -27.40
C ASN F 213 5.27 23.08 -26.27
N ALA F 214 5.16 21.74 -26.32
CA ALA F 214 6.08 20.81 -25.61
C ALA F 214 7.52 21.06 -26.05
N GLU F 215 8.46 21.10 -25.13
CA GLU F 215 9.86 21.37 -25.47
C GLU F 215 10.75 20.12 -25.47
N VAL F 216 12.06 20.30 -25.60
CA VAL F 216 12.95 19.16 -25.87
C VAL F 216 13.11 18.25 -24.65
N MET F 217 13.31 18.83 -23.48
CA MET F 217 13.35 18.04 -22.25
C MET F 217 11.94 17.57 -21.87
N PRO F 218 11.79 16.29 -21.51
CA PRO F 218 10.47 15.84 -21.09
C PRO F 218 10.07 16.56 -19.83
N ALA F 219 8.78 16.87 -19.73
CA ALA F 219 8.21 17.69 -18.65
C ALA F 219 8.50 19.17 -18.83
N GLN F 220 9.13 19.54 -19.95
CA GLN F 220 9.45 20.94 -20.26
C GLN F 220 8.53 21.43 -21.37
N TRP F 221 7.99 22.62 -21.15
CA TRP F 221 7.00 23.19 -22.00
C TRP F 221 7.33 24.67 -22.26
N GLU F 222 6.47 25.31 -23.04
CA GLU F 222 6.69 26.66 -23.50
C GLU F 222 5.35 27.33 -23.79
N PHE F 223 5.27 28.62 -23.46
CA PHE F 223 4.23 29.47 -23.99
C PHE F 223 4.85 30.80 -24.45
N GLN F 224 4.21 31.38 -25.44
CA GLN F 224 4.65 32.59 -26.06
C GLN F 224 3.72 33.71 -25.68
N ILE F 225 4.28 34.86 -25.36
CA ILE F 225 3.49 36.01 -25.06
C ILE F 225 3.82 37.11 -26.03
N GLY F 226 2.84 37.61 -26.77
CA GLY F 226 3.12 38.66 -27.72
C GLY F 226 2.32 38.71 -29.00
N PRO F 227 2.65 39.67 -29.85
CA PRO F 227 3.66 40.67 -29.53
C PRO F 227 3.06 41.71 -28.63
N CYS F 228 3.83 42.28 -27.73
CA CYS F 228 3.28 43.22 -26.79
C CYS F 228 4.07 44.50 -26.89
N GLU F 229 3.37 45.61 -26.99
CA GLU F 229 4.02 46.89 -27.17
C GLU F 229 4.54 47.39 -25.82
N GLY F 230 5.75 47.96 -25.84
CA GLY F 230 6.35 48.60 -24.67
C GLY F 230 6.22 47.88 -23.33
N ILE F 231 5.83 48.64 -22.31
CA ILE F 231 5.80 48.17 -20.94
C ILE F 231 4.87 46.95 -20.77
N SER F 232 3.88 46.81 -21.64
CA SER F 232 2.87 45.75 -21.47
C SER F 232 3.48 44.34 -21.62
N MET F 233 4.66 44.24 -22.24
CA MET F 233 5.37 42.97 -22.33
C MET F 233 5.66 42.39 -20.94
N GLY F 234 6.34 43.17 -20.11
CA GLY F 234 6.65 42.76 -18.75
C GLY F 234 5.37 42.44 -17.99
N ASP F 235 4.41 43.37 -18.06
CA ASP F 235 3.11 43.19 -17.44
C ASP F 235 2.49 41.84 -17.79
N HIS F 236 2.39 41.58 -19.09
CA HIS F 236 1.70 40.41 -19.57
C HIS F 236 2.44 39.11 -19.15
N LEU F 237 3.77 39.11 -19.27
CA LEU F 237 4.55 37.91 -18.92
C LEU F 237 4.49 37.66 -17.40
N TRP F 238 4.67 38.70 -16.61
CA TRP F 238 4.57 38.54 -15.17
C TRP F 238 3.25 37.93 -14.76
N VAL F 239 2.13 38.39 -15.35
CA VAL F 239 0.81 37.87 -15.00
C VAL F 239 0.62 36.43 -15.53
N ALA F 240 1.20 36.16 -16.71
CA ALA F 240 1.22 34.82 -17.30
C ALA F 240 1.95 33.85 -16.37
N ARG F 241 3.06 34.32 -15.82
CA ARG F 241 3.84 33.50 -14.89
C ARG F 241 3.05 33.27 -13.63
N PHE F 242 2.32 34.29 -13.18
CA PHE F 242 1.57 34.10 -11.97
C PHE F 242 0.51 33.08 -12.27
N ILE F 243 -0.18 33.22 -13.40
CA ILE F 243 -1.26 32.30 -13.74
C ILE F 243 -0.74 30.86 -13.85
N LEU F 244 0.48 30.69 -14.39
CA LEU F 244 1.12 29.33 -14.43
C LEU F 244 1.31 28.72 -13.06
N HIS F 245 1.80 29.52 -12.13
CA HIS F 245 2.01 29.03 -10.79
C HIS F 245 0.67 28.65 -10.14
N ARG F 246 -0.35 29.52 -10.22
CA ARG F 246 -1.67 29.22 -9.69
C ARG F 246 -2.27 27.95 -10.27
N VAL F 247 -2.18 27.83 -11.59
CA VAL F 247 -2.70 26.65 -12.26
C VAL F 247 -1.99 25.42 -11.74
N CYS F 248 -0.66 25.46 -11.82
CA CYS F 248 0.13 24.35 -11.28
C CYS F 248 -0.29 24.01 -9.84
N GLU F 249 -0.48 25.04 -9.04
CA GLU F 249 -0.89 24.82 -7.68
C GLU F 249 -2.15 23.93 -7.66
N ASP F 250 -3.17 24.28 -8.43
CA ASP F 250 -4.35 23.40 -8.52
C ASP F 250 -3.98 21.97 -8.82
N PHE F 251 -3.05 21.73 -9.72
CA PHE F 251 -2.76 20.37 -10.11
C PHE F 251 -1.77 19.72 -9.14
N GLY F 252 -1.35 20.42 -8.09
CA GLY F 252 -0.38 19.84 -7.18
C GLY F 252 1.01 19.69 -7.78
N VAL F 253 1.37 20.48 -8.80
CA VAL F 253 2.75 20.49 -9.31
C VAL F 253 3.33 21.87 -9.21
N ILE F 254 4.65 21.96 -9.45
CA ILE F 254 5.44 23.21 -9.41
C ILE F 254 6.00 23.56 -10.80
N ALA F 255 6.01 24.83 -11.12
CA ALA F 255 6.69 25.31 -12.34
C ALA F 255 8.02 25.92 -11.97
N THR F 256 9.11 25.47 -12.58
CA THR F 256 10.39 26.09 -12.35
C THR F 256 10.88 26.81 -13.58
N PHE F 257 11.44 28.00 -13.35
CA PHE F 257 12.01 28.83 -14.41
C PHE F 257 13.52 28.82 -14.32
N ASP F 258 14.07 27.89 -13.55
CA ASP F 258 15.52 27.74 -13.49
C ASP F 258 16.00 27.40 -14.90
N PRO F 259 17.07 28.10 -15.34
CA PRO F 259 17.57 27.87 -16.69
C PRO F 259 18.29 26.53 -16.91
N LYS F 260 18.68 25.81 -15.85
CA LYS F 260 19.30 24.49 -16.04
C LYS F 260 18.91 23.60 -14.90
N PRO F 261 17.64 23.21 -14.85
CA PRO F 261 17.11 22.46 -13.69
C PRO F 261 17.67 21.08 -13.57
N ILE F 262 18.01 20.45 -14.71
CA ILE F 262 18.63 19.14 -14.70
C ILE F 262 20.01 19.20 -15.35
N PRO F 263 21.06 19.05 -14.56
CA PRO F 263 22.37 19.04 -15.19
C PRO F 263 22.58 17.82 -16.09
N GLY F 264 23.44 17.99 -17.10
CA GLY F 264 23.84 16.89 -17.94
C GLY F 264 23.24 17.02 -19.32
N ASN F 265 22.96 15.89 -19.95
CA ASN F 265 22.51 15.90 -21.31
C ASN F 265 21.03 16.26 -21.47
N TRP F 266 20.59 17.31 -20.78
CA TRP F 266 19.20 17.76 -20.84
C TRP F 266 19.19 19.23 -21.16
N ASN F 267 18.16 19.67 -21.88
CA ASN F 267 18.07 21.06 -22.25
C ASN F 267 17.81 21.89 -21.03
N GLY F 268 18.34 23.10 -21.11
CA GLY F 268 17.96 24.18 -20.23
C GLY F 268 16.71 24.91 -20.68
N ALA F 269 16.42 25.99 -19.97
CA ALA F 269 15.22 26.77 -20.17
C ALA F 269 15.66 28.23 -20.34
N GLY F 270 15.28 28.82 -21.46
CA GLY F 270 15.50 30.24 -21.71
C GLY F 270 14.19 30.97 -21.85
N CYS F 271 14.31 32.24 -22.16
CA CYS F 271 13.17 33.11 -22.35
C CYS F 271 13.39 34.01 -23.60
N HIS F 272 13.47 33.37 -24.77
CA HIS F 272 13.88 34.06 -25.99
C HIS F 272 13.00 35.29 -26.09
N THR F 273 13.65 36.43 -26.33
CA THR F 273 12.96 37.69 -26.41
C THR F 273 13.06 38.13 -27.85
N ASN F 274 11.94 37.99 -28.56
CA ASN F 274 11.79 38.52 -29.90
C ASN F 274 11.47 40.01 -29.79
N PHE F 275 11.94 40.79 -30.78
CA PHE F 275 11.93 42.26 -30.71
C PHE F 275 11.92 42.89 -32.11
N SER F 276 11.05 43.88 -32.31
CA SER F 276 11.01 44.69 -33.54
C SER F 276 10.60 46.11 -33.25
N THR F 277 11.06 47.05 -34.07
CA THR F 277 10.49 48.40 -34.08
C THR F 277 9.67 48.57 -35.34
N LYS F 278 8.92 49.68 -35.40
CA LYS F 278 8.11 50.02 -36.58
C LYS F 278 8.96 50.01 -37.85
N ALA F 279 10.16 50.59 -37.81
CA ALA F 279 11.10 50.54 -38.94
C ALA F 279 11.37 49.09 -39.36
N MET F 280 11.61 48.24 -38.36
CA MET F 280 11.99 46.85 -38.64
C MET F 280 10.82 46.04 -39.21
N ARG F 281 9.59 46.45 -38.93
CA ARG F 281 8.41 45.77 -39.49
C ARG F 281 8.07 46.25 -40.89
N GLU F 282 8.53 47.46 -41.22
CA GLU F 282 8.26 48.03 -42.53
C GLU F 282 9.13 47.38 -43.62
N GLU F 283 8.85 47.71 -44.88
CA GLU F 283 9.54 47.06 -46.00
C GLU F 283 11.03 47.32 -45.91
N ASN F 284 11.81 46.26 -46.12
CA ASN F 284 13.25 46.25 -45.91
C ASN F 284 13.67 46.68 -44.51
N GLY F 285 12.87 46.25 -43.52
CA GLY F 285 13.19 46.48 -42.13
C GLY F 285 14.40 45.69 -41.69
N LEU F 286 14.75 44.64 -42.44
CA LEU F 286 15.95 43.86 -42.15
C LEU F 286 17.20 44.76 -42.00
N LYS F 287 17.26 45.84 -42.77
CA LYS F 287 18.35 46.81 -42.68
C LYS F 287 18.52 47.25 -41.23
N TYR F 288 17.41 47.59 -40.57
CA TYR F 288 17.42 48.10 -39.19
C TYR F 288 17.63 47.02 -38.12
N ILE F 289 17.18 45.81 -38.40
CA ILE F 289 17.48 44.68 -37.54
C ILE F 289 18.98 44.53 -37.45
N GLU F 290 19.64 44.39 -38.61
CA GLU F 290 21.09 44.19 -38.66
C GLU F 290 21.85 45.32 -38.01
N GLU F 291 21.28 46.54 -38.04
CA GLU F 291 21.83 47.67 -37.28
C GLU F 291 21.66 47.45 -35.78
N ALA F 292 20.51 46.96 -35.34
CA ALA F 292 20.31 46.63 -33.92
C ALA F 292 21.20 45.46 -33.46
N ILE F 293 21.35 44.44 -34.29
CA ILE F 293 22.26 43.32 -33.95
C ILE F 293 23.71 43.81 -33.79
N GLU F 294 24.09 44.76 -34.66
CA GLU F 294 25.41 45.35 -34.61
C GLU F 294 25.64 46.04 -33.25
N LYS F 295 24.66 46.81 -32.82
CA LYS F 295 24.75 47.54 -31.58
C LYS F 295 24.74 46.62 -30.39
N LEU F 296 24.10 45.46 -30.56
CA LEU F 296 24.05 44.44 -29.49
C LEU F 296 25.37 43.67 -29.36
N SER F 297 26.05 43.41 -30.48
CA SER F 297 27.37 42.73 -30.48
C SER F 297 28.46 43.41 -29.62
N LYS F 298 28.32 44.72 -29.39
CA LYS F 298 29.31 45.51 -28.64
C LYS F 298 28.97 45.64 -27.16
N ARG F 299 27.81 45.09 -26.76
CA ARG F 299 27.34 45.15 -25.38
C ARG F 299 26.82 43.77 -24.99
N HIS F 300 27.62 42.76 -25.31
CA HIS F 300 27.26 41.41 -24.95
C HIS F 300 27.15 41.28 -23.43
N GLN F 301 28.19 41.72 -22.72
CA GLN F 301 28.28 41.54 -21.29
C GLN F 301 27.22 42.32 -20.53
N TYR F 302 26.89 43.52 -21.00
CA TYR F 302 25.89 44.35 -20.33
C TYR F 302 24.56 43.64 -20.28
N HIS F 303 24.25 42.97 -21.39
CA HIS F 303 23.00 42.23 -21.54
C HIS F 303 22.98 40.94 -20.72
N ILE F 304 24.06 40.16 -20.78
CA ILE F 304 24.18 38.99 -19.94
C ILE F 304 23.82 39.32 -18.50
N ARG F 305 24.32 40.44 -17.99
CA ARG F 305 24.03 40.89 -16.62
C ARG F 305 22.57 41.26 -16.42
N ALA F 306 21.95 41.88 -17.42
CA ALA F 306 20.52 42.19 -17.35
C ALA F 306 19.61 40.96 -17.61
N TYR F 307 20.17 39.81 -17.95
CA TYR F 307 19.38 38.71 -18.51
C TYR F 307 19.10 37.57 -17.54
N ASP F 308 19.56 37.67 -16.31
CA ASP F 308 19.06 36.85 -15.21
C ASP F 308 19.26 37.59 -13.90
N PRO F 309 18.50 37.21 -12.86
CA PRO F 309 18.49 37.99 -11.65
C PRO F 309 19.76 37.92 -10.82
N LYS F 310 20.68 37.01 -11.12
CA LYS F 310 21.98 36.96 -10.42
C LYS F 310 23.13 37.45 -11.34
N GLY F 311 22.82 38.42 -12.20
CA GLY F 311 23.82 39.13 -13.00
C GLY F 311 24.67 38.28 -13.93
N GLY F 312 24.16 37.10 -14.31
CA GLY F 312 24.85 36.21 -15.26
C GLY F 312 25.18 34.84 -14.74
N LEU F 313 25.08 34.65 -13.41
CA LEU F 313 25.49 33.38 -12.78
C LEU F 313 24.53 32.24 -13.02
N ASP F 314 23.24 32.52 -13.12
CA ASP F 314 22.28 31.48 -13.48
C ASP F 314 22.48 31.07 -14.94
N ASN F 315 22.68 32.02 -15.84
CA ASN F 315 22.89 31.65 -17.26
C ASN F 315 24.18 30.90 -17.50
N ALA F 316 25.19 31.07 -16.65
CA ALA F 316 26.40 30.24 -16.76
C ALA F 316 26.06 28.75 -16.85
N ARG F 317 25.06 28.27 -16.10
CA ARG F 317 24.69 26.85 -16.15
C ARG F 317 23.97 26.42 -17.44
N ARG F 318 23.41 27.39 -18.19
CA ARG F 318 22.68 27.11 -19.45
C ARG F 318 23.46 27.41 -20.76
N LEU F 319 24.04 28.62 -20.85
CA LEU F 319 24.66 29.12 -22.06
C LEU F 319 26.05 28.53 -22.22
N THR F 320 26.07 27.35 -22.85
CA THR F 320 27.28 26.52 -22.95
C THR F 320 27.73 26.38 -24.41
N GLY F 321 26.85 26.72 -25.35
CA GLY F 321 27.08 26.44 -26.76
C GLY F 321 26.47 25.13 -27.22
N PHE F 322 25.98 24.32 -26.28
CA PHE F 322 25.25 23.06 -26.57
C PHE F 322 23.74 23.21 -26.20
N HIS F 323 22.96 22.18 -26.49
CA HIS F 323 21.52 22.14 -26.18
C HIS F 323 20.78 23.40 -26.67
N GLU F 324 21.15 23.78 -27.89
CA GLU F 324 20.55 24.90 -28.60
C GLU F 324 20.73 26.24 -27.87
N THR F 325 21.89 26.40 -27.25
CA THR F 325 22.28 27.66 -26.65
C THR F 325 23.54 28.18 -27.36
N SER F 326 23.82 29.47 -27.19
CA SER F 326 25.13 30.05 -27.48
C SER F 326 26.00 30.00 -26.23
N ASN F 327 27.32 30.11 -26.41
CA ASN F 327 28.27 30.18 -25.27
C ASN F 327 28.16 31.55 -24.63
N ILE F 328 28.14 31.57 -23.29
CA ILE F 328 27.98 32.80 -22.51
C ILE F 328 29.06 33.86 -22.78
N ASN F 329 30.23 33.46 -23.26
CA ASN F 329 31.32 34.39 -23.59
C ASN F 329 31.36 34.85 -25.05
N ASP F 330 30.47 34.34 -25.89
CA ASP F 330 30.58 34.58 -27.32
C ASP F 330 29.28 35.12 -27.90
N PHE F 331 29.36 36.31 -28.47
CA PHE F 331 28.26 36.87 -29.24
C PHE F 331 28.24 36.30 -30.65
N SER F 332 27.06 36.00 -31.18
CA SER F 332 26.91 35.53 -32.55
C SER F 332 25.47 35.72 -33.05
N ALA F 333 25.31 35.90 -34.35
CA ALA F 333 24.02 36.14 -34.98
C ALA F 333 23.95 35.30 -36.26
N GLY F 334 22.78 34.78 -36.60
CA GLY F 334 22.65 33.91 -37.78
C GLY F 334 21.21 33.64 -38.19
N VAL F 335 20.97 33.51 -39.49
CA VAL F 335 19.64 33.17 -39.97
C VAL F 335 19.34 31.72 -39.59
N ALA F 336 18.20 31.52 -38.92
CA ALA F 336 17.75 30.19 -38.54
C ALA F 336 18.75 29.40 -37.69
N ASN F 337 19.68 30.12 -37.05
CA ASN F 337 20.72 29.54 -36.20
C ASN F 337 20.31 29.50 -34.71
N ARG F 338 20.03 28.29 -34.21
CA ARG F 338 19.67 28.08 -32.78
C ARG F 338 20.87 27.88 -31.85
N SER F 339 22.06 27.86 -32.44
CA SER F 339 23.31 27.91 -31.68
C SER F 339 23.82 29.32 -31.49
N ALA F 340 23.15 30.29 -32.11
CA ALA F 340 23.60 31.69 -32.09
C ALA F 340 22.98 32.43 -30.92
N SER F 341 23.66 33.49 -30.50
CA SER F 341 23.14 34.41 -29.47
C SER F 341 21.87 35.11 -29.95
N ILE F 342 21.90 35.61 -31.19
CA ILE F 342 20.74 36.21 -31.85
C ILE F 342 20.44 35.39 -33.07
N ARG F 343 19.15 35.14 -33.29
CA ARG F 343 18.71 34.40 -34.46
C ARG F 343 17.76 35.28 -35.20
N ILE F 344 18.03 35.48 -36.49
CA ILE F 344 17.05 36.03 -37.42
C ILE F 344 16.34 34.81 -38.03
N PRO F 345 15.04 34.65 -37.73
CA PRO F 345 14.26 33.54 -38.27
C PRO F 345 14.29 33.48 -39.79
N ARG F 346 14.05 32.29 -40.35
CA ARG F 346 13.98 32.16 -41.80
C ARG F 346 12.97 33.13 -42.44
N THR F 347 11.72 33.15 -41.95
CA THR F 347 10.72 34.09 -42.47
C THR F 347 11.22 35.51 -42.63
N VAL F 348 11.87 36.02 -41.60
CA VAL F 348 12.38 37.39 -41.60
C VAL F 348 13.51 37.56 -42.60
N GLY F 349 14.34 36.53 -42.78
CA GLY F 349 15.36 36.53 -43.86
C GLY F 349 14.74 36.63 -45.25
N GLN F 350 13.83 35.70 -45.53
CA GLN F 350 13.06 35.70 -46.78
C GLN F 350 12.33 37.01 -47.01
N GLU F 351 11.54 37.43 -46.03
CA GLU F 351 10.69 38.60 -46.22
C GLU F 351 11.42 39.96 -46.10
N LYS F 352 12.67 39.94 -45.65
CA LYS F 352 13.50 41.14 -45.48
C LYS F 352 12.87 42.18 -44.53
N LYS F 353 12.07 41.68 -43.58
CA LYS F 353 11.40 42.54 -42.59
C LYS F 353 10.88 41.73 -41.41
N GLY F 354 10.54 42.40 -40.32
CA GLY F 354 9.98 41.76 -39.14
C GLY F 354 10.77 42.01 -37.85
N TYR F 355 11.35 40.96 -37.29
CA TYR F 355 11.94 40.97 -35.94
C TYR F 355 13.12 40.03 -35.83
N PHE F 356 13.98 40.24 -34.84
CA PHE F 356 15.03 39.28 -34.51
C PHE F 356 14.76 38.70 -33.13
N GLU F 357 15.42 37.57 -32.84
CA GLU F 357 15.20 36.78 -31.62
C GLU F 357 16.49 36.80 -30.82
N ASP F 358 16.42 37.37 -29.62
CA ASP F 358 17.53 37.31 -28.68
C ASP F 358 17.36 36.05 -27.86
N ARG F 359 18.21 35.05 -28.12
CA ARG F 359 18.09 33.72 -27.51
C ARG F 359 18.83 33.61 -26.17
N ARG F 360 19.37 34.73 -25.67
CA ARG F 360 20.19 34.73 -24.45
C ARG F 360 19.46 34.80 -23.08
N PRO F 361 18.33 35.53 -22.99
CA PRO F 361 17.63 35.65 -21.71
C PRO F 361 17.27 34.32 -21.00
N SER F 362 17.46 34.28 -19.69
CA SER F 362 17.21 33.07 -18.92
C SER F 362 15.71 32.89 -18.80
N ALA F 363 15.26 31.66 -18.61
CA ALA F 363 13.85 31.42 -18.32
C ALA F 363 13.42 32.21 -17.06
N ASN F 364 14.35 32.46 -16.13
CA ASN F 364 14.03 33.16 -14.86
C ASN F 364 14.33 34.66 -14.85
N CYS F 365 14.53 35.24 -16.04
CA CYS F 365 14.79 36.68 -16.17
C CYS F 365 13.59 37.56 -15.78
N ASP F 366 13.85 38.83 -15.48
CA ASP F 366 12.78 39.80 -15.28
C ASP F 366 12.61 40.54 -16.60
N PRO F 367 11.43 40.39 -17.23
CA PRO F 367 11.22 40.98 -18.53
C PRO F 367 11.37 42.49 -18.54
N PHE F 368 11.20 43.14 -17.39
CA PHE F 368 11.40 44.58 -17.34
C PHE F 368 12.90 44.88 -17.49
N SER F 369 13.74 43.95 -17.03
CA SER F 369 15.17 44.14 -17.14
C SER F 369 15.65 43.86 -18.56
N VAL F 370 15.14 42.78 -19.14
CA VAL F 370 15.44 42.35 -20.52
C VAL F 370 14.96 43.36 -21.58
N THR F 371 13.66 43.67 -21.55
CA THR F 371 13.09 44.66 -22.49
C THR F 371 13.77 46.05 -22.39
N GLU F 372 14.14 46.47 -21.19
CA GLU F 372 14.76 47.78 -20.99
C GLU F 372 16.16 47.86 -21.61
N ALA F 373 16.96 46.83 -21.40
CA ALA F 373 18.31 46.76 -21.97
C ALA F 373 18.25 46.84 -23.49
N LEU F 374 17.29 46.13 -24.06
CA LEU F 374 17.09 46.16 -25.51
C LEU F 374 16.82 47.59 -26.01
N ILE F 375 16.02 48.34 -25.27
CA ILE F 375 15.70 49.71 -25.68
C ILE F 375 16.91 50.65 -25.54
N ARG F 376 17.73 50.43 -24.51
CA ARG F 376 18.89 51.30 -24.25
C ARG F 376 19.97 51.11 -25.31
N THR F 377 20.23 49.85 -25.67
CA THR F 377 21.29 49.54 -26.60
C THR F 377 20.86 49.85 -28.03
N CYS F 378 19.66 49.43 -28.41
CA CYS F 378 19.25 49.47 -29.81
C CYS F 378 18.61 50.76 -30.28
N LEU F 379 17.88 51.43 -29.39
CA LEU F 379 17.16 52.67 -29.76
C LEU F 379 17.85 53.91 -29.22
N LEU F 380 18.18 53.91 -27.93
CA LEU F 380 18.77 55.08 -27.29
C LEU F 380 20.29 55.18 -27.52
N ASN F 381 20.87 54.12 -28.08
CA ASN F 381 22.28 54.11 -28.46
C ASN F 381 23.25 54.33 -27.30
N GLU F 382 23.05 53.58 -26.22
CA GLU F 382 23.95 53.68 -25.07
C GLU F 382 25.16 52.75 -25.22
N THR F 383 26.30 53.18 -24.66
CA THR F 383 27.56 52.42 -24.67
C THR F 383 28.21 52.52 -23.28
N GLY F 384 29.04 51.55 -22.91
CA GLY F 384 29.76 51.60 -21.61
C GLY F 384 30.64 50.40 -21.34
N ASN G 29 -18.59 9.89 -0.04
CA ASN G 29 -17.91 10.83 -1.00
C ASN G 29 -18.79 12.00 -1.48
N LYS G 30 -18.14 13.10 -1.82
CA LYS G 30 -18.83 14.36 -1.93
C LYS G 30 -19.67 14.46 -3.20
N GLY G 31 -19.32 13.64 -4.20
CA GLY G 31 -20.07 13.58 -5.45
C GLY G 31 -21.42 12.90 -5.25
N ILE G 32 -21.46 11.95 -4.32
CA ILE G 32 -22.69 11.26 -3.98
C ILE G 32 -23.57 12.33 -3.34
N LYS G 33 -22.97 13.10 -2.44
CA LYS G 33 -23.73 14.13 -1.72
C LYS G 33 -24.32 15.17 -2.67
N GLN G 34 -23.47 15.60 -3.59
CA GLN G 34 -23.85 16.65 -4.50
C GLN G 34 -25.11 16.29 -5.30
N VAL G 35 -25.31 14.99 -5.52
CA VAL G 35 -26.45 14.51 -6.30
C VAL G 35 -27.74 14.75 -5.56
N TYR G 36 -27.76 14.25 -4.34
CA TYR G 36 -28.84 14.52 -3.40
C TYR G 36 -29.09 16.01 -3.19
N MET G 37 -28.02 16.81 -3.15
CA MET G 37 -28.17 18.25 -2.96
C MET G 37 -28.76 18.96 -4.19
N SER G 38 -28.77 18.33 -5.35
CA SER G 38 -29.52 18.85 -6.52
C SER G 38 -30.99 18.59 -6.44
N LEU G 39 -31.43 17.72 -5.52
CA LEU G 39 -32.85 17.47 -5.37
C LEU G 39 -33.52 18.80 -5.01
N PRO G 40 -34.54 19.21 -5.79
CA PRO G 40 -35.24 20.45 -5.42
C PRO G 40 -35.99 20.20 -4.14
N GLN G 41 -35.83 21.09 -3.16
CA GLN G 41 -36.33 20.75 -1.82
C GLN G 41 -37.84 20.94 -1.62
N GLY G 42 -38.51 21.80 -2.39
CA GLY G 42 -39.96 22.02 -2.21
C GLY G 42 -40.28 23.25 -1.38
N GLU G 43 -41.41 23.26 -0.67
CA GLU G 43 -41.86 24.46 0.08
C GLU G 43 -41.16 24.69 1.46
N LYS G 44 -40.67 23.62 2.09
CA LYS G 44 -40.01 23.74 3.42
C LYS G 44 -38.58 24.35 3.36
N VAL G 45 -38.12 24.83 4.52
CA VAL G 45 -36.90 25.62 4.64
C VAL G 45 -36.11 25.07 5.81
N GLN G 46 -34.78 25.04 5.72
CA GLN G 46 -33.94 24.56 6.81
C GLN G 46 -33.32 25.76 7.47
N ALA G 47 -33.35 25.74 8.80
CA ALA G 47 -32.75 26.78 9.61
C ALA G 47 -31.79 26.13 10.59
N MET G 48 -30.50 26.35 10.36
CA MET G 48 -29.46 25.76 11.20
C MET G 48 -29.12 26.76 12.28
N TYR G 49 -29.38 26.40 13.53
CA TYR G 49 -29.16 27.28 14.68
C TYR G 49 -27.74 27.05 15.23
N ILE G 50 -27.00 28.15 15.44
CA ILE G 50 -25.61 28.12 15.87
C ILE G 50 -25.48 28.80 17.20
N TRP G 51 -24.69 28.21 18.10
CA TRP G 51 -24.38 28.86 19.36
C TRP G 51 -23.03 28.48 19.92
N ILE G 52 -22.63 29.21 20.97
CA ILE G 52 -21.34 29.07 21.60
C ILE G 52 -21.57 28.25 22.83
N ASP G 53 -20.65 27.31 23.09
CA ASP G 53 -20.84 26.29 24.12
C ASP G 53 -20.16 26.65 25.44
N GLY G 54 -20.13 25.67 26.33
CA GLY G 54 -19.54 25.84 27.63
C GLY G 54 -18.06 26.18 27.66
N THR G 55 -17.33 25.93 26.57
CA THR G 55 -15.90 26.28 26.56
C THR G 55 -15.63 27.77 26.25
N GLY G 56 -16.64 28.53 25.82
CA GLY G 56 -16.42 29.88 25.33
C GLY G 56 -15.82 29.96 23.93
N GLU G 57 -15.37 28.81 23.38
CA GLU G 57 -14.70 28.75 22.08
C GLU G 57 -15.39 27.83 21.08
N GLY G 58 -16.07 26.79 21.58
CA GLY G 58 -16.74 25.80 20.71
C GLY G 58 -18.09 26.27 20.17
N LEU G 59 -18.28 26.00 18.88
CA LEU G 59 -19.52 26.29 18.20
C LEU G 59 -20.36 25.03 18.02
N ARG G 60 -21.66 25.14 18.25
CA ARG G 60 -22.56 24.01 18.15
C ARG G 60 -23.66 24.38 17.18
N CYS G 61 -24.36 23.39 16.64
CA CYS G 61 -25.51 23.67 15.81
C CYS G 61 -26.42 22.50 15.58
N LYS G 62 -27.68 22.78 15.26
CA LYS G 62 -28.60 21.78 14.75
C LYS G 62 -29.70 22.45 13.87
N THR G 63 -30.39 21.66 13.06
CA THR G 63 -31.36 22.19 12.12
C THR G 63 -32.80 21.89 12.46
N ARG G 64 -33.70 22.81 12.06
CA ARG G 64 -35.12 22.54 12.03
C ARG G 64 -35.71 22.95 10.71
N THR G 65 -36.85 22.35 10.37
CA THR G 65 -37.59 22.62 9.16
C THR G 65 -38.66 23.69 9.45
N LEU G 66 -38.74 24.73 8.64
CA LEU G 66 -39.77 25.74 8.82
C LEU G 66 -40.75 25.63 7.64
N ASP G 67 -41.96 26.16 7.81
CA ASP G 67 -43.01 26.04 6.78
C ASP G 67 -42.80 27.01 5.66
N SER G 68 -42.09 28.11 5.93
CA SER G 68 -41.79 29.07 4.89
C SER G 68 -40.47 29.77 5.17
N GLU G 69 -39.97 30.49 4.17
CA GLU G 69 -38.71 31.19 4.30
C GLU G 69 -38.94 32.43 5.16
N PRO G 70 -38.14 32.56 6.24
CA PRO G 70 -38.17 33.76 7.03
C PRO G 70 -37.48 34.94 6.31
N LYS G 71 -38.07 36.13 6.46
CA LYS G 71 -37.58 37.36 5.80
C LYS G 71 -36.60 38.16 6.66
N CYS G 72 -36.55 37.86 7.95
CA CYS G 72 -35.57 38.50 8.86
C CYS G 72 -35.51 37.73 10.14
N VAL G 73 -34.44 37.96 10.90
CA VAL G 73 -34.18 37.19 12.11
C VAL G 73 -35.36 37.16 13.08
N GLU G 74 -36.14 38.23 13.15
CA GLU G 74 -37.29 38.32 14.08
C GLU G 74 -38.42 37.32 13.77
N GLU G 75 -38.50 36.87 12.52
CA GLU G 75 -39.54 35.92 12.13
C GLU G 75 -39.18 34.48 12.57
N LEU G 76 -37.95 34.29 13.02
CA LEU G 76 -37.46 32.97 13.45
C LEU G 76 -37.92 32.69 14.86
N PRO G 77 -38.44 31.48 15.12
CA PRO G 77 -38.84 31.13 16.46
C PRO G 77 -37.65 30.83 17.37
N GLU G 78 -37.86 31.05 18.67
CA GLU G 78 -36.97 30.58 19.71
C GLU G 78 -36.90 29.07 19.66
N TRP G 79 -35.83 28.53 20.22
CA TRP G 79 -35.69 27.11 20.31
C TRP G 79 -34.94 26.80 21.60
N ASN G 80 -34.33 25.63 21.68
CA ASN G 80 -33.66 25.20 22.89
C ASN G 80 -32.81 24.01 22.54
N PHE G 81 -31.97 23.58 23.47
CA PHE G 81 -31.12 22.42 23.24
C PHE G 81 -30.79 21.82 24.57
N ASP G 82 -30.03 20.72 24.55
CA ASP G 82 -29.56 20.05 25.76
C ASP G 82 -28.24 20.64 26.26
N GLY G 83 -28.34 21.63 27.14
CA GLY G 83 -27.18 22.25 27.77
C GLY G 83 -26.29 21.27 28.50
N SER G 84 -26.83 20.10 28.84
CA SER G 84 -26.04 19.12 29.61
C SER G 84 -25.08 18.36 28.75
N SER G 85 -25.28 18.39 27.44
CA SER G 85 -24.34 17.77 26.51
C SER G 85 -23.34 18.77 25.92
N THR G 86 -23.33 20.03 26.43
CA THR G 86 -22.39 21.09 25.97
C THR G 86 -21.67 21.78 27.13
N LEU G 87 -21.70 21.16 28.31
CA LEU G 87 -21.06 21.67 29.53
C LEU G 87 -21.70 22.96 30.06
N GLN G 88 -23.01 23.10 29.89
CA GLN G 88 -23.68 24.35 30.22
C GLN G 88 -24.83 24.23 31.23
N SER G 89 -25.29 23.01 31.49
CA SER G 89 -26.29 22.74 32.51
C SER G 89 -26.32 21.26 32.94
N GLU G 90 -27.25 20.90 33.83
CA GLU G 90 -27.35 19.54 34.38
C GLU G 90 -28.43 18.71 33.68
N GLY G 91 -28.17 17.40 33.57
CA GLY G 91 -29.07 16.48 32.88
C GLY G 91 -30.50 16.60 33.34
N SER G 92 -30.68 16.74 34.65
CA SER G 92 -31.99 16.68 35.27
C SER G 92 -32.81 17.98 35.14
N ASN G 93 -32.22 19.04 34.58
CA ASN G 93 -32.90 20.33 34.34
C ASN G 93 -32.12 21.07 33.25
N SER G 94 -32.23 20.54 32.02
CA SER G 94 -31.18 20.66 30.99
C SER G 94 -31.49 21.54 29.78
N ASP G 95 -32.77 21.73 29.48
CA ASP G 95 -33.19 22.57 28.35
C ASP G 95 -32.62 23.98 28.51
N MET G 96 -31.91 24.47 27.51
CA MET G 96 -31.50 25.86 27.54
C MET G 96 -32.00 26.58 26.30
N TYR G 97 -32.27 27.87 26.46
CA TYR G 97 -32.91 28.64 25.41
C TYR G 97 -31.90 29.03 24.34
N LEU G 98 -32.42 29.11 23.10
CA LEU G 98 -31.74 29.71 21.94
C LEU G 98 -32.60 30.87 21.42
N VAL G 99 -32.05 32.08 21.46
CA VAL G 99 -32.75 33.25 20.93
C VAL G 99 -32.03 33.77 19.71
N PRO G 100 -32.69 33.70 18.52
CA PRO G 100 -32.04 34.24 17.33
C PRO G 100 -31.50 35.68 17.55
N ALA G 101 -30.26 35.89 17.12
CA ALA G 101 -29.57 37.15 17.21
C ALA G 101 -29.33 37.64 15.79
N ALA G 102 -28.70 36.81 14.96
CA ALA G 102 -28.33 37.21 13.60
C ALA G 102 -28.51 36.10 12.59
N MET G 103 -29.12 36.43 11.45
CA MET G 103 -29.46 35.51 10.37
C MET G 103 -28.64 35.78 9.10
N PHE G 104 -28.19 34.71 8.46
CA PHE G 104 -27.44 34.79 7.21
C PHE G 104 -27.94 33.71 6.24
N ARG G 105 -27.60 33.86 4.97
CA ARG G 105 -27.94 32.82 3.98
C ARG G 105 -26.99 31.64 4.17
N ASP G 106 -27.49 30.42 3.95
CA ASP G 106 -26.74 29.21 4.23
C ASP G 106 -26.04 28.73 2.96
N PRO G 107 -24.70 28.84 2.91
CA PRO G 107 -23.95 28.52 1.70
C PRO G 107 -23.72 27.02 1.52
N PHE G 108 -23.99 26.23 2.56
CA PHE G 108 -23.85 24.78 2.48
C PHE G 108 -25.11 24.18 1.89
N ARG G 109 -26.22 24.86 2.07
CA ARG G 109 -27.51 24.38 1.64
C ARG G 109 -28.21 25.27 0.64
N LYS G 110 -27.75 26.49 0.50
CA LYS G 110 -28.28 27.44 -0.47
C LYS G 110 -29.64 27.99 -0.13
N ASP G 111 -30.03 29.09 -0.74
CA ASP G 111 -31.35 29.65 -0.54
C ASP G 111 -32.33 28.55 -0.77
N PRO G 112 -33.33 28.45 0.07
CA PRO G 112 -33.74 29.48 1.00
C PRO G 112 -33.28 29.23 2.39
N ASN G 113 -32.30 28.39 2.56
CA ASN G 113 -31.94 27.90 3.87
C ASN G 113 -31.04 28.85 4.58
N LYS G 114 -31.10 28.81 5.89
CA LYS G 114 -30.55 29.88 6.73
C LYS G 114 -29.59 29.40 7.79
N LEU G 115 -28.68 30.31 8.16
CA LEU G 115 -27.84 30.10 9.32
C LEU G 115 -28.32 31.15 10.28
N VAL G 116 -28.43 30.76 11.56
CA VAL G 116 -28.89 31.66 12.60
C VAL G 116 -27.95 31.62 13.78
N LEU G 117 -27.28 32.72 14.09
CA LEU G 117 -26.44 32.79 15.29
C LEU G 117 -27.35 33.14 16.48
N CYS G 118 -27.24 32.35 17.55
CA CYS G 118 -28.07 32.58 18.74
C CYS G 118 -27.25 32.99 19.96
N GLU G 119 -27.96 33.68 20.86
CA GLU G 119 -27.57 33.84 22.25
C GLU G 119 -28.14 32.68 23.09
N VAL G 120 -27.31 32.15 24.00
CA VAL G 120 -27.77 31.13 24.93
C VAL G 120 -28.27 31.75 26.25
N PHE G 121 -29.41 31.26 26.73
CA PHE G 121 -29.89 31.66 28.06
C PHE G 121 -30.19 30.44 28.95
N LYS G 122 -30.06 30.62 30.27
CA LYS G 122 -30.24 29.52 31.25
C LYS G 122 -31.70 29.20 31.55
N TYR G 123 -31.92 28.15 32.34
CA TYR G 123 -33.29 27.74 32.73
C TYR G 123 -34.07 28.92 33.28
N ASN G 124 -33.42 29.74 34.10
CA ASN G 124 -34.03 30.91 34.74
C ASN G 124 -34.07 32.15 33.84
N ARG G 125 -33.88 31.97 32.53
CA ARG G 125 -33.96 33.04 31.51
C ARG G 125 -32.83 34.08 31.56
N ARG G 126 -31.80 33.84 32.35
CA ARG G 126 -30.66 34.74 32.38
C ARG G 126 -29.62 34.25 31.39
N PRO G 127 -28.68 35.13 31.00
CA PRO G 127 -27.61 34.74 30.06
C PRO G 127 -26.71 33.61 30.55
N ALA G 128 -26.37 32.70 29.65
CA ALA G 128 -25.41 31.67 29.96
C ALA G 128 -24.10 32.35 30.35
N GLU G 129 -23.26 31.60 31.06
CA GLU G 129 -21.90 32.04 31.45
C GLU G 129 -21.07 32.48 30.25
N THR G 130 -21.17 31.75 29.14
CA THR G 130 -20.39 32.07 27.94
C THR G 130 -21.19 32.90 26.91
N ASN G 131 -22.32 33.47 27.29
CA ASN G 131 -23.03 34.41 26.42
C ASN G 131 -22.45 35.78 26.73
N LEU G 132 -21.42 36.19 26.00
CA LEU G 132 -20.81 37.51 26.19
C LEU G 132 -21.44 38.57 25.29
N ARG G 133 -22.31 38.13 24.38
CA ARG G 133 -22.95 39.01 23.43
C ARG G 133 -23.93 39.96 24.10
N HIS G 134 -24.70 39.41 25.04
CA HIS G 134 -25.73 40.17 25.74
C HIS G 134 -25.20 41.51 26.28
N THR G 135 -24.12 41.46 27.06
CA THR G 135 -23.56 42.68 27.65
C THR G 135 -22.95 43.54 26.57
N CYS G 136 -22.20 42.90 25.69
CA CYS G 136 -21.60 43.60 24.56
C CYS G 136 -22.61 44.48 23.82
N LYS G 137 -23.80 43.94 23.55
CA LYS G 137 -24.84 44.67 22.85
C LYS G 137 -25.24 45.93 23.56
N ARG G 138 -25.45 45.83 24.88
CA ARG G 138 -25.87 46.98 25.65
C ARG G 138 -24.80 48.06 25.60
N ILE G 139 -23.54 47.66 25.73
CA ILE G 139 -22.42 48.61 25.64
C ILE G 139 -22.37 49.26 24.26
N MET G 140 -22.55 48.48 23.20
CA MET G 140 -22.60 49.03 21.85
C MET G 140 -23.69 50.09 21.66
N ASP G 141 -24.89 49.87 22.23
CA ASP G 141 -25.98 50.84 22.15
C ASP G 141 -25.65 52.15 22.86
N MET G 142 -24.90 52.06 23.96
CA MET G 142 -24.47 53.24 24.71
C MET G 142 -23.54 54.17 23.96
N VAL G 143 -22.93 53.74 22.86
CA VAL G 143 -22.07 54.62 22.08
C VAL G 143 -22.55 54.75 20.63
N SER G 144 -23.78 54.33 20.35
CA SER G 144 -24.22 54.20 18.95
C SER G 144 -24.16 55.50 18.14
N ASN G 145 -24.06 56.64 18.82
CA ASN G 145 -23.86 57.93 18.14
C ASN G 145 -22.41 58.22 17.71
N GLN G 146 -21.45 57.43 18.16
CA GLN G 146 -20.06 57.55 17.70
C GLN G 146 -19.75 56.54 16.60
N HIS G 147 -20.76 55.74 16.24
CA HIS G 147 -20.67 54.74 15.17
C HIS G 147 -19.33 53.93 15.19
N PRO G 148 -19.11 53.11 16.24
CA PRO G 148 -17.85 52.36 16.37
C PRO G 148 -17.68 51.28 15.29
N TRP G 149 -16.59 51.29 14.55
CA TRP G 149 -16.34 50.28 13.51
C TRP G 149 -15.17 49.36 13.91
N PHE G 150 -15.36 48.07 13.66
CA PHE G 150 -14.34 47.09 13.94
C PHE G 150 -14.00 46.27 12.70
N GLY G 151 -12.73 45.93 12.56
CA GLY G 151 -12.25 45.08 11.50
C GLY G 151 -11.29 44.10 12.12
N MET G 152 -11.64 42.81 12.09
CA MET G 152 -10.84 41.81 12.77
C MET G 152 -10.17 40.88 11.74
N GLU G 153 -8.92 40.54 12.04
CA GLU G 153 -8.07 39.78 11.14
C GLU G 153 -7.89 38.39 11.66
N GLN G 154 -8.77 37.49 11.25
CA GLN G 154 -8.78 36.16 11.83
C GLN G 154 -7.67 35.33 11.18
N GLU G 155 -6.59 35.08 11.94
CA GLU G 155 -5.57 34.17 11.50
C GLU G 155 -5.93 32.80 12.04
N TYR G 156 -5.50 31.77 11.31
CA TYR G 156 -5.76 30.40 11.69
C TYR G 156 -4.77 29.48 10.95
N THR G 157 -4.67 28.25 11.43
CA THR G 157 -3.82 27.26 10.85
C THR G 157 -4.68 26.05 10.48
N LEU G 158 -4.49 25.55 9.26
CA LEU G 158 -5.15 24.36 8.81
C LEU G 158 -4.33 23.16 9.28
N MET G 159 -5.02 22.21 9.90
CA MET G 159 -4.41 21.00 10.49
C MET G 159 -5.00 19.77 9.84
N GLY G 160 -4.19 18.72 9.76
CA GLY G 160 -4.70 17.44 9.40
C GLY G 160 -5.43 16.90 10.60
N THR G 161 -6.42 16.07 10.30
CA THR G 161 -7.00 15.06 11.21
C THR G 161 -5.99 14.48 12.27
N ASP G 162 -4.73 14.25 11.84
CA ASP G 162 -3.70 13.79 12.77
C ASP G 162 -3.00 14.82 13.71
N GLY G 163 -3.52 16.05 13.83
CA GLY G 163 -2.85 17.07 14.70
C GLY G 163 -1.57 17.75 14.16
N HIS G 164 -1.22 17.51 12.90
CA HIS G 164 -0.05 18.10 12.28
C HIS G 164 -0.59 19.07 11.21
N PRO G 165 0.05 20.25 11.06
CA PRO G 165 -0.45 21.22 10.09
C PRO G 165 -0.55 20.60 8.71
N PHE G 166 -1.51 21.09 7.93
CA PHE G 166 -1.78 20.59 6.58
C PHE G 166 -0.66 20.84 5.58
N GLY G 167 -0.29 19.80 4.87
CA GLY G 167 0.76 19.89 3.87
C GLY G 167 2.16 19.84 4.46
N TRP G 168 2.31 19.83 5.79
CA TRP G 168 3.63 19.73 6.42
C TRP G 168 4.13 18.31 6.22
N PRO G 169 5.46 18.16 6.15
CA PRO G 169 6.00 16.85 6.02
C PRO G 169 5.54 16.04 7.19
N SER G 170 5.29 14.77 6.97
CA SER G 170 4.80 13.92 8.04
C SER G 170 5.88 13.74 9.13
N ASN G 171 5.54 14.11 10.37
CA ASN G 171 6.50 14.04 11.47
C ASN G 171 7.67 15.04 11.40
N GLY G 172 7.49 16.12 10.66
CA GLY G 172 8.60 16.97 10.36
C GLY G 172 8.19 18.39 10.06
N PHE G 173 9.17 19.13 9.55
CA PHE G 173 8.98 20.53 9.33
C PHE G 173 9.25 20.87 7.90
N PRO G 174 8.49 21.83 7.37
CA PRO G 174 8.90 22.40 6.10
C PRO G 174 10.08 23.35 6.30
N GLY G 175 10.53 23.92 5.21
CA GLY G 175 11.62 24.88 5.26
C GLY G 175 11.21 26.13 6.01
N PRO G 176 12.19 26.91 6.44
CA PRO G 176 11.92 28.06 7.30
C PRO G 176 10.96 29.07 6.72
N GLN G 177 10.36 29.83 7.62
CA GLN G 177 9.45 30.91 7.26
C GLN G 177 10.17 31.91 6.34
N GLY G 178 9.44 32.54 5.43
CA GLY G 178 10.05 33.41 4.44
C GLY G 178 9.19 33.44 3.21
N PRO G 179 9.12 32.32 2.47
CA PRO G 179 8.42 32.19 1.20
C PRO G 179 6.89 32.00 1.25
N TYR G 180 6.31 31.84 2.43
CA TYR G 180 4.90 31.38 2.55
C TYR G 180 3.90 32.52 2.59
N TYR G 181 4.25 33.58 3.28
CA TYR G 181 3.40 34.75 3.37
C TYR G 181 2.90 35.21 2.01
N CYS G 182 1.57 35.26 1.81
CA CYS G 182 1.03 35.62 0.48
C CYS G 182 1.68 34.87 -0.71
N GLY G 183 2.07 33.62 -0.47
CA GLY G 183 2.79 32.84 -1.47
C GLY G 183 1.84 32.17 -2.43
N VAL G 184 2.38 31.80 -3.59
CA VAL G 184 1.69 31.01 -4.59
C VAL G 184 2.63 29.88 -5.02
N GLY G 185 2.05 28.71 -5.30
CA GLY G 185 2.79 27.49 -5.64
C GLY G 185 2.42 26.33 -4.70
N ALA G 186 2.29 25.12 -5.24
CA ALA G 186 1.99 23.90 -4.46
C ALA G 186 2.99 23.71 -3.34
N ASP G 187 4.24 24.15 -3.54
CA ASP G 187 5.29 24.05 -2.54
C ASP G 187 5.27 25.19 -1.53
N ARG G 188 4.25 26.03 -1.53
CA ARG G 188 4.23 27.09 -0.52
C ARG G 188 2.89 27.61 -0.03
N ALA G 189 1.81 27.47 -0.81
CA ALA G 189 0.47 27.78 -0.34
C ALA G 189 -0.25 26.48 -0.12
N TYR G 190 -0.36 26.08 1.15
CA TYR G 190 -1.02 24.83 1.50
C TYR G 190 -2.46 25.05 1.97
N GLY G 191 -3.43 24.61 1.19
CA GLY G 191 -4.83 24.64 1.60
C GLY G 191 -5.67 25.78 1.01
N ARG G 192 -5.22 26.38 -0.09
CA ARG G 192 -5.95 27.50 -0.70
C ARG G 192 -7.42 27.18 -0.99
N ASP G 193 -7.69 25.92 -1.32
CA ASP G 193 -9.05 25.50 -1.61
C ASP G 193 -10.00 25.88 -0.49
N ILE G 194 -9.60 25.59 0.74
CA ILE G 194 -10.40 25.98 1.90
C ILE G 194 -10.67 27.47 1.88
N VAL G 195 -9.58 28.22 1.68
CA VAL G 195 -9.63 29.69 1.68
C VAL G 195 -10.60 30.19 0.64
N GLU G 196 -10.47 29.70 -0.58
CA GLU G 196 -11.30 30.13 -1.69
C GLU G 196 -12.78 29.81 -1.45
N ALA G 197 -13.01 28.56 -1.03
CA ALA G 197 -14.36 28.07 -0.65
C ALA G 197 -14.99 28.94 0.45
N HIS G 198 -14.23 29.19 1.52
CA HIS G 198 -14.69 30.02 2.61
C HIS G 198 -15.02 31.47 2.19
N TYR G 199 -14.17 32.04 1.33
CA TYR G 199 -14.38 33.41 0.86
C TYR G 199 -15.74 33.45 0.17
N ARG G 200 -15.99 32.46 -0.65
CA ARG G 200 -17.19 32.45 -1.44
C ARG G 200 -18.40 32.10 -0.55
N ALA G 201 -18.20 31.18 0.39
CA ALA G 201 -19.22 30.87 1.40
C ALA G 201 -19.70 32.11 2.15
N CYS G 202 -18.76 32.95 2.54
CA CYS G 202 -19.09 34.14 3.32
C CYS G 202 -19.82 35.21 2.50
N LEU G 203 -19.32 35.45 1.28
CA LEU G 203 -19.95 36.41 0.39
C LEU G 203 -21.37 35.99 0.14
N TYR G 204 -21.59 34.71 -0.15
CA TYR G 204 -22.95 34.22 -0.39
C TYR G 204 -23.79 34.38 0.86
N ALA G 205 -23.24 34.04 2.03
CA ALA G 205 -23.98 34.11 3.28
C ALA G 205 -24.44 35.53 3.67
N GLY G 206 -23.65 36.55 3.30
CA GLY G 206 -23.89 37.93 3.72
C GLY G 206 -22.89 38.39 4.77
N VAL G 207 -21.94 37.52 5.12
CA VAL G 207 -20.87 37.87 6.05
C VAL G 207 -19.94 38.89 5.38
N LYS G 208 -19.56 39.92 6.11
CA LYS G 208 -18.84 41.03 5.50
C LYS G 208 -17.35 40.72 5.49
N ILE G 209 -16.94 39.85 4.55
CA ILE G 209 -15.54 39.46 4.40
C ILE G 209 -14.77 40.50 3.56
N ALA G 210 -13.72 41.07 4.15
CA ALA G 210 -13.00 42.22 3.55
C ALA G 210 -11.82 41.77 2.68
N GLY G 211 -11.21 40.64 3.02
CA GLY G 211 -10.07 40.12 2.26
C GLY G 211 -9.50 38.88 2.85
N THR G 212 -8.52 38.30 2.13
CA THR G 212 -7.80 37.10 2.61
C THR G 212 -6.33 37.25 2.25
N ASN G 213 -5.50 36.51 2.98
CA ASN G 213 -4.09 36.31 2.62
C ASN G 213 -3.48 35.07 3.27
N ALA G 214 -2.50 34.49 2.58
CA ALA G 214 -1.64 33.45 3.14
C ALA G 214 -0.78 34.13 4.20
N GLU G 215 -0.54 33.44 5.31
CA GLU G 215 0.28 34.00 6.38
C GLU G 215 1.67 33.37 6.44
N VAL G 216 2.48 33.84 7.39
CA VAL G 216 3.94 33.64 7.38
C VAL G 216 4.29 32.17 7.65
N MET G 217 3.58 31.56 8.60
CA MET G 217 3.67 30.12 8.83
C MET G 217 3.02 29.33 7.68
N PRO G 218 3.67 28.26 7.24
CA PRO G 218 3.02 27.41 6.24
C PRO G 218 1.75 26.73 6.78
N ALA G 219 0.72 26.67 5.94
CA ALA G 219 -0.58 26.16 6.30
C ALA G 219 -1.35 27.12 7.19
N GLN G 220 -0.79 28.32 7.40
CA GLN G 220 -1.46 29.35 8.20
C GLN G 220 -2.05 30.40 7.27
N TRP G 221 -3.30 30.81 7.53
CA TRP G 221 -4.01 31.71 6.62
C TRP G 221 -4.64 32.85 7.36
N GLU G 222 -5.33 33.71 6.62
CA GLU G 222 -6.02 34.85 7.20
C GLU G 222 -7.24 35.27 6.38
N PHE G 223 -8.27 35.72 7.08
CA PHE G 223 -9.35 36.50 6.49
C PHE G 223 -9.76 37.62 7.43
N GLN G 224 -10.18 38.72 6.82
CA GLN G 224 -10.60 39.89 7.54
C GLN G 224 -12.08 40.04 7.45
N ILE G 225 -12.67 40.41 8.56
CA ILE G 225 -14.07 40.70 8.63
C ILE G 225 -14.18 42.13 9.07
N GLY G 226 -14.87 42.95 8.30
CA GLY G 226 -15.00 44.35 8.64
C GLY G 226 -15.14 45.22 7.43
N PRO G 227 -15.46 46.48 7.60
CA PRO G 227 -15.72 47.07 8.90
C PRO G 227 -17.15 46.82 9.32
N CYS G 228 -17.33 46.37 10.54
CA CYS G 228 -18.64 46.12 11.07
C CYS G 228 -18.95 47.09 12.18
N GLU G 229 -20.13 47.69 12.14
CA GLU G 229 -20.58 48.57 13.20
C GLU G 229 -21.01 47.75 14.43
N GLY G 230 -20.46 48.12 15.59
CA GLY G 230 -20.92 47.62 16.87
C GLY G 230 -21.07 46.12 16.98
N ILE G 231 -22.25 45.70 17.44
CA ILE G 231 -22.49 44.32 17.81
C ILE G 231 -22.29 43.38 16.62
N SER G 232 -22.49 43.89 15.41
CA SER G 232 -22.36 43.04 14.24
C SER G 232 -20.91 42.64 13.94
N MET G 233 -19.92 43.15 14.67
CA MET G 233 -18.58 42.65 14.48
C MET G 233 -18.50 41.22 14.95
N GLY G 234 -18.98 41.00 16.17
CA GLY G 234 -18.93 39.71 16.80
C GLY G 234 -19.88 38.75 16.15
N ASP G 235 -21.01 39.25 15.67
CA ASP G 235 -21.94 38.37 14.92
C ASP G 235 -21.26 37.84 13.67
N HIS G 236 -20.74 38.76 12.88
CA HIS G 236 -20.16 38.38 11.61
C HIS G 236 -18.98 37.49 11.84
N LEU G 237 -18.09 37.85 12.77
CA LEU G 237 -16.87 37.03 12.95
C LEU G 237 -17.20 35.60 13.40
N TRP G 238 -18.12 35.44 14.35
CA TRP G 238 -18.47 34.09 14.77
C TRP G 238 -19.05 33.29 13.62
N VAL G 239 -19.98 33.88 12.89
CA VAL G 239 -20.57 33.16 11.74
C VAL G 239 -19.49 32.84 10.69
N ALA G 240 -18.61 33.80 10.40
CA ALA G 240 -17.39 33.57 9.59
C ALA G 240 -16.61 32.32 10.07
N ARG G 241 -16.44 32.24 11.39
CA ARG G 241 -15.77 31.14 12.03
C ARG G 241 -16.53 29.82 11.91
N PHE G 242 -17.86 29.88 12.02
CA PHE G 242 -18.65 28.68 11.90
C PHE G 242 -18.49 28.16 10.50
N ILE G 243 -18.63 29.06 9.54
CA ILE G 243 -18.54 28.74 8.13
C ILE G 243 -17.18 28.12 7.78
N LEU G 244 -16.11 28.59 8.45
CA LEU G 244 -14.76 28.03 8.21
C LEU G 244 -14.69 26.59 8.71
N HIS G 245 -15.16 26.34 9.92
CA HIS G 245 -15.12 24.98 10.44
C HIS G 245 -15.89 24.06 9.53
N ARG G 246 -17.08 24.49 9.09
CA ARG G 246 -17.90 23.67 8.22
C ARG G 246 -17.24 23.38 6.90
N VAL G 247 -16.72 24.44 6.28
CA VAL G 247 -15.98 24.30 5.03
C VAL G 247 -14.82 23.29 5.25
N CYS G 248 -14.11 23.44 6.35
CA CYS G 248 -12.95 22.60 6.58
C CYS G 248 -13.43 21.17 6.78
N GLU G 249 -14.56 21.05 7.45
CA GLU G 249 -15.16 19.74 7.63
C GLU G 249 -15.35 19.03 6.28
N ASP G 250 -15.82 19.73 5.25
CA ASP G 250 -15.93 19.13 3.92
C ASP G 250 -14.61 18.65 3.40
N PHE G 251 -13.55 19.43 3.61
CA PHE G 251 -12.25 19.04 3.05
C PHE G 251 -11.50 18.02 3.90
N GLY G 252 -12.11 17.57 5.01
CA GLY G 252 -11.44 16.68 5.92
C GLY G 252 -10.25 17.28 6.65
N VAL G 253 -10.24 18.60 6.88
CA VAL G 253 -9.18 19.25 7.64
C VAL G 253 -9.76 19.95 8.87
N ILE G 254 -8.91 20.49 9.74
CA ILE G 254 -9.34 21.14 10.99
C ILE G 254 -8.76 22.55 11.00
N ALA G 255 -9.57 23.53 11.39
CA ALA G 255 -9.10 24.93 11.48
C ALA G 255 -8.82 25.14 12.94
N THR G 256 -7.58 25.44 13.34
CA THR G 256 -7.31 25.77 14.74
C THR G 256 -7.08 27.25 14.90
N PHE G 257 -7.67 27.82 15.94
CA PHE G 257 -7.50 29.24 16.29
C PHE G 257 -6.52 29.44 17.43
N ASP G 258 -5.82 28.40 17.85
CA ASP G 258 -4.85 28.52 18.94
C ASP G 258 -3.75 29.54 18.56
N PRO G 259 -3.35 30.40 19.52
CA PRO G 259 -2.45 31.47 19.12
C PRO G 259 -1.01 31.05 18.98
N LYS G 260 -0.66 29.81 19.32
CA LYS G 260 0.70 29.29 19.08
C LYS G 260 0.65 27.78 18.84
N PRO G 261 0.13 27.36 17.66
CA PRO G 261 -0.09 25.93 17.48
C PRO G 261 1.23 25.14 17.40
N ILE G 262 2.28 25.78 16.89
CA ILE G 262 3.57 25.13 16.79
C ILE G 262 4.55 25.97 17.56
N PRO G 263 5.15 25.39 18.60
CA PRO G 263 6.07 26.17 19.40
C PRO G 263 7.39 26.34 18.66
N GLY G 264 8.10 27.42 18.98
CA GLY G 264 9.44 27.62 18.48
C GLY G 264 9.44 28.68 17.42
N ASN G 265 10.26 28.47 16.38
CA ASN G 265 10.53 29.46 15.36
C ASN G 265 9.46 29.46 14.27
N TRP G 266 8.21 29.58 14.72
CA TRP G 266 7.05 29.64 13.85
C TRP G 266 6.09 30.68 14.38
N ASN G 267 5.45 31.40 13.46
CA ASN G 267 4.52 32.45 13.86
C ASN G 267 3.31 31.89 14.56
N GLY G 268 2.81 32.68 15.49
CA GLY G 268 1.55 32.40 16.15
C GLY G 268 0.39 33.06 15.43
N ALA G 269 -0.80 32.80 15.94
CA ALA G 269 -2.03 33.24 15.31
C ALA G 269 -2.64 34.33 16.20
N GLY G 270 -2.73 35.54 15.65
CA GLY G 270 -3.48 36.63 16.28
C GLY G 270 -4.89 36.76 15.73
N CYS G 271 -5.62 37.75 16.23
CA CYS G 271 -6.86 38.22 15.62
C CYS G 271 -6.92 39.76 15.76
N HIS G 272 -5.98 40.42 15.07
CA HIS G 272 -5.77 41.86 15.27
C HIS G 272 -7.09 42.55 15.10
N THR G 273 -7.41 43.46 16.01
CA THR G 273 -8.66 44.21 15.94
C THR G 273 -8.37 45.63 15.55
N ASN G 274 -8.98 46.04 14.44
CA ASN G 274 -8.92 47.41 13.94
C ASN G 274 -10.13 48.20 14.38
N PHE G 275 -9.94 49.47 14.75
CA PHE G 275 -11.00 50.23 15.42
C PHE G 275 -11.02 51.70 15.05
N SER G 276 -12.22 52.23 14.86
CA SER G 276 -12.41 53.66 14.63
C SER G 276 -13.80 54.09 15.06
N THR G 277 -13.89 55.31 15.58
CA THR G 277 -15.16 55.99 15.78
C THR G 277 -15.38 56.95 14.61
N LYS G 278 -16.55 57.57 14.58
CA LYS G 278 -16.83 58.61 13.60
C LYS G 278 -15.80 59.74 13.70
N ALA G 279 -15.52 60.20 14.92
CA ALA G 279 -14.51 61.24 15.16
C ALA G 279 -13.16 60.85 14.54
N MET G 280 -12.75 59.59 14.72
CA MET G 280 -11.47 59.12 14.20
C MET G 280 -11.43 59.00 12.68
N ARG G 281 -12.58 58.94 12.01
CA ARG G 281 -12.63 58.81 10.54
C ARG G 281 -12.72 60.16 9.82
N GLU G 282 -13.37 61.12 10.45
CA GLU G 282 -13.39 62.50 9.97
C GLU G 282 -11.98 63.11 9.82
N GLU G 283 -11.90 64.28 9.22
CA GLU G 283 -10.61 64.95 8.95
C GLU G 283 -9.86 65.22 10.27
N ASN G 284 -8.56 64.95 10.26
CA ASN G 284 -7.71 65.05 11.45
C ASN G 284 -8.10 64.13 12.60
N GLY G 285 -8.85 63.06 12.31
CA GLY G 285 -9.23 62.07 13.32
C GLY G 285 -8.06 61.42 14.04
N LEU G 286 -6.85 61.56 13.48
CA LEU G 286 -5.63 61.08 14.13
C LEU G 286 -5.50 61.60 15.56
N LYS G 287 -5.94 62.84 15.78
CA LYS G 287 -6.10 63.44 17.12
C LYS G 287 -6.77 62.48 18.12
N TYR G 288 -7.97 62.01 17.77
CA TYR G 288 -8.75 61.11 18.63
C TYR G 288 -8.16 59.69 18.68
N ILE G 289 -7.50 59.27 17.60
CA ILE G 289 -6.81 57.98 17.61
C ILE G 289 -5.74 57.96 18.71
N GLU G 290 -4.84 58.93 18.68
CA GLU G 290 -3.80 59.08 19.72
C GLU G 290 -4.40 59.19 21.14
N GLU G 291 -5.54 59.86 21.27
CA GLU G 291 -6.25 59.92 22.55
C GLU G 291 -6.76 58.55 23.00
N ALA G 292 -7.30 57.78 22.06
CA ALA G 292 -7.80 56.44 22.34
C ALA G 292 -6.66 55.50 22.74
N ILE G 293 -5.53 55.62 22.05
CA ILE G 293 -4.32 54.84 22.39
C ILE G 293 -3.85 55.15 23.82
N GLU G 294 -3.79 56.45 24.15
CA GLU G 294 -3.37 56.92 25.48
C GLU G 294 -4.15 56.20 26.58
N LYS G 295 -5.46 56.10 26.39
CA LYS G 295 -6.32 55.41 27.35
C LYS G 295 -6.05 53.92 27.44
N LEU G 296 -5.74 53.29 26.30
CA LEU G 296 -5.44 51.86 26.27
C LEU G 296 -4.07 51.54 26.90
N SER G 297 -3.16 52.52 26.86
CA SER G 297 -1.84 52.43 27.55
C SER G 297 -2.01 52.24 29.05
N LYS G 298 -3.08 52.81 29.59
CA LYS G 298 -3.35 52.78 31.02
C LYS G 298 -4.26 51.60 31.42
N ARG G 299 -4.50 50.67 30.50
CA ARG G 299 -5.35 49.51 30.81
C ARG G 299 -4.91 48.26 30.07
N HIS G 300 -3.60 48.11 29.91
CA HIS G 300 -3.03 46.98 29.19
C HIS G 300 -3.51 45.65 29.72
N GLN G 301 -3.38 45.47 31.03
CA GLN G 301 -3.69 44.20 31.69
C GLN G 301 -5.18 43.81 31.57
N TYR G 302 -6.05 44.80 31.74
CA TYR G 302 -7.49 44.55 31.66
C TYR G 302 -7.79 43.97 30.30
N HIS G 303 -7.17 44.56 29.28
CA HIS G 303 -7.32 44.10 27.90
C HIS G 303 -6.72 42.72 27.69
N ILE G 304 -5.52 42.46 28.21
CA ILE G 304 -4.97 41.11 28.10
C ILE G 304 -5.94 40.07 28.67
N ARG G 305 -6.73 40.42 29.67
CA ARG G 305 -7.68 39.43 30.24
C ARG G 305 -8.92 39.25 29.36
N ALA G 306 -9.30 40.32 28.67
CA ALA G 306 -10.40 40.27 27.71
C ALA G 306 -10.02 39.58 26.36
N TYR G 307 -8.73 39.40 26.13
CA TYR G 307 -8.23 39.12 24.80
C TYR G 307 -7.96 37.64 24.48
N ASP G 308 -8.29 36.75 25.42
CA ASP G 308 -8.39 35.32 25.11
C ASP G 308 -9.25 34.62 26.14
N PRO G 309 -9.74 33.41 25.85
CA PRO G 309 -10.71 32.81 26.74
C PRO G 309 -10.12 32.25 28.00
N LYS G 310 -8.80 32.30 28.15
CA LYS G 310 -8.14 31.87 29.40
C LYS G 310 -7.47 33.06 30.10
N GLY G 311 -8.14 34.21 30.06
CA GLY G 311 -7.69 35.44 30.72
C GLY G 311 -6.25 35.88 30.46
N GLY G 312 -5.65 35.39 29.36
CA GLY G 312 -4.30 35.78 29.00
C GLY G 312 -3.30 34.64 29.00
N LEU G 313 -3.70 33.46 29.48
CA LEU G 313 -2.74 32.34 29.55
C LEU G 313 -2.41 31.81 28.18
N ASP G 314 -3.38 31.86 27.26
CA ASP G 314 -3.18 31.37 25.91
C ASP G 314 -2.17 32.34 25.25
N ASN G 315 -2.47 33.64 25.26
CA ASN G 315 -1.57 34.65 24.65
C ASN G 315 -0.16 34.65 25.20
N ALA G 316 0.04 34.05 26.38
CA ALA G 316 1.40 33.92 26.90
C ALA G 316 2.28 33.19 25.86
N ARG G 317 1.74 32.21 25.16
CA ARG G 317 2.56 31.43 24.22
C ARG G 317 2.81 32.19 22.92
N ARG G 318 2.12 33.31 22.73
CA ARG G 318 2.19 34.11 21.47
C ARG G 318 2.85 35.47 21.60
N LEU G 319 2.38 36.25 22.57
CA LEU G 319 2.84 37.63 22.75
C LEU G 319 4.20 37.65 23.41
N THR G 320 5.24 37.28 22.66
CA THR G 320 6.60 37.10 23.17
C THR G 320 7.54 38.25 22.80
N GLY G 321 7.12 39.10 21.85
CA GLY G 321 7.96 40.18 21.35
C GLY G 321 8.67 39.82 20.07
N PHE G 322 8.59 38.53 19.67
CA PHE G 322 9.17 38.03 18.40
C PHE G 322 8.03 37.65 17.44
N HIS G 323 8.38 37.23 16.24
CA HIS G 323 7.40 36.71 15.28
C HIS G 323 6.22 37.68 15.10
N GLU G 324 6.60 38.95 14.99
CA GLU G 324 5.69 40.07 14.73
C GLU G 324 4.66 40.27 15.82
N THR G 325 5.08 40.01 17.05
CA THR G 325 4.22 40.24 18.21
C THR G 325 4.89 41.24 19.16
N SER G 326 4.08 41.86 20.00
CA SER G 326 4.57 42.65 21.11
C SER G 326 4.73 41.76 22.36
N ASN G 327 5.62 42.11 23.26
CA ASN G 327 5.70 41.39 24.55
C ASN G 327 4.43 41.56 25.36
N ILE G 328 4.04 40.48 26.06
CA ILE G 328 2.77 40.44 26.79
C ILE G 328 2.74 41.43 27.96
N ASN G 329 3.92 41.70 28.56
CA ASN G 329 4.04 42.61 29.70
C ASN G 329 4.31 44.04 29.29
N ASP G 330 4.32 44.31 28.00
CA ASP G 330 4.74 45.62 27.56
C ASP G 330 3.76 46.23 26.56
N PHE G 331 3.27 47.42 26.90
CA PHE G 331 2.50 48.24 25.98
C PHE G 331 3.40 49.15 25.11
N SER G 332 3.06 49.27 23.83
CA SER G 332 3.82 50.12 22.90
C SER G 332 2.98 50.42 21.66
N ALA G 333 3.28 51.52 20.99
CA ALA G 333 2.50 51.95 19.84
C ALA G 333 3.40 52.63 18.82
N GLY G 334 3.14 52.39 17.53
CA GLY G 334 3.96 52.96 16.50
C GLY G 334 3.35 52.94 15.11
N VAL G 335 3.71 53.91 14.29
CA VAL G 335 3.32 53.93 12.89
C VAL G 335 4.04 52.79 12.17
N ALA G 336 3.28 51.91 11.51
CA ALA G 336 3.84 50.85 10.67
C ALA G 336 4.64 49.79 11.45
N ASN G 337 4.44 49.76 12.77
CA ASN G 337 5.22 48.88 13.67
C ASN G 337 4.53 47.54 14.05
N ARG G 338 4.98 46.45 13.42
CA ARG G 338 4.41 45.13 13.71
C ARG G 338 4.97 44.46 15.00
N SER G 339 5.93 45.10 15.65
CA SER G 339 6.43 44.67 16.96
C SER G 339 5.67 45.32 18.09
N ALA G 340 4.84 46.31 17.76
CA ALA G 340 4.14 47.11 18.79
C ALA G 340 2.79 46.49 19.14
N SER G 341 2.32 46.79 20.34
CA SER G 341 1.01 46.35 20.79
C SER G 341 -0.06 46.98 19.90
N ILE G 342 0.06 48.29 19.65
CA ILE G 342 -0.83 49.03 18.76
C ILE G 342 -0.04 49.61 17.59
N ARG G 343 -0.44 49.23 16.38
CA ARG G 343 0.13 49.82 15.16
C ARG G 343 -0.81 50.86 14.59
N ILE G 344 -0.24 52.01 14.21
CA ILE G 344 -0.94 52.95 13.36
C ILE G 344 -0.45 52.60 11.97
N PRO G 345 -1.36 52.15 11.10
CA PRO G 345 -0.95 51.84 9.73
C PRO G 345 -0.45 53.09 9.00
N ARG G 346 0.50 52.89 8.08
CA ARG G 346 1.17 54.01 7.39
C ARG G 346 0.15 55.02 6.82
N THR G 347 -0.93 54.49 6.22
CA THR G 347 -2.00 55.29 5.59
C THR G 347 -2.74 56.20 6.54
N VAL G 348 -3.09 55.65 7.70
CA VAL G 348 -3.67 56.47 8.78
C VAL G 348 -2.70 57.58 9.20
N GLY G 349 -1.40 57.30 9.23
CA GLY G 349 -0.40 58.30 9.62
C GLY G 349 -0.32 59.43 8.60
N GLN G 350 -0.23 59.03 7.34
CA GLN G 350 -0.14 59.95 6.20
C GLN G 350 -1.39 60.83 6.10
N GLU G 351 -2.55 60.21 6.12
CA GLU G 351 -3.82 60.91 5.92
C GLU G 351 -4.29 61.67 7.15
N LYS G 352 -3.73 61.34 8.32
CA LYS G 352 -4.16 61.94 9.58
C LYS G 352 -5.65 61.66 9.86
N LYS G 353 -6.14 60.51 9.43
CA LYS G 353 -7.50 60.06 9.74
C LYS G 353 -7.64 58.55 9.55
N GLY G 354 -8.69 57.96 10.09
CA GLY G 354 -9.00 56.57 9.80
C GLY G 354 -9.19 55.77 11.07
N TYR G 355 -8.24 54.88 11.35
CA TYR G 355 -8.38 53.82 12.35
C TYR G 355 -7.02 53.31 12.84
N PHE G 356 -7.02 52.61 13.97
CA PHE G 356 -5.80 51.98 14.47
C PHE G 356 -5.96 50.48 14.67
N GLU G 357 -4.83 49.79 14.75
CA GLU G 357 -4.78 48.33 14.80
C GLU G 357 -4.33 47.84 16.17
N ASP G 358 -5.26 47.27 16.97
CA ASP G 358 -4.87 46.61 18.22
C ASP G 358 -4.41 45.18 17.91
N ARG G 359 -3.08 44.98 17.95
CA ARG G 359 -2.45 43.74 17.54
C ARG G 359 -2.44 42.68 18.64
N ARG G 360 -2.98 42.99 19.80
CA ARG G 360 -2.87 42.10 20.94
C ARG G 360 -3.76 40.83 20.95
N PRO G 361 -5.03 40.92 20.53
CA PRO G 361 -5.98 39.78 20.66
C PRO G 361 -5.62 38.44 20.01
N SER G 362 -5.75 37.37 20.78
CA SER G 362 -5.40 36.03 20.33
C SER G 362 -6.32 35.62 19.23
N ALA G 363 -5.84 34.71 18.39
CA ALA G 363 -6.68 34.13 17.34
C ALA G 363 -7.94 33.47 17.93
N ASN G 364 -7.84 32.98 19.17
CA ASN G 364 -8.98 32.30 19.79
C ASN G 364 -9.89 33.20 20.67
N CYS G 365 -9.76 34.52 20.52
CA CYS G 365 -10.53 35.44 21.35
C CYS G 365 -12.03 35.41 21.04
N ASP G 366 -12.85 35.83 22.00
CA ASP G 366 -14.27 36.07 21.74
C ASP G 366 -14.45 37.53 21.32
N PRO G 367 -14.87 37.78 20.07
CA PRO G 367 -14.96 39.14 19.58
C PRO G 367 -15.91 40.04 20.34
N PHE G 368 -16.90 39.46 21.01
CA PHE G 368 -17.76 40.27 21.85
C PHE G 368 -16.96 40.81 23.01
N SER G 369 -16.02 40.01 23.52
CA SER G 369 -15.22 40.42 24.64
C SER G 369 -14.20 41.49 24.21
N VAL G 370 -13.56 41.32 23.07
CA VAL G 370 -12.57 42.27 22.58
C VAL G 370 -13.20 43.59 22.22
N THR G 371 -14.27 43.55 21.42
CA THR G 371 -14.94 44.77 20.98
C THR G 371 -15.46 45.54 22.22
N GLU G 372 -16.16 44.86 23.14
CA GLU G 372 -16.63 45.50 24.39
C GLU G 372 -15.51 46.20 25.14
N ALA G 373 -14.37 45.53 25.33
CA ALA G 373 -13.27 46.11 26.11
C ALA G 373 -12.79 47.47 25.54
N LEU G 374 -12.69 47.54 24.22
CA LEU G 374 -12.29 48.79 23.55
C LEU G 374 -13.32 49.92 23.80
N ILE G 375 -14.62 49.62 23.67
CA ILE G 375 -15.63 50.64 23.84
C ILE G 375 -15.58 51.18 25.27
N ARG G 376 -15.28 50.29 26.22
CA ARG G 376 -15.29 50.62 27.64
C ARG G 376 -14.10 51.52 27.99
N THR G 377 -12.91 51.16 27.50
CA THR G 377 -11.71 51.93 27.78
C THR G 377 -11.71 53.23 26.99
N CYS G 378 -12.14 53.16 25.72
CA CYS G 378 -11.93 54.27 24.79
C CYS G 378 -13.04 55.29 24.70
N LEU G 379 -14.28 54.84 24.88
CA LEU G 379 -15.44 55.71 24.72
C LEU G 379 -16.11 56.01 26.04
N LEU G 380 -16.42 54.97 26.82
CA LEU G 380 -17.04 55.14 28.14
C LEU G 380 -16.01 55.57 29.21
N ASN G 381 -14.72 55.57 28.87
CA ASN G 381 -13.65 56.14 29.72
C ASN G 381 -13.50 55.49 31.09
N GLU G 382 -13.55 54.16 31.13
CA GLU G 382 -13.41 53.43 32.37
C GLU G 382 -11.97 53.20 32.75
N THR G 383 -11.76 53.03 34.05
CA THR G 383 -10.46 52.74 34.63
C THR G 383 -10.63 51.59 35.63
N GLY G 384 -9.51 51.01 36.05
CA GLY G 384 -9.49 49.92 37.04
C GLY G 384 -9.60 48.56 36.38
N ASN H 29 -18.45 2.58 -9.55
CA ASN H 29 -18.43 4.02 -9.09
C ASN H 29 -19.71 4.84 -9.39
N LYS H 30 -19.88 5.89 -8.59
CA LYS H 30 -21.11 6.66 -8.59
C LYS H 30 -21.18 7.65 -9.75
N GLY H 31 -20.05 7.99 -10.35
CA GLY H 31 -20.02 8.86 -11.53
C GLY H 31 -20.60 8.15 -12.75
N ILE H 32 -20.24 6.88 -12.88
CA ILE H 32 -20.81 6.02 -13.92
C ILE H 32 -22.33 5.99 -13.73
N LYS H 33 -22.80 5.77 -12.50
CA LYS H 33 -24.23 5.59 -12.28
C LYS H 33 -25.01 6.85 -12.64
N GLN H 34 -24.49 8.00 -12.24
CA GLN H 34 -25.19 9.22 -12.43
C GLN H 34 -25.43 9.51 -13.94
N VAL H 35 -24.50 9.08 -14.78
CA VAL H 35 -24.63 9.23 -16.23
C VAL H 35 -25.85 8.49 -16.69
N TYR H 36 -25.94 7.21 -16.31
CA TYR H 36 -27.11 6.38 -16.61
C TYR H 36 -28.40 7.00 -16.10
N MET H 37 -28.38 7.52 -14.89
CA MET H 37 -29.57 8.10 -14.27
C MET H 37 -30.03 9.45 -14.91
N SER H 38 -29.19 10.05 -15.76
CA SER H 38 -29.54 11.23 -16.56
C SER H 38 -30.27 10.86 -17.83
N LEU H 39 -30.33 9.57 -18.14
CA LEU H 39 -31.05 9.20 -19.36
C LEU H 39 -32.52 9.48 -19.05
N PRO H 40 -33.20 10.24 -19.92
CA PRO H 40 -34.63 10.44 -19.71
C PRO H 40 -35.33 9.09 -19.84
N GLN H 41 -36.28 8.82 -18.94
CA GLN H 41 -36.75 7.44 -18.83
C GLN H 41 -37.95 7.11 -19.71
N GLY H 42 -38.65 8.13 -20.23
CA GLY H 42 -39.80 7.88 -21.06
C GLY H 42 -41.06 7.69 -20.25
N GLU H 43 -42.07 7.08 -20.88
CA GLU H 43 -43.45 6.98 -20.32
C GLU H 43 -43.64 5.97 -19.12
N LYS H 44 -42.74 5.00 -18.96
CA LYS H 44 -42.87 3.98 -17.89
C LYS H 44 -42.39 4.49 -16.54
N VAL H 45 -42.90 3.90 -15.46
CA VAL H 45 -42.64 4.43 -14.12
C VAL H 45 -42.20 3.32 -13.18
N GLN H 46 -41.19 3.58 -12.36
CA GLN H 46 -40.68 2.58 -11.38
C GLN H 46 -41.39 2.79 -10.05
N ALA H 47 -41.90 1.70 -9.48
CA ALA H 47 -42.45 1.74 -8.12
C ALA H 47 -41.70 0.75 -7.24
N MET H 48 -41.00 1.26 -6.22
CA MET H 48 -40.27 0.37 -5.30
C MET H 48 -41.15 0.09 -4.12
N TYR H 49 -41.64 -1.13 -4.03
CA TYR H 49 -42.45 -1.56 -2.90
C TYR H 49 -41.52 -1.90 -1.73
N ILE H 50 -41.87 -1.41 -0.54
CA ILE H 50 -41.07 -1.61 0.68
C ILE H 50 -41.91 -2.34 1.72
N TRP H 51 -41.29 -3.27 2.45
CA TRP H 51 -41.98 -3.95 3.55
C TRP H 51 -41.08 -4.41 4.71
N ILE H 52 -41.72 -4.69 5.85
CA ILE H 52 -41.04 -5.16 7.06
C ILE H 52 -41.00 -6.68 7.03
N ASP H 53 -39.82 -7.26 7.32
CA ASP H 53 -39.60 -8.72 7.16
C ASP H 53 -39.96 -9.52 8.40
N GLY H 54 -39.51 -10.77 8.47
CA GLY H 54 -39.80 -11.60 9.62
C GLY H 54 -39.11 -11.21 10.92
N THR H 55 -38.07 -10.37 10.84
CA THR H 55 -37.29 -9.98 12.02
C THR H 55 -38.02 -8.87 12.79
N GLY H 56 -39.04 -8.23 12.19
CA GLY H 56 -39.68 -7.05 12.77
C GLY H 56 -38.90 -5.74 12.69
N GLU H 57 -37.67 -5.82 12.19
CA GLU H 57 -36.74 -4.68 12.11
C GLU H 57 -36.17 -4.48 10.71
N GLY H 58 -35.99 -5.58 9.96
CA GLY H 58 -35.51 -5.56 8.58
C GLY H 58 -36.52 -5.04 7.55
N LEU H 59 -36.05 -4.13 6.72
CA LEU H 59 -36.80 -3.61 5.61
C LEU H 59 -36.33 -4.34 4.35
N ARG H 60 -37.29 -4.64 3.49
CA ARG H 60 -37.05 -5.28 2.22
C ARG H 60 -37.71 -4.44 1.18
N CYS H 61 -37.32 -4.61 -0.07
CA CYS H 61 -37.96 -3.94 -1.14
C CYS H 61 -37.63 -4.56 -2.48
N LYS H 62 -38.40 -4.18 -3.48
CA LYS H 62 -38.21 -4.57 -4.89
C LYS H 62 -39.11 -3.68 -5.76
N THR H 63 -38.83 -3.65 -7.05
CA THR H 63 -39.35 -2.64 -7.95
C THR H 63 -40.11 -3.26 -9.11
N ARG H 64 -41.16 -2.59 -9.56
CA ARG H 64 -41.85 -2.97 -10.80
C ARG H 64 -42.08 -1.75 -11.67
N THR H 65 -42.25 -2.00 -12.97
CA THR H 65 -42.53 -0.95 -13.93
C THR H 65 -44.04 -0.80 -14.05
N LEU H 66 -44.52 0.43 -14.07
CA LEU H 66 -45.93 0.75 -14.27
C LEU H 66 -46.03 1.53 -15.56
N ASP H 67 -47.20 1.45 -16.21
CA ASP H 67 -47.44 2.12 -17.50
C ASP H 67 -47.56 3.64 -17.37
N SER H 68 -47.88 4.12 -16.16
CA SER H 68 -47.97 5.55 -15.94
C SER H 68 -47.84 5.89 -14.47
N GLU H 69 -47.56 7.17 -14.21
CA GLU H 69 -47.34 7.64 -12.84
C GLU H 69 -48.65 7.57 -12.04
N PRO H 70 -48.65 6.85 -10.93
CA PRO H 70 -49.82 6.86 -10.05
C PRO H 70 -49.90 8.17 -9.25
N LYS H 71 -51.10 8.67 -9.00
CA LYS H 71 -51.27 9.91 -8.25
C LYS H 71 -51.69 9.73 -6.77
N CYS H 72 -52.29 8.60 -6.46
CA CYS H 72 -52.75 8.22 -5.12
C CYS H 72 -52.21 6.83 -4.86
N VAL H 73 -51.88 6.51 -3.60
CA VAL H 73 -51.50 5.14 -3.21
C VAL H 73 -52.56 4.09 -3.57
N GLU H 74 -53.83 4.48 -3.57
CA GLU H 74 -54.91 3.54 -3.90
C GLU H 74 -54.81 3.03 -5.35
N GLU H 75 -54.17 3.79 -6.25
CA GLU H 75 -53.93 3.35 -7.64
C GLU H 75 -52.93 2.21 -7.83
N LEU H 76 -52.10 1.96 -6.82
CA LEU H 76 -50.99 1.02 -6.98
C LEU H 76 -51.51 -0.38 -6.78
N PRO H 77 -51.15 -1.29 -7.70
CA PRO H 77 -51.64 -2.65 -7.52
C PRO H 77 -51.05 -3.38 -6.31
N GLU H 78 -51.83 -4.33 -5.85
CA GLU H 78 -51.33 -5.34 -4.93
C GLU H 78 -50.20 -6.09 -5.61
N TRP H 79 -49.36 -6.69 -4.79
CA TRP H 79 -48.32 -7.50 -5.34
C TRP H 79 -48.06 -8.64 -4.34
N ASN H 80 -46.88 -9.21 -4.39
CA ASN H 80 -46.52 -10.30 -3.52
C ASN H 80 -45.01 -10.56 -3.59
N PHE H 81 -44.51 -11.46 -2.75
CA PHE H 81 -43.08 -11.77 -2.69
C PHE H 81 -42.89 -13.19 -2.15
N ASP H 82 -41.64 -13.65 -2.22
CA ASP H 82 -41.25 -14.89 -1.56
C ASP H 82 -41.10 -14.72 -0.02
N GLY H 83 -42.15 -15.06 0.71
CA GLY H 83 -42.08 -15.08 2.15
C GLY H 83 -41.05 -16.06 2.70
N SER H 84 -40.65 -17.05 1.90
CA SER H 84 -39.71 -18.05 2.37
C SER H 84 -38.26 -17.56 2.35
N SER H 85 -37.99 -16.47 1.66
CA SER H 85 -36.65 -15.88 1.62
C SER H 85 -36.54 -14.67 2.55
N THR H 86 -37.58 -14.44 3.36
CA THR H 86 -37.64 -13.36 4.36
C THR H 86 -38.08 -13.81 5.76
N LEU H 87 -38.10 -15.13 5.98
CA LEU H 87 -38.52 -15.72 7.26
C LEU H 87 -40.03 -15.48 7.60
N GLN H 88 -40.90 -15.56 6.59
CA GLN H 88 -42.30 -15.30 6.87
C GLN H 88 -43.25 -16.38 6.37
N SER H 89 -42.75 -17.36 5.62
CA SER H 89 -43.53 -18.51 5.13
C SER H 89 -42.62 -19.66 4.62
N GLU H 90 -43.23 -20.79 4.25
CA GLU H 90 -42.53 -21.98 3.76
C GLU H 90 -42.32 -21.93 2.26
N GLY H 91 -41.22 -22.51 1.80
CA GLY H 91 -40.89 -22.58 0.38
C GLY H 91 -42.04 -23.05 -0.48
N SER H 92 -42.76 -24.06 0.00
CA SER H 92 -43.77 -24.74 -0.80
C SER H 92 -45.14 -24.05 -0.79
N ASN H 93 -45.36 -23.08 0.11
CA ASN H 93 -46.54 -22.20 -0.01
C ASN H 93 -46.22 -20.71 0.29
N SER H 94 -45.34 -20.16 -0.54
CA SER H 94 -44.47 -19.05 -0.13
C SER H 94 -44.96 -17.64 -0.45
N ASP H 95 -45.77 -17.51 -1.50
CA ASP H 95 -46.25 -16.20 -1.89
C ASP H 95 -46.91 -15.50 -0.70
N MET H 96 -46.53 -14.25 -0.43
CA MET H 96 -47.24 -13.41 0.54
C MET H 96 -47.65 -12.08 -0.10
N TYR H 97 -48.77 -11.52 0.35
CA TYR H 97 -49.31 -10.34 -0.27
C TYR H 97 -48.58 -9.08 0.17
N LEU H 98 -48.50 -8.14 -0.77
CA LEU H 98 -48.13 -6.76 -0.49
C LEU H 98 -49.31 -5.84 -0.84
N VAL H 99 -49.83 -5.13 0.16
CA VAL H 99 -50.89 -4.16 -0.03
C VAL H 99 -50.37 -2.75 0.25
N PRO H 100 -50.26 -1.92 -0.79
CA PRO H 100 -49.83 -0.53 -0.71
C PRO H 100 -50.53 0.24 0.43
N ALA H 101 -49.74 0.90 1.28
CA ALA H 101 -50.27 1.60 2.45
C ALA H 101 -49.97 3.10 2.35
N ALA H 102 -48.71 3.46 2.10
CA ALA H 102 -48.29 4.87 1.99
C ALA H 102 -47.31 5.06 0.80
N MET H 103 -47.59 6.07 -0.04
CA MET H 103 -46.79 6.37 -1.22
C MET H 103 -45.95 7.65 -1.05
N PHE H 104 -44.75 7.62 -1.58
CA PHE H 104 -43.88 8.78 -1.61
C PHE H 104 -43.12 8.86 -2.92
N ARG H 105 -42.60 10.05 -3.18
CA ARG H 105 -41.72 10.28 -4.31
C ARG H 105 -40.37 9.63 -3.99
N ASP H 106 -39.71 9.12 -5.02
CA ASP H 106 -38.48 8.40 -4.87
C ASP H 106 -37.33 9.38 -5.03
N PRO H 107 -36.59 9.65 -3.96
CA PRO H 107 -35.47 10.58 -4.10
C PRO H 107 -34.24 9.91 -4.72
N PHE H 108 -34.22 8.58 -4.82
CA PHE H 108 -33.10 7.86 -5.46
C PHE H 108 -33.28 7.84 -6.97
N ARG H 109 -34.51 7.73 -7.44
CA ARG H 109 -34.76 7.68 -8.88
C ARG H 109 -35.45 8.91 -9.46
N LYS H 110 -35.96 9.74 -8.58
CA LYS H 110 -36.67 10.96 -8.94
C LYS H 110 -38.02 10.77 -9.55
N ASP H 111 -38.73 11.87 -9.70
CA ASP H 111 -40.07 11.86 -10.26
C ASP H 111 -40.01 11.37 -11.67
N PRO H 112 -40.91 10.49 -12.08
CA PRO H 112 -42.21 10.23 -11.50
C PRO H 112 -42.26 8.97 -10.72
N ASN H 113 -41.09 8.55 -10.33
CA ASN H 113 -40.90 7.22 -9.72
C ASN H 113 -41.28 7.26 -8.24
N LYS H 114 -41.79 6.15 -7.73
CA LYS H 114 -42.38 6.11 -6.39
C LYS H 114 -41.77 5.09 -5.42
N LEU H 115 -41.84 5.45 -4.13
CA LEU H 115 -41.61 4.53 -3.02
C LEU H 115 -43.00 4.23 -2.45
N VAL H 116 -43.30 2.95 -2.24
CA VAL H 116 -44.55 2.52 -1.63
C VAL H 116 -44.30 1.65 -0.42
N LEU H 117 -44.82 2.04 0.75
CA LEU H 117 -44.69 1.24 1.96
C LEU H 117 -45.92 0.34 2.00
N CYS H 118 -45.70 -0.94 2.28
CA CYS H 118 -46.82 -1.88 2.28
C CYS H 118 -47.02 -2.54 3.63
N GLU H 119 -48.21 -3.12 3.79
CA GLU H 119 -48.52 -4.11 4.82
C GLU H 119 -48.36 -5.52 4.25
N VAL H 120 -47.84 -6.43 5.07
CA VAL H 120 -47.71 -7.82 4.64
C VAL H 120 -48.86 -8.71 5.12
N PHE H 121 -49.43 -9.50 4.21
CA PHE H 121 -50.44 -10.50 4.60
C PHE H 121 -50.04 -11.93 4.19
N LYS H 122 -50.56 -12.91 4.93
CA LYS H 122 -50.15 -14.31 4.75
C LYS H 122 -51.00 -14.99 3.67
N TYR H 123 -50.67 -16.23 3.36
CA TYR H 123 -51.38 -17.01 2.33
C TYR H 123 -52.90 -16.94 2.51
N ASN H 124 -53.36 -16.98 3.77
CA ASN H 124 -54.79 -16.96 4.11
C ASN H 124 -55.33 -15.54 4.31
N ARG H 125 -54.71 -14.58 3.62
CA ARG H 125 -55.12 -13.17 3.65
C ARG H 125 -55.15 -12.52 5.04
N ARG H 126 -54.50 -13.13 6.04
CA ARG H 126 -54.43 -12.50 7.37
C ARG H 126 -53.10 -11.75 7.57
N PRO H 127 -53.09 -10.78 8.49
CA PRO H 127 -51.86 -10.02 8.70
C PRO H 127 -50.69 -10.89 9.11
N ALA H 128 -49.52 -10.67 8.51
CA ALA H 128 -48.29 -11.38 8.91
C ALA H 128 -48.01 -11.05 10.36
N GLU H 129 -47.29 -11.93 11.03
CA GLU H 129 -46.98 -11.77 12.45
C GLU H 129 -46.34 -10.41 12.70
N THR H 130 -45.46 -9.95 11.81
CA THR H 130 -44.80 -8.64 12.01
C THR H 130 -45.49 -7.42 11.32
N ASN H 131 -46.66 -7.60 10.72
CA ASN H 131 -47.46 -6.47 10.25
C ASN H 131 -48.18 -5.96 11.48
N LEU H 132 -47.57 -5.00 12.19
CA LEU H 132 -48.21 -4.35 13.36
C LEU H 132 -49.00 -3.08 13.02
N ARG H 133 -49.00 -2.72 11.73
CA ARG H 133 -49.75 -1.57 11.25
C ARG H 133 -51.25 -1.81 11.30
N HIS H 134 -51.67 -3.03 10.92
CA HIS H 134 -53.08 -3.36 10.71
C HIS H 134 -53.90 -3.00 11.94
N THR H 135 -53.55 -3.59 13.08
CA THR H 135 -54.20 -3.25 14.33
C THR H 135 -54.05 -1.76 14.68
N CYS H 136 -52.84 -1.22 14.53
CA CYS H 136 -52.59 0.20 14.86
C CYS H 136 -53.53 1.15 14.08
N LYS H 137 -53.77 0.89 12.80
CA LYS H 137 -54.71 1.71 12.03
C LYS H 137 -56.11 1.76 12.65
N ARG H 138 -56.59 0.62 13.18
CA ARG H 138 -57.95 0.55 13.78
C ARG H 138 -58.03 1.35 15.06
N ILE H 139 -56.96 1.30 15.84
CA ILE H 139 -56.85 2.08 17.06
C ILE H 139 -56.84 3.57 16.71
N MET H 140 -56.07 3.93 15.69
CA MET H 140 -55.96 5.32 15.27
C MET H 140 -57.31 5.88 14.85
N ASP H 141 -58.08 5.07 14.14
CA ASP H 141 -59.40 5.46 13.63
C ASP H 141 -60.42 5.69 14.74
N MET H 142 -60.20 5.04 15.88
CA MET H 142 -61.08 5.16 17.05
C MET H 142 -60.99 6.53 17.71
N VAL H 143 -59.80 7.11 17.67
CA VAL H 143 -59.55 8.39 18.27
C VAL H 143 -59.28 9.51 17.25
N SER H 144 -59.77 9.36 16.02
CA SER H 144 -59.52 10.37 14.96
C SER H 144 -60.02 11.76 15.36
N ASN H 145 -61.09 11.80 16.15
CA ASN H 145 -61.62 13.07 16.66
C ASN H 145 -60.74 13.76 17.69
N GLN H 146 -59.89 13.00 18.39
CA GLN H 146 -58.89 13.59 19.29
C GLN H 146 -57.58 13.93 18.60
N HIS H 147 -57.52 13.70 17.27
CA HIS H 147 -56.38 14.14 16.45
C HIS H 147 -55.02 13.95 17.11
N PRO H 148 -54.66 12.69 17.36
CA PRO H 148 -53.39 12.41 18.02
C PRO H 148 -52.22 12.68 17.09
N TRP H 149 -51.26 13.49 17.55
CA TRP H 149 -50.03 13.81 16.82
C TRP H 149 -48.82 13.18 17.53
N PHE H 150 -47.86 12.70 16.73
CA PHE H 150 -46.62 12.13 17.27
C PHE H 150 -45.44 12.78 16.57
N GLY H 151 -44.34 12.84 17.28
CA GLY H 151 -43.07 13.27 16.74
C GLY H 151 -42.02 12.36 17.32
N MET H 152 -41.32 11.63 16.45
CA MET H 152 -40.34 10.67 16.91
C MET H 152 -38.92 11.09 16.53
N GLU H 153 -37.99 10.87 17.46
CA GLU H 153 -36.60 11.33 17.31
C GLU H 153 -35.72 10.11 17.08
N GLN H 154 -35.52 9.74 15.81
CA GLN H 154 -34.74 8.57 15.45
C GLN H 154 -33.26 8.86 15.63
N GLU H 155 -32.72 8.40 16.75
CA GLU H 155 -31.27 8.42 16.96
C GLU H 155 -30.68 7.17 16.28
N TYR H 156 -29.49 7.29 15.70
CA TYR H 156 -28.84 6.15 15.04
C TYR H 156 -27.31 6.33 15.02
N THR H 157 -26.55 5.23 14.88
CA THR H 157 -25.11 5.32 14.76
C THR H 157 -24.67 4.80 13.39
N LEU H 158 -23.72 5.53 12.79
CA LEU H 158 -23.14 5.20 11.50
C LEU H 158 -21.90 4.35 11.76
N MET H 159 -21.92 3.16 11.13
CA MET H 159 -20.88 2.15 11.23
C MET H 159 -20.23 1.93 9.88
N GLY H 160 -18.94 1.63 9.94
CA GLY H 160 -18.23 1.06 8.84
C GLY H 160 -18.75 -0.33 8.51
N THR H 161 -18.48 -0.70 7.27
CA THR H 161 -18.69 -2.03 6.75
C THR H 161 -18.08 -3.09 7.74
N ASP H 162 -16.91 -2.77 8.30
CA ASP H 162 -16.22 -3.57 9.33
C ASP H 162 -16.85 -3.72 10.76
N GLY H 163 -18.05 -3.20 11.01
CA GLY H 163 -18.69 -3.32 12.33
C GLY H 163 -18.32 -2.25 13.39
N HIS H 164 -17.35 -1.40 13.07
CA HIS H 164 -16.84 -0.36 13.98
C HIS H 164 -17.46 0.98 13.56
N PRO H 165 -17.80 1.88 14.50
CA PRO H 165 -18.41 3.15 14.10
C PRO H 165 -17.57 4.00 13.14
N PHE H 166 -18.27 4.68 12.26
CA PHE H 166 -17.69 5.52 11.23
C PHE H 166 -16.85 6.61 11.85
N GLY H 167 -15.62 6.72 11.35
CA GLY H 167 -14.71 7.77 11.77
C GLY H 167 -13.93 7.45 13.03
N TRP H 168 -14.28 6.37 13.72
CA TRP H 168 -13.62 6.03 14.97
C TRP H 168 -12.26 5.49 14.64
N PRO H 169 -11.27 5.70 15.52
CA PRO H 169 -9.98 5.11 15.25
C PRO H 169 -10.14 3.62 15.07
N SER H 170 -9.29 3.08 14.25
CA SER H 170 -9.38 1.70 13.88
C SER H 170 -8.96 0.83 15.07
N ASN H 171 -9.82 -0.11 15.45
CA ASN H 171 -9.56 -0.92 16.66
C ASN H 171 -9.51 -0.12 17.97
N GLY H 172 -10.03 1.09 17.94
CA GLY H 172 -9.85 1.98 19.06
C GLY H 172 -11.01 2.90 19.25
N PHE H 173 -10.84 3.78 20.23
CA PHE H 173 -11.86 4.71 20.63
C PHE H 173 -11.41 6.14 20.39
N PRO H 174 -12.37 7.01 20.04
CA PRO H 174 -12.08 8.41 19.98
C PRO H 174 -12.09 8.98 21.39
N GLY H 175 -11.86 10.27 21.49
CA GLY H 175 -11.88 10.93 22.76
C GLY H 175 -13.25 10.88 23.43
N PRO H 176 -13.27 11.11 24.75
CA PRO H 176 -14.51 11.05 25.50
C PRO H 176 -15.60 11.95 24.98
N GLN H 177 -16.83 11.53 25.28
CA GLN H 177 -18.02 12.25 24.89
C GLN H 177 -17.94 13.64 25.48
N GLY H 178 -18.67 14.59 24.91
CA GLY H 178 -18.60 16.02 25.30
C GLY H 178 -18.72 16.92 24.08
N PRO H 179 -17.72 16.86 23.18
CA PRO H 179 -17.66 17.77 22.03
C PRO H 179 -18.43 17.37 20.76
N TYR H 180 -19.10 16.22 20.75
CA TYR H 180 -19.72 15.70 19.52
C TYR H 180 -21.19 16.16 19.36
N TYR H 181 -21.93 16.24 20.45
CA TYR H 181 -23.30 16.71 20.38
C TYR H 181 -23.35 18.01 19.59
N CYS H 182 -24.18 18.06 18.55
CA CYS H 182 -24.27 19.26 17.69
C CYS H 182 -22.94 19.88 17.28
N GLY H 183 -21.94 19.02 17.06
CA GLY H 183 -20.58 19.47 16.89
C GLY H 183 -20.33 19.86 15.45
N VAL H 184 -19.27 20.66 15.24
CA VAL H 184 -18.79 21.03 13.91
C VAL H 184 -17.25 20.84 13.78
N GLY H 185 -16.80 20.27 12.65
CA GLY H 185 -15.38 20.04 12.44
C GLY H 185 -15.06 18.59 12.10
N ALA H 186 -14.03 18.36 11.33
CA ALA H 186 -13.66 17.04 10.89
C ALA H 186 -13.31 16.13 12.03
N ASP H 187 -13.09 16.71 13.19
CA ASP H 187 -12.72 15.96 14.37
C ASP H 187 -13.85 15.73 15.31
N ARG H 188 -15.06 16.04 14.91
CA ARG H 188 -16.15 15.76 15.79
C ARG H 188 -17.45 15.45 15.17
N ALA H 189 -17.59 15.83 13.91
CA ALA H 189 -18.78 15.50 13.20
C ALA H 189 -18.46 14.45 12.24
N TYR H 190 -18.91 13.25 12.50
CA TYR H 190 -18.52 12.16 11.65
C TYR H 190 -19.68 11.64 10.81
N GLY H 191 -19.70 11.97 9.53
CA GLY H 191 -20.72 11.48 8.61
C GLY H 191 -21.82 12.47 8.24
N ARG H 192 -21.51 13.77 8.16
CA ARG H 192 -22.55 14.75 7.87
C ARG H 192 -23.15 14.59 6.49
N ASP H 193 -22.36 14.03 5.58
CA ASP H 193 -22.78 13.81 4.21
C ASP H 193 -24.01 12.93 4.19
N ILE H 194 -23.99 11.86 4.98
CA ILE H 194 -25.19 11.02 5.14
C ILE H 194 -26.41 11.85 5.60
N VAL H 195 -26.20 12.65 6.65
CA VAL H 195 -27.26 13.41 7.30
C VAL H 195 -27.90 14.44 6.36
N GLU H 196 -27.05 15.22 5.69
CA GLU H 196 -27.48 16.20 4.70
C GLU H 196 -28.23 15.57 3.56
N ALA H 197 -27.64 14.51 2.98
CA ALA H 197 -28.29 13.75 1.87
C ALA H 197 -29.67 13.20 2.31
N HIS H 198 -29.72 12.56 3.48
CA HIS H 198 -30.95 12.02 4.01
C HIS H 198 -32.03 13.08 4.23
N TYR H 199 -31.62 14.23 4.78
CA TYR H 199 -32.55 15.33 5.08
C TYR H 199 -33.23 15.73 3.77
N ARG H 200 -32.41 15.95 2.76
CA ARG H 200 -32.87 16.43 1.48
C ARG H 200 -33.75 15.38 0.78
N ALA H 201 -33.33 14.11 0.85
CA ALA H 201 -34.05 12.97 0.29
C ALA H 201 -35.45 12.86 0.87
N CYS H 202 -35.55 13.09 2.18
CA CYS H 202 -36.82 13.02 2.87
C CYS H 202 -37.73 14.16 2.49
N LEU H 203 -37.15 15.36 2.37
CA LEU H 203 -37.96 16.52 2.02
C LEU H 203 -38.52 16.33 0.63
N TYR H 204 -37.72 15.79 -0.28
CA TYR H 204 -38.17 15.50 -1.64
C TYR H 204 -39.17 14.36 -1.59
N ALA H 205 -38.90 13.31 -0.82
CA ALA H 205 -39.84 12.18 -0.76
C ALA H 205 -41.30 12.61 -0.42
N GLY H 206 -41.41 13.60 0.47
CA GLY H 206 -42.67 13.98 1.10
C GLY H 206 -42.70 13.52 2.56
N VAL H 207 -41.58 13.06 3.09
CA VAL H 207 -41.52 12.60 4.51
C VAL H 207 -41.43 13.82 5.45
N LYS H 208 -42.23 13.85 6.52
CA LYS H 208 -42.30 15.03 7.37
C LYS H 208 -41.11 15.12 8.36
N ILE H 209 -39.93 15.43 7.81
CA ILE H 209 -38.71 15.59 8.59
C ILE H 209 -38.69 16.98 9.27
N ALA H 210 -38.67 16.99 10.60
CA ALA H 210 -38.74 18.21 11.39
C ALA H 210 -37.38 18.81 11.74
N GLY H 211 -36.32 18.03 11.74
CA GLY H 211 -35.01 18.59 12.02
C GLY H 211 -33.96 17.50 12.14
N THR H 212 -32.72 17.90 12.43
CA THR H 212 -31.61 16.97 12.64
C THR H 212 -30.61 17.58 13.61
N ASN H 213 -29.83 16.72 14.25
CA ASN H 213 -28.71 17.16 15.09
C ASN H 213 -27.70 16.06 15.23
N ALA H 214 -26.44 16.42 15.28
CA ALA H 214 -25.38 15.50 15.70
C ALA H 214 -25.64 15.12 17.18
N GLU H 215 -25.37 13.87 17.56
CA GLU H 215 -25.63 13.41 18.96
C GLU H 215 -24.38 13.21 19.81
N VAL H 216 -24.55 12.82 21.07
CA VAL H 216 -23.48 12.85 22.09
C VAL H 216 -22.35 11.89 21.81
N MET H 217 -22.70 10.69 21.33
CA MET H 217 -21.69 9.72 20.86
C MET H 217 -21.20 10.12 19.49
N PRO H 218 -19.89 10.04 19.22
CA PRO H 218 -19.36 10.36 17.92
C PRO H 218 -19.81 9.32 16.92
N ALA H 219 -20.09 9.76 15.70
CA ALA H 219 -20.74 8.95 14.65
C ALA H 219 -22.24 8.74 14.85
N GLN H 220 -22.82 9.35 15.90
CA GLN H 220 -24.23 9.14 16.23
C GLN H 220 -24.96 10.41 15.89
N TRP H 221 -26.11 10.24 15.25
CA TRP H 221 -26.88 11.36 14.73
C TRP H 221 -28.35 11.23 15.08
N GLU H 222 -29.11 12.22 14.64
CA GLU H 222 -30.51 12.25 14.95
C GLU H 222 -31.33 12.95 13.90
N PHE H 223 -32.48 12.37 13.60
CA PHE H 223 -33.50 13.07 12.84
C PHE H 223 -34.89 12.89 13.45
N GLN H 224 -35.64 13.97 13.37
CA GLN H 224 -36.96 14.09 13.91
C GLN H 224 -37.96 13.98 12.81
N ILE H 225 -39.00 13.22 13.04
CA ILE H 225 -40.05 13.08 12.09
C ILE H 225 -41.32 13.46 12.81
N GLY H 226 -41.95 14.55 12.40
CA GLY H 226 -43.21 14.96 12.99
C GLY H 226 -43.62 16.37 12.64
N PRO H 227 -44.77 16.81 13.11
CA PRO H 227 -45.67 16.00 13.90
C PRO H 227 -46.55 15.29 12.95
N CYS H 228 -46.88 14.04 13.23
CA CYS H 228 -47.65 13.28 12.29
C CYS H 228 -48.92 12.80 12.95
N GLU H 229 -50.07 13.07 12.36
CA GLU H 229 -51.31 12.57 12.90
C GLU H 229 -51.44 11.06 12.67
N GLY H 230 -51.88 10.36 13.72
CA GLY H 230 -52.33 8.99 13.61
C GLY H 230 -51.36 8.03 12.96
N ILE H 231 -51.90 7.16 12.11
CA ILE H 231 -51.16 6.07 11.49
C ILE H 231 -50.00 6.56 10.61
N SER H 232 -50.08 7.79 10.14
CA SER H 232 -49.03 8.36 9.29
C SER H 232 -47.69 8.63 10.05
N MET H 233 -47.67 8.42 11.36
CA MET H 233 -46.42 8.54 12.14
C MET H 233 -45.52 7.37 11.83
N GLY H 234 -46.07 6.16 12.00
CA GLY H 234 -45.35 4.95 11.68
C GLY H 234 -44.99 4.90 10.20
N ASP H 235 -45.93 5.27 9.35
CA ASP H 235 -45.67 5.29 7.91
C ASP H 235 -44.49 6.16 7.55
N HIS H 236 -44.43 7.34 8.14
CA HIS H 236 -43.40 8.30 7.78
C HIS H 236 -42.05 7.86 8.35
N LEU H 237 -42.03 7.40 9.59
CA LEU H 237 -40.79 6.94 10.21
C LEU H 237 -40.18 5.79 9.43
N TRP H 238 -41.01 4.80 9.14
CA TRP H 238 -40.51 3.64 8.48
C TRP H 238 -39.90 3.98 7.10
N VAL H 239 -40.62 4.77 6.30
CA VAL H 239 -40.03 5.20 5.02
C VAL H 239 -38.73 6.02 5.24
N ALA H 240 -38.75 6.90 6.25
CA ALA H 240 -37.56 7.67 6.63
C ALA H 240 -36.40 6.72 6.88
N ARG H 241 -36.68 5.61 7.56
CA ARG H 241 -35.68 4.62 7.90
C ARG H 241 -35.16 3.91 6.67
N PHE H 242 -36.07 3.61 5.77
CA PHE H 242 -35.68 3.05 4.49
C PHE H 242 -34.76 4.05 3.79
N ILE H 243 -35.21 5.30 3.68
CA ILE H 243 -34.46 6.30 2.94
C ILE H 243 -33.05 6.41 3.53
N LEU H 244 -32.96 6.29 4.85
CA LEU H 244 -31.68 6.35 5.55
C LEU H 244 -30.78 5.19 5.18
N HIS H 245 -31.29 3.97 5.28
CA HIS H 245 -30.47 2.79 4.92
C HIS H 245 -30.02 2.88 3.46
N ARG H 246 -30.93 3.32 2.58
CA ARG H 246 -30.62 3.44 1.15
C ARG H 246 -29.51 4.44 0.92
N VAL H 247 -29.63 5.61 1.60
CA VAL H 247 -28.65 6.67 1.45
C VAL H 247 -27.32 6.17 1.97
N CYS H 248 -27.32 5.55 3.14
CA CYS H 248 -26.08 5.04 3.70
C CYS H 248 -25.40 4.03 2.77
N GLU H 249 -26.22 3.27 2.06
CA GLU H 249 -25.72 2.27 1.12
C GLU H 249 -24.91 2.96 0.05
N ASP H 250 -25.45 4.07 -0.46
CA ASP H 250 -24.75 4.84 -1.47
C ASP H 250 -23.38 5.20 -0.99
N PHE H 251 -23.23 5.51 0.29
CA PHE H 251 -21.96 6.00 0.81
C PHE H 251 -21.06 4.91 1.32
N GLY H 252 -21.49 3.66 1.24
CA GLY H 252 -20.69 2.56 1.75
C GLY H 252 -20.63 2.46 3.26
N VAL H 253 -21.65 2.99 3.95
CA VAL H 253 -21.74 2.80 5.40
C VAL H 253 -23.06 2.12 5.76
N ILE H 254 -23.14 1.75 7.04
CA ILE H 254 -24.29 1.10 7.68
C ILE H 254 -24.84 2.01 8.78
N ALA H 255 -26.18 2.04 8.88
CA ALA H 255 -26.89 2.68 9.98
C ALA H 255 -27.45 1.59 10.92
N THR H 256 -27.19 1.65 12.21
CA THR H 256 -27.76 0.67 13.14
C THR H 256 -28.72 1.36 14.05
N PHE H 257 -29.85 0.71 14.34
CA PHE H 257 -30.77 1.27 15.33
C PHE H 257 -30.67 0.54 16.65
N ASP H 258 -29.56 -0.17 16.86
CA ASP H 258 -29.38 -0.84 18.12
C ASP H 258 -29.35 0.21 19.24
N PRO H 259 -30.05 -0.06 20.34
CA PRO H 259 -30.11 0.94 21.38
C PRO H 259 -28.82 1.09 22.19
N LYS H 260 -27.89 0.14 22.12
CA LYS H 260 -26.60 0.27 22.81
C LYS H 260 -25.45 -0.36 22.02
N PRO H 261 -25.12 0.22 20.86
CA PRO H 261 -24.18 -0.34 19.92
C PRO H 261 -22.73 -0.46 20.44
N ILE H 262 -22.29 0.48 21.26
CA ILE H 262 -20.99 0.37 21.90
C ILE H 262 -21.20 0.33 23.44
N PRO H 263 -20.84 -0.78 24.09
CA PRO H 263 -21.04 -0.83 25.54
C PRO H 263 -20.02 0.05 26.26
N GLY H 264 -20.40 0.49 27.44
CA GLY H 264 -19.52 1.29 28.26
C GLY H 264 -19.98 2.73 28.32
N ASN H 265 -19.00 3.63 28.46
CA ASN H 265 -19.24 5.06 28.62
C ASN H 265 -19.56 5.78 27.30
N TRP H 266 -20.58 5.27 26.62
CA TRP H 266 -21.00 5.82 25.34
C TRP H 266 -22.50 5.85 25.34
N ASN H 267 -23.08 6.85 24.71
CA ASN H 267 -24.50 6.96 24.74
C ASN H 267 -25.12 5.84 23.93
N GLY H 268 -26.28 5.41 24.37
CA GLY H 268 -27.11 4.54 23.58
C GLY H 268 -28.06 5.34 22.70
N ALA H 269 -28.91 4.60 22.00
CA ALA H 269 -29.74 5.17 20.93
C ALA H 269 -31.20 5.00 21.33
N GLY H 270 -31.93 6.12 21.38
CA GLY H 270 -33.36 6.08 21.64
C GLY H 270 -34.19 6.52 20.45
N CYS H 271 -35.50 6.48 20.64
CA CYS H 271 -36.43 6.99 19.65
C CYS H 271 -37.59 7.74 20.34
N HIS H 272 -37.22 8.83 21.04
CA HIS H 272 -38.12 9.56 21.94
C HIS H 272 -39.38 9.87 21.14
N THR H 273 -40.52 9.45 21.68
CA THR H 273 -41.79 9.65 21.04
C THR H 273 -42.48 10.78 21.77
N ASN H 274 -42.60 11.94 21.13
CA ASN H 274 -43.36 13.07 21.67
C ASN H 274 -44.80 12.92 21.23
N PHE H 275 -45.74 13.43 22.03
CA PHE H 275 -47.15 13.08 21.87
C PHE H 275 -48.11 14.12 22.44
N SER H 276 -49.17 14.38 21.70
CA SER H 276 -50.24 15.28 22.13
C SER H 276 -51.58 14.93 21.44
N THR H 277 -52.67 15.28 22.11
CA THR H 277 -53.99 15.26 21.51
C THR H 277 -54.43 16.70 21.33
N LYS H 278 -55.64 16.89 20.82
CA LYS H 278 -56.15 18.23 20.57
C LYS H 278 -56.38 18.98 21.87
N ALA H 279 -56.90 18.29 22.88
CA ALA H 279 -57.05 18.88 24.21
C ALA H 279 -55.68 19.36 24.73
N MET H 280 -54.64 18.55 24.54
CA MET H 280 -53.32 18.85 25.09
C MET H 280 -52.67 20.06 24.41
N ARG H 281 -52.96 20.26 23.13
CA ARG H 281 -52.47 21.41 22.34
C ARG H 281 -53.24 22.71 22.64
N GLU H 282 -54.52 22.60 22.98
CA GLU H 282 -55.31 23.78 23.38
C GLU H 282 -54.83 24.43 24.69
N GLU H 283 -55.39 25.60 24.98
CA GLU H 283 -55.04 26.36 26.20
C GLU H 283 -55.21 25.51 27.46
N ASN H 284 -54.21 25.56 28.33
CA ASN H 284 -54.17 24.74 29.56
C ASN H 284 -54.27 23.24 29.26
N GLY H 285 -53.62 22.81 28.18
CA GLY H 285 -53.58 21.40 27.82
C GLY H 285 -52.70 20.61 28.77
N LEU H 286 -51.83 21.30 29.50
CA LEU H 286 -51.01 20.68 30.55
C LEU H 286 -51.87 19.81 31.48
N LYS H 287 -53.11 20.26 31.72
CA LYS H 287 -54.09 19.50 32.49
C LYS H 287 -54.16 18.08 31.96
N TYR H 288 -54.36 17.94 30.66
CA TYR H 288 -54.53 16.62 30.05
C TYR H 288 -53.19 15.89 29.79
N ILE H 289 -52.11 16.65 29.61
CA ILE H 289 -50.76 16.09 29.58
C ILE H 289 -50.52 15.32 30.88
N GLU H 290 -50.80 15.96 32.01
CA GLU H 290 -50.60 15.33 33.31
C GLU H 290 -51.50 14.12 33.53
N GLU H 291 -52.76 14.20 33.10
CA GLU H 291 -53.66 13.06 33.17
C GLU H 291 -53.13 11.87 32.39
N ALA H 292 -52.49 12.16 31.25
CA ALA H 292 -51.92 11.10 30.40
C ALA H 292 -50.63 10.52 31.00
N ILE H 293 -49.78 11.36 31.59
CA ILE H 293 -48.56 10.90 32.25
C ILE H 293 -48.89 10.00 33.46
N GLU H 294 -50.00 10.30 34.10
CA GLU H 294 -50.53 9.50 35.21
C GLU H 294 -51.00 8.12 34.76
N LYS H 295 -51.67 8.04 33.61
CA LYS H 295 -52.13 6.74 33.14
C LYS H 295 -50.97 5.92 32.67
N LEU H 296 -49.86 6.57 32.30
CA LEU H 296 -48.69 5.87 31.79
C LEU H 296 -47.87 5.30 32.94
N SER H 297 -47.84 6.01 34.06
CA SER H 297 -47.17 5.56 35.30
C SER H 297 -47.67 4.17 35.79
N LYS H 298 -48.91 3.82 35.47
CA LYS H 298 -49.53 2.58 35.92
C LYS H 298 -49.45 1.46 34.88
N ARG H 299 -48.74 1.70 33.79
CA ARG H 299 -48.57 0.65 32.76
C ARG H 299 -47.14 0.64 32.19
N HIS H 300 -46.16 0.84 33.07
CA HIS H 300 -44.77 0.93 32.65
C HIS H 300 -44.34 -0.33 31.91
N GLN H 301 -44.45 -1.47 32.56
CA GLN H 301 -44.02 -2.76 31.99
C GLN H 301 -44.66 -3.06 30.64
N TYR H 302 -45.95 -2.75 30.50
CA TYR H 302 -46.65 -2.98 29.25
C TYR H 302 -45.98 -2.22 28.10
N HIS H 303 -45.67 -0.95 28.36
CA HIS H 303 -44.99 -0.08 27.40
C HIS H 303 -43.53 -0.51 27.10
N ILE H 304 -42.80 -0.94 28.13
CA ILE H 304 -41.44 -1.44 27.94
C ILE H 304 -41.47 -2.60 26.96
N ARG H 305 -42.39 -3.55 27.14
CA ARG H 305 -42.61 -4.65 26.19
C ARG H 305 -43.04 -4.20 24.78
N ALA H 306 -43.74 -3.09 24.70
CA ALA H 306 -44.14 -2.52 23.42
C ALA H 306 -43.03 -1.72 22.74
N TYR H 307 -41.95 -1.39 23.44
CA TYR H 307 -41.05 -0.34 22.97
C TYR H 307 -39.76 -0.82 22.32
N ASP H 308 -39.50 -2.12 22.29
CA ASP H 308 -38.47 -2.67 21.40
C ASP H 308 -38.94 -4.03 20.84
N PRO H 309 -38.30 -4.52 19.77
CA PRO H 309 -38.89 -5.71 19.14
C PRO H 309 -38.56 -7.00 19.85
N LYS H 310 -37.96 -6.94 21.04
CA LYS H 310 -37.64 -8.14 21.80
C LYS H 310 -38.31 -8.07 23.17
N GLY H 311 -39.39 -7.30 23.23
CA GLY H 311 -40.17 -7.12 24.45
C GLY H 311 -39.41 -6.53 25.62
N GLY H 312 -38.37 -5.75 25.37
CA GLY H 312 -37.64 -5.08 26.44
C GLY H 312 -36.21 -5.50 26.62
N LEU H 313 -35.79 -6.63 26.03
CA LEU H 313 -34.44 -7.13 26.26
C LEU H 313 -33.40 -6.21 25.63
N ASP H 314 -33.71 -5.62 24.48
CA ASP H 314 -32.76 -4.69 23.83
C ASP H 314 -32.62 -3.43 24.66
N ASN H 315 -33.74 -2.84 25.08
CA ASN H 315 -33.73 -1.64 25.94
C ASN H 315 -33.04 -1.87 27.29
N ALA H 316 -32.94 -3.13 27.73
CA ALA H 316 -32.20 -3.45 28.95
C ALA H 316 -30.75 -3.00 28.89
N ARG H 317 -30.17 -2.91 27.70
CA ARG H 317 -28.77 -2.50 27.57
C ARG H 317 -28.62 -0.97 27.53
N ARG H 318 -29.74 -0.25 27.35
CA ARG H 318 -29.75 1.22 27.24
C ARG H 318 -30.38 1.98 28.42
N LEU H 319 -31.52 1.50 28.89
CA LEU H 319 -32.26 2.16 29.97
C LEU H 319 -31.66 1.74 31.31
N THR H 320 -30.53 2.37 31.61
CA THR H 320 -29.72 2.13 32.81
C THR H 320 -29.91 3.20 33.90
N GLY H 321 -30.45 4.35 33.51
CA GLY H 321 -30.46 5.53 34.36
C GLY H 321 -29.28 6.46 34.08
N PHE H 322 -28.28 5.98 33.35
CA PHE H 322 -27.17 6.85 32.89
C PHE H 322 -27.30 7.21 31.39
N HIS H 323 -26.38 8.04 30.94
CA HIS H 323 -26.27 8.45 29.53
C HIS H 323 -27.58 8.99 29.00
N GLU H 324 -28.15 9.84 29.87
CA GLU H 324 -29.39 10.56 29.62
C GLU H 324 -30.60 9.64 29.44
N THR H 325 -30.61 8.53 30.16
CA THR H 325 -31.75 7.60 30.15
C THR H 325 -32.40 7.51 31.53
N SER H 326 -33.61 6.97 31.55
CA SER H 326 -34.22 6.51 32.80
C SER H 326 -33.87 5.04 33.00
N ASN H 327 -33.91 4.60 34.24
CA ASN H 327 -33.78 3.17 34.55
C ASN H 327 -35.02 2.39 34.09
N ILE H 328 -34.77 1.33 33.32
CA ILE H 328 -35.82 0.45 32.81
C ILE H 328 -36.87 0.08 33.85
N ASN H 329 -36.42 -0.19 35.08
CA ASN H 329 -37.33 -0.62 36.17
C ASN H 329 -38.15 0.49 36.83
N ASP H 330 -37.93 1.76 36.46
CA ASP H 330 -38.53 2.87 37.21
C ASP H 330 -39.25 3.90 36.33
N PHE H 331 -40.47 4.25 36.73
CA PHE H 331 -41.20 5.30 36.07
C PHE H 331 -40.91 6.67 36.70
N SER H 332 -40.65 7.68 35.87
CA SER H 332 -40.51 9.04 36.36
C SER H 332 -40.93 10.10 35.33
N ALA H 333 -41.48 11.19 35.83
CA ALA H 333 -41.87 12.31 35.00
C ALA H 333 -41.15 13.54 35.54
N GLY H 334 -40.86 14.49 34.66
CA GLY H 334 -40.13 15.69 35.04
C GLY H 334 -39.96 16.72 33.93
N VAL H 335 -40.22 17.99 34.27
CA VAL H 335 -40.00 19.12 33.38
C VAL H 335 -38.51 19.23 33.06
N ALA H 336 -38.15 19.15 31.78
CA ALA H 336 -36.77 19.36 31.37
C ALA H 336 -35.80 18.29 31.92
N ASN H 337 -36.34 17.15 32.33
CA ASN H 337 -35.54 16.10 32.94
C ASN H 337 -35.21 14.95 31.98
N ARG H 338 -33.96 14.92 31.52
CA ARG H 338 -33.50 13.91 30.58
C ARG H 338 -33.18 12.58 31.26
N SER H 339 -33.34 12.54 32.57
CA SER H 339 -33.22 11.29 33.31
C SER H 339 -34.57 10.65 33.51
N ALA H 340 -35.63 11.40 33.20
CA ALA H 340 -36.97 10.94 33.47
C ALA H 340 -37.38 10.01 32.37
N SER H 341 -38.30 9.10 32.70
CA SER H 341 -38.98 8.28 31.71
C SER H 341 -39.73 9.21 30.73
N ILE H 342 -40.43 10.19 31.29
CA ILE H 342 -41.17 11.16 30.52
C ILE H 342 -40.61 12.51 30.85
N ARG H 343 -40.40 13.32 29.82
CA ARG H 343 -39.93 14.67 30.00
C ARG H 343 -41.01 15.62 29.49
N ILE H 344 -41.35 16.61 30.30
CA ILE H 344 -42.19 17.70 29.86
C ILE H 344 -41.20 18.82 29.52
N PRO H 345 -41.04 19.11 28.23
CA PRO H 345 -40.09 20.16 27.84
C PRO H 345 -40.42 21.51 28.48
N ARG H 346 -39.39 22.24 28.90
CA ARG H 346 -39.56 23.60 29.45
C ARG H 346 -40.62 24.43 28.72
N THR H 347 -40.53 24.52 27.39
CA THR H 347 -41.54 25.18 26.57
C THR H 347 -42.98 24.83 26.96
N VAL H 348 -43.24 23.52 27.02
CA VAL H 348 -44.60 23.03 27.28
C VAL H 348 -45.05 23.36 28.70
N GLY H 349 -44.10 23.41 29.64
CA GLY H 349 -44.40 23.84 31.00
C GLY H 349 -44.73 25.31 31.06
N GLN H 350 -43.83 26.15 30.54
CA GLN H 350 -43.99 27.61 30.56
C GLN H 350 -45.27 28.05 29.88
N GLU H 351 -45.65 27.34 28.81
CA GLU H 351 -46.88 27.67 28.07
C GLU H 351 -48.14 26.88 28.48
N LYS H 352 -47.98 25.93 29.40
CA LYS H 352 -49.09 25.14 29.93
C LYS H 352 -49.91 24.42 28.84
N LYS H 353 -49.23 24.13 27.73
CA LYS H 353 -49.85 23.41 26.62
C LYS H 353 -48.78 22.84 25.67
N GLY H 354 -49.22 21.94 24.81
CA GLY H 354 -48.38 21.34 23.78
C GLY H 354 -48.43 19.83 23.88
N TYR H 355 -47.33 19.24 24.33
CA TYR H 355 -47.06 17.79 24.20
C TYR H 355 -46.05 17.36 25.23
N PHE H 356 -45.93 16.04 25.43
CA PHE H 356 -44.91 15.47 26.32
C PHE H 356 -44.09 14.42 25.59
N GLU H 357 -42.94 14.08 26.17
CA GLU H 357 -41.91 13.26 25.52
C GLU H 357 -41.68 11.97 26.26
N ASP H 358 -42.13 10.86 25.68
CA ASP H 358 -41.81 9.55 26.25
C ASP H 358 -40.41 9.16 25.79
N ARG H 359 -39.47 9.22 26.75
CA ARG H 359 -38.06 8.97 26.44
C ARG H 359 -37.65 7.50 26.45
N ARG H 360 -38.61 6.59 26.64
CA ARG H 360 -38.30 5.15 26.77
C ARG H 360 -38.09 4.29 25.48
N PRO H 361 -38.75 4.63 24.35
CA PRO H 361 -38.61 3.83 23.12
C PRO H 361 -37.21 3.67 22.53
N SER H 362 -36.83 2.40 22.33
CA SER H 362 -35.54 2.04 21.78
C SER H 362 -35.44 2.61 20.39
N ALA H 363 -34.20 2.91 19.98
CA ALA H 363 -33.94 3.33 18.60
C ALA H 363 -34.51 2.33 17.59
N ASN H 364 -34.57 1.04 17.97
CA ASN H 364 -35.08 -0.02 17.07
C ASN H 364 -36.55 -0.42 17.31
N CYS H 365 -37.33 0.51 17.84
CA CYS H 365 -38.72 0.23 18.09
C CYS H 365 -39.51 0.20 16.79
N ASP H 366 -40.68 -0.44 16.82
CA ASP H 366 -41.62 -0.31 15.73
C ASP H 366 -42.60 0.81 16.06
N PRO H 367 -42.56 1.89 15.29
CA PRO H 367 -43.42 2.98 15.61
C PRO H 367 -44.91 2.60 15.69
N PHE H 368 -45.34 1.59 14.94
CA PHE H 368 -46.73 1.18 15.01
C PHE H 368 -47.07 0.65 16.39
N SER H 369 -46.12 -0.07 17.00
CA SER H 369 -46.32 -0.63 18.35
C SER H 369 -46.22 0.47 19.40
N VAL H 370 -45.25 1.38 19.28
CA VAL H 370 -45.14 2.48 20.24
C VAL H 370 -46.39 3.34 20.20
N THR H 371 -46.74 3.87 19.03
CA THR H 371 -47.86 4.82 18.94
C THR H 371 -49.17 4.16 19.36
N GLU H 372 -49.31 2.85 19.16
CA GLU H 372 -50.53 2.11 19.55
C GLU H 372 -50.65 2.00 21.08
N ALA H 373 -49.53 1.71 21.72
CA ALA H 373 -49.55 1.60 23.15
C ALA H 373 -50.05 2.94 23.74
N LEU H 374 -49.49 4.04 23.26
CA LEU H 374 -49.83 5.36 23.78
C LEU H 374 -51.33 5.65 23.69
N ILE H 375 -51.93 5.37 22.53
CA ILE H 375 -53.37 5.58 22.37
C ILE H 375 -54.15 4.67 23.33
N ARG H 376 -53.80 3.40 23.38
CA ARG H 376 -54.45 2.45 24.30
C ARG H 376 -54.47 2.90 25.78
N THR H 377 -53.30 3.24 26.31
CA THR H 377 -53.19 3.62 27.70
C THR H 377 -53.81 4.99 27.93
N CYS H 378 -53.51 5.95 27.07
CA CYS H 378 -53.85 7.36 27.35
C CYS H 378 -55.26 7.76 26.99
N LEU H 379 -55.75 7.24 25.87
CA LEU H 379 -57.03 7.68 25.31
C LEU H 379 -58.13 6.63 25.51
N LEU H 380 -57.81 5.37 25.22
CA LEU H 380 -58.78 4.29 25.41
C LEU H 380 -58.86 3.79 26.86
N ASN H 381 -57.97 4.30 27.71
CA ASN H 381 -57.96 3.96 29.15
C ASN H 381 -57.90 2.45 29.41
N GLU H 382 -56.89 1.78 28.89
CA GLU H 382 -56.74 0.35 29.12
C GLU H 382 -55.93 0.14 30.39
N THR H 383 -56.18 -1.00 31.04
CA THR H 383 -55.32 -1.48 32.14
C THR H 383 -54.96 -2.96 31.90
N GLY H 384 -53.99 -3.47 32.66
CA GLY H 384 -53.55 -4.87 32.55
C GLY H 384 -53.16 -5.28 31.15
N ASN I 29 -10.69 6.12 -16.91
CA ASN I 29 -11.51 6.96 -15.95
C ASN I 29 -12.70 7.63 -16.66
N LYS I 30 -13.89 7.46 -16.09
CA LYS I 30 -15.14 7.70 -16.82
C LYS I 30 -15.49 9.18 -16.98
N GLY I 31 -14.87 10.02 -16.17
CA GLY I 31 -15.02 11.46 -16.31
C GLY I 31 -14.38 11.96 -17.59
N ILE I 32 -13.24 11.39 -17.92
CA ILE I 32 -12.57 11.75 -19.15
C ILE I 32 -13.53 11.39 -20.29
N LYS I 33 -14.01 10.16 -20.28
CA LYS I 33 -14.89 9.67 -21.30
C LYS I 33 -16.12 10.55 -21.42
N GLN I 34 -16.73 10.86 -20.29
CA GLN I 34 -17.95 11.64 -20.30
C GLN I 34 -17.79 13.00 -20.99
N VAL I 35 -16.60 13.60 -20.92
CA VAL I 35 -16.38 14.85 -21.62
C VAL I 35 -16.45 14.63 -23.13
N TYR I 36 -15.83 13.56 -23.63
CA TYR I 36 -15.89 13.24 -25.06
C TYR I 36 -17.32 12.90 -25.48
N MET I 37 -18.10 12.29 -24.60
CA MET I 37 -19.46 11.92 -24.95
C MET I 37 -20.42 13.12 -24.88
N SER I 38 -19.96 14.26 -24.38
CA SER I 38 -20.70 15.53 -24.48
C SER I 38 -20.56 16.23 -25.80
N LEU I 39 -19.51 15.89 -26.55
CA LEU I 39 -19.29 16.46 -27.87
C LEU I 39 -20.50 16.11 -28.76
N PRO I 40 -21.19 17.11 -29.32
CA PRO I 40 -22.32 16.79 -30.20
C PRO I 40 -21.79 16.05 -31.40
N GLN I 41 -22.48 15.00 -31.82
CA GLN I 41 -21.86 14.08 -32.76
C GLN I 41 -21.95 14.50 -34.21
N GLY I 42 -23.00 15.21 -34.60
CA GLY I 42 -23.17 15.68 -35.97
C GLY I 42 -24.28 14.90 -36.63
N GLU I 43 -24.27 14.89 -37.96
CA GLU I 43 -25.33 14.25 -38.74
C GLU I 43 -25.22 12.71 -38.75
N LYS I 44 -23.99 12.19 -38.71
CA LYS I 44 -23.75 10.71 -38.73
C LYS I 44 -24.34 9.99 -37.49
N VAL I 45 -24.70 8.72 -37.66
CA VAL I 45 -25.33 7.93 -36.60
C VAL I 45 -24.54 6.65 -36.41
N GLN I 46 -24.54 6.08 -35.21
CA GLN I 46 -23.82 4.81 -34.93
C GLN I 46 -24.81 3.67 -34.72
N ALA I 47 -24.54 2.54 -35.36
CA ALA I 47 -25.32 1.30 -35.16
C ALA I 47 -24.40 0.18 -34.69
N MET I 48 -24.63 -0.30 -33.48
CA MET I 48 -23.86 -1.43 -32.96
C MET I 48 -24.66 -2.69 -33.27
N TYR I 49 -24.04 -3.61 -33.99
CA TYR I 49 -24.70 -4.86 -34.36
C TYR I 49 -24.30 -5.94 -33.36
N ILE I 50 -25.28 -6.72 -32.93
CA ILE I 50 -25.06 -7.65 -31.86
C ILE I 50 -25.45 -9.01 -32.35
N TRP I 51 -24.65 -10.03 -32.04
CA TRP I 51 -25.00 -11.40 -32.32
C TRP I 51 -24.52 -12.41 -31.27
N ILE I 52 -25.11 -13.60 -31.33
CA ILE I 52 -24.72 -14.73 -30.50
C ILE I 52 -23.62 -15.49 -31.25
N ASP I 53 -22.59 -15.90 -30.54
CA ASP I 53 -21.41 -16.54 -31.14
C ASP I 53 -21.54 -18.05 -31.20
N GLY I 54 -20.40 -18.70 -31.44
CA GLY I 54 -20.32 -20.14 -31.58
C GLY I 54 -20.59 -20.90 -30.30
N THR I 55 -20.39 -20.27 -29.17
CA THR I 55 -20.62 -20.93 -27.89
C THR I 55 -22.10 -21.05 -27.59
N GLY I 56 -22.92 -20.24 -28.25
CA GLY I 56 -24.36 -20.20 -27.98
C GLY I 56 -24.75 -19.37 -26.78
N GLU I 57 -23.76 -18.86 -26.05
CA GLU I 57 -23.99 -18.03 -24.84
C GLU I 57 -23.35 -16.66 -24.91
N GLY I 58 -22.28 -16.55 -25.70
CA GLY I 58 -21.50 -15.33 -25.79
C GLY I 58 -22.05 -14.39 -26.84
N LEU I 59 -22.09 -13.11 -26.48
CA LEU I 59 -22.56 -12.04 -27.33
C LEU I 59 -21.40 -11.25 -27.91
N ARG I 60 -21.52 -10.88 -29.20
CA ARG I 60 -20.50 -10.15 -29.92
C ARG I 60 -21.15 -8.90 -30.48
N CYS I 61 -20.36 -7.87 -30.72
CA CYS I 61 -20.84 -6.68 -31.41
C CYS I 61 -19.73 -5.86 -32.01
N LYS I 62 -20.11 -5.06 -33.00
CA LYS I 62 -19.25 -4.03 -33.58
C LYS I 62 -20.16 -2.94 -34.16
N THR I 63 -19.56 -1.79 -34.48
CA THR I 63 -20.30 -0.59 -34.80
C THR I 63 -19.96 -0.07 -36.20
N ARG I 64 -20.98 0.46 -36.89
CA ARG I 64 -20.79 1.16 -38.14
C ARG I 64 -21.43 2.54 -38.08
N THR I 65 -20.96 3.44 -38.95
CA THR I 65 -21.47 4.81 -39.08
C THR I 65 -22.50 4.88 -40.21
N LEU I 66 -23.69 5.40 -39.95
CA LEU I 66 -24.71 5.55 -40.99
C LEU I 66 -24.90 7.04 -41.35
N ASP I 67 -25.38 7.33 -42.55
CA ASP I 67 -25.58 8.69 -43.01
C ASP I 67 -26.72 9.41 -42.30
N SER I 68 -27.70 8.64 -41.82
CA SER I 68 -28.86 9.19 -41.16
C SER I 68 -29.56 8.17 -40.27
N GLU I 69 -30.41 8.65 -39.38
CA GLU I 69 -31.09 7.79 -38.43
C GLU I 69 -32.09 6.86 -39.12
N PRO I 70 -31.92 5.55 -38.93
CA PRO I 70 -32.95 4.63 -39.37
C PRO I 70 -34.19 4.73 -38.48
N LYS I 71 -35.35 4.69 -39.11
CA LYS I 71 -36.61 4.81 -38.41
C LYS I 71 -37.18 3.44 -38.11
N CYS I 72 -36.52 2.38 -38.54
CA CYS I 72 -36.88 1.04 -38.09
C CYS I 72 -35.91 -0.02 -38.58
N VAL I 73 -36.01 -1.19 -37.96
CA VAL I 73 -35.05 -2.30 -38.16
C VAL I 73 -34.90 -2.70 -39.66
N GLU I 74 -35.92 -2.41 -40.46
CA GLU I 74 -35.86 -2.74 -41.87
C GLU I 74 -35.04 -1.76 -42.70
N GLU I 75 -34.80 -0.55 -42.22
CA GLU I 75 -33.92 0.40 -42.95
C GLU I 75 -32.42 0.19 -42.64
N LEU I 76 -32.11 -0.80 -41.80
CA LEU I 76 -30.72 -1.09 -41.51
C LEU I 76 -30.19 -2.06 -42.54
N PRO I 77 -28.97 -1.83 -42.99
CA PRO I 77 -28.36 -2.75 -43.92
C PRO I 77 -27.86 -4.02 -43.27
N GLU I 78 -27.87 -5.08 -44.09
CA GLU I 78 -27.12 -6.29 -43.81
C GLU I 78 -25.66 -5.97 -43.64
N TRP I 79 -25.00 -6.80 -42.85
CA TRP I 79 -23.58 -6.68 -42.66
C TRP I 79 -23.01 -8.08 -42.47
N ASN I 80 -21.75 -8.15 -42.07
CA ASN I 80 -21.05 -9.42 -41.88
C ASN I 80 -19.97 -9.31 -40.81
N PHE I 81 -19.30 -10.42 -40.51
CA PHE I 81 -18.17 -10.45 -39.58
C PHE I 81 -17.26 -11.65 -39.87
N ASP I 82 -16.18 -11.74 -39.08
CA ASP I 82 -15.21 -12.82 -39.19
C ASP I 82 -15.70 -14.00 -38.35
N GLY I 83 -16.45 -14.91 -38.96
CA GLY I 83 -16.84 -16.16 -38.27
C GLY I 83 -15.68 -16.98 -37.68
N SER I 84 -14.51 -16.83 -38.27
CA SER I 84 -13.34 -17.59 -37.85
C SER I 84 -12.72 -17.03 -36.56
N SER I 85 -13.19 -15.89 -36.08
CA SER I 85 -12.68 -15.38 -34.81
C SER I 85 -13.75 -15.48 -33.70
N THR I 86 -14.91 -16.05 -34.05
CA THR I 86 -15.99 -16.31 -33.10
C THR I 86 -16.41 -17.78 -33.05
N LEU I 87 -15.51 -18.67 -33.55
CA LEU I 87 -15.71 -20.13 -33.52
C LEU I 87 -16.86 -20.60 -34.42
N GLN I 88 -17.11 -19.88 -35.51
CA GLN I 88 -18.33 -20.12 -36.30
C GLN I 88 -18.07 -20.46 -37.78
N SER I 89 -16.84 -20.27 -38.24
CA SER I 89 -16.44 -20.63 -39.59
C SER I 89 -14.91 -20.70 -39.69
N GLU I 90 -14.41 -20.97 -40.89
CA GLU I 90 -12.98 -21.14 -41.19
C GLU I 90 -12.37 -19.84 -41.69
N GLY I 91 -11.16 -19.53 -41.24
CA GLY I 91 -10.41 -18.36 -41.70
C GLY I 91 -10.45 -18.11 -43.21
N SER I 92 -10.23 -19.16 -43.99
CA SER I 92 -10.07 -19.02 -45.43
C SER I 92 -11.40 -18.87 -46.19
N ASN I 93 -12.51 -19.18 -45.54
CA ASN I 93 -13.87 -18.87 -46.08
C ASN I 93 -14.76 -18.41 -44.91
N SER I 94 -14.51 -17.17 -44.46
CA SER I 94 -14.85 -16.75 -43.08
C SER I 94 -16.01 -15.78 -42.91
N ASP I 95 -16.19 -14.86 -43.85
CA ASP I 95 -17.29 -13.89 -43.75
C ASP I 95 -18.56 -14.67 -43.41
N MET I 96 -19.33 -14.17 -42.44
CA MET I 96 -20.67 -14.66 -42.14
C MET I 96 -21.63 -13.49 -42.07
N TYR I 97 -22.90 -13.75 -42.33
CA TYR I 97 -23.84 -12.65 -42.50
C TYR I 97 -24.45 -12.19 -41.19
N LEU I 98 -24.72 -10.89 -41.12
CA LEU I 98 -25.57 -10.30 -40.07
C LEU I 98 -26.81 -9.64 -40.71
N VAL I 99 -27.99 -10.19 -40.39
CA VAL I 99 -29.28 -9.67 -40.82
C VAL I 99 -30.01 -9.12 -39.60
N PRO I 100 -30.21 -7.79 -39.57
CA PRO I 100 -31.01 -7.17 -38.52
C PRO I 100 -32.31 -7.91 -38.21
N ALA I 101 -32.64 -8.00 -36.92
CA ALA I 101 -33.87 -8.65 -36.47
C ALA I 101 -34.67 -7.69 -35.59
N ALA I 102 -34.08 -7.20 -34.50
CA ALA I 102 -34.73 -6.22 -33.61
C ALA I 102 -33.80 -5.02 -33.33
N MET I 103 -34.33 -3.81 -33.49
CA MET I 103 -33.59 -2.55 -33.25
C MET I 103 -34.08 -1.85 -32.00
N PHE I 104 -33.15 -1.28 -31.23
CA PHE I 104 -33.45 -0.53 -30.00
C PHE I 104 -32.60 0.72 -29.96
N ARG I 105 -32.92 1.61 -29.04
CA ARG I 105 -32.12 2.83 -28.82
C ARG I 105 -30.86 2.49 -28.02
N ASP I 106 -29.79 3.22 -28.28
CA ASP I 106 -28.52 2.93 -27.63
C ASP I 106 -28.41 3.82 -26.42
N PRO I 107 -28.43 3.23 -25.22
CA PRO I 107 -28.37 3.98 -23.96
C PRO I 107 -26.95 4.32 -23.53
N PHE I 108 -25.95 3.70 -24.18
CA PHE I 108 -24.54 3.98 -23.91
C PHE I 108 -24.07 5.21 -24.70
N ARG I 109 -24.65 5.41 -25.87
CA ARG I 109 -24.30 6.54 -26.71
C ARG I 109 -25.46 7.55 -26.96
N LYS I 110 -26.66 7.18 -26.56
CA LYS I 110 -27.83 8.03 -26.63
C LYS I 110 -28.37 8.18 -28.03
N ASP I 111 -29.44 8.93 -28.20
CA ASP I 111 -30.02 9.13 -29.52
C ASP I 111 -29.09 9.92 -30.35
N PRO I 112 -28.94 9.58 -31.62
CA PRO I 112 -29.89 8.83 -32.40
C PRO I 112 -29.35 7.49 -32.71
N ASN I 113 -28.41 7.10 -31.90
CA ASN I 113 -27.65 5.89 -32.16
C ASN I 113 -28.48 4.70 -31.76
N LYS I 114 -28.07 3.52 -32.21
CA LYS I 114 -28.93 2.34 -32.17
C LYS I 114 -28.17 1.09 -31.80
N LEU I 115 -28.87 0.20 -31.09
CA LEU I 115 -28.45 -1.18 -30.91
C LEU I 115 -29.27 -2.03 -31.87
N VAL I 116 -28.62 -2.99 -32.54
CA VAL I 116 -29.28 -3.91 -33.43
C VAL I 116 -28.98 -5.37 -33.11
N LEU I 117 -30.01 -6.13 -32.68
CA LEU I 117 -29.88 -7.60 -32.53
C LEU I 117 -30.03 -8.24 -33.93
N CYS I 118 -29.03 -9.05 -34.30
CA CYS I 118 -28.98 -9.69 -35.61
C CYS I 118 -29.09 -11.18 -35.50
N GLU I 119 -29.56 -11.76 -36.60
CA GLU I 119 -29.39 -13.18 -36.89
C GLU I 119 -28.14 -13.44 -37.73
N VAL I 120 -27.48 -14.55 -37.42
CA VAL I 120 -26.25 -14.99 -38.09
C VAL I 120 -26.55 -16.06 -39.12
N PHE I 121 -26.07 -15.86 -40.34
CA PHE I 121 -26.17 -16.90 -41.37
C PHE I 121 -24.79 -17.24 -41.89
N LYS I 122 -24.67 -18.42 -42.50
CA LYS I 122 -23.39 -18.95 -42.99
C LYS I 122 -23.08 -18.44 -44.40
N TYR I 123 -21.90 -18.82 -44.90
CA TYR I 123 -21.47 -18.51 -46.29
C TYR I 123 -22.55 -18.87 -47.31
N ASN I 124 -23.21 -19.99 -47.05
CA ASN I 124 -24.27 -20.51 -47.91
C ASN I 124 -25.65 -19.94 -47.59
N ARG I 125 -25.70 -18.83 -46.84
CA ARG I 125 -26.95 -18.17 -46.45
C ARG I 125 -27.94 -19.01 -45.57
N ARG I 126 -27.48 -20.15 -45.04
CA ARG I 126 -28.27 -20.92 -44.08
C ARG I 126 -28.03 -20.40 -42.66
N PRO I 127 -28.97 -20.68 -41.74
CA PRO I 127 -28.76 -20.24 -40.36
C PRO I 127 -27.53 -20.93 -39.71
N ALA I 128 -26.82 -20.18 -38.88
CA ALA I 128 -25.70 -20.74 -38.13
C ALA I 128 -26.27 -21.74 -37.12
N GLU I 129 -25.39 -22.60 -36.63
CA GLU I 129 -25.72 -23.65 -35.66
C GLU I 129 -26.25 -23.03 -34.36
N THR I 130 -25.73 -21.87 -33.96
CA THR I 130 -26.26 -21.20 -32.78
C THR I 130 -27.34 -20.13 -33.06
N ASN I 131 -27.87 -20.04 -34.29
CA ASN I 131 -29.02 -19.16 -34.59
C ASN I 131 -30.30 -19.95 -34.35
N LEU I 132 -30.78 -19.92 -33.11
CA LEU I 132 -31.97 -20.66 -32.74
C LEU I 132 -33.22 -19.83 -32.95
N ARG I 133 -33.04 -18.55 -33.30
CA ARG I 133 -34.15 -17.61 -33.52
C ARG I 133 -34.93 -17.91 -34.78
N HIS I 134 -34.26 -18.42 -35.80
CA HIS I 134 -34.87 -18.59 -37.09
C HIS I 134 -36.05 -19.58 -37.01
N THR I 135 -35.79 -20.75 -36.43
CA THR I 135 -36.83 -21.75 -36.18
C THR I 135 -37.85 -21.26 -35.15
N CYS I 136 -37.38 -20.57 -34.11
CA CYS I 136 -38.31 -20.01 -33.14
C CYS I 136 -39.37 -19.09 -33.77
N LYS I 137 -38.91 -18.17 -34.63
CA LYS I 137 -39.80 -17.19 -35.26
C LYS I 137 -40.91 -17.84 -36.03
N ARG I 138 -40.59 -18.90 -36.76
CA ARG I 138 -41.60 -19.64 -37.51
C ARG I 138 -42.64 -20.19 -36.55
N ILE I 139 -42.17 -20.92 -35.55
CA ILE I 139 -43.05 -21.52 -34.57
C ILE I 139 -43.98 -20.48 -33.96
N MET I 140 -43.45 -19.27 -33.70
CA MET I 140 -44.28 -18.18 -33.15
C MET I 140 -45.34 -17.69 -34.14
N ASP I 141 -44.99 -17.66 -35.43
CA ASP I 141 -45.93 -17.28 -36.47
C ASP I 141 -47.01 -18.37 -36.67
N MET I 142 -46.68 -19.63 -36.36
CA MET I 142 -47.65 -20.72 -36.49
C MET I 142 -48.76 -20.65 -35.44
N VAL I 143 -48.60 -19.82 -34.41
CA VAL I 143 -49.56 -19.78 -33.31
C VAL I 143 -49.90 -18.36 -32.85
N SER I 144 -49.73 -17.37 -33.74
CA SER I 144 -49.88 -15.97 -33.34
C SER I 144 -51.32 -15.59 -33.01
N ASN I 145 -52.28 -16.38 -33.49
CA ASN I 145 -53.69 -16.20 -33.13
C ASN I 145 -53.99 -16.40 -31.65
N GLN I 146 -53.21 -17.25 -30.99
CA GLN I 146 -53.34 -17.46 -29.54
C GLN I 146 -52.49 -16.48 -28.71
N HIS I 147 -51.82 -15.56 -29.40
CA HIS I 147 -51.07 -14.45 -28.78
C HIS I 147 -50.22 -14.89 -27.57
N PRO I 148 -49.20 -15.76 -27.79
CA PRO I 148 -48.40 -16.19 -26.65
C PRO I 148 -47.61 -15.03 -26.04
N TRP I 149 -47.78 -14.83 -24.75
CA TRP I 149 -46.96 -13.88 -24.00
C TRP I 149 -45.98 -14.67 -23.13
N PHE I 150 -44.77 -14.13 -22.97
CA PHE I 150 -43.80 -14.67 -22.03
C PHE I 150 -43.20 -13.57 -21.16
N GLY I 151 -42.87 -13.92 -19.92
CA GLY I 151 -42.07 -13.07 -19.05
C GLY I 151 -40.95 -13.92 -18.47
N MET I 152 -39.71 -13.45 -18.54
CA MET I 152 -38.60 -14.24 -18.01
C MET I 152 -37.88 -13.48 -16.90
N GLU I 153 -37.49 -14.23 -15.88
CA GLU I 153 -36.81 -13.65 -14.71
C GLU I 153 -35.33 -14.01 -14.78
N GLN I 154 -34.57 -13.09 -15.37
CA GLN I 154 -33.15 -13.31 -15.50
C GLN I 154 -32.50 -13.05 -14.16
N GLU I 155 -32.14 -14.14 -13.49
CA GLU I 155 -31.26 -14.09 -12.34
C GLU I 155 -29.83 -14.12 -12.83
N TYR I 156 -28.92 -13.51 -12.06
CA TYR I 156 -27.48 -13.47 -12.41
C TYR I 156 -26.69 -13.08 -11.17
N THR I 157 -25.41 -13.41 -11.12
CA THR I 157 -24.58 -12.95 -10.03
C THR I 157 -23.53 -12.01 -10.58
N LEU I 158 -23.22 -10.97 -9.80
CA LEU I 158 -22.16 -10.02 -10.14
C LEU I 158 -20.89 -10.60 -9.54
N MET I 159 -19.80 -10.53 -10.29
CA MET I 159 -18.53 -11.11 -9.90
C MET I 159 -17.47 -10.05 -10.10
N GLY I 160 -16.47 -10.07 -9.24
CA GLY I 160 -15.29 -9.30 -9.45
C GLY I 160 -14.52 -9.86 -10.62
N THR I 161 -13.63 -9.01 -11.13
CA THR I 161 -12.59 -9.40 -12.09
C THR I 161 -11.79 -10.64 -11.61
N ASP I 162 -11.61 -10.78 -10.29
CA ASP I 162 -10.89 -11.92 -9.69
C ASP I 162 -11.60 -13.29 -9.71
N GLY I 163 -12.78 -13.39 -10.31
CA GLY I 163 -13.55 -14.65 -10.32
C GLY I 163 -14.42 -14.86 -9.10
N HIS I 164 -14.46 -13.90 -8.19
CA HIS I 164 -15.14 -14.03 -6.89
C HIS I 164 -16.32 -13.03 -6.83
N PRO I 165 -17.48 -13.46 -6.27
CA PRO I 165 -18.66 -12.61 -6.31
C PRO I 165 -18.39 -11.23 -5.72
N PHE I 166 -19.03 -10.23 -6.30
CA PHE I 166 -18.83 -8.84 -5.97
C PHE I 166 -19.23 -8.57 -4.52
N GLY I 167 -18.36 -7.90 -3.78
CA GLY I 167 -18.61 -7.57 -2.38
C GLY I 167 -18.35 -8.67 -1.36
N TRP I 168 -18.01 -9.88 -1.81
CA TRP I 168 -17.78 -11.02 -0.91
C TRP I 168 -16.41 -10.83 -0.30
N PRO I 169 -16.23 -11.36 0.94
CA PRO I 169 -14.94 -11.29 1.55
C PRO I 169 -13.96 -11.96 0.64
N SER I 170 -12.80 -11.36 0.55
CA SER I 170 -11.76 -11.90 -0.26
C SER I 170 -11.38 -13.31 0.22
N ASN I 171 -11.38 -14.28 -0.72
CA ASN I 171 -11.08 -15.67 -0.39
C ASN I 171 -12.05 -16.30 0.62
N GLY I 172 -13.26 -15.76 0.70
CA GLY I 172 -14.14 -16.17 1.75
C GLY I 172 -15.59 -15.93 1.50
N PHE I 173 -16.37 -16.15 2.54
CA PHE I 173 -17.80 -16.17 2.44
C PHE I 173 -18.41 -15.12 3.36
N PRO I 174 -19.43 -14.42 2.84
CA PRO I 174 -20.20 -13.58 3.68
C PRO I 174 -21.08 -14.46 4.57
N GLY I 175 -21.89 -13.83 5.40
CA GLY I 175 -22.80 -14.57 6.26
C GLY I 175 -23.83 -15.33 5.44
N PRO I 176 -24.51 -16.29 6.07
CA PRO I 176 -25.46 -17.17 5.39
C PRO I 176 -26.64 -16.48 4.77
N GLN I 177 -27.25 -17.16 3.82
CA GLN I 177 -28.41 -16.59 3.13
C GLN I 177 -29.54 -16.34 4.10
N GLY I 178 -30.36 -15.33 3.82
CA GLY I 178 -31.45 -14.92 4.70
C GLY I 178 -31.75 -13.43 4.57
N PRO I 179 -30.74 -12.58 4.84
CA PRO I 179 -30.89 -11.11 4.79
C PRO I 179 -30.73 -10.44 3.44
N TYR I 180 -30.37 -11.19 2.39
CA TYR I 180 -29.99 -10.57 1.09
C TYR I 180 -31.16 -10.43 0.11
N TYR I 181 -32.05 -11.40 0.09
CA TYR I 181 -33.26 -11.25 -0.72
C TYR I 181 -33.98 -9.91 -0.48
N CYS I 182 -34.19 -9.16 -1.56
CA CYS I 182 -34.76 -7.81 -1.49
C CYS I 182 -34.17 -6.97 -0.36
N GLY I 183 -32.86 -7.05 -0.17
CA GLY I 183 -32.24 -6.39 0.93
C GLY I 183 -31.94 -4.95 0.62
N VAL I 184 -31.75 -4.16 1.69
CA VAL I 184 -31.24 -2.79 1.59
C VAL I 184 -30.11 -2.61 2.64
N GLY I 185 -29.03 -1.91 2.27
CA GLY I 185 -27.96 -1.53 3.19
C GLY I 185 -26.63 -2.00 2.67
N ALA I 186 -25.57 -1.26 2.94
CA ALA I 186 -24.22 -1.57 2.43
C ALA I 186 -23.77 -2.99 2.78
N ASP I 187 -24.34 -3.57 3.82
CA ASP I 187 -23.93 -4.89 4.28
C ASP I 187 -24.89 -5.93 3.77
N ARG I 188 -25.74 -5.63 2.80
CA ARG I 188 -26.48 -6.75 2.19
C ARG I 188 -26.87 -6.64 0.74
N ALA I 189 -26.97 -5.43 0.21
CA ALA I 189 -27.27 -5.30 -1.20
C ALA I 189 -25.95 -4.94 -1.84
N TYR I 190 -25.35 -5.92 -2.52
CA TYR I 190 -24.07 -5.71 -3.20
C TYR I 190 -24.21 -5.44 -4.68
N GLY I 191 -23.96 -4.20 -5.09
CA GLY I 191 -23.92 -3.83 -6.50
C GLY I 191 -25.20 -3.21 -7.05
N ARG I 192 -25.98 -2.55 -6.21
CA ARG I 192 -27.22 -1.90 -6.70
C ARG I 192 -26.97 -0.94 -7.88
N ASP I 193 -25.83 -0.26 -7.86
CA ASP I 193 -25.50 0.70 -8.91
C ASP I 193 -25.69 0.14 -10.32
N ILE I 194 -25.15 -1.06 -10.54
CA ILE I 194 -25.38 -1.85 -11.76
C ILE I 194 -26.86 -2.05 -12.03
N VAL I 195 -27.58 -2.51 -11.01
CA VAL I 195 -28.98 -2.84 -11.18
C VAL I 195 -29.73 -1.61 -11.59
N GLU I 196 -29.53 -0.53 -10.87
CA GLU I 196 -30.19 0.76 -11.17
C GLU I 196 -29.84 1.27 -12.58
N ALA I 197 -28.54 1.21 -12.92
CA ALA I 197 -28.07 1.71 -14.22
C ALA I 197 -28.71 0.92 -15.39
N HIS I 198 -28.66 -0.42 -15.26
CA HIS I 198 -29.29 -1.34 -16.20
C HIS I 198 -30.80 -1.10 -16.37
N TYR I 199 -31.49 -0.86 -15.26
CA TYR I 199 -32.94 -0.73 -15.31
C TYR I 199 -33.23 0.47 -16.19
N ARG I 200 -32.48 1.53 -15.94
CA ARG I 200 -32.68 2.79 -16.62
C ARG I 200 -32.25 2.71 -18.09
N ALA I 201 -31.20 1.93 -18.35
CA ALA I 201 -30.68 1.70 -19.71
C ALA I 201 -31.69 0.99 -20.58
N CYS I 202 -32.30 -0.07 -20.04
CA CYS I 202 -33.34 -0.85 -20.75
C CYS I 202 -34.58 -0.04 -21.05
N LEU I 203 -35.01 0.78 -20.10
CA LEU I 203 -36.20 1.60 -20.29
C LEU I 203 -35.91 2.53 -21.44
N TYR I 204 -34.75 3.20 -21.39
CA TYR I 204 -34.32 4.13 -22.45
C TYR I 204 -34.18 3.42 -23.79
N ALA I 205 -33.65 2.20 -23.74
CA ALA I 205 -33.41 1.43 -24.94
C ALA I 205 -34.73 0.99 -25.59
N GLY I 206 -35.76 0.79 -24.78
CA GLY I 206 -37.04 0.31 -25.27
C GLY I 206 -37.24 -1.16 -24.94
N VAL I 207 -36.33 -1.74 -24.16
CA VAL I 207 -36.50 -3.11 -23.65
C VAL I 207 -37.68 -3.12 -22.67
N LYS I 208 -38.47 -4.20 -22.67
CA LYS I 208 -39.66 -4.26 -21.82
C LYS I 208 -39.26 -4.87 -20.47
N ILE I 209 -38.46 -4.10 -19.75
CA ILE I 209 -38.11 -4.42 -18.38
C ILE I 209 -39.33 -4.21 -17.45
N ALA I 210 -39.69 -5.28 -16.72
CA ALA I 210 -40.87 -5.35 -15.84
C ALA I 210 -40.62 -5.02 -14.35
N GLY I 211 -39.39 -5.23 -13.88
CA GLY I 211 -39.05 -5.00 -12.50
C GLY I 211 -37.68 -5.58 -12.15
N THR I 212 -37.24 -5.35 -10.91
CA THR I 212 -35.96 -5.89 -10.46
C THR I 212 -36.08 -6.22 -8.98
N ASN I 213 -35.24 -7.16 -8.54
CA ASN I 213 -35.04 -7.39 -7.12
C ASN I 213 -33.65 -7.99 -6.84
N ALA I 214 -33.13 -7.68 -5.68
CA ALA I 214 -31.98 -8.40 -5.12
C ALA I 214 -32.44 -9.83 -4.80
N GLU I 215 -31.55 -10.79 -5.01
CA GLU I 215 -31.88 -12.17 -4.77
C GLU I 215 -31.28 -12.75 -3.47
N VAL I 216 -31.58 -14.03 -3.22
CA VAL I 216 -31.27 -14.71 -1.96
C VAL I 216 -29.78 -14.80 -1.68
N MET I 217 -29.00 -15.06 -2.72
CA MET I 217 -27.55 -15.13 -2.61
C MET I 217 -27.03 -13.69 -2.67
N PRO I 218 -26.06 -13.36 -1.80
CA PRO I 218 -25.48 -12.03 -1.85
C PRO I 218 -24.74 -11.81 -3.16
N ALA I 219 -24.88 -10.61 -3.71
CA ALA I 219 -24.39 -10.27 -5.05
C ALA I 219 -25.18 -10.93 -6.20
N GLN I 220 -26.27 -11.61 -5.87
CA GLN I 220 -27.16 -12.18 -6.92
C GLN I 220 -28.37 -11.26 -7.07
N TRP I 221 -28.74 -10.95 -8.30
CA TRP I 221 -29.83 -10.03 -8.60
C TRP I 221 -30.76 -10.57 -9.66
N GLU I 222 -31.78 -9.78 -9.99
CA GLU I 222 -32.79 -10.25 -10.91
C GLU I 222 -33.39 -9.07 -11.68
N PHE I 223 -33.69 -9.31 -12.94
CA PHE I 223 -34.62 -8.43 -13.65
C PHE I 223 -35.57 -9.29 -14.47
N GLN I 224 -36.79 -8.78 -14.57
CA GLN I 224 -37.88 -9.41 -15.26
C GLN I 224 -38.12 -8.65 -16.53
N ILE I 225 -38.27 -9.40 -17.60
CA ILE I 225 -38.55 -8.85 -18.90
C ILE I 225 -39.90 -9.35 -19.35
N GLY I 226 -40.85 -8.47 -19.54
CA GLY I 226 -42.15 -8.92 -19.97
C GLY I 226 -43.31 -8.01 -19.66
N PRO I 227 -44.48 -8.44 -20.08
CA PRO I 227 -44.63 -9.65 -20.88
C PRO I 227 -44.46 -9.38 -22.37
N CYS I 228 -43.78 -10.26 -23.08
CA CYS I 228 -43.50 -10.05 -24.48
C CYS I 228 -44.26 -11.03 -25.36
N GLU I 229 -44.92 -10.54 -26.40
CA GLU I 229 -45.57 -11.46 -27.31
C GLU I 229 -44.54 -12.14 -28.22
N GLY I 230 -44.67 -13.45 -28.35
CA GLY I 230 -43.97 -14.25 -29.34
C GLY I 230 -42.48 -14.09 -29.37
N ILE I 231 -41.95 -13.91 -30.58
CA ILE I 231 -40.49 -13.81 -30.82
C ILE I 231 -39.82 -12.68 -30.05
N SER I 232 -40.57 -11.64 -29.73
CA SER I 232 -40.02 -10.48 -29.04
C SER I 232 -39.54 -10.78 -27.58
N MET I 233 -39.93 -11.93 -27.04
CA MET I 233 -39.39 -12.35 -25.75
C MET I 233 -37.88 -12.55 -25.86
N GLY I 234 -37.47 -13.42 -26.79
CA GLY I 234 -36.06 -13.71 -26.97
C GLY I 234 -35.27 -12.47 -27.36
N ASP I 235 -35.83 -11.69 -28.27
CA ASP I 235 -35.23 -10.44 -28.72
C ASP I 235 -34.96 -9.53 -27.55
N HIS I 236 -35.98 -9.34 -26.73
CA HIS I 236 -35.87 -8.41 -25.63
C HIS I 236 -34.91 -8.95 -24.56
N LEU I 237 -35.01 -10.22 -24.22
CA LEU I 237 -34.08 -10.76 -23.24
C LEU I 237 -32.61 -10.68 -23.68
N TRP I 238 -32.30 -11.07 -24.91
CA TRP I 238 -30.91 -11.05 -25.35
C TRP I 238 -30.36 -9.64 -25.33
N VAL I 239 -31.15 -8.68 -25.80
CA VAL I 239 -30.71 -7.28 -25.76
C VAL I 239 -30.59 -6.80 -24.27
N ALA I 240 -31.54 -7.19 -23.43
CA ALA I 240 -31.40 -6.94 -22.00
C ALA I 240 -30.06 -7.49 -21.48
N ARG I 241 -29.72 -8.72 -21.87
CA ARG I 241 -28.48 -9.34 -21.41
C ARG I 241 -27.26 -8.60 -21.91
N PHE I 242 -27.29 -8.21 -23.16
CA PHE I 242 -26.21 -7.42 -23.73
C PHE I 242 -26.06 -6.12 -22.94
N ILE I 243 -27.16 -5.45 -22.69
CA ILE I 243 -27.10 -4.18 -22.00
C ILE I 243 -26.46 -4.40 -20.61
N LEU I 244 -26.83 -5.50 -19.95
CA LEU I 244 -26.28 -5.86 -18.64
C LEU I 244 -24.76 -6.04 -18.68
N HIS I 245 -24.26 -6.84 -19.62
CA HIS I 245 -22.81 -7.03 -19.73
C HIS I 245 -22.09 -5.71 -20.03
N ARG I 246 -22.67 -4.91 -20.91
CA ARG I 246 -22.15 -3.56 -21.17
C ARG I 246 -22.12 -2.67 -19.95
N VAL I 247 -23.23 -2.67 -19.19
CA VAL I 247 -23.32 -1.81 -18.00
C VAL I 247 -22.23 -2.27 -17.08
N CYS I 248 -22.21 -3.56 -16.79
CA CYS I 248 -21.21 -4.13 -15.91
C CYS I 248 -19.78 -3.74 -16.31
N GLU I 249 -19.53 -3.69 -17.61
CA GLU I 249 -18.21 -3.38 -18.13
C GLU I 249 -17.81 -2.00 -17.63
N ASP I 250 -18.70 -1.03 -17.71
CA ASP I 250 -18.42 0.29 -17.18
C ASP I 250 -17.99 0.27 -15.72
N PHE I 251 -18.63 -0.57 -14.92
CA PHE I 251 -18.35 -0.62 -13.48
C PHE I 251 -17.21 -1.55 -13.16
N GLY I 252 -16.58 -2.18 -14.14
CA GLY I 252 -15.47 -3.06 -13.84
C GLY I 252 -15.85 -4.38 -13.19
N VAL I 253 -17.09 -4.83 -13.35
CA VAL I 253 -17.49 -6.13 -12.85
C VAL I 253 -18.02 -7.00 -14.01
N ILE I 254 -18.36 -8.25 -13.68
CA ILE I 254 -18.84 -9.26 -14.62
C ILE I 254 -20.21 -9.76 -14.15
N ALA I 255 -21.12 -9.97 -15.09
CA ALA I 255 -22.34 -10.73 -14.81
C ALA I 255 -22.11 -12.17 -15.25
N THR I 256 -22.33 -13.14 -14.38
CA THR I 256 -22.38 -14.53 -14.83
C THR I 256 -23.78 -15.03 -14.79
N PHE I 257 -24.13 -15.80 -15.82
CA PHE I 257 -25.44 -16.45 -15.88
C PHE I 257 -25.28 -17.93 -15.58
N ASP I 258 -24.16 -18.32 -14.98
CA ASP I 258 -24.02 -19.71 -14.58
C ASP I 258 -25.12 -20.06 -13.57
N PRO I 259 -25.78 -21.22 -13.76
CA PRO I 259 -26.86 -21.63 -12.88
C PRO I 259 -26.45 -22.02 -11.46
N LYS I 260 -25.19 -22.33 -11.25
CA LYS I 260 -24.72 -22.63 -9.88
C LYS I 260 -23.30 -22.13 -9.71
N PRO I 261 -23.12 -20.82 -9.63
CA PRO I 261 -21.77 -20.24 -9.68
C PRO I 261 -20.97 -20.43 -8.39
N ILE I 262 -21.66 -20.60 -7.26
CA ILE I 262 -20.98 -20.99 -6.03
C ILE I 262 -21.57 -22.29 -5.52
N PRO I 263 -20.77 -23.35 -5.46
CA PRO I 263 -21.35 -24.62 -5.05
C PRO I 263 -21.63 -24.62 -3.57
N GLY I 264 -22.60 -25.44 -3.16
CA GLY I 264 -22.87 -25.69 -1.75
C GLY I 264 -24.12 -24.96 -1.31
N ASN I 265 -24.09 -24.41 -0.10
CA ASN I 265 -25.27 -23.82 0.50
C ASN I 265 -25.53 -22.36 0.01
N TRP I 266 -25.54 -22.20 -1.31
CA TRP I 266 -25.87 -20.93 -1.93
C TRP I 266 -26.82 -21.19 -3.08
N ASN I 267 -27.75 -20.26 -3.30
CA ASN I 267 -28.71 -20.38 -4.35
C ASN I 267 -27.98 -20.33 -5.66
N GLY I 268 -28.50 -21.10 -6.61
CA GLY I 268 -28.13 -21.00 -8.02
C GLY I 268 -29.01 -20.01 -8.74
N ALA I 269 -28.84 -19.94 -10.06
CA ALA I 269 -29.49 -18.93 -10.88
C ALA I 269 -30.44 -19.57 -11.90
N GLY I 270 -31.66 -19.07 -11.91
CA GLY I 270 -32.65 -19.55 -12.83
C GLY I 270 -33.07 -18.48 -13.82
N CYS I 271 -33.93 -18.91 -14.74
CA CYS I 271 -34.56 -18.04 -15.69
C CYS I 271 -36.04 -18.42 -15.88
N HIS I 272 -36.77 -18.34 -14.77
CA HIS I 272 -38.17 -18.70 -14.71
C HIS I 272 -38.86 -18.07 -15.88
N THR I 273 -39.55 -18.90 -16.64
CA THR I 273 -40.30 -18.43 -17.79
C THR I 273 -41.77 -18.51 -17.43
N ASN I 274 -42.40 -17.36 -17.33
CA ASN I 274 -43.83 -17.27 -17.14
C ASN I 274 -44.50 -17.24 -18.50
N PHE I 275 -45.67 -17.87 -18.63
CA PHE I 275 -46.26 -18.14 -19.97
C PHE I 275 -47.77 -18.10 -19.95
N SER I 276 -48.37 -17.47 -20.97
CA SER I 276 -49.81 -17.53 -21.14
C SER I 276 -50.23 -17.32 -22.56
N THR I 277 -51.38 -17.88 -22.91
CA THR I 277 -52.02 -17.65 -24.19
C THR I 277 -53.28 -16.83 -23.93
N LYS I 278 -53.97 -16.41 -25.00
CA LYS I 278 -55.19 -15.62 -24.84
C LYS I 278 -56.27 -16.38 -24.08
N ALA I 279 -56.50 -17.64 -24.45
CA ALA I 279 -57.40 -18.50 -23.66
C ALA I 279 -57.04 -18.44 -22.16
N MET I 280 -55.77 -18.62 -21.81
CA MET I 280 -55.33 -18.62 -20.41
C MET I 280 -55.51 -17.25 -19.69
N ARG I 281 -55.43 -16.16 -20.46
CA ARG I 281 -55.62 -14.82 -19.89
C ARG I 281 -57.11 -14.44 -19.73
N GLU I 282 -57.99 -15.03 -20.54
CA GLU I 282 -59.43 -14.81 -20.41
C GLU I 282 -60.03 -15.45 -19.14
N GLU I 283 -61.31 -15.18 -18.88
CA GLU I 283 -61.96 -15.67 -17.68
C GLU I 283 -61.96 -17.19 -17.67
N ASN I 284 -61.65 -17.73 -16.50
CA ASN I 284 -61.48 -19.17 -16.26
C ASN I 284 -60.45 -19.83 -17.16
N GLY I 285 -59.41 -19.06 -17.49
CA GLY I 285 -58.30 -19.56 -18.27
C GLY I 285 -57.45 -20.60 -17.56
N LEU I 286 -57.58 -20.70 -16.23
CA LEU I 286 -56.92 -21.76 -15.46
C LEU I 286 -57.15 -23.16 -16.07
N LYS I 287 -58.40 -23.44 -16.44
CA LYS I 287 -58.73 -24.62 -17.25
C LYS I 287 -57.59 -24.94 -18.22
N TYR I 288 -57.22 -23.96 -19.03
CA TYR I 288 -56.20 -24.15 -20.08
C TYR I 288 -54.78 -24.17 -19.50
N ILE I 289 -54.56 -23.41 -18.44
CA ILE I 289 -53.29 -23.50 -17.75
C ILE I 289 -53.01 -24.94 -17.32
N GLU I 290 -53.99 -25.57 -16.66
CA GLU I 290 -53.81 -26.93 -16.17
C GLU I 290 -53.65 -27.94 -17.32
N GLU I 291 -54.32 -27.68 -18.45
CA GLU I 291 -54.06 -28.46 -19.67
C GLU I 291 -52.61 -28.34 -20.07
N ALA I 292 -52.10 -27.11 -20.05
CA ALA I 292 -50.73 -26.82 -20.47
C ALA I 292 -49.73 -27.59 -19.59
N ILE I 293 -49.96 -27.59 -18.29
CA ILE I 293 -49.08 -28.29 -17.34
C ILE I 293 -49.10 -29.82 -17.55
N GLU I 294 -50.29 -30.38 -17.82
CA GLU I 294 -50.43 -31.82 -18.06
C GLU I 294 -49.58 -32.24 -19.27
N LYS I 295 -49.57 -31.41 -20.31
CA LYS I 295 -48.78 -31.70 -21.51
C LYS I 295 -47.27 -31.64 -21.22
N LEU I 296 -46.86 -30.66 -20.43
CA LEU I 296 -45.45 -30.51 -20.05
C LEU I 296 -44.98 -31.68 -19.20
N SER I 297 -45.88 -32.21 -18.36
CA SER I 297 -45.56 -33.33 -17.49
C SER I 297 -45.09 -34.56 -18.25
N LYS I 298 -45.57 -34.71 -19.49
CA LYS I 298 -45.26 -35.86 -20.32
C LYS I 298 -44.04 -35.63 -21.20
N ARG I 299 -43.52 -34.40 -21.21
CA ARG I 299 -42.33 -34.04 -21.98
C ARG I 299 -41.27 -33.34 -21.12
N HIS I 300 -40.98 -33.91 -19.95
CA HIS I 300 -40.00 -33.34 -19.03
C HIS I 300 -38.54 -33.35 -19.52
N GLN I 301 -37.97 -34.51 -19.81
CA GLN I 301 -36.58 -34.56 -20.28
C GLN I 301 -36.39 -33.64 -21.49
N TYR I 302 -37.35 -33.67 -22.43
CA TYR I 302 -37.27 -32.87 -23.65
C TYR I 302 -37.07 -31.41 -23.29
N HIS I 303 -37.79 -30.96 -22.27
CA HIS I 303 -37.65 -29.58 -21.80
C HIS I 303 -36.32 -29.30 -21.06
N ILE I 304 -35.86 -30.23 -20.23
CA ILE I 304 -34.57 -30.06 -19.60
C ILE I 304 -33.48 -29.93 -20.67
N ARG I 305 -33.59 -30.71 -21.75
CA ARG I 305 -32.62 -30.63 -22.87
C ARG I 305 -32.67 -29.30 -23.62
N ALA I 306 -33.86 -28.68 -23.65
CA ALA I 306 -34.03 -27.36 -24.23
C ALA I 306 -33.70 -26.22 -23.27
N TYR I 307 -33.42 -26.52 -22.01
CA TYR I 307 -33.36 -25.47 -20.98
C TYR I 307 -31.96 -24.99 -20.52
N ASP I 308 -30.89 -25.57 -21.05
CA ASP I 308 -29.59 -24.92 -20.96
C ASP I 308 -28.78 -25.27 -22.19
N PRO I 309 -27.67 -24.55 -22.39
CA PRO I 309 -26.99 -24.75 -23.67
C PRO I 309 -26.16 -26.04 -23.72
N LYS I 310 -26.08 -26.77 -22.61
CA LYS I 310 -25.46 -28.10 -22.62
C LYS I 310 -26.51 -29.20 -22.39
N GLY I 311 -27.72 -28.94 -22.89
CA GLY I 311 -28.81 -29.91 -22.93
C GLY I 311 -29.10 -30.58 -21.59
N GLY I 312 -28.92 -29.84 -20.49
CA GLY I 312 -29.22 -30.35 -19.16
C GLY I 312 -28.05 -30.44 -18.18
N LEU I 313 -26.82 -30.50 -18.72
CA LEU I 313 -25.64 -30.70 -17.90
C LEU I 313 -25.37 -29.54 -16.94
N ASP I 314 -25.69 -28.33 -17.40
CA ASP I 314 -25.51 -27.16 -16.57
C ASP I 314 -26.57 -27.19 -15.49
N ASN I 315 -27.82 -27.46 -15.85
CA ASN I 315 -28.90 -27.47 -14.81
C ASN I 315 -28.77 -28.55 -13.73
N ALA I 316 -27.99 -29.60 -13.99
CA ALA I 316 -27.75 -30.65 -13.01
C ALA I 316 -27.03 -30.11 -11.77
N ARG I 317 -26.28 -29.02 -11.93
CA ARG I 317 -25.66 -28.35 -10.77
C ARG I 317 -26.64 -27.47 -9.98
N ARG I 318 -27.82 -27.19 -10.54
CA ARG I 318 -28.81 -26.29 -9.90
C ARG I 318 -30.09 -26.97 -9.43
N LEU I 319 -30.70 -27.74 -10.32
CA LEU I 319 -31.97 -28.42 -10.04
C LEU I 319 -31.72 -29.61 -9.13
N THR I 320 -31.65 -29.33 -7.84
CA THR I 320 -31.36 -30.35 -6.86
C THR I 320 -32.56 -30.65 -5.98
N GLY I 321 -33.59 -29.80 -6.03
CA GLY I 321 -34.73 -29.91 -5.12
C GLY I 321 -34.55 -29.07 -3.88
N PHE I 322 -33.36 -28.50 -3.69
CA PHE I 322 -33.07 -27.58 -2.60
C PHE I 322 -32.94 -26.17 -3.18
N HIS I 323 -32.72 -25.18 -2.31
CA HIS I 323 -32.54 -23.77 -2.75
C HIS I 323 -33.60 -23.26 -3.73
N GLU I 324 -34.86 -23.61 -3.45
CA GLU I 324 -36.01 -23.13 -4.19
C GLU I 324 -35.98 -23.62 -5.63
N THR I 325 -35.53 -24.85 -5.80
CA THR I 325 -35.51 -25.51 -7.10
C THR I 325 -36.33 -26.83 -7.05
N SER I 326 -36.64 -27.37 -8.23
CA SER I 326 -37.15 -28.73 -8.37
C SER I 326 -35.97 -29.68 -8.53
N ASN I 327 -36.20 -30.98 -8.36
CA ASN I 327 -35.19 -31.95 -8.74
C ASN I 327 -35.20 -32.12 -10.25
N ILE I 328 -34.01 -32.16 -10.85
CA ILE I 328 -33.90 -32.31 -12.30
C ILE I 328 -34.67 -33.53 -12.83
N ASN I 329 -34.72 -34.61 -12.05
CA ASN I 329 -35.37 -35.83 -12.52
C ASN I 329 -36.88 -35.86 -12.36
N ASP I 330 -37.45 -34.94 -11.58
CA ASP I 330 -38.88 -35.01 -11.20
C ASP I 330 -39.71 -33.85 -11.68
N PHE I 331 -40.85 -34.17 -12.30
CA PHE I 331 -41.84 -33.16 -12.68
C PHE I 331 -42.93 -33.00 -11.62
N SER I 332 -43.31 -31.75 -11.36
CA SER I 332 -44.26 -31.38 -10.32
C SER I 332 -44.86 -29.99 -10.63
N ALA I 333 -46.08 -29.73 -10.21
CA ALA I 333 -46.65 -28.38 -10.22
C ALA I 333 -47.40 -28.10 -8.92
N GLY I 334 -47.51 -26.84 -8.53
CA GLY I 334 -48.20 -26.52 -7.28
C GLY I 334 -48.50 -25.05 -7.20
N VAL I 335 -49.62 -24.71 -6.55
CA VAL I 335 -49.98 -23.31 -6.38
C VAL I 335 -48.99 -22.75 -5.37
N ALA I 336 -48.32 -21.66 -5.74
CA ALA I 336 -47.43 -20.92 -4.83
C ALA I 336 -46.25 -21.75 -4.34
N ASN I 337 -45.89 -22.80 -5.09
CA ASN I 337 -44.84 -23.76 -4.68
C ASN I 337 -43.49 -23.54 -5.40
N ARG I 338 -42.54 -22.95 -4.66
CA ARG I 338 -41.20 -22.68 -5.18
C ARG I 338 -40.26 -23.91 -5.18
N SER I 339 -40.74 -25.05 -4.70
CA SER I 339 -40.03 -26.30 -4.90
C SER I 339 -40.45 -27.09 -6.13
N ALA I 340 -41.56 -26.72 -6.75
CA ALA I 340 -42.10 -27.46 -7.89
C ALA I 340 -41.44 -27.02 -9.19
N SER I 341 -41.52 -27.88 -10.20
CA SER I 341 -41.08 -27.56 -11.55
C SER I 341 -41.89 -26.40 -12.13
N ILE I 342 -43.21 -26.46 -11.97
CA ILE I 342 -44.09 -25.39 -12.38
C ILE I 342 -44.81 -24.84 -11.16
N ARG I 343 -44.87 -23.52 -11.06
CA ARG I 343 -45.64 -22.86 -10.01
C ARG I 343 -46.78 -22.04 -10.60
N ILE I 344 -48.00 -22.33 -10.16
CA ILE I 344 -49.10 -21.44 -10.42
C ILE I 344 -49.06 -20.44 -9.28
N PRO I 345 -48.74 -19.17 -9.58
CA PRO I 345 -48.70 -18.17 -8.50
C PRO I 345 -50.05 -17.99 -7.85
N ARG I 346 -50.07 -17.63 -6.57
CA ARG I 346 -51.33 -17.46 -5.82
C ARG I 346 -52.36 -16.56 -6.54
N THR I 347 -51.91 -15.42 -7.06
CA THR I 347 -52.75 -14.50 -7.84
C THR I 347 -53.55 -15.27 -8.88
N VAL I 348 -52.85 -16.09 -9.65
CA VAL I 348 -53.49 -16.81 -10.74
C VAL I 348 -54.50 -17.82 -10.18
N GLY I 349 -54.11 -18.54 -9.12
CA GLY I 349 -55.01 -19.50 -8.44
C GLY I 349 -56.31 -18.85 -7.99
N GLN I 350 -56.20 -17.72 -7.30
CA GLN I 350 -57.36 -17.00 -6.79
C GLN I 350 -58.28 -16.54 -7.90
N GLU I 351 -57.71 -15.89 -8.91
CA GLU I 351 -58.49 -15.29 -10.00
C GLU I 351 -58.98 -16.33 -11.03
N LYS I 352 -58.35 -17.50 -11.06
CA LYS I 352 -58.67 -18.57 -12.01
C LYS I 352 -58.34 -18.19 -13.48
N LYS I 353 -57.40 -17.27 -13.63
CA LYS I 353 -56.89 -16.83 -14.94
C LYS I 353 -55.50 -16.23 -14.77
N GLY I 354 -54.80 -16.07 -15.88
CA GLY I 354 -53.46 -15.48 -15.88
C GLY I 354 -52.49 -16.36 -16.63
N TYR I 355 -51.48 -16.85 -15.93
CA TYR I 355 -50.33 -17.52 -16.55
C TYR I 355 -49.74 -18.51 -15.58
N PHE I 356 -48.69 -19.22 -16.01
CA PHE I 356 -47.91 -20.07 -15.11
C PHE I 356 -46.39 -19.93 -15.27
N GLU I 357 -45.69 -20.29 -14.21
CA GLU I 357 -44.24 -20.13 -14.10
C GLU I 357 -43.49 -21.47 -14.28
N ASP I 358 -42.84 -21.62 -15.44
CA ASP I 358 -41.90 -22.71 -15.59
C ASP I 358 -40.58 -22.36 -14.87
N ARG I 359 -40.36 -23.01 -13.73
CA ARG I 359 -39.20 -22.72 -12.90
C ARG I 359 -37.94 -23.53 -13.29
N ARG I 360 -37.97 -24.27 -14.39
CA ARG I 360 -36.82 -25.11 -14.77
C ARG I 360 -35.68 -24.46 -15.58
N PRO I 361 -35.99 -23.49 -16.42
CA PRO I 361 -34.89 -22.92 -17.22
C PRO I 361 -33.67 -22.36 -16.46
N SER I 362 -32.47 -22.66 -16.97
CA SER I 362 -31.20 -22.17 -16.43
C SER I 362 -31.03 -20.68 -16.68
N ALA I 363 -30.30 -20.00 -15.81
CA ALA I 363 -29.97 -18.59 -16.04
C ALA I 363 -29.31 -18.40 -17.41
N ASN I 364 -28.59 -19.43 -17.89
CA ASN I 364 -27.80 -19.34 -19.14
C ASN I 364 -28.49 -19.93 -20.36
N CYS I 365 -29.80 -20.10 -20.27
CA CYS I 365 -30.58 -20.67 -21.39
C CYS I 365 -30.65 -19.72 -22.58
N ASP I 366 -30.87 -20.25 -23.76
CA ASP I 366 -31.23 -19.41 -24.87
C ASP I 366 -32.76 -19.27 -24.88
N PRO I 367 -33.27 -18.04 -24.72
CA PRO I 367 -34.71 -17.87 -24.67
C PRO I 367 -35.47 -18.35 -25.91
N PHE I 368 -34.82 -18.33 -27.06
CA PHE I 368 -35.45 -18.85 -28.28
C PHE I 368 -35.72 -20.35 -28.15
N SER I 369 -34.84 -21.03 -27.42
CA SER I 369 -34.99 -22.47 -27.21
C SER I 369 -36.11 -22.70 -26.23
N VAL I 370 -36.12 -21.96 -25.14
CA VAL I 370 -37.11 -22.18 -24.09
C VAL I 370 -38.48 -21.84 -24.61
N THR I 371 -38.60 -20.66 -25.23
CA THR I 371 -39.89 -20.23 -25.75
C THR I 371 -40.41 -21.17 -26.85
N GLU I 372 -39.53 -21.63 -27.74
CA GLU I 372 -39.90 -22.59 -28.79
C GLU I 372 -40.46 -23.89 -28.20
N ALA I 373 -39.82 -24.39 -27.14
CA ALA I 373 -40.22 -25.67 -26.54
C ALA I 373 -41.63 -25.59 -25.97
N LEU I 374 -41.94 -24.51 -25.28
CA LEU I 374 -43.25 -24.35 -24.65
C LEU I 374 -44.35 -24.32 -25.73
N ILE I 375 -44.10 -23.62 -26.83
CA ILE I 375 -45.08 -23.56 -27.90
C ILE I 375 -45.27 -24.96 -28.49
N ARG I 376 -44.18 -25.67 -28.78
CA ARG I 376 -44.30 -27.03 -29.34
C ARG I 376 -45.08 -27.96 -28.41
N THR I 377 -44.77 -27.95 -27.12
CA THR I 377 -45.42 -28.88 -26.19
C THR I 377 -46.85 -28.46 -25.91
N CYS I 378 -47.04 -27.19 -25.58
CA CYS I 378 -48.35 -26.72 -25.11
C CYS I 378 -49.35 -26.36 -26.20
N LEU I 379 -48.89 -25.75 -27.30
CA LEU I 379 -49.81 -25.27 -28.33
C LEU I 379 -49.85 -26.16 -29.59
N LEU I 380 -48.68 -26.53 -30.10
CA LEU I 380 -48.59 -27.43 -31.25
C LEU I 380 -48.78 -28.93 -30.91
N ASN I 381 -48.88 -29.26 -29.62
CA ASN I 381 -49.25 -30.62 -29.16
C ASN I 381 -48.31 -31.75 -29.60
N GLU I 382 -47.02 -31.44 -29.77
CA GLU I 382 -46.03 -32.46 -30.13
C GLU I 382 -45.79 -33.44 -29.00
N THR I 383 -45.46 -34.67 -29.38
CA THR I 383 -45.08 -35.72 -28.43
C THR I 383 -43.84 -36.43 -29.01
N GLY I 384 -42.91 -36.80 -28.13
CA GLY I 384 -41.64 -37.38 -28.58
C GLY I 384 -40.52 -37.15 -27.58
N ASN J 29 -4.84 15.97 -12.57
CA ASN J 29 -6.25 15.45 -12.60
C ASN J 29 -7.20 16.17 -13.59
N LYS J 30 -8.06 15.36 -14.20
CA LYS J 30 -8.85 15.79 -15.36
C LYS J 30 -10.09 16.65 -15.05
N GLY J 31 -10.59 16.57 -13.81
CA GLY J 31 -11.72 17.38 -13.36
C GLY J 31 -11.29 18.83 -13.15
N ILE J 32 -10.05 19.01 -12.68
CA ILE J 32 -9.48 20.33 -12.52
C ILE J 32 -9.41 20.99 -13.88
N LYS J 33 -8.81 20.27 -14.85
CA LYS J 33 -8.75 20.74 -16.23
C LYS J 33 -10.12 21.15 -16.83
N GLN J 34 -11.13 20.31 -16.62
CA GLN J 34 -12.42 20.55 -17.20
C GLN J 34 -13.04 21.89 -16.77
N VAL J 35 -12.79 22.32 -15.54
CA VAL J 35 -13.23 23.63 -15.06
C VAL J 35 -12.61 24.76 -15.87
N TYR J 36 -11.29 24.71 -16.05
CA TYR J 36 -10.59 25.67 -16.93
C TYR J 36 -11.07 25.65 -18.36
N MET J 37 -11.47 24.49 -18.83
CA MET J 37 -11.93 24.33 -20.21
C MET J 37 -13.38 24.80 -20.39
N SER J 38 -14.09 25.08 -19.29
CA SER J 38 -15.44 25.67 -19.31
C SER J 38 -15.39 27.18 -19.34
N LEU J 39 -14.21 27.76 -19.18
CA LEU J 39 -14.05 29.19 -19.30
C LEU J 39 -14.24 29.61 -20.76
N PRO J 40 -15.18 30.52 -21.03
CA PRO J 40 -15.33 31.04 -22.41
C PRO J 40 -14.07 31.75 -22.91
N GLN J 41 -13.60 31.37 -24.10
CA GLN J 41 -12.24 31.75 -24.51
C GLN J 41 -12.09 33.14 -25.14
N GLY J 42 -13.18 33.80 -25.53
CA GLY J 42 -13.09 35.13 -26.16
C GLY J 42 -13.12 35.08 -27.68
N GLU J 43 -12.67 36.15 -28.32
CA GLU J 43 -12.62 36.23 -29.79
C GLU J 43 -11.44 35.43 -30.41
N LYS J 44 -10.37 35.16 -29.66
CA LYS J 44 -9.22 34.44 -30.21
C LYS J 44 -9.48 32.94 -30.42
N VAL J 45 -8.72 32.33 -31.32
CA VAL J 45 -8.92 30.95 -31.79
C VAL J 45 -7.60 30.16 -31.77
N GLN J 46 -7.62 28.92 -31.32
CA GLN J 46 -6.41 28.11 -31.26
C GLN J 46 -6.31 27.18 -32.45
N ALA J 47 -5.15 27.15 -33.09
CA ALA J 47 -4.91 26.21 -34.18
C ALA J 47 -3.72 25.30 -33.83
N MET J 48 -3.95 23.99 -33.80
CA MET J 48 -2.88 23.02 -33.49
C MET J 48 -2.41 22.44 -34.81
N TYR J 49 -1.15 22.71 -35.15
CA TYR J 49 -0.55 22.27 -36.40
C TYR J 49 0.08 20.91 -36.15
N ILE J 50 -0.09 19.99 -37.09
CA ILE J 50 0.25 18.58 -36.85
C ILE J 50 1.15 18.17 -37.98
N TRP J 51 2.24 17.47 -37.67
CA TRP J 51 3.11 16.98 -38.72
C TRP J 51 3.80 15.67 -38.38
N ILE J 52 4.23 14.99 -39.46
CA ILE J 52 5.00 13.76 -39.40
C ILE J 52 6.49 14.11 -39.36
N ASP J 53 7.22 13.40 -38.51
CA ASP J 53 8.58 13.76 -38.13
C ASP J 53 9.58 12.89 -38.87
N GLY J 54 10.85 13.01 -38.46
CA GLY J 54 11.98 12.33 -39.13
C GLY J 54 11.95 10.79 -39.16
N THR J 55 11.20 10.19 -38.24
CA THR J 55 11.00 8.74 -38.21
C THR J 55 9.96 8.26 -39.25
N GLY J 56 9.21 9.20 -39.85
CA GLY J 56 8.09 8.86 -40.71
C GLY J 56 6.93 8.13 -40.03
N GLU J 57 7.02 7.88 -38.72
CA GLU J 57 5.94 7.27 -37.92
C GLU J 57 5.40 8.21 -36.82
N GLY J 58 6.27 9.05 -36.25
CA GLY J 58 5.91 9.92 -35.13
C GLY J 58 5.24 11.20 -35.57
N LEU J 59 4.29 11.63 -34.75
CA LEU J 59 3.48 12.83 -34.97
C LEU J 59 3.93 13.93 -33.99
N ARG J 60 3.88 15.18 -34.45
CA ARG J 60 4.29 16.31 -33.65
C ARG J 60 3.26 17.41 -33.83
N CYS J 61 3.10 18.24 -32.80
CA CYS J 61 2.21 19.34 -32.93
C CYS J 61 2.60 20.48 -32.03
N LYS J 62 2.01 21.63 -32.31
CA LYS J 62 2.09 22.81 -31.46
C LYS J 62 0.95 23.78 -31.86
N THR J 63 0.66 24.73 -30.97
CA THR J 63 -0.48 25.65 -31.10
C THR J 63 -0.12 27.14 -31.24
N ARG J 64 -0.88 27.85 -32.06
CA ARG J 64 -0.82 29.29 -32.09
C ARG J 64 -2.22 29.85 -31.96
N THR J 65 -2.27 31.11 -31.56
CA THR J 65 -3.50 31.83 -31.37
C THR J 65 -3.71 32.58 -32.67
N LEU J 66 -4.95 32.61 -33.15
CA LEU J 66 -5.27 33.36 -34.34
C LEU J 66 -6.30 34.42 -33.93
N ASP J 67 -6.37 35.52 -34.67
CA ASP J 67 -7.26 36.65 -34.35
C ASP J 67 -8.74 36.33 -34.54
N SER J 68 -9.02 35.42 -35.47
CA SER J 68 -10.39 35.02 -35.77
C SER J 68 -10.46 33.56 -36.27
N GLU J 69 -11.67 33.06 -36.51
CA GLU J 69 -11.85 31.68 -36.91
C GLU J 69 -11.57 31.54 -38.40
N PRO J 70 -10.69 30.61 -38.80
CA PRO J 70 -10.52 30.33 -40.21
C PRO J 70 -11.67 29.51 -40.79
N LYS J 71 -12.10 29.87 -41.99
CA LYS J 71 -13.25 29.23 -42.63
C LYS J 71 -12.81 28.08 -43.51
N CYS J 72 -11.51 28.01 -43.85
CA CYS J 72 -10.99 26.84 -44.56
C CYS J 72 -9.47 26.74 -44.48
N VAL J 73 -8.95 25.56 -44.78
CA VAL J 73 -7.52 25.34 -44.76
C VAL J 73 -6.72 26.47 -45.45
N GLU J 74 -7.28 27.04 -46.52
CA GLU J 74 -6.59 28.06 -47.33
C GLU J 74 -6.30 29.32 -46.53
N GLU J 75 -7.06 29.59 -45.47
CA GLU J 75 -6.92 30.81 -44.70
C GLU J 75 -5.85 30.72 -43.61
N LEU J 76 -5.38 29.52 -43.30
CA LEU J 76 -4.37 29.35 -42.24
C LEU J 76 -3.01 29.77 -42.76
N PRO J 77 -2.24 30.54 -41.99
CA PRO J 77 -0.90 30.91 -42.44
C PRO J 77 0.11 29.76 -42.34
N GLU J 78 1.21 29.90 -43.09
CA GLU J 78 2.33 28.97 -43.00
C GLU J 78 2.95 29.14 -41.64
N TRP J 79 3.77 28.18 -41.26
CA TRP J 79 4.47 28.29 -40.03
C TRP J 79 5.74 27.50 -40.14
N ASN J 80 6.34 27.14 -39.02
CA ASN J 80 7.61 26.45 -39.01
C ASN J 80 7.90 25.91 -37.61
N PHE J 81 9.03 25.21 -37.50
CA PHE J 81 9.40 24.55 -36.25
C PHE J 81 10.88 24.21 -36.31
N ASP J 82 11.39 23.78 -35.16
CA ASP J 82 12.78 23.32 -35.05
C ASP J 82 12.99 21.88 -35.58
N GLY J 83 13.35 21.77 -36.87
CA GLY J 83 13.72 20.46 -37.46
C GLY J 83 14.79 19.70 -36.67
N SER J 84 15.64 20.46 -35.98
CA SER J 84 16.76 19.91 -35.27
C SER J 84 16.32 19.13 -34.03
N SER J 85 15.07 19.30 -33.59
CA SER J 85 14.58 18.60 -32.43
C SER J 85 13.56 17.51 -32.79
N THR J 86 13.30 17.37 -34.10
CA THR J 86 12.42 16.34 -34.65
C THR J 86 13.21 15.42 -35.60
N LEU J 87 14.54 15.56 -35.57
CA LEU J 87 15.43 14.73 -36.37
C LEU J 87 15.37 15.01 -37.90
N GLN J 88 15.02 16.24 -38.28
CA GLN J 88 14.84 16.53 -39.71
C GLN J 88 15.78 17.62 -40.25
N SER J 89 16.57 18.26 -39.37
CA SER J 89 17.57 19.27 -39.79
C SER J 89 18.65 19.47 -38.71
N GLU J 90 19.61 20.38 -38.97
CA GLU J 90 20.72 20.70 -38.08
C GLU J 90 20.37 21.95 -37.29
N GLY J 91 20.80 22.00 -36.04
CA GLY J 91 20.56 23.16 -35.17
C GLY J 91 20.97 24.50 -35.77
N SER J 92 22.07 24.54 -36.53
CA SER J 92 22.58 25.81 -37.01
C SER J 92 21.81 26.31 -38.24
N ASN J 93 21.07 25.42 -38.91
CA ASN J 93 20.15 25.82 -39.99
C ASN J 93 18.79 25.09 -39.86
N SER J 94 18.05 25.47 -38.83
CA SER J 94 17.11 24.57 -38.14
C SER J 94 15.63 24.70 -38.52
N ASP J 95 15.19 25.93 -38.81
CA ASP J 95 13.78 26.17 -39.12
C ASP J 95 13.31 25.30 -40.29
N MET J 96 12.11 24.74 -40.16
CA MET J 96 11.51 24.00 -41.26
C MET J 96 10.06 24.43 -41.44
N TYR J 97 9.64 24.46 -42.70
CA TYR J 97 8.35 24.99 -43.07
C TYR J 97 7.21 24.05 -42.73
N LEU J 98 6.06 24.65 -42.39
CA LEU J 98 4.78 23.95 -42.21
C LEU J 98 3.72 24.58 -43.12
N VAL J 99 3.21 23.79 -44.06
CA VAL J 99 2.14 24.25 -44.95
C VAL J 99 0.86 23.48 -44.65
N PRO J 100 -0.20 24.19 -44.19
CA PRO J 100 -1.51 23.56 -44.03
C PRO J 100 -1.93 22.70 -45.22
N ALA J 101 -2.46 21.51 -44.93
CA ALA J 101 -2.90 20.57 -45.95
C ALA J 101 -4.37 20.21 -45.71
N ALA J 102 -4.73 19.84 -44.47
CA ALA J 102 -6.13 19.58 -44.12
C ALA J 102 -6.46 20.06 -42.71
N MET J 103 -7.59 20.75 -42.63
CA MET J 103 -8.10 21.34 -41.41
C MET J 103 -9.26 20.51 -40.88
N PHE J 104 -9.27 20.30 -39.57
CA PHE J 104 -10.41 19.68 -38.90
C PHE J 104 -10.79 20.50 -37.69
N ARG J 105 -11.95 20.16 -37.11
CA ARG J 105 -12.39 20.76 -35.85
C ARG J 105 -11.68 20.04 -34.71
N ASP J 106 -11.36 20.77 -33.66
CA ASP J 106 -10.58 20.24 -32.56
C ASP J 106 -11.56 19.67 -31.53
N PRO J 107 -11.57 18.33 -31.36
CA PRO J 107 -12.46 17.70 -30.40
C PRO J 107 -11.95 17.79 -28.96
N PHE J 108 -10.68 18.17 -28.80
CA PHE J 108 -10.08 18.37 -27.48
C PHE J 108 -10.33 19.77 -26.95
N ARG J 109 -10.36 20.74 -27.84
CA ARG J 109 -10.58 22.13 -27.45
C ARG J 109 -11.91 22.76 -27.90
N LYS J 110 -12.62 22.06 -28.78
CA LYS J 110 -13.93 22.46 -29.27
C LYS J 110 -13.95 23.64 -30.23
N ASP J 111 -14.99 23.75 -31.04
CA ASP J 111 -15.17 24.92 -31.88
C ASP J 111 -14.88 26.14 -31.05
N PRO J 112 -14.15 27.11 -31.55
CA PRO J 112 -13.88 27.38 -32.94
C PRO J 112 -12.49 27.00 -33.26
N ASN J 113 -11.96 26.20 -32.39
CA ASN J 113 -10.55 25.83 -32.46
C ASN J 113 -10.32 24.73 -33.49
N LYS J 114 -9.09 24.62 -33.99
CA LYS J 114 -8.80 23.76 -35.15
C LYS J 114 -7.60 22.81 -34.97
N LEU J 115 -7.64 21.73 -35.77
CA LEU J 115 -6.52 20.83 -36.00
C LEU J 115 -6.13 21.00 -37.47
N VAL J 116 -4.82 21.06 -37.72
CA VAL J 116 -4.30 21.28 -39.06
C VAL J 116 -3.15 20.35 -39.34
N LEU J 117 -3.38 19.41 -40.26
CA LEU J 117 -2.32 18.55 -40.73
C LEU J 117 -1.50 19.38 -41.71
N CYS J 118 -0.18 19.30 -41.59
CA CYS J 118 0.71 20.04 -42.44
C CYS J 118 1.65 19.11 -43.12
N GLU J 119 2.10 19.57 -44.30
CA GLU J 119 3.29 19.06 -44.96
C GLU J 119 4.55 19.79 -44.49
N VAL J 120 5.64 19.05 -44.34
CA VAL J 120 6.93 19.59 -43.93
C VAL J 120 7.80 19.87 -45.15
N PHE J 121 8.39 21.05 -45.23
CA PHE J 121 9.39 21.35 -46.27
C PHE J 121 10.73 21.80 -45.67
N LYS J 122 11.82 21.64 -46.42
CA LYS J 122 13.15 21.89 -45.89
C LYS J 122 13.55 23.35 -46.02
N TYR J 123 14.76 23.68 -45.58
CA TYR J 123 15.28 25.07 -45.63
C TYR J 123 15.18 25.68 -47.03
N ASN J 124 15.41 24.84 -48.03
CA ASN J 124 15.35 25.21 -49.43
C ASN J 124 13.98 25.00 -50.08
N ARG J 125 12.92 24.98 -49.28
CA ARG J 125 11.54 24.82 -49.76
C ARG J 125 11.24 23.48 -50.47
N ARG J 126 12.18 22.53 -50.48
CA ARG J 126 11.89 21.18 -51.04
C ARG J 126 11.26 20.32 -49.95
N PRO J 127 10.42 19.35 -50.34
CA PRO J 127 9.78 18.48 -49.36
C PRO J 127 10.78 17.71 -48.48
N ALA J 128 10.37 17.49 -47.23
CA ALA J 128 11.14 16.73 -46.29
C ALA J 128 11.12 15.27 -46.72
N GLU J 129 12.16 14.54 -46.35
CA GLU J 129 12.34 13.10 -46.66
C GLU J 129 11.13 12.24 -46.26
N THR J 130 10.43 12.61 -45.18
CA THR J 130 9.23 11.88 -44.77
C THR J 130 7.91 12.60 -45.17
N ASN J 131 7.99 13.62 -46.02
CA ASN J 131 6.80 14.19 -46.63
C ASN J 131 6.48 13.30 -47.80
N LEU J 132 5.70 12.24 -47.55
CA LEU J 132 5.28 11.34 -48.59
C LEU J 132 3.99 11.82 -49.27
N ARG J 133 3.36 12.82 -48.65
CA ARG J 133 2.14 13.38 -49.18
C ARG J 133 2.33 14.05 -50.55
N HIS J 134 3.50 14.66 -50.75
CA HIS J 134 3.74 15.54 -51.89
C HIS J 134 3.67 14.84 -53.22
N THR J 135 4.39 13.73 -53.31
CA THR J 135 4.33 12.85 -54.46
C THR J 135 2.96 12.16 -54.52
N CYS J 136 2.40 11.82 -53.38
CA CYS J 136 1.10 11.15 -53.35
C CYS J 136 -0.02 12.01 -53.94
N LYS J 137 -0.04 13.29 -53.61
CA LYS J 137 -1.11 14.18 -54.11
C LYS J 137 -1.06 14.36 -55.60
N ARG J 138 0.14 14.43 -56.17
CA ARG J 138 0.32 14.53 -57.64
C ARG J 138 -0.22 13.31 -58.34
N ILE J 139 0.07 12.14 -57.79
CA ILE J 139 -0.44 10.86 -58.30
C ILE J 139 -1.94 10.73 -58.19
N MET J 140 -2.51 11.18 -57.08
CA MET J 140 -3.96 11.21 -56.97
C MET J 140 -4.54 12.20 -58.00
N ASP J 141 -3.85 13.31 -58.25
CA ASP J 141 -4.32 14.31 -59.21
C ASP J 141 -4.37 13.73 -60.64
N MET J 142 -3.37 12.93 -60.99
CA MET J 142 -3.30 12.22 -62.28
C MET J 142 -4.44 11.23 -62.57
N VAL J 143 -5.32 10.92 -61.62
CA VAL J 143 -6.38 9.94 -61.89
C VAL J 143 -7.74 10.32 -61.28
N SER J 144 -7.97 11.63 -61.08
CA SER J 144 -9.23 12.08 -60.47
C SER J 144 -10.48 11.63 -61.24
N ASN J 145 -10.30 11.37 -62.53
CA ASN J 145 -11.38 10.86 -63.38
C ASN J 145 -11.92 9.52 -62.94
N GLN J 146 -11.06 8.71 -62.34
CA GLN J 146 -11.43 7.36 -61.95
C GLN J 146 -11.85 7.28 -60.47
N HIS J 147 -11.85 8.44 -59.81
CA HIS J 147 -12.36 8.62 -58.45
C HIS J 147 -11.97 7.43 -57.57
N PRO J 148 -10.64 7.30 -57.27
CA PRO J 148 -10.16 6.25 -56.37
C PRO J 148 -10.63 6.47 -54.92
N TRP J 149 -11.35 5.50 -54.37
CA TRP J 149 -11.82 5.54 -52.99
C TRP J 149 -11.05 4.52 -52.16
N PHE J 150 -10.69 4.91 -50.95
CA PHE J 150 -10.03 4.01 -50.05
C PHE J 150 -10.76 3.95 -48.72
N GLY J 151 -10.72 2.79 -48.08
CA GLY J 151 -11.11 2.64 -46.69
C GLY J 151 -10.01 1.85 -45.98
N MET J 152 -9.49 2.39 -44.87
CA MET J 152 -8.41 1.72 -44.18
C MET J 152 -8.82 1.37 -42.79
N GLU J 153 -8.37 0.18 -42.36
CA GLU J 153 -8.72 -0.38 -41.08
C GLU J 153 -7.51 -0.32 -40.16
N GLN J 154 -7.48 0.71 -39.33
CA GLN J 154 -6.37 0.90 -38.44
C GLN J 154 -6.57 -0.01 -37.26
N GLU J 155 -5.84 -1.10 -37.23
CA GLU J 155 -5.74 -1.91 -36.02
C GLU J 155 -4.60 -1.32 -35.16
N TYR J 156 -4.71 -1.51 -33.85
CA TYR J 156 -3.73 -0.99 -32.90
C TYR J 156 -3.92 -1.71 -31.58
N THR J 157 -2.94 -1.62 -30.69
CA THR J 157 -3.03 -2.28 -29.40
C THR J 157 -2.83 -1.26 -28.31
N LEU J 158 -3.67 -1.31 -27.28
CA LEU J 158 -3.59 -0.36 -26.16
C LEU J 158 -2.64 -0.90 -25.11
N MET J 159 -1.63 -0.09 -24.78
CA MET J 159 -0.59 -0.45 -23.82
C MET J 159 -0.59 0.47 -22.62
N GLY J 160 -0.12 -0.09 -21.51
CA GLY J 160 0.23 0.70 -20.39
C GLY J 160 1.54 1.41 -20.63
N THR J 161 1.67 2.52 -19.90
CA THR J 161 2.93 3.16 -19.55
C THR J 161 4.13 2.19 -19.28
N ASP J 162 3.85 0.99 -18.75
CA ASP J 162 4.89 0.00 -18.51
C ASP J 162 5.24 -0.88 -19.72
N GLY J 163 4.75 -0.54 -20.91
CA GLY J 163 5.03 -1.34 -22.11
C GLY J 163 4.24 -2.64 -22.25
N HIS J 164 3.37 -2.95 -21.31
CA HIS J 164 2.56 -4.16 -21.30
C HIS J 164 1.14 -3.79 -21.73
N PRO J 165 0.48 -4.67 -22.52
CA PRO J 165 -0.83 -4.29 -23.03
C PRO J 165 -1.84 -4.00 -21.92
N PHE J 166 -2.73 -3.05 -22.16
CA PHE J 166 -3.69 -2.57 -21.21
C PHE J 166 -4.61 -3.69 -20.74
N GLY J 167 -4.76 -3.79 -19.42
CA GLY J 167 -5.61 -4.79 -18.81
C GLY J 167 -5.04 -6.19 -18.66
N TRP J 168 -3.86 -6.44 -19.19
CA TRP J 168 -3.26 -7.79 -19.18
C TRP J 168 -2.72 -8.03 -17.81
N PRO J 169 -2.72 -9.30 -17.37
CA PRO J 169 -2.17 -9.50 -16.05
C PRO J 169 -0.73 -9.04 -16.08
N SER J 170 -0.26 -8.49 -14.99
CA SER J 170 1.02 -7.84 -15.03
C SER J 170 2.10 -8.92 -14.96
N ASN J 171 3.09 -8.80 -15.86
CA ASN J 171 4.12 -9.85 -16.02
C ASN J 171 3.60 -11.18 -16.60
N GLY J 172 2.43 -11.15 -17.21
CA GLY J 172 1.80 -12.39 -17.63
C GLY J 172 0.82 -12.17 -18.74
N PHE J 173 0.01 -13.21 -18.97
CA PHE J 173 -0.85 -13.29 -20.13
C PHE J 173 -2.27 -13.54 -19.68
N PRO J 174 -3.23 -12.96 -20.41
CA PRO J 174 -4.61 -13.29 -20.19
C PRO J 174 -4.86 -14.60 -20.91
N GLY J 175 -6.10 -15.11 -20.89
CA GLY J 175 -6.41 -16.38 -21.54
C GLY J 175 -6.26 -16.34 -23.06
N PRO J 176 -6.17 -17.50 -23.69
CA PRO J 176 -5.98 -17.60 -25.14
C PRO J 176 -7.00 -16.82 -25.96
N GLN J 177 -6.58 -16.42 -27.13
CA GLN J 177 -7.47 -15.76 -28.08
C GLN J 177 -8.68 -16.65 -28.42
N GLY J 178 -9.77 -15.99 -28.81
CA GLY J 178 -11.05 -16.64 -29.04
C GLY J 178 -12.20 -15.69 -28.71
N PRO J 179 -12.32 -15.31 -27.41
CA PRO J 179 -13.44 -14.55 -26.84
C PRO J 179 -13.39 -13.03 -26.94
N TYR J 180 -12.27 -12.47 -27.42
CA TYR J 180 -12.03 -11.01 -27.34
C TYR J 180 -12.52 -10.26 -28.61
N TYR J 181 -12.37 -10.88 -29.78
CA TYR J 181 -12.92 -10.29 -31.01
C TYR J 181 -14.38 -9.88 -30.76
N CYS J 182 -14.65 -8.59 -30.93
CA CYS J 182 -16.00 -8.03 -30.82
C CYS J 182 -16.69 -8.35 -29.54
N GLY J 183 -15.92 -8.47 -28.46
CA GLY J 183 -16.43 -9.02 -27.23
C GLY J 183 -17.02 -7.95 -26.37
N VAL J 184 -17.68 -8.36 -25.29
CA VAL J 184 -18.22 -7.39 -24.34
C VAL J 184 -18.09 -7.97 -22.94
N GLY J 185 -17.75 -7.12 -21.97
CA GLY J 185 -17.51 -7.57 -20.61
C GLY J 185 -16.14 -7.13 -20.12
N ALA J 186 -16.03 -6.96 -18.80
CA ALA J 186 -14.84 -6.45 -18.18
C ALA J 186 -13.70 -7.43 -18.42
N ASP J 187 -14.05 -8.73 -18.56
CA ASP J 187 -13.07 -9.79 -18.77
C ASP J 187 -12.71 -10.03 -20.23
N ARG J 188 -13.25 -9.26 -21.16
CA ARG J 188 -12.76 -9.37 -22.55
C ARG J 188 -12.55 -8.08 -23.35
N ALA J 189 -13.32 -7.04 -23.05
CA ALA J 189 -13.14 -5.79 -23.76
C ALA J 189 -12.28 -4.92 -22.88
N TYR J 190 -11.01 -4.74 -23.26
CA TYR J 190 -10.08 -3.93 -22.48
C TYR J 190 -9.90 -2.57 -23.11
N GLY J 191 -10.53 -1.56 -22.57
CA GLY J 191 -10.22 -0.17 -22.95
C GLY J 191 -11.22 0.50 -23.86
N ARG J 192 -12.49 0.11 -23.76
CA ARG J 192 -13.51 0.65 -24.65
C ARG J 192 -13.59 2.16 -24.54
N ASP J 193 -13.40 2.66 -23.34
CA ASP J 193 -13.44 4.09 -23.11
C ASP J 193 -12.63 4.81 -24.17
N ILE J 194 -11.44 4.31 -24.46
CA ILE J 194 -10.62 4.95 -25.46
C ILE J 194 -11.36 4.99 -26.80
N VAL J 195 -11.91 3.83 -27.18
CA VAL J 195 -12.56 3.62 -28.47
C VAL J 195 -13.74 4.56 -28.62
N GLU J 196 -14.59 4.60 -27.61
CA GLU J 196 -15.78 5.41 -27.63
C GLU J 196 -15.43 6.89 -27.73
N ALA J 197 -14.50 7.34 -26.89
CA ALA J 197 -14.04 8.73 -26.90
C ALA J 197 -13.47 9.09 -28.28
N HIS J 198 -12.63 8.21 -28.79
CA HIS J 198 -12.04 8.42 -30.11
C HIS J 198 -13.08 8.46 -31.27
N TYR J 199 -14.05 7.54 -31.24
CA TYR J 199 -15.13 7.53 -32.22
C TYR J 199 -15.79 8.89 -32.30
N ARG J 200 -16.08 9.44 -31.14
CA ARG J 200 -16.83 10.66 -31.03
C ARG J 200 -15.92 11.82 -31.34
N ALA J 201 -14.69 11.78 -30.85
CA ALA J 201 -13.67 12.77 -31.22
C ALA J 201 -13.62 12.96 -32.73
N CYS J 202 -13.51 11.86 -33.48
CA CYS J 202 -13.41 11.92 -34.94
C CYS J 202 -14.66 12.47 -35.62
N LEU J 203 -15.82 12.04 -35.15
CA LEU J 203 -17.05 12.51 -35.73
C LEU J 203 -17.10 14.04 -35.59
N TYR J 204 -16.83 14.56 -34.38
CA TYR J 204 -16.79 16.01 -34.11
C TYR J 204 -15.73 16.68 -34.96
N ALA J 205 -14.54 16.08 -35.02
CA ALA J 205 -13.45 16.66 -35.80
C ALA J 205 -13.80 16.81 -37.31
N GLY J 206 -14.54 15.84 -37.86
CA GLY J 206 -14.86 15.76 -39.29
C GLY J 206 -14.07 14.65 -39.99
N VAL J 207 -13.41 13.77 -39.23
CA VAL J 207 -12.71 12.60 -39.78
C VAL J 207 -13.77 11.56 -40.19
N LYS J 208 -13.58 10.91 -41.33
CA LYS J 208 -14.63 10.04 -41.85
C LYS J 208 -14.47 8.63 -41.25
N ILE J 209 -14.77 8.52 -39.96
CA ILE J 209 -14.70 7.26 -39.24
C ILE J 209 -15.91 6.42 -39.63
N ALA J 210 -15.67 5.28 -40.27
CA ALA J 210 -16.74 4.36 -40.75
C ALA J 210 -17.23 3.30 -39.74
N GLY J 211 -16.43 2.97 -38.75
CA GLY J 211 -16.85 2.01 -37.75
C GLY J 211 -15.74 1.65 -36.82
N THR J 212 -16.04 0.73 -35.89
CA THR J 212 -15.08 0.22 -34.92
C THR J 212 -15.45 -1.19 -34.49
N ASN J 213 -14.42 -1.93 -34.07
CA ASN J 213 -14.59 -3.25 -33.50
C ASN J 213 -13.40 -3.64 -32.58
N ALA J 214 -13.68 -4.30 -31.46
CA ALA J 214 -12.64 -4.98 -30.70
C ALA J 214 -12.04 -6.08 -31.56
N GLU J 215 -10.72 -6.23 -31.50
CA GLU J 215 -10.03 -7.24 -32.27
C GLU J 215 -9.71 -8.51 -31.49
N VAL J 216 -8.91 -9.40 -32.10
CA VAL J 216 -8.81 -10.78 -31.66
C VAL J 216 -7.92 -10.93 -30.45
N MET J 217 -6.86 -10.14 -30.43
CA MET J 217 -5.96 -10.05 -29.30
C MET J 217 -6.61 -9.11 -28.27
N PRO J 218 -6.56 -9.50 -26.99
CA PRO J 218 -7.17 -8.62 -25.97
C PRO J 218 -6.36 -7.34 -25.86
N ALA J 219 -7.05 -6.22 -25.70
CA ALA J 219 -6.42 -4.89 -25.70
C ALA J 219 -6.20 -4.35 -27.10
N GLN J 220 -6.54 -5.14 -28.10
CA GLN J 220 -6.37 -4.77 -29.49
C GLN J 220 -7.72 -4.33 -30.07
N TRP J 221 -7.70 -3.22 -30.79
CA TRP J 221 -8.93 -2.59 -31.29
C TRP J 221 -8.78 -2.16 -32.73
N GLU J 222 -9.86 -1.61 -33.30
CA GLU J 222 -9.91 -1.21 -34.70
C GLU J 222 -10.83 -0.01 -34.96
N PHE J 223 -10.41 0.89 -35.84
CA PHE J 223 -11.34 1.86 -36.43
C PHE J 223 -11.13 1.90 -37.94
N GLN J 224 -12.17 2.22 -38.68
CA GLN J 224 -12.12 2.24 -40.10
C GLN J 224 -12.31 3.64 -40.57
N ILE J 225 -11.41 4.11 -41.40
CA ILE J 225 -11.59 5.41 -42.01
C ILE J 225 -11.94 5.23 -43.46
N GLY J 226 -13.07 5.75 -43.88
CA GLY J 226 -13.42 5.72 -45.28
C GLY J 226 -14.90 5.73 -45.56
N PRO J 227 -15.26 5.69 -46.82
CA PRO J 227 -14.30 5.68 -47.93
C PRO J 227 -13.87 7.07 -48.27
N CYS J 228 -12.59 7.29 -48.46
CA CYS J 228 -12.07 8.61 -48.77
C CYS J 228 -11.57 8.69 -50.20
N GLU J 229 -11.88 9.78 -50.91
CA GLU J 229 -11.39 9.96 -52.27
C GLU J 229 -9.94 10.45 -52.25
N GLY J 230 -9.07 9.74 -52.92
CA GLY J 230 -7.74 10.25 -53.24
C GLY J 230 -6.90 10.62 -52.04
N ILE J 231 -6.36 11.84 -52.07
CA ILE J 231 -5.43 12.32 -51.05
C ILE J 231 -6.03 12.31 -49.66
N SER J 232 -7.35 12.50 -49.58
CA SER J 232 -8.02 12.66 -48.30
C SER J 232 -7.94 11.37 -47.43
N MET J 233 -7.71 10.21 -48.05
CA MET J 233 -7.51 8.99 -47.29
C MET J 233 -6.37 9.16 -46.29
N GLY J 234 -5.20 9.52 -46.79
CA GLY J 234 -4.03 9.79 -45.96
C GLY J 234 -4.27 10.88 -44.92
N ASP J 235 -4.78 12.03 -45.37
CA ASP J 235 -5.14 13.12 -44.45
C ASP J 235 -6.04 12.64 -43.32
N HIS J 236 -7.07 11.89 -43.66
CA HIS J 236 -8.03 11.48 -42.64
C HIS J 236 -7.42 10.48 -41.68
N LEU J 237 -6.70 9.49 -42.20
CA LEU J 237 -6.07 8.48 -41.30
C LEU J 237 -5.01 9.09 -40.39
N TRP J 238 -4.13 9.93 -40.90
CA TRP J 238 -3.14 10.57 -40.05
C TRP J 238 -3.81 11.39 -38.96
N VAL J 239 -4.81 12.20 -39.33
CA VAL J 239 -5.50 12.95 -38.27
C VAL J 239 -6.28 12.01 -37.32
N ALA J 240 -6.90 10.97 -37.87
CA ALA J 240 -7.45 9.87 -37.04
C ALA J 240 -6.39 9.42 -36.00
N ARG J 241 -5.20 9.12 -36.50
CA ARG J 241 -4.14 8.60 -35.64
C ARG J 241 -3.74 9.63 -34.59
N PHE J 242 -3.64 10.88 -35.00
CA PHE J 242 -3.31 11.91 -34.06
C PHE J 242 -4.32 11.93 -32.95
N ILE J 243 -5.60 11.87 -33.30
CA ILE J 243 -6.68 11.90 -32.32
C ILE J 243 -6.66 10.66 -31.41
N LEU J 244 -6.27 9.50 -31.93
CA LEU J 244 -6.11 8.33 -31.09
C LEU J 244 -5.02 8.56 -30.03
N HIS J 245 -3.86 9.06 -30.45
CA HIS J 245 -2.77 9.26 -29.49
C HIS J 245 -3.10 10.30 -28.44
N ARG J 246 -3.78 11.36 -28.87
CA ARG J 246 -4.22 12.41 -27.96
C ARG J 246 -5.30 11.95 -27.00
N VAL J 247 -6.26 11.17 -27.48
CA VAL J 247 -7.31 10.63 -26.60
C VAL J 247 -6.61 9.73 -25.60
N CYS J 248 -5.78 8.82 -26.11
CA CYS J 248 -5.07 7.85 -25.25
C CYS J 248 -4.25 8.55 -24.16
N GLU J 249 -3.56 9.62 -24.55
CA GLU J 249 -2.87 10.47 -23.58
C GLU J 249 -3.77 10.90 -22.45
N ASP J 250 -4.99 11.33 -22.75
CA ASP J 250 -5.94 11.68 -21.68
C ASP J 250 -6.15 10.50 -20.72
N PHE J 251 -6.25 9.28 -21.23
CA PHE J 251 -6.55 8.14 -20.37
C PHE J 251 -5.31 7.51 -19.77
N GLY J 252 -4.13 8.10 -19.99
CA GLY J 252 -2.90 7.55 -19.42
C GLY J 252 -2.45 6.23 -20.04
N VAL J 253 -2.86 5.96 -21.27
CA VAL J 253 -2.43 4.77 -21.99
C VAL J 253 -1.76 5.19 -23.28
N ILE J 254 -1.20 4.20 -24.00
CA ILE J 254 -0.43 4.39 -25.23
C ILE J 254 -1.05 3.53 -26.31
N ALA J 255 -1.19 4.09 -27.50
CA ALA J 255 -1.52 3.30 -28.72
C ALA J 255 -0.25 2.91 -29.43
N THR J 256 -0.14 1.67 -29.83
CA THR J 256 1.00 1.25 -30.67
C THR J 256 0.45 0.74 -31.95
N PHE J 257 1.13 1.13 -33.04
CA PHE J 257 0.80 0.63 -34.35
C PHE J 257 1.76 -0.44 -34.78
N ASP J 258 2.62 -0.94 -33.89
CA ASP J 258 3.55 -1.97 -34.27
C ASP J 258 2.78 -3.20 -34.74
N PRO J 259 3.24 -3.84 -35.83
CA PRO J 259 2.40 -4.87 -36.42
C PRO J 259 2.46 -6.21 -35.71
N LYS J 260 3.36 -6.39 -34.74
CA LYS J 260 3.40 -7.62 -33.92
C LYS J 260 3.91 -7.27 -32.53
N PRO J 261 3.12 -6.53 -31.77
CA PRO J 261 3.60 -6.06 -30.48
C PRO J 261 3.87 -7.19 -29.48
N ILE J 262 3.11 -8.27 -29.55
CA ILE J 262 3.37 -9.42 -28.68
C ILE J 262 3.74 -10.62 -29.54
N PRO J 263 4.96 -11.17 -29.35
CA PRO J 263 5.33 -12.36 -30.13
C PRO J 263 4.61 -13.63 -29.68
N GLY J 264 4.50 -14.60 -30.58
CA GLY J 264 3.94 -15.89 -30.27
C GLY J 264 2.49 -15.94 -30.67
N ASN J 265 1.68 -16.61 -29.88
CA ASN J 265 0.33 -16.95 -30.30
C ASN J 265 -0.68 -15.80 -30.08
N TRP J 266 -0.29 -14.59 -30.48
CA TRP J 266 -1.14 -13.44 -30.38
C TRP J 266 -1.13 -12.76 -31.72
N ASN J 267 -2.29 -12.26 -32.13
CA ASN J 267 -2.43 -11.63 -33.44
C ASN J 267 -1.65 -10.36 -33.50
N GLY J 268 -1.23 -10.02 -34.70
CA GLY J 268 -0.59 -8.74 -35.00
C GLY J 268 -1.54 -7.69 -35.58
N ALA J 269 -0.96 -6.57 -35.96
CA ALA J 269 -1.75 -5.40 -36.36
C ALA J 269 -1.44 -5.02 -37.80
N GLY J 270 -2.48 -4.99 -38.60
CA GLY J 270 -2.37 -4.61 -40.00
C GLY J 270 -3.23 -3.40 -40.23
N CYS J 271 -3.23 -2.95 -41.48
CA CYS J 271 -3.99 -1.80 -41.83
C CYS J 271 -4.60 -2.06 -43.20
N HIS J 272 -5.52 -3.01 -43.24
CA HIS J 272 -6.14 -3.47 -44.46
C HIS J 272 -6.62 -2.26 -45.22
N THR J 273 -6.22 -2.16 -46.49
CA THR J 273 -6.59 -1.03 -47.32
C THR J 273 -7.61 -1.53 -48.35
N ASN J 274 -8.85 -1.07 -48.21
CA ASN J 274 -9.85 -1.37 -49.19
C ASN J 274 -9.80 -0.32 -50.28
N PHE J 275 -9.95 -0.75 -51.53
CA PHE J 275 -9.71 0.07 -52.73
C PHE J 275 -10.71 -0.16 -53.86
N SER J 276 -11.24 0.93 -54.42
CA SER J 276 -12.13 0.84 -55.57
C SER J 276 -12.09 2.08 -56.46
N THR J 277 -12.16 1.87 -57.77
CA THR J 277 -12.33 2.96 -58.72
C THR J 277 -13.78 2.98 -59.17
N LYS J 278 -14.16 4.01 -59.93
CA LYS J 278 -15.54 4.18 -60.38
C LYS J 278 -16.01 3.03 -61.26
N ALA J 279 -15.13 2.55 -62.13
CA ALA J 279 -15.41 1.37 -62.94
C ALA J 279 -15.71 0.15 -62.05
N MET J 280 -14.88 -0.05 -61.02
CA MET J 280 -15.05 -1.16 -60.06
C MET J 280 -16.33 -1.08 -59.21
N ARG J 281 -16.90 0.12 -59.03
CA ARG J 281 -18.15 0.28 -58.30
C ARG J 281 -19.39 0.13 -59.20
N GLU J 282 -19.27 0.51 -60.45
CA GLU J 282 -20.38 0.30 -61.42
C GLU J 282 -20.65 -1.20 -61.64
N GLU J 283 -21.82 -1.50 -62.21
CA GLU J 283 -22.27 -2.89 -62.44
C GLU J 283 -21.19 -3.72 -63.11
N ASN J 284 -21.03 -4.95 -62.62
CA ASN J 284 -19.99 -5.89 -63.07
C ASN J 284 -18.53 -5.36 -62.96
N GLY J 285 -18.29 -4.45 -62.02
CA GLY J 285 -16.97 -3.92 -61.77
C GLY J 285 -15.99 -4.95 -61.22
N LEU J 286 -16.50 -6.12 -60.81
CA LEU J 286 -15.65 -7.26 -60.40
C LEU J 286 -14.60 -7.63 -61.46
N LYS J 287 -14.98 -7.53 -62.74
CA LYS J 287 -14.05 -7.59 -63.88
C LYS J 287 -12.83 -6.71 -63.58
N TYR J 288 -13.06 -5.42 -63.32
CA TYR J 288 -11.96 -4.45 -63.17
C TYR J 288 -11.20 -4.66 -61.87
N ILE J 289 -11.87 -5.23 -60.87
CA ILE J 289 -11.23 -5.62 -59.62
C ILE J 289 -10.22 -6.74 -59.92
N GLU J 290 -10.70 -7.82 -60.52
CA GLU J 290 -9.82 -8.92 -60.96
C GLU J 290 -8.68 -8.47 -61.91
N GLU J 291 -8.86 -7.38 -62.63
CA GLU J 291 -7.76 -6.76 -63.37
C GLU J 291 -6.75 -6.11 -62.44
N ALA J 292 -7.23 -5.40 -61.43
CA ALA J 292 -6.33 -4.73 -60.46
C ALA J 292 -5.51 -5.74 -59.65
N ILE J 293 -6.16 -6.83 -59.22
CA ILE J 293 -5.48 -7.93 -58.52
C ILE J 293 -4.37 -8.54 -59.37
N GLU J 294 -4.66 -8.79 -60.65
CA GLU J 294 -3.70 -9.40 -61.58
C GLU J 294 -2.45 -8.54 -61.66
N LYS J 295 -2.65 -7.23 -61.80
CA LYS J 295 -1.52 -6.31 -61.87
C LYS J 295 -0.72 -6.35 -60.58
N LEU J 296 -1.41 -6.43 -59.44
CA LEU J 296 -0.74 -6.50 -58.14
C LEU J 296 0.06 -7.80 -57.95
N SER J 297 -0.40 -8.91 -58.52
CA SER J 297 0.33 -10.17 -58.39
C SER J 297 1.78 -10.08 -58.90
N LYS J 298 1.99 -9.19 -59.87
CA LYS J 298 3.29 -9.03 -60.51
C LYS J 298 4.21 -8.04 -59.79
N ARG J 299 3.71 -7.37 -58.76
CA ARG J 299 4.45 -6.32 -58.03
C ARG J 299 4.28 -6.47 -56.51
N HIS J 300 4.52 -7.68 -56.03
CA HIS J 300 4.38 -8.00 -54.60
C HIS J 300 5.49 -7.37 -53.75
N GLN J 301 6.76 -7.61 -54.10
CA GLN J 301 7.89 -7.04 -53.35
C GLN J 301 7.75 -5.53 -53.26
N TYR J 302 7.44 -4.88 -54.38
CA TYR J 302 7.36 -3.43 -54.43
C TYR J 302 6.39 -2.90 -53.37
N HIS J 303 5.25 -3.58 -53.24
CA HIS J 303 4.23 -3.21 -52.29
C HIS J 303 4.68 -3.49 -50.85
N ILE J 304 5.22 -4.68 -50.62
CA ILE J 304 5.78 -4.97 -49.31
C ILE J 304 6.73 -3.86 -48.88
N ARG J 305 7.63 -3.43 -49.77
CA ARG J 305 8.56 -2.35 -49.46
C ARG J 305 7.85 -1.02 -49.18
N ALA J 306 6.71 -0.79 -49.84
CA ALA J 306 5.88 0.42 -49.63
C ALA J 306 4.93 0.39 -48.42
N TYR J 307 4.85 -0.73 -47.72
CA TYR J 307 3.75 -1.05 -46.80
C TYR J 307 4.12 -1.05 -45.31
N ASP J 308 5.39 -0.81 -44.99
CA ASP J 308 5.77 -0.43 -43.64
C ASP J 308 6.96 0.50 -43.80
N PRO J 309 7.26 1.32 -42.78
CA PRO J 309 8.25 2.37 -42.98
C PRO J 309 9.69 1.87 -42.96
N LYS J 310 9.87 0.58 -42.76
CA LYS J 310 11.19 -0.01 -42.76
C LYS J 310 11.30 -1.02 -43.92
N GLY J 311 10.57 -0.74 -44.99
CA GLY J 311 10.71 -1.45 -46.26
C GLY J 311 10.43 -2.94 -46.22
N GLY J 312 9.68 -3.42 -45.22
CA GLY J 312 9.34 -4.84 -45.09
C GLY J 312 9.80 -5.49 -43.79
N LEU J 313 10.83 -4.92 -43.15
CA LEU J 313 11.36 -5.55 -41.97
C LEU J 313 10.34 -5.63 -40.85
N ASP J 314 9.45 -4.62 -40.72
CA ASP J 314 8.40 -4.69 -39.68
C ASP J 314 7.34 -5.75 -40.00
N ASN J 315 6.86 -5.78 -41.26
CA ASN J 315 5.89 -6.84 -41.66
C ASN J 315 6.43 -8.29 -41.59
N ALA J 316 7.75 -8.47 -41.76
CA ALA J 316 8.39 -9.76 -41.50
C ALA J 316 7.82 -10.41 -40.24
N ARG J 317 7.73 -9.64 -39.15
CA ARG J 317 7.19 -10.16 -37.88
C ARG J 317 5.68 -10.44 -37.87
N ARG J 318 4.93 -9.89 -38.83
CA ARG J 318 3.44 -10.06 -38.89
C ARG J 318 2.95 -11.02 -40.00
N LEU J 319 3.42 -10.78 -41.23
CA LEU J 319 2.91 -11.53 -42.39
C LEU J 319 3.51 -12.93 -42.40
N THR J 320 2.98 -13.80 -41.55
CA THR J 320 3.59 -15.11 -41.31
C THR J 320 2.81 -16.22 -41.97
N GLY J 321 1.58 -15.91 -42.40
CA GLY J 321 0.63 -16.91 -42.90
C GLY J 321 -0.26 -17.49 -41.81
N PHE J 322 0.02 -17.17 -40.54
CA PHE J 322 -0.88 -17.51 -39.46
C PHE J 322 -1.50 -16.22 -38.93
N HIS J 323 -2.44 -16.35 -38.00
CA HIS J 323 -3.07 -15.19 -37.34
C HIS J 323 -3.75 -14.25 -38.35
N GLU J 324 -4.47 -14.88 -39.27
CA GLU J 324 -5.26 -14.21 -40.28
C GLU J 324 -4.36 -13.32 -41.13
N THR J 325 -3.15 -13.78 -41.42
CA THR J 325 -2.24 -13.09 -42.31
C THR J 325 -1.87 -14.00 -43.47
N SER J 326 -1.41 -13.36 -44.56
CA SER J 326 -0.74 -14.05 -45.65
C SER J 326 0.78 -14.06 -45.40
N ASN J 327 1.49 -15.00 -46.01
CA ASN J 327 2.94 -15.13 -45.84
C ASN J 327 3.65 -14.01 -46.61
N ILE J 328 4.65 -13.38 -45.98
CA ILE J 328 5.34 -12.24 -46.61
C ILE J 328 5.91 -12.54 -48.01
N ASN J 329 6.30 -13.78 -48.26
CA ASN J 329 6.88 -14.17 -49.56
C ASN J 329 5.86 -14.55 -50.64
N ASP J 330 4.57 -14.62 -50.31
CA ASP J 330 3.57 -15.23 -51.20
C ASP J 330 2.37 -14.34 -51.48
N PHE J 331 2.18 -14.03 -52.76
CA PHE J 331 0.94 -13.42 -53.21
C PHE J 331 -0.18 -14.47 -53.40
N SER J 332 -1.40 -14.06 -53.05
CA SER J 332 -2.59 -14.90 -53.16
C SER J 332 -3.82 -13.98 -53.07
N ALA J 333 -4.97 -14.47 -53.52
CA ALA J 333 -6.19 -13.69 -53.47
C ALA J 333 -7.34 -14.66 -53.40
N GLY J 334 -8.45 -14.24 -52.82
CA GLY J 334 -9.59 -15.14 -52.61
C GLY J 334 -10.82 -14.48 -52.04
N VAL J 335 -11.98 -15.05 -52.33
CA VAL J 335 -13.24 -14.52 -51.84
C VAL J 335 -13.32 -14.88 -50.36
N ALA J 336 -13.61 -13.90 -49.50
CA ALA J 336 -13.76 -14.14 -48.05
C ALA J 336 -12.59 -14.85 -47.38
N ASN J 337 -11.40 -14.78 -48.02
CA ASN J 337 -10.21 -15.48 -47.52
C ASN J 337 -9.28 -14.61 -46.67
N ARG J 338 -9.29 -14.83 -45.37
CA ARG J 338 -8.49 -13.99 -44.44
C ARG J 338 -7.01 -14.42 -44.34
N SER J 339 -6.70 -15.55 -44.96
CA SER J 339 -5.32 -15.97 -45.13
C SER J 339 -4.67 -15.47 -46.42
N ALA J 340 -5.40 -14.78 -47.29
CA ALA J 340 -4.85 -14.36 -48.59
C ALA J 340 -4.30 -12.93 -48.56
N SER J 341 -3.31 -12.62 -49.38
CA SER J 341 -2.80 -11.23 -49.51
C SER J 341 -3.92 -10.22 -49.81
N ILE J 342 -4.83 -10.63 -50.70
CA ILE J 342 -5.98 -9.84 -51.06
C ILE J 342 -7.25 -10.65 -50.89
N ARG J 343 -8.18 -10.12 -50.12
CA ARG J 343 -9.48 -10.75 -49.95
C ARG J 343 -10.52 -9.98 -50.76
N ILE J 344 -11.36 -10.70 -51.51
CA ILE J 344 -12.56 -10.14 -52.10
C ILE J 344 -13.70 -10.50 -51.17
N PRO J 345 -14.27 -9.49 -50.49
CA PRO J 345 -15.32 -9.75 -49.49
C PRO J 345 -16.54 -10.41 -50.13
N ARG J 346 -17.25 -11.24 -49.38
CA ARG J 346 -18.38 -12.00 -49.93
C ARG J 346 -19.40 -11.09 -50.63
N THR J 347 -19.72 -9.95 -50.01
CA THR J 347 -20.64 -9.01 -50.62
C THR J 347 -20.27 -8.65 -52.06
N VAL J 348 -18.99 -8.33 -52.27
CA VAL J 348 -18.48 -7.92 -53.58
C VAL J 348 -18.49 -9.09 -54.57
N GLY J 349 -18.28 -10.30 -54.07
CA GLY J 349 -18.38 -11.52 -54.87
C GLY J 349 -19.81 -11.86 -55.29
N GLN J 350 -20.77 -11.70 -54.38
CA GLN J 350 -22.17 -11.95 -54.68
C GLN J 350 -22.71 -10.91 -55.63
N GLU J 351 -22.33 -9.65 -55.41
CA GLU J 351 -22.91 -8.51 -56.10
C GLU J 351 -22.18 -8.19 -57.40
N LYS J 352 -20.98 -8.76 -57.58
CA LYS J 352 -20.12 -8.55 -58.76
C LYS J 352 -19.65 -7.08 -59.00
N LYS J 353 -19.63 -6.29 -57.93
CA LYS J 353 -19.14 -4.91 -57.98
C LYS J 353 -18.62 -4.50 -56.58
N GLY J 354 -18.05 -3.31 -56.49
CA GLY J 354 -17.58 -2.80 -55.19
C GLY J 354 -16.09 -2.46 -55.11
N TYR J 355 -15.34 -3.28 -54.37
CA TYR J 355 -13.95 -2.97 -54.00
C TYR J 355 -13.25 -4.22 -53.51
N PHE J 356 -11.92 -4.16 -53.39
CA PHE J 356 -11.18 -5.28 -52.83
C PHE J 356 -10.31 -4.82 -51.66
N GLU J 357 -9.83 -5.80 -50.88
CA GLU J 357 -9.13 -5.56 -49.63
C GLU J 357 -7.71 -6.03 -49.80
N ASP J 358 -6.78 -5.10 -49.72
CA ASP J 358 -5.38 -5.45 -49.63
C ASP J 358 -5.01 -5.61 -48.17
N ARG J 359 -4.87 -6.88 -47.76
CA ARG J 359 -4.60 -7.26 -46.37
C ARG J 359 -3.13 -7.21 -45.97
N ARG J 360 -2.23 -6.79 -46.85
CA ARG J 360 -0.79 -6.79 -46.54
C ARG J 360 -0.27 -5.62 -45.72
N PRO J 361 -0.80 -4.39 -45.92
CA PRO J 361 -0.22 -3.24 -45.20
C PRO J 361 -0.11 -3.39 -43.67
N SER J 362 0.97 -2.88 -43.09
CA SER J 362 1.18 -2.90 -41.64
C SER J 362 0.38 -1.85 -40.88
N ALA J 363 0.04 -2.14 -39.62
CA ALA J 363 -0.58 -1.13 -38.76
C ALA J 363 0.21 0.20 -38.82
N ASN J 364 1.54 0.08 -38.92
CA ASN J 364 2.41 1.25 -38.82
C ASN J 364 2.78 1.88 -40.14
N CYS J 365 2.04 1.55 -41.20
CA CYS J 365 2.32 2.12 -42.54
C CYS J 365 2.04 3.60 -42.63
N ASP J 366 2.56 4.25 -43.65
CA ASP J 366 2.20 5.60 -43.97
C ASP J 366 1.19 5.50 -45.09
N PRO J 367 -0.07 5.92 -44.84
CA PRO J 367 -1.12 5.80 -45.86
C PRO J 367 -0.80 6.43 -47.21
N PHE J 368 -0.04 7.51 -47.23
CA PHE J 368 0.36 8.12 -48.50
C PHE J 368 1.22 7.15 -49.30
N SER J 369 2.11 6.44 -48.62
CA SER J 369 2.93 5.45 -49.30
C SER J 369 2.05 4.33 -49.83
N VAL J 370 1.11 3.81 -49.02
CA VAL J 370 0.20 2.69 -49.43
C VAL J 370 -0.80 3.06 -50.51
N THR J 371 -1.52 4.17 -50.31
CA THR J 371 -2.42 4.67 -51.36
C THR J 371 -1.65 4.92 -52.67
N GLU J 372 -0.48 5.56 -52.59
CA GLU J 372 0.31 5.88 -53.81
C GLU J 372 0.70 4.61 -54.59
N ALA J 373 1.18 3.60 -53.88
CA ALA J 373 1.59 2.37 -54.53
C ALA J 373 0.41 1.72 -55.27
N LEU J 374 -0.78 1.73 -54.67
CA LEU J 374 -1.95 1.07 -55.27
C LEU J 374 -2.32 1.69 -56.64
N ILE J 375 -2.33 3.03 -56.70
CA ILE J 375 -2.63 3.78 -57.96
C ILE J 375 -1.56 3.50 -59.04
N ARG J 376 -0.29 3.62 -58.66
CA ARG J 376 0.85 3.36 -59.57
C ARG J 376 0.74 2.01 -60.26
N THR J 377 0.42 0.98 -59.49
CA THR J 377 0.31 -0.37 -60.02
C THR J 377 -1.01 -0.60 -60.73
N CYS J 378 -2.12 -0.20 -60.13
CA CYS J 378 -3.46 -0.60 -60.61
C CYS J 378 -4.06 0.30 -61.70
N LEU J 379 -3.73 1.59 -61.66
CA LEU J 379 -4.28 2.58 -62.59
C LEU J 379 -3.24 3.13 -63.58
N LEU J 380 -2.04 3.46 -63.10
CA LEU J 380 -0.98 4.00 -63.97
C LEU J 380 -0.18 2.89 -64.69
N ASN J 381 -0.40 1.64 -64.31
CA ASN J 381 0.19 0.47 -64.97
C ASN J 381 1.74 0.41 -64.99
N GLU J 382 2.38 0.96 -63.96
CA GLU J 382 3.83 0.83 -63.79
C GLU J 382 4.24 -0.61 -63.46
N THR J 383 5.45 -0.98 -63.89
CA THR J 383 6.00 -2.34 -63.79
C THR J 383 7.52 -2.26 -63.48
N GLY J 384 7.98 -3.10 -62.54
CA GLY J 384 9.41 -3.18 -62.18
C GLY J 384 9.86 -1.98 -61.37
MN MN K . 33.30 16.34 14.78
MN MN L . 37.66 18.04 16.03
MN MN M . 35.86 14.90 16.99
CL CL N . 29.49 6.17 19.78
PB ADP O . 37.96 16.44 18.88
O1B ADP O . 36.55 16.11 18.54
O2B ADP O . 38.14 16.95 20.31
O3B ADP O . 38.54 17.35 17.81
PA ADP O . 38.55 13.67 18.42
O1A ADP O . 38.48 12.74 19.58
O2A ADP O . 37.42 13.68 17.42
O3A ADP O . 38.96 15.16 18.89
O5' ADP O . 39.88 13.14 17.67
C5' ADP O . 41.18 13.38 18.16
C4' ADP O . 42.14 12.72 17.17
O4' ADP O . 43.52 13.10 17.38
C3' ADP O . 42.09 11.21 17.25
O3' ADP O . 42.15 10.67 15.95
C2' ADP O . 43.33 10.86 18.03
O2' ADP O . 43.83 9.53 17.82
C1' ADP O . 44.29 11.89 17.48
N9 ADP O . 45.53 12.05 18.27
C8 ADP O . 45.76 11.79 19.58
N7 ADP O . 47.05 12.07 19.90
C5 ADP O . 47.66 12.51 18.81
C6 ADP O . 49.00 12.96 18.44
N6 ADP O . 49.99 13.01 19.35
N1 ADP O . 49.22 13.32 17.16
C2 ADP O . 48.26 13.28 16.23
N3 ADP O . 47.01 12.88 16.50
C4 ADP O . 46.67 12.49 17.74
O3A P3S P . 34.75 16.53 16.69
PA P3S P . 34.57 18.05 16.79
O1A P3S P . 33.98 18.40 18.20
O2A P3S P . 35.87 18.78 16.53
NE P3S P . 33.36 18.33 15.77
SD P3S P . 32.42 19.64 15.97
OE P3S P . 33.28 20.78 16.40
CE P3S P . 31.08 19.26 17.08
CG P3S P . 31.56 19.96 14.43
CB P3S P . 32.60 20.18 13.31
CA P3S P . 31.88 20.72 12.09
N P3S P . 30.94 19.70 11.60
C P3S P . 32.86 21.18 10.97
OT P3S P . 32.35 21.57 9.90
O P3S P . 34.11 21.11 11.22
MN MN Q . 34.41 -7.12 -18.42
MN MN R . 38.33 -8.87 -20.87
MN MN S . 37.49 -8.62 -17.29
CL CL T . 15.72 -31.45 -8.27
CL CL U . 34.54 -7.77 -6.74
PB ADP V . 40.50 -8.26 -18.42
O1B ADP V . 41.78 -7.44 -18.30
O2B ADP V . 40.12 -8.66 -19.87
O3B ADP V . 39.29 -7.76 -17.72
PA ADP V . 40.20 -10.51 -16.62
O1A ADP V . 41.00 -10.49 -15.36
O2A ADP V . 38.71 -10.22 -16.64
O3A ADP V . 40.94 -9.70 -17.79
O5' ADP V . 40.34 -12.04 -17.04
C5' ADP V . 41.61 -12.60 -17.24
C4' ADP V . 41.38 -14.07 -17.50
O4' ADP V . 42.60 -14.57 -18.09
C3' ADP V . 41.11 -14.92 -16.24
O3' ADP V . 40.18 -16.00 -16.47
C2' ADP V . 42.47 -15.52 -15.96
O2' ADP V . 42.42 -16.76 -15.24
C1' ADP V . 42.90 -15.77 -17.38
N9 ADP V . 44.29 -16.14 -17.60
C8 ADP V . 45.41 -15.72 -16.95
N7 ADP V . 46.49 -16.29 -17.52
C5 ADP V . 46.07 -17.07 -18.56
C6 ADP V . 46.66 -17.97 -19.56
N6 ADP V . 47.98 -18.13 -19.59
N1 ADP V . 45.86 -18.62 -20.45
C2 ADP V . 44.52 -18.43 -20.43
N3 ADP V . 43.91 -17.64 -19.53
C4 ADP V . 44.61 -16.97 -18.59
O3A P3S W . 36.65 -7.12 -18.19
PA P3S W . 36.92 -6.15 -19.45
O1A P3S W . 37.68 -4.85 -19.01
O2A P3S W . 37.77 -6.89 -20.45
NE P3S W . 35.49 -5.79 -20.04
SD P3S W . 35.20 -4.29 -20.37
OE P3S W . 36.22 -3.72 -21.29
CE P3S W . 35.17 -3.20 -18.94
CG P3S W . 33.58 -4.13 -21.09
CB P3S W . 33.29 -5.30 -22.03
CA P3S W . 31.95 -5.11 -22.78
N P3S W . 30.79 -5.37 -21.85
C P3S W . 31.85 -6.09 -23.99
OT P3S W . 30.81 -6.03 -24.69
O P3S W . 32.81 -6.91 -24.14
MN MN X . 6.74 -36.50 -14.03
MN MN Y . 7.22 -41.35 -15.08
MN MN Z . 9.40 -38.89 -13.30
CL CL AA . -0.93 -31.90 16.87
PB ADP BA . 10.52 -41.49 -15.13
O1B ADP BA . 11.74 -41.86 -15.95
O2B ADP BA . 9.17 -42.20 -15.15
O3B ADP BA . 10.33 -40.00 -15.04
PA ADP BA . 11.45 -41.49 -12.29
O1A ADP BA . 12.97 -41.47 -12.14
O2A ADP BA . 10.59 -40.29 -12.07
O3A ADP BA . 11.08 -42.06 -13.75
O5' ADP BA . 10.87 -42.65 -11.42
C5' ADP BA . 11.48 -43.93 -11.41
C4' ADP BA . 10.87 -44.64 -10.19
O4' ADP BA . 10.93 -46.07 -10.38
C3' ADP BA . 11.67 -44.35 -8.91
O3' ADP BA . 10.83 -44.41 -7.77
C2' ADP BA . 12.63 -45.51 -8.79
O2' ADP BA . 13.06 -45.76 -7.43
C1' ADP BA . 11.70 -46.59 -9.30
N9 ADP BA . 12.37 -47.87 -9.53
C8 ADP BA . 13.66 -48.12 -9.84
N7 ADP BA . 13.86 -49.47 -9.92
C5 ADP BA . 12.66 -50.07 -9.67
C6 ADP BA . 12.15 -51.43 -9.58
N6 ADP BA . 12.97 -52.46 -9.80
N1 ADP BA . 10.87 -51.61 -9.26
C2 ADP BA . 10.03 -50.59 -9.06
N3 ADP BA . 10.42 -49.31 -9.14
C4 ADP BA . 11.70 -49.01 -9.40
O3A P3S CA . 8.08 -37.90 -14.74
PA P3S CA . 7.88 -38.31 -16.21
O1A P3S CA . 9.05 -37.68 -16.99
O2A P3S CA . 7.76 -39.79 -16.21
NE P3S CA . 6.45 -37.64 -16.47
SD P3S CA . 6.27 -36.51 -17.53
OE P3S CA . 6.11 -37.25 -18.84
CE P3S CA . 7.49 -35.22 -17.66
CG P3S CA . 4.69 -35.69 -17.26
CB P3S CA . 3.62 -36.70 -16.90
CA P3S CA . 2.27 -35.99 -16.79
N P3S CA . 2.35 -34.95 -15.73
C P3S CA . 1.15 -36.99 -16.49
OT P3S CA . -0.03 -36.53 -16.45
O P3S CA . 1.46 -38.18 -16.28
MN MN DA . -11.96 -31.20 21.64
MN MN EA . -13.03 -34.61 25.06
MN MN FA . -9.97 -33.96 23.01
CL CL GA . 7.54 -8.69 34.21
PB ADP HA . -11.07 -36.97 23.92
O1B ADP HA . -11.17 -38.36 23.34
O2B ADP HA . -12.18 -36.72 24.95
O3B ADP HA . -10.92 -35.73 23.08
PA ADP HA . -8.33 -36.32 24.79
O1A ADP HA . -7.06 -37.10 24.52
O2A ADP HA . -8.50 -34.95 24.20
O3A ADP HA . -9.71 -37.13 24.81
O5' ADP HA . -8.33 -36.19 26.38
C5' ADP HA . -8.03 -37.24 27.32
C4' ADP HA . -7.57 -36.65 28.67
O4' ADP HA . -7.87 -37.53 29.79
C3' ADP HA . -6.06 -36.43 28.70
O3' ADP HA . -5.67 -35.30 29.45
C2' ADP HA . -5.54 -37.64 29.44
O2' ADP HA . -4.22 -37.46 29.95
C1' ADP HA . -6.63 -37.78 30.47
N9 ADP HA . -6.64 -39.10 31.12
C8 ADP HA . -6.15 -40.26 30.67
N7 ADP HA . -6.32 -41.25 31.56
C5 ADP HA . -6.93 -40.71 32.62
C6 ADP HA . -7.38 -41.17 33.93
N6 ADP HA . -7.25 -42.45 34.30
N1 ADP HA . -7.95 -40.24 34.72
C2 ADP HA . -8.12 -38.95 34.41
N3 ADP HA . -7.71 -38.47 33.25
C4 ADP HA . -7.12 -39.28 32.33
O3A P3S IA . -11.57 -33.31 22.15
PA P3S IA . -13.07 -33.81 21.80
O1A P3S IA . -13.08 -34.77 20.56
O2A P3S IA . -13.62 -34.50 22.99
NE P3S IA . -13.90 -32.45 21.52
SD P3S IA . -14.90 -32.40 20.28
OE P3S IA . -16.04 -33.37 20.32
CE P3S IA . -14.04 -32.61 18.72
CG P3S IA . -15.59 -30.73 20.22
CB P3S IA . -16.18 -30.31 21.53
CA P3S IA . -16.83 -28.93 21.38
N P3S IA . -15.79 -27.96 21.04
C P3S IA . -17.52 -28.53 22.72
OT P3S IA . -18.20 -27.46 22.71
O P3S IA . -17.32 -29.26 23.71
MN MN JA . 4.36 1.41 39.40
MN MN KA . 5.82 1.98 44.23
MN MN LA . 6.31 -0.80 41.78
PB ADP MA . 5.83 -1.27 44.88
O1B ADP MA . 4.97 -2.06 45.80
O2B ADP MA . 6.21 0.15 45.19
O3B ADP MA . 5.34 -1.42 43.45
PA ADP MA . 8.45 -2.30 43.98
O1A ADP MA . 8.79 -3.74 44.07
O2A ADP MA . 8.25 -1.64 42.64
O3A ADP MA . 7.24 -2.07 45.05
O5' ADP MA . 9.64 -1.44 44.63
C5' ADP MA . 10.38 -1.94 45.72
C4' ADP MA . 11.74 -1.34 45.59
O4' ADP MA . 12.19 -1.17 46.92
C3' ADP MA . 12.80 -2.23 44.91
O3' ADP MA . 13.79 -1.47 44.20
C2' ADP MA . 13.50 -2.93 46.05
O2' ADP MA . 14.85 -3.30 45.77
C1' ADP MA . 13.47 -1.80 47.07
N9 ADP MA . 13.83 -2.21 48.45
C8 ADP MA . 13.63 -3.39 49.06
N7 ADP MA . 14.12 -3.37 50.32
C5 ADP MA . 14.63 -2.14 50.50
C6 ADP MA . 15.29 -1.43 51.60
N6 ADP MA . 15.48 -2.08 52.75
N1 ADP MA . 15.70 -0.15 51.38
C2 ADP MA . 15.49 0.51 50.22
N3 ADP MA . 14.88 -0.08 49.18
C4 ADP MA . 14.45 -1.37 49.27
O3A P3S NA . 4.65 0.38 41.25
PA P3S NA . 3.40 0.91 42.13
O1A P3S NA . 2.27 -0.11 42.38
O2A P3S NA . 3.99 1.27 43.50
NE P3S NA . 2.91 2.19 41.28
SD P3S NA . 1.36 2.28 40.96
OE P3S NA . 0.59 2.53 42.23
CE P3S NA . 0.67 0.84 40.18
CG P3S NA . 1.08 3.64 39.83
CB P3S NA . 1.83 4.88 40.27
CA P3S NA . 1.53 6.06 39.34
N P3S NA . 1.98 5.80 37.96
C P3S NA . 2.28 7.31 39.77
OT P3S NA . 1.99 8.34 39.11
O P3S NA . 3.14 7.19 40.72
MN MN OA . 11.54 26.95 -27.08
MN MN PA . 12.84 30.69 -29.89
MN MN QA . 9.61 28.90 -29.39
CL CL RA . 0.53 22.83 -28.08
PB ADP SA . 10.34 30.19 -32.23
O1B ADP SA . 10.39 29.81 -33.71
O2B ADP SA . 11.61 30.74 -31.62
O3B ADP SA . 9.72 29.12 -31.38
PA ADP SA . 7.90 31.32 -31.27
O1A ADP SA . 6.53 31.12 -31.89
O2A ADP SA . 8.23 30.52 -30.00
O3A ADP SA . 9.22 31.36 -32.18
O5' ADP SA . 7.93 32.87 -30.79
C5' ADP SA . 7.71 34.03 -31.58
C4' ADP SA . 7.28 35.15 -30.65
O4' ADP SA . 7.57 36.47 -31.18
C3' ADP SA . 5.77 35.10 -30.44
O3' ADP SA . 5.46 35.59 -29.14
C2' ADP SA . 5.26 36.03 -31.51
O2' ADP SA . 3.89 36.42 -31.29
C1' ADP SA . 6.32 37.13 -31.41
N9 ADP SA . 6.33 38.05 -32.58
C8 ADP SA . 5.71 37.91 -33.78
N7 ADP SA . 5.96 38.99 -34.54
C5 ADP SA . 6.72 39.84 -33.84
C6 ADP SA . 7.33 41.17 -34.04
N6 ADP SA . 7.13 41.78 -35.21
N1 ADP SA . 8.10 41.72 -33.04
C2 ADP SA . 8.28 41.09 -31.87
N3 ADP SA . 7.75 39.88 -31.64
C4 ADP SA . 6.98 39.21 -32.55
O3A P3S TA . 11.32 28.13 -29.33
PA P3S TA . 12.71 27.39 -29.74
O1A P3S TA . 12.40 26.20 -30.78
O2A P3S TA . 13.66 28.43 -30.23
NE P3S TA . 13.39 26.71 -28.46
SD P3S TA . 14.48 25.43 -28.72
OE P3S TA . 15.54 25.82 -29.73
CE P3S TA . 13.60 23.97 -29.25
CG P3S TA . 15.29 24.93 -27.17
CB P3S TA . 15.69 26.17 -26.35
CA P3S TA . 16.46 25.83 -25.05
N P3S TA . 15.54 25.40 -24.00
C P3S TA . 17.23 27.08 -24.61
OT P3S TA . 18.06 26.95 -23.70
O P3S TA . 17.01 28.17 -25.20
MN MN UA . -1.97 38.71 9.59
MN MN VA . -2.84 43.34 11.03
MN MN WA . -3.71 41.33 7.90
CL CL XA . -5.64 35.72 -1.20
CL CL YA . -27.97 19.76 11.90
PB ADP ZA . -3.11 44.50 7.89
O1B ADP ZA . -2.05 45.45 7.42
O2B ADP ZA . -3.38 44.70 9.37
O3B ADP ZA . -2.90 43.04 7.57
PA ADP ZA . -5.75 44.03 7.07
O1A ADP ZA . -6.41 44.17 5.74
O2A ADP ZA . -5.50 42.63 7.58
O3A ADP ZA . -4.46 44.97 7.16
O5' ADP ZA . -6.76 44.68 8.15
C5' ADP ZA . -7.58 45.80 7.90
C4' ADP ZA . -8.91 45.53 8.57
O4' ADP ZA . -9.40 46.78 9.07
C3' ADP ZA . -9.96 44.99 7.60
O3' ADP ZA . -10.90 44.11 8.26
C2' ADP ZA . -10.63 46.27 7.14
O2' ADP ZA . -11.94 46.02 6.65
C1' ADP ZA . -10.65 47.06 8.43
N9 ADP ZA . -10.85 48.53 8.33
C8 ADP ZA . -10.55 49.36 7.30
N7 ADP ZA . -10.89 50.63 7.62
C5 ADP ZA . -11.41 50.63 8.86
C6 ADP ZA . -11.98 51.62 9.80
N6 ADP ZA . -12.04 52.93 9.47
N1 ADP ZA . -12.42 51.19 11.01
C2 ADP ZA . -12.35 49.90 11.36
N3 ADP ZA . -11.87 48.95 10.54
C4 ADP ZA . -11.38 49.24 9.32
O3A P3S AB . -1.85 41.06 8.57
PA P3S AB . -0.55 41.29 9.45
O1A P3S AB . 0.70 41.83 8.52
O2A P3S AB . -0.98 42.36 10.38
NE P3S AB . -0.10 39.92 10.18
SD P3S AB . 1.50 39.59 10.32
OE P3S AB . 2.34 40.76 10.69
CE P3S AB . 2.11 39.02 8.75
CG P3S AB . 1.86 38.19 11.44
CB P3S AB . 1.07 38.33 12.76
CA P3S AB . 1.28 37.14 13.71
N P3S AB . 0.65 35.94 13.14
C P3S AB . 0.69 37.45 15.12
OT P3S AB . 0.99 36.65 16.04
O P3S AB . -0.04 38.45 15.26
MN MN BB . -31.41 13.00 20.84
MN MN CB . -35.72 13.99 22.86
MN MN DB . -33.91 15.45 20.13
PB ADP EB . -35.68 17.36 22.13
O1B ADP EB . -35.82 18.71 22.75
O2B ADP EB . -36.19 16.19 22.92
O3B ADP EB . -34.30 17.19 21.52
PA ADP EB . -36.64 17.36 19.32
O1A ADP EB . -36.66 18.70 18.65
O2A ADP EB . -35.59 16.35 18.95
O3A ADP EB . -36.77 17.45 20.94
O5' ADP EB . -38.03 16.64 18.99
C5' ADP EB . -39.29 17.30 19.07
C4' ADP EB . -40.25 16.48 18.22
O4' ADP EB . -41.61 16.66 18.63
C3' ADP EB . -40.20 16.89 16.77
O3' ADP EB . -40.51 15.73 15.99
C2' ADP EB . -41.31 17.91 16.66
O2' ADP EB . -41.82 18.04 15.32
C1' ADP EB . -42.34 17.24 17.55
N9 ADP EB . -43.42 18.13 18.03
C8 ADP EB . -43.50 19.48 18.17
N7 ADP EB . -44.73 19.83 18.64
C5 ADP EB . -45.43 18.68 18.76
C6 ADP EB . -46.78 18.24 19.19
N6 ADP EB . -47.67 19.18 19.59
N1 ADP EB . -47.11 16.92 19.17
C2 ADP EB . -46.25 15.97 18.78
N3 ADP EB . -45.01 16.30 18.40
C4 ADP EB . -44.57 17.58 18.36
O3A P3S FB . -32.21 15.00 21.39
PA P3S FB . -32.45 14.75 22.97
O1A P3S FB . -31.63 15.86 23.72
O2A P3S FB . -33.92 14.77 23.30
NE P3S FB . -31.79 13.30 23.35
SD P3S FB . -30.38 13.32 24.22
OE P3S FB . -30.73 13.61 25.65
CE P3S FB . -29.14 14.46 23.62
CG P3S FB . -29.57 11.68 24.28
CB P3S FB . -30.60 10.56 24.42
CA P3S FB . -29.94 9.18 24.58
N P3S FB . -29.21 8.77 23.37
C P3S FB . -31.06 8.20 24.79
OT P3S FB . -30.74 7.00 24.83
O P3S FB . -32.21 8.64 24.87
MN MN GB . -35.95 -14.87 -8.37
MN MN HB . -40.12 -16.68 -10.33
MN MN IB . -38.94 -13.27 -9.49
CL CL JB . -35.33 -3.25 -6.85
PB ADP KB . -42.06 -14.31 -9.27
O1B ADP KB . -43.13 -14.25 -8.22
O2B ADP KB . -42.09 -15.61 -10.01
O3B ADP KB . -40.68 -13.95 -8.79
PA ADP KB . -41.73 -11.95 -11.02
O1A ADP KB . -42.35 -10.58 -10.97
O2A ADP KB . -40.23 -11.98 -10.79
O3A ADP KB . -42.55 -13.14 -10.30
O5' ADP KB . -41.97 -12.53 -12.48
C5' ADP KB . -43.19 -12.25 -13.18
C4' ADP KB . -43.00 -12.24 -14.70
O4' ADP KB . -44.17 -12.77 -15.31
C3' ADP KB . -42.81 -10.83 -15.26
O3' ADP KB . -41.84 -10.87 -16.32
C2' ADP KB . -44.19 -10.45 -15.75
O2' ADP KB . -44.18 -9.43 -16.77
C1' ADP KB . -44.63 -11.80 -16.26
N9 ADP KB . -46.08 -11.91 -16.52
C8 ADP KB . -47.08 -11.30 -15.88
N7 ADP KB . -48.25 -11.67 -16.43
C5 ADP KB . -48.01 -12.53 -17.43
C6 ADP KB . -48.80 -13.28 -18.43
N6 ADP KB . -50.14 -13.16 -18.41
N1 ADP KB . -48.17 -14.07 -19.31
C2 ADP KB . -46.82 -14.17 -19.32
N3 ADP KB . -46.04 -13.50 -18.44
C4 ADP KB . -46.57 -12.69 -17.49
O3A P3S LB . -38.19 -14.81 -8.47
PA P3S LB . -38.55 -15.97 -7.45
O1A P3S LB . -38.96 -15.18 -6.12
O2A P3S LB . -39.70 -16.73 -7.94
NE P3S LB . -37.20 -16.79 -7.39
SD P3S LB . -36.58 -17.38 -5.93
OE P3S LB . -37.46 -18.50 -5.37
CE P3S LB . -36.45 -16.06 -4.77
CG P3S LB . -34.87 -17.94 -6.14
CB P3S LB . -34.82 -19.07 -7.16
CA P3S LB . -33.42 -19.65 -7.36
N P3S LB . -32.42 -18.55 -7.53
C P3S LB . -33.40 -20.58 -8.58
OT P3S LB . -32.31 -21.03 -8.92
O P3S LB . -34.47 -20.80 -9.18
MN MN MB . -9.46 -6.32 -38.11
MN MN NB . -10.15 -6.13 -43.11
MN MN OB . -12.17 -5.00 -40.19
CL CL PB . -17.70 -1.23 -31.49
PB ADP QB . -13.61 -6.17 -42.82
O1B ADP QB . -13.44 -6.12 -41.28
O2B ADP QB . -14.63 -7.19 -43.31
O3B ADP QB . -12.26 -6.25 -43.53
PA ADP QB . -14.29 -3.36 -42.38
O1A ADP QB . -15.74 -2.93 -42.23
O2A ADP QB . -13.42 -3.28 -41.14
O3A ADP QB . -14.25 -4.75 -43.21
O5' ADP QB . -13.63 -2.42 -43.48
C5' ADP QB . -14.43 -1.91 -44.57
C4' ADP QB . -13.78 -0.63 -45.08
O4' ADP QB . -13.98 -0.46 -46.49
C3' ADP QB . -14.36 0.61 -44.43
O3' ADP QB . -13.30 1.58 -44.32
C2' ADP QB . -15.40 1.08 -45.43
O2' ADP QB . -15.72 2.46 -45.25
C1' ADP QB . -14.60 0.81 -46.69
N9 ADP QB . -15.36 0.76 -47.97
C8 ADP QB . -16.65 0.42 -48.19
N7 ADP QB . -16.91 0.48 -49.52
C5 ADP QB . -15.77 0.87 -50.14
C6 ADP QB . -15.33 1.13 -51.52
N6 ADP QB . -16.24 0.99 -52.51
N1 ADP QB . -14.05 1.50 -51.76
C2 ADP QB . -13.14 1.64 -50.74
N3 ADP QB . -13.46 1.41 -49.45
C4 ADP QB . -14.73 1.04 -49.12
O3A P3S RB . -11.04 -6.59 -39.70
PA P3S RB . -10.65 -8.01 -40.23
O1A P3S RB . -11.90 -9.00 -39.86
O2A P3S RB . -10.48 -7.96 -41.71
NE P3S RB . -9.27 -8.37 -39.51
SD P3S RB . -9.05 -9.85 -38.80
OE P3S RB . -9.25 -10.98 -39.77
CE P3S RB . -10.27 -10.10 -37.54
CG P3S RB . -7.42 -10.08 -38.07
CB P3S RB . -6.36 -9.33 -38.87
CA P3S RB . -4.97 -9.37 -38.19
N P3S RB . -4.90 -8.45 -37.02
C P3S RB . -3.95 -8.88 -39.19
OT P3S RB . -2.75 -9.11 -38.93
O P3S RB . -4.39 -8.24 -40.17
#